data_8BZ7
#
_entry.id   8BZ7
#
_cell.length_a   86.988
_cell.length_b   291.265
_cell.length_c   92.394
_cell.angle_alpha   90.000
_cell.angle_beta   100.379
_cell.angle_gamma   90.000
#
_symmetry.space_group_name_H-M   'P 1 21 1'
#
loop_
_entity.id
_entity.type
_entity.pdbx_description
1 polymer Glycosyltransferase
2 non-polymer "2'-DEOXY-THYMIDINE-BETA-L-RHAMNOSE"
3 non-polymer 'MAGNESIUM ION'
4 non-polymer 'D(-)-TARTARIC ACID'
5 non-polymer GLYCEROL
6 non-polymer 'CHLORIDE ION'
7 water water
#
_entity_poly.entity_id   1
_entity_poly.type   'polypeptide(L)'
_entity_poly.pdbx_seq_one_letter_code
;GMRNLKDRVLNSLKGNKKDIKISVVVPTYNTELEGLKNLMASIDKQTMNPDEYELVFVDDGSTTDTYERLQEFAETRPNM
TVKQIENSGWGSRPRNIATKMAKGEYILYLDHDDTVFPETFERVYNFGKENNLDVVSGKEVRTNGWSWGWKQFSENNPHA
EEMGIECLLPMTPHKFYKREFLLENDITFDDGARVLWEDVYFNSKAFIHGAKVGILADYPTYYWIATGANNSSSFGRDPH
EKWNQINKLFNFFKDNIKEQRDLDFMLTHWYRSRVLGILGQWLLKNNNERIDIEFNYAKKLAEELIPAYISENLDKNNQV
KDYLLRQGDLDSLKKLAQIDAGITALSYVEDAYFKEDKLFFKTSTKMTYEDKEDFFIEKTADRMERILPEEIKSKLPKEF
FDYSDDLAEFTYEPSIKGRNSRATWKIDGSTSNVEVVNKKANLYKIEGEMSFSVQINDYILDAADKKQPWDIATRFTGLG
YTSHRALTIGKILIKTALINNKTMIVYKNASGLISLDVGSSVRSIVEDSGVKREQILIDKTSGKVTIPLNEIHVFGESLI
EGNAELKPVGISDADPINVKAKLIGEANKARVEVLLGDEKLSGEYHLVTNIQGKKDKQQIKITL
;
_entity_poly.pdbx_strand_id   A,B,C,D,E,F
#
loop_
_chem_comp.id
_chem_comp.type
_chem_comp.name
_chem_comp.formula
CL non-polymer 'CHLORIDE ION' 'Cl -1'
GOL non-polymer GLYCEROL 'C3 H8 O3'
MG non-polymer 'MAGNESIUM ION' 'Mg 2'
TAR non-polymer 'D(-)-TARTARIC ACID' 'C4 H6 O6'
TRH non-polymer 2'-DEOXY-THYMIDINE-BETA-L-RHAMNOSE 'C16 H26 N2 O15 P2'
#
# COMPACT_ATOMS: atom_id res chain seq x y z
N ASP A 19 -22.95 15.14 34.72
CA ASP A 19 -22.33 13.83 34.53
C ASP A 19 -21.77 13.67 33.12
N ILE A 20 -20.45 13.68 33.01
CA ILE A 20 -19.77 13.71 31.73
C ILE A 20 -19.35 12.30 31.35
N LYS A 21 -19.77 11.85 30.17
CA LYS A 21 -19.43 10.51 29.70
C LYS A 21 -18.02 10.46 29.12
N ILE A 22 -17.63 11.50 28.36
CA ILE A 22 -16.41 11.46 27.58
C ILE A 22 -15.68 12.79 27.72
N SER A 23 -14.36 12.71 27.91
CA SER A 23 -13.48 13.88 27.90
C SER A 23 -12.48 13.73 26.76
N VAL A 24 -12.41 14.72 25.90
CA VAL A 24 -11.51 14.70 24.74
C VAL A 24 -10.27 15.51 25.10
N VAL A 25 -9.14 14.83 25.18
CA VAL A 25 -7.86 15.44 25.54
C VAL A 25 -7.10 15.74 24.25
N VAL A 26 -6.77 17.01 24.04
CA VAL A 26 -6.11 17.44 22.82
C VAL A 26 -4.87 18.26 23.15
N PRO A 27 -3.66 17.73 22.94
CA PRO A 27 -2.45 18.54 23.10
C PRO A 27 -2.10 19.29 21.82
N THR A 28 -1.96 20.60 21.90
CA THR A 28 -1.75 21.44 20.72
C THR A 28 -0.41 22.16 20.80
N TYR A 29 0.19 22.37 19.63
CA TYR A 29 1.42 23.14 19.54
C TYR A 29 1.60 23.56 18.09
N ASN A 30 1.53 24.87 17.83
CA ASN A 30 1.67 25.42 16.48
C ASN A 30 0.73 24.70 15.50
N THR A 31 -0.53 24.58 15.91
CA THR A 31 -1.50 23.81 15.15
C THR A 31 -1.90 24.52 13.88
N GLU A 32 -1.94 23.78 12.77
CA GLU A 32 -2.50 24.32 11.54
C GLU A 32 -3.99 24.60 11.72
N LEU A 33 -4.40 25.83 11.40
CA LEU A 33 -5.74 26.28 11.75
C LEU A 33 -6.81 25.50 10.98
N GLU A 34 -6.56 25.20 9.71
CA GLU A 34 -7.55 24.47 8.93
C GLU A 34 -7.79 23.08 9.53
N GLY A 35 -6.71 22.38 9.89
CA GLY A 35 -6.88 21.12 10.59
C GLY A 35 -7.55 21.26 11.93
N LEU A 36 -7.31 22.38 12.63
CA LEU A 36 -8.00 22.64 13.89
C LEU A 36 -9.48 22.89 13.67
N LYS A 37 -9.83 23.63 12.61
CA LYS A 37 -11.23 23.83 12.27
C LYS A 37 -11.93 22.51 11.97
N ASN A 38 -11.27 21.64 11.19
CA ASN A 38 -11.85 20.35 10.89
C ASN A 38 -11.98 19.48 12.13
N LEU A 39 -11.04 19.60 13.07
CA LEU A 39 -11.16 18.88 14.33
C LEU A 39 -12.38 19.34 15.12
N MET A 40 -12.50 20.66 15.33
CA MET A 40 -13.62 21.20 16.08
C MET A 40 -14.94 20.87 15.41
N ALA A 41 -14.96 20.86 14.07
CA ALA A 41 -16.17 20.51 13.34
C ALA A 41 -16.58 19.07 13.61
N SER A 42 -15.62 18.15 13.61
CA SER A 42 -15.93 16.74 13.82
C SER A 42 -16.37 16.47 15.26
N ILE A 43 -15.99 17.32 16.21
CA ILE A 43 -16.52 17.20 17.57
C ILE A 43 -17.96 17.71 17.62
N ASP A 44 -18.22 18.86 16.99
CA ASP A 44 -19.54 19.45 17.01
C ASP A 44 -20.58 18.55 16.36
N LYS A 45 -20.18 17.80 15.32
CA LYS A 45 -21.10 16.92 14.62
C LYS A 45 -21.38 15.62 15.37
N GLN A 46 -20.82 15.44 16.57
CA GLN A 46 -21.08 14.22 17.33
C GLN A 46 -22.57 14.11 17.65
N THR A 47 -23.11 12.90 17.46
CA THR A 47 -24.52 12.67 17.77
C THR A 47 -24.79 12.80 19.27
N MET A 48 -23.80 12.50 20.10
CA MET A 48 -23.98 12.60 21.55
C MET A 48 -24.30 14.03 21.95
N ASN A 49 -25.15 14.16 22.97
CA ASN A 49 -25.51 15.47 23.49
C ASN A 49 -24.27 16.20 23.98
N PRO A 50 -24.07 17.46 23.58
CA PRO A 50 -22.83 18.17 23.97
C PRO A 50 -22.71 18.42 25.47
N ASP A 51 -23.81 18.27 26.21
CA ASP A 51 -23.73 18.48 27.67
C ASP A 51 -23.28 17.19 28.34
N GLU A 52 -23.04 16.14 27.55
CA GLU A 52 -22.59 14.84 28.05
C GLU A 52 -21.12 14.58 27.79
N TYR A 53 -20.42 15.52 27.16
CA TYR A 53 -18.98 15.39 26.95
C TYR A 53 -18.32 16.75 27.16
N GLU A 54 -17.00 16.72 27.28
CA GLU A 54 -16.22 17.93 27.49
C GLU A 54 -14.97 17.88 26.62
N LEU A 55 -14.47 19.07 26.28
CA LEU A 55 -13.23 19.22 25.52
C LEU A 55 -12.19 19.83 26.45
N VAL A 56 -11.07 19.14 26.63
CA VAL A 56 -9.99 19.62 27.47
C VAL A 56 -8.78 19.83 26.57
N PHE A 57 -8.51 21.09 26.23
CA PHE A 57 -7.38 21.48 25.40
C PHE A 57 -6.26 22.00 26.28
N VAL A 58 -5.04 21.53 26.06
CA VAL A 58 -3.85 22.05 26.73
C VAL A 58 -2.85 22.42 25.65
N ASP A 59 -2.55 23.71 25.54
CA ASP A 59 -1.60 24.21 24.55
C ASP A 59 -0.18 24.11 25.09
N ASP A 60 0.70 23.46 24.33
CA ASP A 60 2.05 23.17 24.79
C ASP A 60 3.01 24.30 24.39
N GLY A 61 2.70 25.50 24.86
CA GLY A 61 3.53 26.67 24.60
C GLY A 61 3.70 27.00 23.13
N SER A 62 2.57 27.13 22.43
CA SER A 62 2.61 27.38 20.99
C SER A 62 3.15 28.78 20.72
N THR A 63 4.21 28.86 19.90
CA THR A 63 4.78 30.15 19.55
C THR A 63 3.88 30.92 18.58
N THR A 64 3.01 30.24 17.85
CA THR A 64 2.06 30.91 16.97
C THR A 64 0.84 31.38 17.78
N ASP A 65 -0.25 31.68 17.09
CA ASP A 65 -1.45 32.22 17.73
C ASP A 65 -2.47 31.14 18.05
N THR A 66 -2.05 29.88 18.14
CA THR A 66 -3.00 28.78 18.32
C THR A 66 -3.79 28.93 19.62
N TYR A 67 -3.12 29.32 20.71
CA TYR A 67 -3.79 29.43 22.00
C TYR A 67 -4.90 30.47 21.96
N GLU A 68 -4.67 31.60 21.28
CA GLU A 68 -5.71 32.60 21.15
C GLU A 68 -6.86 32.10 20.30
N ARG A 69 -6.56 31.31 19.27
CA ARG A 69 -7.63 30.70 18.49
C ARG A 69 -8.38 29.65 19.30
N LEU A 70 -7.66 28.93 20.17
CA LEU A 70 -8.30 27.93 21.02
C LEU A 70 -9.30 28.57 21.97
N GLN A 71 -8.89 29.68 22.60
CA GLN A 71 -9.79 30.43 23.51
C GLN A 71 -10.97 30.95 22.68
N GLU A 72 -10.69 31.37 21.44
CA GLU A 72 -11.74 31.87 20.57
C GLU A 72 -12.77 30.79 20.28
N PHE A 73 -12.30 29.55 20.05
CA PHE A 73 -13.24 28.44 19.87
C PHE A 73 -14.07 28.20 21.12
N ALA A 74 -13.47 28.34 22.30
CA ALA A 74 -14.15 28.05 23.55
C ALA A 74 -15.18 29.11 23.93
N GLU A 75 -15.23 30.23 23.22
CA GLU A 75 -16.18 31.29 23.57
C GLU A 75 -17.62 30.81 23.45
N THR A 76 -17.93 30.12 22.35
CA THR A 76 -19.28 29.65 22.08
C THR A 76 -19.52 28.22 22.52
N ARG A 77 -18.56 27.67 23.27
CA ARG A 77 -18.61 26.27 23.77
C ARG A 77 -18.30 26.26 25.27
N PRO A 78 -19.31 26.08 26.15
CA PRO A 78 -19.11 26.06 27.60
C PRO A 78 -18.36 24.83 28.12
N ASN A 79 -18.43 23.72 27.39
CA ASN A 79 -17.78 22.46 27.85
C ASN A 79 -16.32 22.40 27.41
N MET A 80 -15.80 23.46 26.82
CA MET A 80 -14.39 23.41 26.35
C MET A 80 -13.49 24.17 27.32
N THR A 81 -12.42 23.52 27.76
CA THR A 81 -11.46 24.15 28.69
C THR A 81 -10.13 24.27 27.95
N VAL A 82 -9.49 25.41 28.05
CA VAL A 82 -8.20 25.67 27.41
C VAL A 82 -7.20 26.05 28.49
N LYS A 83 -5.96 25.59 28.34
CA LYS A 83 -4.92 25.84 29.33
C LYS A 83 -3.57 25.89 28.63
N GLN A 84 -2.74 26.85 29.04
CA GLN A 84 -1.40 27.05 28.42
C GLN A 84 -0.31 26.52 29.37
N ILE A 85 0.67 25.82 28.80
CA ILE A 85 1.81 25.26 29.51
C ILE A 85 3.07 25.66 28.77
N GLU A 86 4.16 25.84 29.51
CA GLU A 86 5.46 26.03 28.88
C GLU A 86 5.77 24.84 27.97
N ASN A 87 6.30 25.14 26.78
CA ASN A 87 6.61 24.11 25.77
C ASN A 87 7.16 22.85 26.44
N SER A 88 6.47 21.73 26.29
CA SER A 88 6.97 20.47 26.87
C SER A 88 7.86 19.76 25.85
N GLY A 89 7.65 20.00 24.56
CA GLY A 89 8.47 19.34 23.53
C GLY A 89 7.69 18.26 22.81
N TRP A 90 6.86 17.53 23.55
N TRP A 90 6.89 17.48 23.55
CA TRP A 90 6.01 16.45 22.96
CA TRP A 90 6.04 16.40 22.98
C TRP A 90 4.59 16.57 23.52
C TRP A 90 4.62 16.54 23.54
N GLY A 91 3.72 15.62 23.21
CA GLY A 91 2.34 15.72 23.71
C GLY A 91 2.10 14.92 24.97
N SER A 92 3.14 14.27 25.52
CA SER A 92 2.95 13.46 26.74
C SER A 92 2.61 14.35 27.93
N ARG A 93 3.36 15.42 28.14
CA ARG A 93 3.07 16.31 29.29
C ARG A 93 1.66 16.88 29.18
N PRO A 94 1.27 17.59 28.11
CA PRO A 94 -0.10 18.15 28.02
C PRO A 94 -1.19 17.10 28.12
N ARG A 95 -0.96 15.89 27.61
CA ARG A 95 -1.96 14.83 27.76
C ARG A 95 -2.16 14.46 29.23
N ASN A 96 -1.07 14.36 29.98
CA ASN A 96 -1.17 14.04 31.41
C ASN A 96 -1.88 15.15 32.17
N ILE A 97 -1.54 16.41 31.86
CA ILE A 97 -2.16 17.55 32.53
C ILE A 97 -3.66 17.57 32.27
N ALA A 98 -4.05 17.39 31.01
CA ALA A 98 -5.47 17.38 30.66
C ALA A 98 -6.19 16.21 31.32
N THR A 99 -5.51 15.06 31.45
CA THR A 99 -6.14 13.90 32.05
C THR A 99 -6.46 14.14 33.53
N LYS A 100 -5.53 14.76 34.26
CA LYS A 100 -5.78 15.02 35.68
C LYS A 100 -6.93 15.99 35.89
N MET A 101 -7.11 16.95 34.97
CA MET A 101 -8.20 17.91 35.08
C MET A 101 -9.45 17.47 34.34
N ALA A 102 -9.38 16.35 33.63
CA ALA A 102 -10.58 15.80 32.96
C ALA A 102 -11.53 15.28 34.04
N LYS A 103 -12.82 15.18 33.72
CA LYS A 103 -13.81 14.70 34.72
C LYS A 103 -14.78 13.74 34.04
N GLY A 104 -14.48 13.30 32.83
CA GLY A 104 -15.36 12.38 32.09
C GLY A 104 -15.12 10.94 32.49
N GLU A 105 -16.09 10.07 32.23
CA GLU A 105 -15.95 8.64 32.56
C GLU A 105 -14.93 8.00 31.63
N TYR A 106 -14.85 8.47 30.39
CA TYR A 106 -13.91 7.91 29.40
C TYR A 106 -13.08 9.04 28.79
N ILE A 107 -11.84 8.74 28.45
CA ILE A 107 -10.92 9.73 27.88
C ILE A 107 -10.50 9.25 26.50
N LEU A 108 -10.66 10.12 25.51
CA LEU A 108 -10.08 9.93 24.19
C LEU A 108 -8.92 10.90 24.01
N TYR A 109 -7.77 10.38 23.61
CA TYR A 109 -6.62 11.23 23.29
C TYR A 109 -6.68 11.51 21.80
N LEU A 110 -7.12 12.72 21.46
CA LEU A 110 -7.30 13.15 20.09
C LEU A 110 -6.20 14.15 19.74
N ASP A 111 -5.43 13.86 18.71
CA ASP A 111 -4.36 14.76 18.30
C ASP A 111 -4.94 15.93 17.50
N HIS A 112 -4.21 17.06 17.53
CA HIS A 112 -4.73 18.34 17.04
C HIS A 112 -4.91 18.38 15.53
N ASP A 113 -4.52 17.34 14.79
CA ASP A 113 -4.64 17.34 13.34
C ASP A 113 -5.49 16.17 12.83
N ASP A 114 -6.23 15.50 13.71
CA ASP A 114 -7.07 14.36 13.35
C ASP A 114 -8.53 14.74 13.50
N THR A 115 -9.41 13.81 13.10
CA THR A 115 -10.85 14.03 13.23
C THR A 115 -11.51 12.75 13.77
N VAL A 116 -12.73 12.94 14.26
CA VAL A 116 -13.54 11.87 14.83
C VAL A 116 -14.81 11.75 14.00
N PHE A 117 -15.28 10.51 13.80
CA PHE A 117 -16.49 10.28 13.04
C PHE A 117 -17.72 10.61 13.88
N PRO A 118 -18.82 11.02 13.24
CA PRO A 118 -19.90 11.69 13.99
C PRO A 118 -20.60 10.83 15.03
N GLU A 119 -20.61 9.52 14.89
CA GLU A 119 -21.30 8.66 15.84
C GLU A 119 -20.34 7.96 16.81
N THR A 120 -19.08 8.37 16.83
CA THR A 120 -18.08 7.69 17.66
C THR A 120 -18.44 7.74 19.14
N PHE A 121 -18.67 8.95 19.66
CA PHE A 121 -18.89 9.12 21.10
C PHE A 121 -20.02 8.23 21.61
N GLU A 122 -21.14 8.25 20.89
CA GLU A 122 -22.31 7.47 21.32
C GLU A 122 -22.01 5.97 21.23
N ARG A 123 -21.55 5.48 20.08
CA ARG A 123 -21.31 4.06 19.90
C ARG A 123 -20.22 3.56 20.84
N VAL A 124 -19.14 4.32 21.01
CA VAL A 124 -18.04 3.87 21.86
C VAL A 124 -18.48 3.82 23.33
N TYR A 125 -19.22 4.84 23.78
CA TYR A 125 -19.63 4.85 25.18
C TYR A 125 -20.64 3.77 25.48
N ASN A 126 -21.66 3.61 24.62
CA ASN A 126 -22.65 2.55 24.82
C ASN A 126 -21.97 1.19 24.88
N PHE A 127 -21.01 0.96 23.99
CA PHE A 127 -20.26 -0.29 23.99
C PHE A 127 -19.46 -0.44 25.29
N GLY A 128 -18.85 0.65 25.73
CA GLY A 128 -18.02 0.64 26.94
C GLY A 128 -18.82 0.45 28.22
N LYS A 129 -19.89 1.22 28.40
CA LYS A 129 -20.75 1.15 29.61
C LYS A 129 -21.44 -0.21 29.70
N GLU A 130 -21.93 -0.73 28.58
CA GLU A 130 -22.64 -2.04 28.58
C GLU A 130 -21.69 -3.18 28.96
N ASN A 131 -20.41 -3.09 28.66
CA ASN A 131 -19.47 -4.20 28.96
C ASN A 131 -18.48 -3.81 30.06
N ASN A 132 -18.72 -2.68 30.70
CA ASN A 132 -17.82 -2.21 31.78
C ASN A 132 -16.38 -2.37 31.31
N LEU A 133 -16.02 -1.68 30.24
CA LEU A 133 -14.67 -1.80 29.64
C LEU A 133 -13.73 -0.73 30.20
N ASP A 134 -12.46 -1.08 30.34
CA ASP A 134 -11.47 -0.09 30.80
C ASP A 134 -10.86 0.57 29.56
N VAL A 135 -10.87 -0.16 28.45
CA VAL A 135 -10.33 0.41 27.19
C VAL A 135 -11.23 0.00 26.04
N VAL A 136 -11.68 0.98 25.26
CA VAL A 136 -12.45 0.67 24.03
C VAL A 136 -11.51 0.92 22.87
N SER A 137 -11.08 -0.16 22.22
CA SER A 137 -10.24 -0.04 21.03
C SER A 137 -11.15 0.00 19.82
N GLY A 138 -11.47 1.21 19.37
CA GLY A 138 -12.35 1.39 18.23
C GLY A 138 -11.59 1.43 16.92
N LYS A 139 -12.27 1.04 15.85
CA LYS A 139 -11.67 1.00 14.52
C LYS A 139 -11.07 2.35 14.17
N GLU A 140 -9.77 2.34 13.84
CA GLU A 140 -9.03 3.54 13.49
C GLU A 140 -8.76 3.54 11.99
N VAL A 141 -8.79 4.74 11.39
CA VAL A 141 -8.66 4.91 9.96
C VAL A 141 -7.45 5.78 9.66
N ARG A 142 -6.69 5.42 8.64
CA ARG A 142 -5.52 6.17 8.21
C ARG A 142 -5.67 6.57 6.75
N THR A 143 -5.01 7.66 6.38
CA THR A 143 -5.12 8.19 5.02
C THR A 143 -4.64 7.17 3.99
N ASN A 144 -3.44 6.63 4.19
CA ASN A 144 -2.81 5.75 3.21
C ASN A 144 -2.94 4.29 3.63
N GLY A 145 -2.85 3.41 2.64
CA GLY A 145 -2.88 1.98 2.87
C GLY A 145 -4.25 1.39 2.60
N TRP A 146 -4.25 0.09 2.33
CA TRP A 146 -5.47 -0.66 2.07
C TRP A 146 -6.07 -1.28 3.33
N SER A 147 -5.40 -1.13 4.48
CA SER A 147 -5.88 -1.71 5.72
C SER A 147 -5.24 -0.98 6.89
N TRP A 148 -5.87 -1.10 8.05
CA TRP A 148 -5.26 -0.70 9.31
C TRP A 148 -5.90 -1.54 10.40
N GLY A 149 -5.07 -2.28 11.16
CA GLY A 149 -5.60 -3.23 12.11
C GLY A 149 -6.47 -4.27 11.44
N TRP A 150 -5.98 -4.80 10.33
CA TRP A 150 -6.74 -5.80 9.53
C TRP A 150 -7.20 -6.97 10.39
N LYS A 151 -6.31 -7.50 11.21
CA LYS A 151 -6.65 -8.68 12.04
C LYS A 151 -7.46 -8.28 13.27
N GLN A 152 -7.05 -7.23 13.97
CA GLN A 152 -7.73 -6.82 15.23
C GLN A 152 -9.11 -6.23 14.99
N PHE A 153 -9.32 -5.40 13.98
CA PHE A 153 -10.64 -4.78 13.76
C PHE A 153 -11.51 -5.64 12.83
N SER A 154 -11.47 -6.95 13.00
CA SER A 154 -12.26 -7.84 12.15
C SER A 154 -13.68 -8.01 12.64
N GLU A 155 -13.91 -7.97 13.95
CA GLU A 155 -15.22 -8.17 14.51
C GLU A 155 -15.27 -7.53 15.88
N ASN A 156 -16.48 -7.20 16.33
CA ASN A 156 -16.65 -6.68 17.68
C ASN A 156 -16.30 -7.76 18.70
N ASN A 157 -15.59 -7.34 19.73
CA ASN A 157 -15.19 -8.25 20.82
C ASN A 157 -15.25 -7.48 22.13
N PRO A 158 -16.31 -7.66 22.94
CA PRO A 158 -16.42 -7.00 24.22
C PRO A 158 -15.56 -7.65 25.31
N HIS A 159 -15.06 -8.84 25.06
CA HIS A 159 -14.16 -9.55 26.01
C HIS A 159 -12.82 -9.77 25.32
N ALA A 160 -12.33 -8.75 24.64
CA ALA A 160 -11.10 -8.80 23.84
C ALA A 160 -9.85 -9.15 24.67
N GLU A 161 -9.79 -8.84 25.98
CA GLU A 161 -8.58 -9.12 26.78
C GLU A 161 -8.31 -10.62 26.99
N GLU A 162 -9.29 -11.49 26.77
CA GLU A 162 -9.13 -12.97 26.82
C GLU A 162 -8.17 -13.44 25.72
N MET A 163 -8.07 -12.72 24.59
CA MET A 163 -7.14 -13.06 23.49
C MET A 163 -5.71 -12.74 23.89
N GLY A 164 -5.48 -11.97 24.95
CA GLY A 164 -4.13 -11.56 25.29
C GLY A 164 -3.89 -10.11 24.92
N ILE A 165 -2.65 -9.68 25.12
CA ILE A 165 -2.27 -8.29 24.89
C ILE A 165 -2.37 -7.88 23.42
N GLU A 166 -2.54 -8.84 22.51
CA GLU A 166 -2.72 -8.51 21.11
C GLU A 166 -4.00 -7.70 20.87
N CYS A 167 -4.98 -7.81 21.76
CA CYS A 167 -6.25 -7.13 21.56
C CYS A 167 -6.11 -5.61 21.46
N LEU A 168 -5.01 -5.05 21.96
CA LEU A 168 -4.81 -3.61 21.95
C LEU A 168 -4.06 -3.11 20.73
N LEU A 169 -3.57 -3.99 19.87
CA LEU A 169 -2.95 -3.56 18.63
C LEU A 169 -4.03 -3.12 17.63
N PRO A 170 -3.75 -2.12 16.79
CA PRO A 170 -2.54 -1.28 16.79
C PRO A 170 -2.52 -0.33 18.00
N MET A 171 -1.37 -0.26 18.68
CA MET A 171 -1.28 0.39 19.98
C MET A 171 -1.07 1.90 19.85
N THR A 172 -1.99 2.54 19.14
CA THR A 172 -2.04 3.99 19.13
C THR A 172 -2.76 4.48 20.38
N PRO A 173 -2.59 5.75 20.77
CA PRO A 173 -3.33 6.28 21.92
C PRO A 173 -4.74 6.73 21.56
N HIS A 174 -5.16 6.54 20.33
CA HIS A 174 -6.46 7.01 19.86
C HIS A 174 -7.57 6.03 20.22
N LYS A 175 -7.60 5.61 21.48
CA LYS A 175 -8.65 4.78 22.04
C LYS A 175 -9.35 5.54 23.16
N PHE A 176 -10.38 4.92 23.71
CA PHE A 176 -11.13 5.49 24.82
C PHE A 176 -10.78 4.73 26.10
N TYR A 177 -10.15 5.43 27.03
CA TYR A 177 -9.69 4.83 28.29
C TYR A 177 -10.60 5.30 29.43
N LYS A 178 -11.04 4.36 30.25
CA LYS A 178 -11.76 4.72 31.46
C LYS A 178 -10.84 5.54 32.37
N ARG A 179 -11.26 6.77 32.67
CA ARG A 179 -10.40 7.70 33.40
C ARG A 179 -10.03 7.16 34.77
N GLU A 180 -11.02 6.62 35.49
CA GLU A 180 -10.75 6.09 36.83
C GLU A 180 -9.76 4.94 36.79
N PHE A 181 -9.72 4.18 35.69
CA PHE A 181 -8.76 3.08 35.59
C PHE A 181 -7.34 3.61 35.38
N LEU A 182 -7.20 4.70 34.64
CA LEU A 182 -5.88 5.29 34.43
C LEU A 182 -5.31 5.82 35.74
N LEU A 183 -6.13 6.54 36.49
CA LEU A 183 -5.69 7.17 37.77
C LEU A 183 -5.37 6.10 38.81
N GLU A 184 -6.24 5.11 38.94
CA GLU A 184 -6.11 4.02 39.92
C GLU A 184 -4.81 3.25 39.74
N ASN A 185 -4.34 3.04 38.50
CA ASN A 185 -3.08 2.30 38.28
C ASN A 185 -1.96 3.26 37.89
N ASP A 186 -2.18 4.57 38.03
CA ASP A 186 -1.15 5.58 37.70
C ASP A 186 -0.56 5.34 36.31
N ILE A 187 -1.42 5.33 35.29
CA ILE A 187 -1.01 5.14 33.90
C ILE A 187 -0.96 6.52 33.25
N THR A 188 0.25 6.95 32.92
CA THR A 188 0.46 8.29 32.33
C THR A 188 1.44 8.20 31.17
N PHE A 189 1.61 9.30 30.43
CA PHE A 189 2.56 9.32 29.30
C PHE A 189 3.93 9.74 29.84
N ASP A 190 4.99 9.29 29.18
CA ASP A 190 6.39 9.56 29.60
C ASP A 190 6.78 11.03 29.38
N ASP A 191 6.48 11.93 30.32
CA ASP A 191 6.91 13.34 30.16
C ASP A 191 8.31 13.47 30.75
N GLY A 192 9.07 14.48 30.35
CA GLY A 192 10.43 14.63 30.90
C GLY A 192 11.24 13.41 30.54
N ALA A 193 10.88 12.80 29.43
CA ALA A 193 11.60 11.63 28.89
C ALA A 193 11.20 11.55 27.42
N ARG A 194 12.01 12.06 26.49
CA ARG A 194 11.58 11.94 25.08
C ARG A 194 11.81 10.49 24.63
N VAL A 195 10.75 9.74 24.38
CA VAL A 195 10.94 8.31 23.97
C VAL A 195 10.12 8.03 22.72
N LEU A 196 10.42 6.91 22.07
CA LEU A 196 9.67 6.47 20.87
C LEU A 196 8.66 5.42 21.32
N TRP A 197 7.52 5.36 20.64
CA TRP A 197 6.47 4.37 20.92
C TRP A 197 5.93 4.51 22.34
N GLU A 198 5.77 5.75 22.79
CA GLU A 198 5.21 5.97 24.13
C GLU A 198 3.78 5.45 24.24
N ASP A 199 3.06 5.33 23.12
CA ASP A 199 1.73 4.75 23.15
C ASP A 199 1.78 3.23 23.28
N VAL A 200 2.89 2.61 22.84
CA VAL A 200 3.09 1.19 23.11
C VAL A 200 3.28 0.97 24.60
N TYR A 201 4.10 1.81 25.24
CA TYR A 201 4.22 1.77 26.70
C TYR A 201 2.87 1.98 27.36
N PHE A 202 2.13 3.00 26.88
CA PHE A 202 0.85 3.36 27.50
C PHE A 202 -0.13 2.20 27.45
N ASN A 203 -0.32 1.61 26.26
CA ASN A 203 -1.28 0.52 26.13
C ASN A 203 -0.80 -0.75 26.82
N SER A 204 0.50 -0.98 26.86
CA SER A 204 1.02 -2.16 27.56
C SER A 204 0.76 -2.06 29.05
N LYS A 205 1.03 -0.89 29.65
CA LYS A 205 0.74 -0.70 31.07
C LYS A 205 -0.73 -0.91 31.36
N ALA A 206 -1.61 -0.49 30.45
CA ALA A 206 -3.04 -0.69 30.63
C ALA A 206 -3.38 -2.18 30.70
N PHE A 207 -2.82 -2.97 29.78
CA PHE A 207 -3.09 -4.40 29.78
C PHE A 207 -2.40 -5.10 30.96
N ILE A 208 -1.21 -4.63 31.34
CA ILE A 208 -0.49 -5.22 32.46
C ILE A 208 -1.32 -5.11 33.74
N HIS A 209 -2.02 -4.00 33.88
CA HIS A 209 -2.87 -3.71 35.07
C HIS A 209 -4.24 -4.39 34.96
N GLY A 210 -4.38 -5.34 34.05
CA GLY A 210 -5.62 -6.14 33.92
C GLY A 210 -6.81 -5.44 33.28
N ALA A 211 -6.57 -4.43 32.44
CA ALA A 211 -7.68 -3.69 31.79
C ALA A 211 -8.64 -4.62 31.06
N LYS A 212 -9.93 -4.38 31.23
CA LYS A 212 -10.99 -5.10 30.48
C LYS A 212 -11.03 -4.42 29.12
N VAL A 213 -10.67 -5.13 28.05
CA VAL A 213 -10.57 -4.48 26.72
C VAL A 213 -11.70 -4.94 25.80
N GLY A 214 -12.32 -3.98 25.13
CA GLY A 214 -13.38 -4.23 24.14
C GLY A 214 -12.98 -3.68 22.79
N ILE A 215 -13.15 -4.47 21.73
CA ILE A 215 -12.81 -4.00 20.36
C ILE A 215 -14.11 -3.65 19.64
N LEU A 216 -14.23 -2.42 19.18
CA LEU A 216 -15.40 -1.96 18.43
C LEU A 216 -14.97 -1.83 16.97
N ALA A 217 -15.38 -2.81 16.15
CA ALA A 217 -14.84 -2.94 14.80
C ALA A 217 -15.83 -2.60 13.69
N ASP A 218 -17.11 -2.41 14.00
CA ASP A 218 -18.13 -2.24 12.97
C ASP A 218 -18.41 -0.78 12.63
N TYR A 219 -17.60 0.15 13.15
CA TYR A 219 -17.79 1.56 12.87
C TYR A 219 -16.46 2.28 12.99
N PRO A 220 -16.03 3.05 11.98
CA PRO A 220 -14.78 3.78 12.07
C PRO A 220 -14.92 4.91 13.10
N THR A 221 -14.05 4.91 14.11
CA THR A 221 -14.20 5.88 15.21
C THR A 221 -13.19 7.02 15.11
N TYR A 222 -12.00 6.77 14.57
CA TYR A 222 -10.98 7.83 14.60
C TYR A 222 -10.26 7.92 13.26
N TYR A 223 -10.02 9.13 12.79
CA TYR A 223 -9.29 9.31 11.52
C TYR A 223 -7.92 9.89 11.82
N TRP A 224 -6.90 9.06 11.73
CA TRP A 224 -5.49 9.47 11.94
C TRP A 224 -4.96 9.93 10.58
N ILE A 225 -4.91 11.24 10.39
CA ILE A 225 -4.58 11.91 9.10
C ILE A 225 -3.09 12.09 8.87
N ALA A 226 -2.63 11.77 7.67
CA ALA A 226 -1.23 11.97 7.27
C ALA A 226 -1.12 13.43 6.85
N THR A 227 -0.11 14.14 7.35
CA THR A 227 -0.04 15.58 7.01
C THR A 227 1.21 15.86 6.19
N GLY A 228 2.36 15.46 6.69
CA GLY A 228 3.62 15.72 6.00
C GLY A 228 4.25 17.03 6.40
N SER A 234 11.60 13.84 13.74
CA SER A 234 13.07 14.09 13.80
C SER A 234 13.74 13.14 14.79
N PHE A 235 13.21 13.04 16.00
CA PHE A 235 13.77 12.16 17.05
C PHE A 235 13.69 10.71 16.56
N GLY A 236 14.80 9.97 16.61
CA GLY A 236 14.82 8.58 16.09
C GLY A 236 15.59 8.44 14.79
N ARG A 237 15.42 9.39 13.87
CA ARG A 237 16.14 9.30 12.58
C ARG A 237 17.54 8.76 12.86
N ASP A 238 18.27 9.41 13.76
CA ASP A 238 19.64 8.98 14.12
C ASP A 238 19.65 7.49 14.49
N PRO A 239 20.57 6.67 13.96
CA PRO A 239 20.58 5.23 14.25
C PRO A 239 20.90 4.91 15.70
N HIS A 240 21.74 5.71 16.36
CA HIS A 240 22.09 5.42 17.75
C HIS A 240 20.93 5.73 18.69
N GLU A 241 20.18 6.79 18.41
CA GLU A 241 18.99 7.10 19.20
C GLU A 241 17.91 6.05 18.97
N LYS A 242 17.73 5.63 17.71
CA LYS A 242 16.69 4.65 17.39
C LYS A 242 16.90 3.34 18.15
N TRP A 243 18.12 2.80 18.11
CA TRP A 243 18.39 1.55 18.79
C TRP A 243 18.58 1.71 20.30
N ASN A 244 18.71 2.95 20.78
CA ASN A 244 18.59 3.18 22.21
C ASN A 244 17.14 3.04 22.66
N GLN A 245 16.20 3.56 21.85
CA GLN A 245 14.79 3.41 22.16
C GLN A 245 14.32 1.96 22.00
N ILE A 246 14.95 1.22 21.09
CA ILE A 246 14.55 -0.17 20.87
C ILE A 246 14.99 -1.04 22.05
N ASN A 247 16.23 -0.85 22.52
CA ASN A 247 16.66 -1.54 23.73
C ASN A 247 15.77 -1.18 24.91
N LYS A 248 15.33 0.08 24.95
CA LYS A 248 14.44 0.51 26.04
C LYS A 248 13.11 -0.21 25.95
N LEU A 249 12.54 -0.31 24.74
CA LEU A 249 11.23 -0.94 24.59
C LEU A 249 11.28 -2.43 24.92
N PHE A 250 12.33 -3.12 24.49
CA PHE A 250 12.41 -4.56 24.73
C PHE A 250 12.66 -4.86 26.20
N ASN A 251 13.48 -4.04 26.87
CA ASN A 251 13.67 -4.22 28.31
C ASN A 251 12.37 -3.98 29.07
N PHE A 252 11.60 -2.98 28.66
CA PHE A 252 10.29 -2.74 29.28
C PHE A 252 9.40 -3.96 29.16
N PHE A 253 9.36 -4.57 27.96
CA PHE A 253 8.62 -5.82 27.78
C PHE A 253 9.10 -6.87 28.77
N LYS A 254 10.41 -7.11 28.83
CA LYS A 254 10.95 -8.19 29.63
C LYS A 254 10.82 -7.92 31.12
N ASP A 255 10.85 -6.66 31.53
CA ASP A 255 10.81 -6.31 32.95
C ASP A 255 9.40 -6.16 33.50
N ASN A 256 8.42 -5.84 32.66
CA ASN A 256 7.10 -5.47 33.15
C ASN A 256 5.98 -6.42 32.76
N ILE A 257 6.07 -7.10 31.62
CA ILE A 257 5.05 -8.06 31.22
C ILE A 257 5.28 -9.36 31.99
N LYS A 258 4.31 -9.76 32.80
CA LYS A 258 4.46 -10.95 33.62
C LYS A 258 3.72 -12.16 33.07
N GLU A 259 2.76 -11.97 32.17
CA GLU A 259 2.10 -13.09 31.51
C GLU A 259 2.99 -13.61 30.39
N GLN A 260 3.23 -14.93 30.39
CA GLN A 260 4.15 -15.51 29.40
C GLN A 260 3.61 -15.36 27.99
N ARG A 261 2.33 -15.67 27.79
CA ARG A 261 1.73 -15.53 26.47
C ARG A 261 1.83 -14.09 25.95
N ASP A 262 1.62 -13.12 26.84
CA ASP A 262 1.68 -11.72 26.43
C ASP A 262 3.12 -11.28 26.18
N LEU A 263 4.05 -11.73 27.00
CA LEU A 263 5.46 -11.39 26.80
C LEU A 263 5.97 -11.94 25.48
N ASP A 264 5.67 -13.21 25.18
CA ASP A 264 6.18 -13.83 23.97
C ASP A 264 5.53 -13.24 22.72
N PHE A 265 4.29 -12.76 22.82
CA PHE A 265 3.68 -12.09 21.68
C PHE A 265 4.37 -10.77 21.39
N MET A 266 4.60 -9.96 22.42
CA MET A 266 5.21 -8.65 22.21
C MET A 266 6.66 -8.78 21.77
N LEU A 267 7.40 -9.74 22.35
CA LEU A 267 8.77 -10.00 21.89
C LEU A 267 8.77 -10.45 20.43
N THR A 268 7.92 -11.42 20.08
CA THR A 268 7.87 -11.90 18.71
C THR A 268 7.49 -10.79 17.75
N HIS A 269 6.45 -10.03 18.09
CA HIS A 269 5.91 -9.03 17.16
C HIS A 269 6.92 -7.91 16.90
N TRP A 270 7.63 -7.46 17.94
CA TRP A 270 8.55 -6.35 17.74
C TRP A 270 9.91 -6.81 17.24
N TYR A 271 10.33 -8.02 17.58
CA TYR A 271 11.53 -8.58 16.99
C TYR A 271 11.35 -8.77 15.48
N ARG A 272 10.19 -9.27 15.09
CA ARG A 272 9.95 -9.52 13.65
C ARG A 272 9.87 -8.21 12.88
N SER A 273 9.18 -7.22 13.41
CA SER A 273 8.88 -6.02 12.63
C SER A 273 10.00 -4.98 12.71
N ARG A 274 10.65 -4.81 13.86
CA ARG A 274 11.63 -3.75 14.01
C ARG A 274 13.07 -4.23 13.99
N VAL A 275 13.34 -5.48 14.34
CA VAL A 275 14.72 -5.98 14.37
C VAL A 275 15.00 -6.75 13.09
N LEU A 276 14.26 -7.84 12.86
CA LEU A 276 14.36 -8.54 11.59
C LEU A 276 13.85 -7.70 10.43
N GLY A 277 13.10 -6.64 10.72
CA GLY A 277 12.52 -5.78 9.70
C GLY A 277 13.52 -4.96 8.92
N ILE A 278 14.78 -4.85 9.39
CA ILE A 278 15.81 -4.14 8.65
C ILE A 278 16.66 -5.07 7.82
N LEU A 279 16.46 -6.38 7.93
CA LEU A 279 17.32 -7.36 7.27
C LEU A 279 16.76 -7.81 5.92
N GLY A 280 15.73 -7.14 5.42
CA GLY A 280 15.19 -7.45 4.11
C GLY A 280 15.45 -6.34 3.11
N GLN A 281 14.36 -5.76 2.57
CA GLN A 281 14.50 -4.71 1.58
C GLN A 281 15.12 -3.43 2.14
N TRP A 282 15.06 -3.25 3.46
CA TRP A 282 15.71 -2.10 4.08
C TRP A 282 17.19 -2.03 3.74
N LEU A 283 17.83 -3.19 3.55
CA LEU A 283 19.24 -3.24 3.21
C LEU A 283 19.53 -2.66 1.82
N LEU A 284 18.55 -2.65 0.93
CA LEU A 284 18.74 -2.15 -0.43
C LEU A 284 18.43 -0.67 -0.57
N LYS A 285 17.99 -0.01 0.50
CA LYS A 285 17.58 1.39 0.44
C LYS A 285 18.40 2.28 1.37
N ASN A 286 19.50 1.78 1.92
CA ASN A 286 20.33 2.54 2.85
C ASN A 286 21.80 2.40 2.45
N ASN A 287 22.60 3.35 2.90
CA ASN A 287 24.04 3.32 2.63
C ASN A 287 24.73 2.31 3.54
N ASN A 288 25.93 1.91 3.14
CA ASN A 288 26.65 0.87 3.87
C ASN A 288 27.06 1.32 5.27
N GLU A 289 27.18 2.63 5.47
CA GLU A 289 27.56 3.12 6.81
C GLU A 289 26.42 2.82 7.77
N ARG A 290 25.20 3.25 7.44
CA ARG A 290 24.01 3.05 8.31
C ARG A 290 23.69 1.57 8.48
N ILE A 291 23.90 0.76 7.44
CA ILE A 291 23.59 -0.66 7.52
C ILE A 291 24.43 -1.34 8.59
N ASP A 292 25.75 -1.10 8.52
CA ASP A 292 26.72 -1.70 9.47
C ASP A 292 26.39 -1.28 10.91
N ILE A 293 25.96 -0.03 11.10
CA ILE A 293 25.66 0.49 12.44
C ILE A 293 24.40 -0.18 12.99
N GLU A 294 23.34 -0.25 12.18
CA GLU A 294 22.10 -0.85 12.66
C GLU A 294 22.16 -2.37 12.70
N PHE A 295 22.95 -2.98 11.82
CA PHE A 295 23.07 -4.44 11.84
C PHE A 295 23.74 -4.91 13.13
N ASN A 296 24.76 -4.20 13.58
CA ASN A 296 25.46 -4.58 14.81
C ASN A 296 24.57 -4.37 16.03
N TYR A 297 23.78 -3.29 16.05
CA TYR A 297 22.80 -3.10 17.10
C TYR A 297 21.81 -4.26 17.14
N ALA A 298 21.31 -4.66 15.97
CA ALA A 298 20.33 -5.74 15.90
C ALA A 298 20.93 -7.06 16.35
N LYS A 299 22.17 -7.34 15.95
CA LYS A 299 22.82 -8.57 16.37
C LYS A 299 23.03 -8.59 17.88
N LYS A 300 23.43 -7.46 18.46
CA LYS A 300 23.65 -7.41 19.90
C LYS A 300 22.33 -7.52 20.66
N LEU A 301 21.25 -6.95 20.11
CA LEU A 301 19.96 -7.02 20.79
C LEU A 301 19.36 -8.42 20.71
N ALA A 302 19.53 -9.09 19.56
CA ALA A 302 19.05 -10.46 19.44
C ALA A 302 19.74 -11.37 20.44
N GLU A 303 21.06 -11.25 20.54
CA GLU A 303 21.82 -12.12 21.44
C GLU A 303 21.48 -11.85 22.90
N GLU A 304 21.30 -10.58 23.26
CA GLU A 304 21.15 -10.20 24.66
C GLU A 304 19.71 -10.30 25.17
N LEU A 305 18.71 -10.04 24.32
CA LEU A 305 17.34 -9.90 24.79
C LEU A 305 16.35 -10.88 24.20
N ILE A 306 16.65 -11.51 23.07
CA ILE A 306 15.68 -12.31 22.33
C ILE A 306 16.02 -13.78 22.51
N PRO A 307 15.21 -14.55 23.23
CA PRO A 307 15.48 -15.99 23.37
C PRO A 307 15.31 -16.73 22.05
N ALA A 308 15.97 -17.89 21.97
CA ALA A 308 15.94 -18.66 20.73
C ALA A 308 14.55 -19.20 20.42
N TYR A 309 13.75 -19.51 21.45
CA TYR A 309 12.43 -20.08 21.20
C TYR A 309 11.51 -19.09 20.49
N ILE A 310 11.84 -17.81 20.47
CA ILE A 310 11.02 -16.83 19.79
C ILE A 310 11.02 -17.08 18.29
N SER A 311 12.19 -17.32 17.72
CA SER A 311 12.30 -17.54 16.28
C SER A 311 11.81 -18.92 15.87
N GLU A 312 11.70 -19.87 16.80
CA GLU A 312 11.17 -21.19 16.46
C GLU A 312 9.72 -21.12 16.01
N ASN A 313 9.00 -20.06 16.37
CA ASN A 313 7.60 -19.89 15.97
C ASN A 313 7.43 -18.80 14.92
N LEU A 314 8.50 -18.45 14.21
CA LEU A 314 8.44 -17.52 13.10
C LEU A 314 8.36 -18.29 11.77
N ASP A 315 7.96 -17.58 10.72
CA ASP A 315 7.90 -18.17 9.40
C ASP A 315 9.30 -18.47 8.89
N LYS A 316 9.37 -19.30 7.85
CA LYS A 316 10.65 -19.80 7.35
C LYS A 316 11.62 -18.65 7.01
N ASN A 317 11.15 -17.66 6.27
CA ASN A 317 12.03 -16.59 5.81
C ASN A 317 12.53 -15.73 6.97
N ASN A 318 11.72 -15.59 8.03
CA ASN A 318 12.19 -14.87 9.21
C ASN A 318 13.16 -15.69 10.03
N GLN A 319 12.98 -17.02 10.06
CA GLN A 319 13.96 -17.88 10.72
C GLN A 319 15.31 -17.81 10.03
N VAL A 320 15.30 -17.66 8.70
CA VAL A 320 16.55 -17.49 7.97
C VAL A 320 17.22 -16.17 8.36
N LYS A 321 16.43 -15.10 8.45
CA LYS A 321 16.98 -13.80 8.80
C LYS A 321 17.55 -13.81 10.23
N ASP A 322 16.84 -14.46 11.16
CA ASP A 322 17.32 -14.53 12.53
C ASP A 322 18.59 -15.38 12.62
N TYR A 323 18.67 -16.45 11.84
CA TYR A 323 19.87 -17.29 11.87
C TYR A 323 21.08 -16.54 11.33
N LEU A 324 20.93 -15.89 10.18
CA LEU A 324 22.05 -15.17 9.59
C LEU A 324 22.44 -13.95 10.41
N LEU A 325 21.48 -13.33 11.09
CA LEU A 325 21.79 -12.22 11.98
C LEU A 325 22.69 -12.67 13.12
N ARG A 326 22.32 -13.76 13.79
CA ARG A 326 23.11 -14.27 14.90
C ARG A 326 24.44 -14.85 14.46
N GLN A 327 24.55 -15.27 13.19
CA GLN A 327 25.84 -15.65 12.62
C GLN A 327 26.66 -14.44 12.19
N GLY A 328 26.08 -13.24 12.22
CA GLY A 328 26.78 -12.08 11.73
C GLY A 328 26.97 -12.05 10.24
N ASP A 329 26.20 -12.85 9.52
CA ASP A 329 26.35 -13.00 8.05
C ASP A 329 25.55 -11.95 7.29
N LEU A 330 25.92 -10.68 7.41
CA LEU A 330 25.21 -9.58 6.72
C LEU A 330 25.37 -9.71 5.20
N ASP A 331 26.52 -10.21 4.73
CA ASP A 331 26.70 -10.34 3.26
C ASP A 331 25.64 -11.29 2.70
N SER A 332 25.35 -12.39 3.37
CA SER A 332 24.32 -13.34 2.86
C SER A 332 22.95 -12.69 2.90
N LEU A 333 22.69 -11.88 3.92
CA LEU A 333 21.39 -11.20 4.06
C LEU A 333 21.23 -10.22 2.91
N LYS A 334 22.30 -9.49 2.56
CA LYS A 334 22.23 -8.53 1.45
C LYS A 334 21.89 -9.28 0.17
N LYS A 335 22.47 -10.45 -0.02
CA LYS A 335 22.22 -11.25 -1.24
C LYS A 335 20.77 -11.74 -1.25
N LEU A 336 20.27 -12.19 -0.09
CA LEU A 336 18.88 -12.64 -0.03
C LEU A 336 17.91 -11.51 -0.34
N ALA A 337 18.25 -10.28 0.07
CA ALA A 337 17.39 -9.14 -0.22
C ALA A 337 17.27 -8.91 -1.72
N GLN A 338 18.37 -9.06 -2.45
CA GLN A 338 18.31 -8.92 -3.90
C GLN A 338 17.46 -10.01 -4.53
N ILE A 339 17.56 -11.24 -4.01
CA ILE A 339 16.77 -12.34 -4.54
C ILE A 339 15.28 -12.09 -4.28
N ASP A 340 14.93 -11.62 -3.09
CA ASP A 340 13.54 -11.41 -2.70
C ASP A 340 12.96 -10.11 -3.25
N ALA A 341 13.76 -9.25 -3.84
CA ALA A 341 13.29 -7.93 -4.27
C ALA A 341 12.24 -8.06 -5.37
N GLY A 342 11.02 -7.59 -5.08
CA GLY A 342 9.97 -7.52 -6.07
C GLY A 342 8.88 -8.55 -5.96
N ILE A 343 8.99 -9.51 -5.03
CA ILE A 343 7.97 -10.54 -4.90
C ILE A 343 6.64 -9.90 -4.52
N THR A 344 5.60 -10.22 -5.28
CA THR A 344 4.31 -9.58 -5.10
C THR A 344 3.23 -10.49 -5.67
N ALA A 345 1.98 -10.10 -5.44
CA ALA A 345 0.82 -10.82 -5.98
C ALA A 345 -0.22 -9.78 -6.37
N LEU A 346 -0.33 -9.50 -7.67
CA LEU A 346 -1.30 -8.57 -8.20
C LEU A 346 -2.49 -9.34 -8.76
N SER A 347 -3.70 -8.81 -8.52
CA SER A 347 -4.92 -9.47 -8.95
C SER A 347 -5.47 -8.81 -10.20
N TYR A 348 -5.97 -9.64 -11.10
CA TYR A 348 -6.58 -9.14 -12.35
C TYR A 348 -8.06 -9.48 -12.31
N VAL A 349 -8.88 -8.62 -12.87
CA VAL A 349 -10.31 -8.90 -12.99
C VAL A 349 -10.51 -9.90 -14.13
N GLU A 350 -11.02 -11.08 -13.80
CA GLU A 350 -11.41 -12.04 -14.83
C GLU A 350 -12.84 -11.81 -15.31
N ASP A 351 -13.72 -11.36 -14.42
CA ASP A 351 -15.08 -11.00 -14.79
C ASP A 351 -15.63 -10.03 -13.76
N ALA A 352 -16.52 -9.15 -14.22
CA ALA A 352 -17.17 -8.19 -13.34
C ALA A 352 -18.53 -7.84 -13.93
N TYR A 353 -19.57 -7.97 -13.12
CA TYR A 353 -20.93 -7.73 -13.60
C TYR A 353 -21.85 -7.55 -12.41
N PHE A 354 -22.92 -6.79 -12.64
CA PHE A 354 -23.96 -6.65 -11.63
C PHE A 354 -24.94 -7.81 -11.75
N LYS A 355 -25.41 -8.30 -10.61
CA LYS A 355 -26.47 -9.30 -10.57
C LYS A 355 -27.36 -9.00 -9.37
N GLU A 356 -28.67 -8.92 -9.62
CA GLU A 356 -29.63 -8.48 -8.62
C GLU A 356 -29.20 -7.16 -8.01
N ASP A 357 -28.99 -7.12 -6.69
CA ASP A 357 -28.63 -5.87 -6.02
C ASP A 357 -27.14 -5.80 -5.67
N LYS A 358 -26.31 -6.65 -6.26
CA LYS A 358 -24.89 -6.71 -5.90
C LYS A 358 -24.01 -6.66 -7.14
N LEU A 359 -22.74 -6.34 -6.91
CA LEU A 359 -21.70 -6.32 -7.94
C LEU A 359 -20.78 -7.50 -7.71
N PHE A 360 -20.65 -8.36 -8.71
CA PHE A 360 -19.87 -9.59 -8.59
C PHE A 360 -18.52 -9.44 -9.29
N PHE A 361 -17.50 -10.07 -8.69
CA PHE A 361 -16.16 -10.07 -9.25
C PHE A 361 -15.63 -11.49 -9.30
N LYS A 362 -14.89 -11.80 -10.37
CA LYS A 362 -14.01 -12.95 -10.44
C LYS A 362 -12.61 -12.45 -10.71
N THR A 363 -11.67 -12.82 -9.83
CA THR A 363 -10.29 -12.33 -9.92
C THR A 363 -9.32 -13.50 -9.86
N SER A 364 -8.12 -13.26 -10.37
CA SER A 364 -7.05 -14.24 -10.32
C SER A 364 -5.74 -13.52 -9.98
N THR A 365 -4.84 -14.27 -9.37
CA THR A 365 -3.51 -13.74 -9.05
C THR A 365 -2.52 -14.89 -9.10
N LYS A 366 -1.25 -14.52 -9.01
CA LYS A 366 -0.13 -15.48 -8.95
C LYS A 366 1.08 -14.73 -8.43
N MET A 367 1.93 -15.40 -7.67
CA MET A 367 3.13 -14.75 -7.16
C MET A 367 4.11 -14.51 -8.29
N THR A 368 4.58 -13.27 -8.41
CA THR A 368 5.47 -12.87 -9.48
C THR A 368 6.55 -11.94 -8.92
N TYR A 369 7.48 -11.57 -9.79
CA TYR A 369 8.37 -10.44 -9.55
C TYR A 369 7.82 -9.24 -10.30
N GLU A 370 7.36 -8.23 -9.56
CA GLU A 370 6.91 -6.97 -10.15
C GLU A 370 5.82 -7.18 -11.21
N ASP A 371 4.97 -8.18 -10.97
N ASP A 371 4.95 -8.15 -10.96
CA ASP A 371 3.84 -8.50 -11.87
CA ASP A 371 3.83 -8.55 -11.86
C ASP A 371 4.35 -8.91 -13.25
C ASP A 371 4.35 -8.94 -13.25
N LYS A 372 5.53 -9.55 -13.30
CA LYS A 372 6.09 -10.01 -14.56
C LYS A 372 6.28 -11.52 -14.54
N GLU A 373 7.51 -12.01 -14.57
CA GLU A 373 7.74 -13.45 -14.61
C GLU A 373 7.30 -14.09 -13.29
N ASP A 374 6.96 -15.37 -13.37
CA ASP A 374 6.43 -16.09 -12.21
C ASP A 374 7.48 -16.21 -11.11
N PHE A 375 7.00 -16.19 -9.87
CA PHE A 375 7.81 -16.61 -8.73
C PHE A 375 7.71 -18.11 -8.58
N PHE A 376 8.85 -18.76 -8.34
CA PHE A 376 8.93 -20.21 -8.31
C PHE A 376 9.50 -20.69 -6.98
N ILE A 377 8.99 -21.85 -6.54
CA ILE A 377 9.67 -22.71 -5.59
C ILE A 377 9.99 -24.00 -6.30
N GLU A 378 10.97 -24.73 -5.77
CA GLU A 378 11.56 -25.87 -6.48
C GLU A 378 11.45 -27.13 -5.64
N LYS A 379 11.01 -28.21 -6.25
CA LYS A 379 10.80 -29.49 -5.57
C LYS A 379 12.04 -30.36 -5.72
N THR A 380 12.64 -30.74 -4.59
CA THR A 380 13.76 -31.66 -4.56
C THR A 380 13.39 -32.82 -3.66
N ALA A 381 13.38 -34.04 -4.22
CA ALA A 381 12.92 -35.22 -3.52
C ALA A 381 11.50 -35.01 -3.00
N ASP A 382 11.36 -34.93 -1.67
CA ASP A 382 10.01 -34.79 -1.05
C ASP A 382 9.83 -33.43 -0.36
N ARG A 383 10.67 -32.46 -0.71
CA ARG A 383 10.63 -31.10 -0.10
C ARG A 383 10.35 -30.03 -1.15
N MET A 384 9.58 -29.00 -0.79
CA MET A 384 9.38 -27.83 -1.65
C MET A 384 10.24 -26.70 -1.10
N GLU A 385 11.33 -26.40 -1.79
CA GLU A 385 12.36 -25.52 -1.25
C GLU A 385 12.34 -24.14 -1.91
N ARG A 386 12.68 -23.14 -1.09
CA ARG A 386 13.01 -21.81 -1.61
C ARG A 386 14.20 -21.91 -2.55
N ILE A 387 14.17 -21.14 -3.63
CA ILE A 387 15.22 -21.19 -4.64
C ILE A 387 16.34 -20.23 -4.23
N LEU A 388 17.52 -20.80 -3.95
CA LEU A 388 18.67 -20.05 -3.45
C LEU A 388 19.93 -20.56 -4.12
N PRO A 389 20.96 -19.72 -4.23
CA PRO A 389 22.26 -20.21 -4.67
C PRO A 389 22.83 -21.20 -3.68
N GLU A 390 23.66 -22.11 -4.18
CA GLU A 390 24.26 -23.11 -3.31
C GLU A 390 25.12 -22.48 -2.23
N GLU A 391 25.65 -21.29 -2.48
CA GLU A 391 26.52 -20.63 -1.51
C GLU A 391 25.76 -20.31 -0.22
N ILE A 392 24.48 -19.97 -0.34
CA ILE A 392 23.68 -19.57 0.82
C ILE A 392 22.99 -20.76 1.46
N LYS A 393 22.53 -21.73 0.66
CA LYS A 393 21.88 -22.91 1.21
C LYS A 393 22.81 -23.71 2.10
N SER A 394 24.10 -23.74 1.78
CA SER A 394 25.07 -24.48 2.59
C SER A 394 25.34 -23.81 3.93
N LYS A 395 24.91 -22.57 4.12
CA LYS A 395 25.06 -21.88 5.39
C LYS A 395 23.80 -21.93 6.25
N LEU A 396 22.73 -22.55 5.76
CA LEU A 396 21.46 -22.51 6.44
C LEU A 396 21.03 -23.90 6.90
N PRO A 397 20.33 -23.99 8.03
CA PRO A 397 19.71 -25.28 8.40
C PRO A 397 18.72 -25.72 7.33
N LYS A 398 18.65 -27.03 7.12
CA LYS A 398 17.88 -27.57 6.00
C LYS A 398 16.41 -27.15 6.07
N GLU A 399 15.86 -27.09 7.28
CA GLU A 399 14.41 -26.82 7.41
C GLU A 399 14.04 -25.36 7.16
N PHE A 400 15.01 -24.45 7.20
CA PHE A 400 14.67 -23.03 7.10
C PHE A 400 14.37 -22.58 5.68
N PHE A 401 14.69 -23.38 4.66
CA PHE A 401 14.26 -23.08 3.30
C PHE A 401 13.41 -24.20 2.70
N ASP A 402 12.74 -24.98 3.56
CA ASP A 402 11.83 -26.05 3.13
C ASP A 402 10.42 -25.57 3.44
N TYR A 403 9.68 -25.20 2.40
CA TYR A 403 8.32 -24.67 2.52
C TYR A 403 7.26 -25.75 2.62
N SER A 404 7.64 -27.03 2.72
CA SER A 404 6.69 -28.12 2.54
C SER A 404 5.49 -28.02 3.48
N ASP A 405 5.71 -27.57 4.71
CA ASP A 405 4.66 -27.53 5.71
C ASP A 405 3.84 -26.25 5.67
N ASP A 406 4.17 -25.30 4.79
CA ASP A 406 3.49 -24.01 4.74
C ASP A 406 2.62 -23.85 3.50
N LEU A 407 2.51 -24.86 2.65
CA LEU A 407 1.79 -24.74 1.39
C LEU A 407 0.27 -24.71 1.57
N ALA A 408 -0.23 -24.86 2.80
CA ALA A 408 -1.66 -24.82 3.05
C ALA A 408 -2.07 -23.57 3.82
N GLU A 409 -1.20 -22.57 3.92
CA GLU A 409 -1.45 -21.39 4.73
C GLU A 409 -1.65 -20.13 3.90
N PHE A 410 -1.99 -20.27 2.61
CA PHE A 410 -2.25 -19.10 1.79
C PHE A 410 -3.60 -18.50 2.13
N THR A 411 -3.69 -17.18 2.05
CA THR A 411 -4.96 -16.48 2.11
C THR A 411 -5.08 -15.54 0.92
N TYR A 412 -6.31 -15.32 0.49
CA TYR A 412 -6.61 -14.52 -0.69
C TYR A 412 -7.98 -13.90 -0.45
N GLU A 413 -8.03 -12.60 -0.22
CA GLU A 413 -9.25 -11.94 0.24
C GLU A 413 -9.43 -10.60 -0.47
N PRO A 414 -10.67 -10.15 -0.65
CA PRO A 414 -10.90 -8.84 -1.24
C PRO A 414 -11.11 -7.76 -0.19
N SER A 415 -10.86 -6.50 -0.53
CA SER A 415 -11.10 -5.41 0.38
C SER A 415 -11.57 -4.18 -0.39
N ILE A 416 -12.11 -3.22 0.33
CA ILE A 416 -12.63 -1.98 -0.24
C ILE A 416 -12.15 -0.82 0.61
N LYS A 417 -12.03 0.34 -0.02
CA LYS A 417 -11.64 1.56 0.67
C LYS A 417 -12.44 2.73 0.13
N GLY A 418 -13.06 3.49 1.03
CA GLY A 418 -13.78 4.69 0.63
C GLY A 418 -12.80 5.83 0.40
N ARG A 419 -12.88 6.44 -0.78
CA ARG A 419 -11.90 7.46 -1.14
C ARG A 419 -12.10 8.76 -0.37
N ASN A 420 -13.32 9.03 0.09
CA ASN A 420 -13.56 10.22 0.92
C ASN A 420 -13.21 9.93 2.38
N SER A 421 -13.76 8.86 2.93
CA SER A 421 -13.61 8.57 4.35
C SER A 421 -12.24 7.98 4.69
N ARG A 422 -11.60 7.34 3.70
CA ARG A 422 -10.35 6.58 3.83
C ARG A 422 -10.53 5.30 4.65
N ALA A 423 -11.76 4.96 5.01
CA ALA A 423 -12.00 3.75 5.79
C ALA A 423 -11.87 2.51 4.91
N THR A 424 -11.24 1.48 5.46
CA THR A 424 -11.00 0.21 4.74
C THR A 424 -11.75 -0.94 5.40
N TRP A 425 -12.25 -1.87 4.60
CA TRP A 425 -13.04 -3.02 5.10
C TRP A 425 -12.69 -4.27 4.30
N LYS A 426 -12.80 -5.43 4.94
CA LYS A 426 -12.66 -6.68 4.18
C LYS A 426 -14.03 -6.95 3.54
N ILE A 427 -14.06 -7.41 2.30
CA ILE A 427 -15.36 -7.77 1.67
C ILE A 427 -15.65 -9.20 2.09
N ASP A 428 -16.70 -9.41 2.86
CA ASP A 428 -17.02 -10.72 3.41
C ASP A 428 -17.69 -11.61 2.38
N GLY A 429 -17.69 -12.91 2.67
CA GLY A 429 -18.37 -13.88 1.84
C GLY A 429 -17.62 -14.35 0.62
N SER A 430 -16.33 -14.03 0.51
CA SER A 430 -15.58 -14.36 -0.69
C SER A 430 -15.25 -15.85 -0.73
N THR A 431 -15.08 -16.36 -1.94
CA THR A 431 -14.67 -17.73 -2.18
C THR A 431 -13.35 -17.70 -2.94
N SER A 432 -12.29 -18.22 -2.34
CA SER A 432 -10.98 -18.20 -2.94
C SER A 432 -10.28 -19.54 -2.76
N ASN A 433 -9.29 -19.78 -3.62
CA ASN A 433 -8.49 -21.00 -3.55
C ASN A 433 -7.11 -20.69 -4.10
N VAL A 434 -6.09 -21.27 -3.48
CA VAL A 434 -4.70 -21.07 -3.87
C VAL A 434 -4.07 -22.43 -4.09
N GLU A 435 -3.51 -22.65 -5.28
CA GLU A 435 -2.91 -23.92 -5.64
C GLU A 435 -1.42 -23.73 -5.93
N VAL A 436 -0.63 -24.72 -5.54
CA VAL A 436 0.78 -24.80 -5.91
C VAL A 436 0.88 -25.68 -7.15
N VAL A 437 1.29 -25.09 -8.27
CA VAL A 437 1.17 -25.72 -9.58
C VAL A 437 2.56 -25.90 -10.19
N ASN A 438 2.83 -27.11 -10.66
CA ASN A 438 4.06 -27.42 -11.38
C ASN A 438 3.97 -26.82 -12.78
N LYS A 439 4.82 -25.84 -13.08
CA LYS A 439 4.79 -25.19 -14.39
C LYS A 439 5.71 -25.88 -15.40
N LYS A 440 6.96 -26.09 -15.02
CA LYS A 440 7.91 -26.80 -15.90
C LYS A 440 8.95 -27.50 -15.02
N ALA A 441 9.52 -28.59 -15.52
CA ALA A 441 10.54 -29.37 -14.79
C ALA A 441 10.05 -29.66 -13.38
N ASN A 442 10.74 -29.11 -12.39
CA ASN A 442 10.39 -29.31 -10.96
C ASN A 442 10.02 -27.97 -10.33
N LEU A 443 9.73 -26.96 -11.14
CA LEU A 443 9.41 -25.59 -10.67
C LEU A 443 7.91 -25.42 -10.42
N TYR A 444 7.55 -24.84 -9.29
CA TYR A 444 6.16 -24.69 -8.90
C TYR A 444 5.84 -23.21 -8.72
N LYS A 445 4.74 -22.78 -9.32
CA LYS A 445 4.19 -21.45 -9.12
C LYS A 445 3.03 -21.50 -8.14
N ILE A 446 2.58 -20.32 -7.71
CA ILE A 446 1.52 -20.18 -6.72
C ILE A 446 0.42 -19.35 -7.36
N GLU A 447 -0.74 -19.96 -7.57
CA GLU A 447 -1.84 -19.33 -8.28
C GLU A 447 -3.08 -19.30 -7.40
N GLY A 448 -3.78 -18.16 -7.40
CA GLY A 448 -5.01 -18.01 -6.65
C GLY A 448 -6.14 -17.56 -7.56
N GLU A 449 -7.34 -18.04 -7.24
CA GLU A 449 -8.56 -17.57 -7.89
C GLU A 449 -9.57 -17.21 -6.81
N MET A 450 -10.38 -16.19 -7.08
CA MET A 450 -11.32 -15.68 -6.09
C MET A 450 -12.56 -15.15 -6.77
N SER A 451 -13.69 -15.31 -6.09
CA SER A 451 -14.94 -14.67 -6.47
C SER A 451 -15.58 -14.05 -5.25
N PHE A 452 -16.15 -12.86 -5.42
CA PHE A 452 -16.79 -12.16 -4.32
C PHE A 452 -17.80 -11.17 -4.89
N SER A 453 -18.64 -10.64 -4.00
CA SER A 453 -19.65 -9.67 -4.38
C SER A 453 -19.64 -8.51 -3.40
N VAL A 454 -20.01 -7.34 -3.90
CA VAL A 454 -20.06 -6.12 -3.09
C VAL A 454 -21.52 -5.74 -2.88
N GLN A 455 -21.93 -5.65 -1.63
CA GLN A 455 -23.20 -5.06 -1.23
C GLN A 455 -22.86 -3.74 -0.56
N ILE A 456 -22.98 -2.65 -1.33
CA ILE A 456 -22.39 -1.38 -0.92
C ILE A 456 -22.99 -0.88 0.39
N ASN A 457 -24.22 -1.29 0.71
CA ASN A 457 -24.84 -0.87 1.96
C ASN A 457 -24.07 -1.37 3.18
N ASP A 458 -23.29 -2.44 3.03
CA ASP A 458 -22.50 -2.95 4.15
C ASP A 458 -21.50 -1.92 4.65
N TYR A 459 -21.11 -0.96 3.82
CA TYR A 459 -20.04 -0.03 4.15
C TYR A 459 -20.53 1.41 4.25
N ILE A 460 -21.82 1.65 4.04
CA ILE A 460 -22.40 2.99 4.18
C ILE A 460 -22.91 3.11 5.60
N LEU A 461 -22.19 3.87 6.43
CA LEU A 461 -22.51 4.02 7.85
C LEU A 461 -22.90 5.43 8.22
N ASP A 462 -22.24 6.44 7.66
CA ASP A 462 -22.65 7.82 7.78
C ASP A 462 -23.32 8.26 6.47
N ALA A 463 -24.14 9.31 6.57
CA ALA A 463 -24.84 9.83 5.39
C ALA A 463 -23.86 10.16 4.27
N ALA A 464 -22.69 10.73 4.63
CA ALA A 464 -21.70 11.10 3.63
C ALA A 464 -21.26 9.91 2.78
N ASP A 465 -21.31 8.70 3.34
CA ASP A 465 -20.83 7.53 2.63
C ASP A 465 -21.67 7.20 1.39
N LYS A 466 -22.87 7.77 1.28
CA LYS A 466 -23.76 7.40 0.18
C LYS A 466 -23.27 7.95 -1.16
N LYS A 467 -22.57 9.08 -1.16
CA LYS A 467 -22.01 9.67 -2.37
C LYS A 467 -20.49 9.64 -2.23
N GLN A 468 -19.89 8.60 -2.80
CA GLN A 468 -18.43 8.41 -2.66
C GLN A 468 -17.88 7.44 -3.71
N PRO A 469 -16.63 7.65 -4.15
CA PRO A 469 -15.96 6.68 -4.98
C PRO A 469 -15.31 5.67 -4.02
N TRP A 470 -15.35 4.40 -4.38
CA TRP A 470 -14.74 3.30 -3.65
C TRP A 470 -13.70 2.63 -4.53
N ASP A 471 -12.59 2.24 -3.93
CA ASP A 471 -11.51 1.56 -4.65
C ASP A 471 -11.36 0.14 -4.10
N ILE A 472 -11.20 -0.82 -5.00
CA ILE A 472 -11.18 -2.24 -4.66
C ILE A 472 -9.74 -2.72 -4.64
N ALA A 473 -9.42 -3.59 -3.68
CA ALA A 473 -8.08 -4.15 -3.54
C ALA A 473 -8.20 -5.62 -3.17
N THR A 474 -7.07 -6.32 -3.20
CA THR A 474 -7.00 -7.72 -2.79
C THR A 474 -5.80 -7.93 -1.88
N ARG A 475 -5.97 -8.81 -0.91
CA ARG A 475 -4.90 -9.12 0.07
C ARG A 475 -4.50 -10.58 -0.06
N PHE A 476 -3.26 -10.81 -0.45
CA PHE A 476 -2.72 -12.15 -0.64
C PHE A 476 -1.57 -12.35 0.34
N THR A 477 -1.61 -13.46 1.08
CA THR A 477 -0.52 -13.84 1.95
C THR A 477 -0.12 -15.28 1.70
N GLY A 478 1.17 -15.56 1.88
CA GLY A 478 1.69 -16.90 1.73
C GLY A 478 3.20 -16.93 1.81
N LEU A 479 3.75 -17.98 2.42
CA LEU A 479 5.19 -18.20 2.49
C LEU A 479 5.92 -17.02 3.15
N GLY A 480 5.21 -16.25 3.97
CA GLY A 480 5.77 -15.11 4.67
C GLY A 480 5.54 -13.77 4.00
N TYR A 481 5.09 -13.76 2.75
CA TYR A 481 4.88 -12.51 2.04
C TYR A 481 3.43 -12.04 2.19
N THR A 482 3.25 -10.72 2.27
CA THR A 482 1.93 -10.09 2.26
C THR A 482 1.88 -9.11 1.10
N SER A 483 0.83 -9.21 0.28
CA SER A 483 0.68 -8.34 -0.87
C SER A 483 -0.76 -7.84 -0.89
N HIS A 484 -0.97 -6.61 -0.43
CA HIS A 484 -2.28 -5.97 -0.43
C HIS A 484 -2.23 -4.84 -1.44
N ARG A 485 -2.87 -5.04 -2.60
CA ARG A 485 -2.72 -4.12 -3.71
C ARG A 485 -4.06 -3.91 -4.40
N ALA A 486 -4.19 -2.76 -5.05
CA ALA A 486 -5.40 -2.43 -5.80
C ALA A 486 -5.66 -3.47 -6.88
N LEU A 487 -6.94 -3.84 -7.02
CA LEU A 487 -7.37 -4.70 -8.10
C LEU A 487 -7.24 -3.98 -9.43
N THR A 488 -6.81 -4.70 -10.47
CA THR A 488 -6.54 -4.09 -11.76
C THR A 488 -7.19 -4.88 -12.88
N ILE A 489 -7.26 -4.27 -14.06
CA ILE A 489 -7.76 -4.92 -15.26
C ILE A 489 -7.11 -4.23 -16.46
N GLY A 490 -6.93 -4.99 -17.53
CA GLY A 490 -6.31 -4.46 -18.74
C GLY A 490 -7.30 -3.95 -19.76
N LYS A 491 -8.34 -4.73 -20.02
CA LYS A 491 -9.34 -4.32 -21.00
C LYS A 491 -10.18 -3.16 -20.44
N ILE A 492 -10.83 -2.45 -21.36
CA ILE A 492 -11.75 -1.38 -20.97
C ILE A 492 -12.89 -1.98 -20.16
N LEU A 493 -13.26 -1.30 -19.07
CA LEU A 493 -14.35 -1.75 -18.22
C LEU A 493 -15.15 -0.55 -17.74
N ILE A 494 -16.40 -0.45 -18.18
CA ILE A 494 -17.36 0.54 -17.68
C ILE A 494 -18.73 -0.11 -17.65
N LYS A 495 -19.29 -0.31 -16.45
CA LYS A 495 -20.60 -0.92 -16.31
C LYS A 495 -21.41 -0.17 -15.25
N THR A 496 -22.67 0.11 -15.56
CA THR A 496 -23.52 0.92 -14.72
C THR A 496 -24.66 0.09 -14.12
N ALA A 497 -25.18 0.57 -13.00
CA ALA A 497 -26.32 -0.05 -12.36
C ALA A 497 -27.14 1.01 -11.64
N LEU A 498 -28.46 0.81 -11.64
CA LEU A 498 -29.40 1.61 -10.86
C LEU A 498 -30.12 0.64 -9.93
N ILE A 499 -29.71 0.60 -8.67
CA ILE A 499 -30.12 -0.43 -7.74
C ILE A 499 -30.67 0.26 -6.50
N ASN A 500 -31.99 0.16 -6.30
CA ASN A 500 -32.68 0.66 -5.11
C ASN A 500 -32.23 2.08 -4.76
N ASN A 501 -32.36 2.98 -5.74
CA ASN A 501 -32.01 4.40 -5.64
C ASN A 501 -30.52 4.67 -5.51
N LYS A 502 -29.72 3.68 -5.88
CA LYS A 502 -28.26 3.90 -5.86
C LYS A 502 -27.68 3.83 -7.26
N THR A 503 -27.20 4.95 -7.78
CA THR A 503 -26.41 4.91 -9.00
C THR A 503 -25.06 4.26 -8.71
N MET A 504 -24.66 3.31 -9.54
CA MET A 504 -23.41 2.59 -9.32
C MET A 504 -22.69 2.42 -10.66
N ILE A 505 -21.37 2.66 -10.65
CA ILE A 505 -20.56 2.57 -11.85
C ILE A 505 -19.23 1.92 -11.46
N VAL A 506 -18.99 0.70 -11.93
CA VAL A 506 -17.70 0.04 -11.78
C VAL A 506 -16.88 0.32 -13.03
N TYR A 507 -15.63 0.71 -12.86
CA TYR A 507 -14.86 1.16 -14.01
C TYR A 507 -13.36 1.00 -13.77
N LYS A 508 -12.63 0.88 -14.88
CA LYS A 508 -11.18 0.94 -14.89
C LYS A 508 -10.78 2.42 -14.87
N ASN A 509 -10.13 2.86 -13.79
CA ASN A 509 -9.79 4.27 -13.70
C ASN A 509 -8.52 4.57 -14.49
N ALA A 510 -8.08 5.83 -14.44
CA ALA A 510 -6.95 6.27 -15.25
C ALA A 510 -5.65 5.57 -14.87
N SER A 511 -5.57 4.99 -13.68
CA SER A 511 -4.40 4.24 -13.26
C SER A 511 -4.51 2.75 -13.60
N GLY A 512 -5.55 2.35 -14.31
CA GLY A 512 -5.79 0.94 -14.58
C GLY A 512 -6.30 0.14 -13.41
N LEU A 513 -6.81 0.81 -12.37
CA LEU A 513 -7.30 0.16 -11.17
C LEU A 513 -8.83 0.20 -11.12
N ILE A 514 -9.40 -0.68 -10.30
CA ILE A 514 -10.85 -0.87 -10.25
C ILE A 514 -11.44 0.10 -9.23
N SER A 515 -12.38 0.92 -9.69
CA SER A 515 -13.09 1.86 -8.83
C SER A 515 -14.59 1.67 -8.99
N LEU A 516 -15.33 2.14 -7.98
CA LEU A 516 -16.78 2.00 -7.95
C LEU A 516 -17.37 3.33 -7.47
N ASP A 517 -17.96 4.08 -8.40
CA ASP A 517 -18.60 5.34 -8.08
C ASP A 517 -20.05 5.07 -7.68
N VAL A 518 -20.43 5.51 -6.48
CA VAL A 518 -21.79 5.38 -6.00
C VAL A 518 -22.30 6.78 -5.68
N GLY A 519 -23.42 7.15 -6.29
CA GLY A 519 -23.98 8.46 -6.07
C GLY A 519 -23.43 9.56 -6.94
N SER A 520 -22.77 9.23 -8.05
CA SER A 520 -22.28 10.21 -9.01
C SER A 520 -21.26 11.17 -8.38
N SER A 521 -20.36 10.64 -7.54
CA SER A 521 -19.33 11.49 -6.97
C SER A 521 -18.26 11.86 -8.00
N VAL A 522 -18.01 10.98 -8.98
CA VAL A 522 -17.00 11.28 -9.99
C VAL A 522 -17.47 11.08 -11.42
N ARG A 523 -18.47 10.26 -11.71
CA ARG A 523 -18.88 10.00 -13.08
C ARG A 523 -20.39 10.13 -13.25
N SER A 524 -20.80 10.39 -14.50
CA SER A 524 -22.20 10.50 -14.86
C SER A 524 -22.73 9.14 -15.31
N ILE A 525 -23.79 8.68 -14.65
CA ILE A 525 -24.34 7.37 -15.02
C ILE A 525 -25.09 7.44 -16.34
N VAL A 526 -25.66 8.60 -16.69
CA VAL A 526 -26.30 8.73 -17.99
C VAL A 526 -25.27 8.69 -19.10
N GLU A 527 -24.13 9.37 -18.90
CA GLU A 527 -23.07 9.34 -19.90
C GLU A 527 -22.51 7.93 -20.06
N ASP A 528 -22.24 7.26 -18.96
CA ASP A 528 -21.62 5.94 -19.03
C ASP A 528 -22.59 4.88 -19.56
N SER A 529 -23.90 5.06 -19.33
CA SER A 529 -24.87 4.08 -19.82
C SER A 529 -25.19 4.27 -21.29
N GLY A 530 -25.04 5.48 -21.82
CA GLY A 530 -25.51 5.78 -23.16
C GLY A 530 -26.99 6.05 -23.19
N VAL A 531 -27.44 6.62 -24.29
CA VAL A 531 -28.84 7.00 -24.49
C VAL A 531 -29.31 6.41 -25.80
N LYS A 532 -30.56 5.95 -25.80
CA LYS A 532 -31.20 5.47 -27.05
C LYS A 532 -31.73 6.72 -27.74
N ARG A 533 -30.90 7.48 -28.43
CA ARG A 533 -31.39 8.76 -28.98
C ARG A 533 -32.57 8.61 -29.93
N GLU A 534 -32.62 7.55 -30.73
CA GLU A 534 -33.75 7.37 -31.66
C GLU A 534 -35.02 6.95 -30.89
N GLN A 535 -34.90 6.60 -29.63
CA GLN A 535 -36.08 6.23 -28.81
C GLN A 535 -36.47 7.35 -27.84
N ILE A 536 -35.94 8.55 -27.98
CA ILE A 536 -36.39 9.64 -27.12
C ILE A 536 -37.80 10.03 -27.54
N LEU A 537 -38.68 10.19 -26.55
CA LEU A 537 -40.08 10.52 -26.77
C LEU A 537 -40.36 11.92 -26.25
N ILE A 538 -41.13 12.69 -27.03
CA ILE A 538 -41.54 14.03 -26.65
C ILE A 538 -43.06 14.06 -26.64
N ASP A 539 -43.65 14.21 -25.46
CA ASP A 539 -45.09 14.38 -25.30
C ASP A 539 -45.31 15.85 -24.99
N LYS A 540 -45.54 16.64 -26.03
CA LYS A 540 -45.62 18.09 -25.86
C LYS A 540 -46.92 18.53 -25.22
N THR A 541 -47.96 17.69 -25.22
CA THR A 541 -49.18 18.05 -24.51
C THR A 541 -49.01 17.88 -23.01
N SER A 542 -48.32 16.82 -22.58
CA SER A 542 -47.96 16.67 -21.19
C SER A 542 -46.62 17.32 -20.85
N GLY A 543 -45.87 17.78 -21.86
CA GLY A 543 -44.62 18.46 -21.63
C GLY A 543 -43.50 17.58 -21.11
N LYS A 544 -43.54 16.29 -21.41
CA LYS A 544 -42.58 15.33 -20.88
C LYS A 544 -41.69 14.80 -21.99
N VAL A 545 -40.38 14.84 -21.76
CA VAL A 545 -39.39 14.24 -22.66
C VAL A 545 -38.82 13.03 -21.95
N THR A 546 -38.96 11.85 -22.57
CA THR A 546 -38.49 10.60 -22.00
C THR A 546 -37.20 10.17 -22.71
N ILE A 547 -36.15 9.99 -21.94
CA ILE A 547 -34.83 9.63 -22.46
C ILE A 547 -34.43 8.29 -21.86
N PRO A 548 -34.62 7.19 -22.59
CA PRO A 548 -34.23 5.88 -22.05
C PRO A 548 -32.73 5.69 -22.06
N LEU A 549 -32.24 4.97 -21.06
CA LEU A 549 -30.82 4.63 -20.97
C LEU A 549 -30.54 3.31 -21.68
N ASN A 550 -29.36 3.21 -22.28
CA ASN A 550 -29.04 2.10 -23.16
C ASN A 550 -28.55 0.87 -22.39
N GLU A 551 -27.31 0.91 -21.92
CA GLU A 551 -26.69 -0.21 -21.23
C GLU A 551 -26.58 0.10 -19.75
N ILE A 552 -27.41 -0.55 -18.94
CA ILE A 552 -27.45 -0.30 -17.51
C ILE A 552 -28.19 -1.44 -16.82
N HIS A 553 -27.66 -1.92 -15.69
CA HIS A 553 -28.32 -2.95 -14.90
C HIS A 553 -29.30 -2.28 -13.94
N VAL A 554 -30.58 -2.67 -14.02
CA VAL A 554 -31.62 -2.03 -13.23
C VAL A 554 -32.26 -3.10 -12.35
N PHE A 555 -32.20 -2.88 -11.04
CA PHE A 555 -32.79 -3.78 -10.06
C PHE A 555 -33.58 -2.96 -9.05
N GLY A 556 -34.81 -3.40 -8.77
CA GLY A 556 -35.65 -2.66 -7.85
C GLY A 556 -36.19 -1.39 -8.49
N GLU A 557 -36.90 -0.63 -7.67
CA GLU A 557 -37.52 0.63 -8.09
C GLU A 557 -36.65 1.79 -7.64
N SER A 558 -36.48 2.78 -8.51
CA SER A 558 -35.64 3.92 -8.22
C SER A 558 -36.27 5.20 -8.74
N LEU A 559 -36.13 6.27 -7.98
CA LEU A 559 -36.57 7.60 -8.42
C LEU A 559 -35.60 8.60 -7.82
N ILE A 560 -34.69 9.12 -8.65
CA ILE A 560 -33.71 10.11 -8.23
C ILE A 560 -34.03 11.43 -8.89
N GLU A 561 -34.31 12.44 -8.09
CA GLU A 561 -34.69 13.75 -8.61
C GLU A 561 -33.47 14.55 -8.99
N GLY A 562 -33.57 15.25 -10.12
CA GLY A 562 -32.49 16.10 -10.59
C GLY A 562 -33.01 17.23 -11.45
N ASN A 563 -32.25 17.62 -12.47
CA ASN A 563 -32.70 18.66 -13.37
C ASN A 563 -32.01 18.49 -14.72
N ALA A 564 -32.41 19.32 -15.67
CA ALA A 564 -31.81 19.36 -16.98
C ALA A 564 -31.72 20.81 -17.44
N GLU A 565 -30.95 21.03 -18.50
CA GLU A 565 -30.76 22.37 -19.04
C GLU A 565 -31.01 22.35 -20.54
N LEU A 566 -31.87 23.25 -21.00
CA LEU A 566 -32.16 23.43 -22.41
C LEU A 566 -31.50 24.71 -22.91
N LYS A 567 -30.93 24.65 -24.11
CA LYS A 567 -30.34 25.81 -24.75
C LYS A 567 -30.74 25.79 -26.22
N PRO A 568 -31.18 26.90 -26.79
CA PRO A 568 -31.53 26.92 -28.20
C PRO A 568 -30.30 26.72 -29.07
N VAL A 569 -30.39 25.80 -30.02
CA VAL A 569 -29.25 25.51 -30.93
C VAL A 569 -28.90 26.76 -31.73
N GLY A 570 -27.62 27.12 -31.81
CA GLY A 570 -27.20 28.29 -32.60
C GLY A 570 -26.91 29.50 -31.74
N ILE A 571 -27.83 29.82 -30.83
CA ILE A 571 -27.66 30.96 -29.89
C ILE A 571 -26.56 30.59 -28.90
N SER A 572 -25.32 30.89 -29.28
CA SER A 572 -24.10 30.55 -28.52
C SER A 572 -24.19 30.91 -27.03
N ASP A 573 -24.48 32.19 -26.73
CA ASP A 573 -24.48 32.70 -25.33
C ASP A 573 -25.88 32.71 -24.72
N ALA A 574 -26.79 31.85 -25.17
CA ALA A 574 -28.13 31.80 -24.54
C ALA A 574 -28.07 31.37 -23.08
N ASP A 575 -28.98 31.89 -22.27
CA ASP A 575 -29.01 31.48 -20.86
C ASP A 575 -29.53 30.05 -20.81
N PRO A 576 -29.03 29.16 -19.93
CA PRO A 576 -29.62 27.83 -19.78
C PRO A 576 -31.05 27.94 -19.28
N ILE A 577 -31.93 27.11 -19.83
CA ILE A 577 -33.31 27.04 -19.39
C ILE A 577 -33.41 25.86 -18.43
N ASN A 578 -33.50 26.15 -17.14
CA ASN A 578 -33.47 25.12 -16.12
C ASN A 578 -34.85 24.47 -15.98
N VAL A 579 -34.86 23.14 -15.99
CA VAL A 579 -36.12 22.37 -15.91
C VAL A 579 -35.91 21.15 -15.02
N LYS A 580 -37.00 20.63 -14.49
CA LYS A 580 -36.96 19.46 -13.62
C LYS A 580 -36.72 18.19 -14.42
N ALA A 581 -36.04 17.23 -13.78
CA ALA A 581 -35.79 15.93 -14.38
C ALA A 581 -35.66 14.90 -13.27
N LYS A 582 -35.92 13.63 -13.61
CA LYS A 582 -35.84 12.53 -12.61
C LYS A 582 -35.40 11.23 -13.27
N LEU A 583 -34.38 10.58 -12.69
CA LEU A 583 -33.87 9.29 -13.16
C LEU A 583 -34.72 8.19 -12.54
N ILE A 584 -35.40 7.41 -13.37
CA ILE A 584 -36.37 6.42 -12.91
C ILE A 584 -35.84 5.03 -13.22
N GLY A 585 -35.86 4.16 -12.21
CA GLY A 585 -35.62 2.74 -12.38
C GLY A 585 -36.90 1.96 -12.13
N GLU A 586 -37.29 1.16 -13.12
CA GLU A 586 -38.60 0.53 -13.09
C GLU A 586 -38.66 -0.64 -14.07
N ALA A 587 -39.08 -1.81 -13.58
CA ALA A 587 -39.22 -3.01 -14.41
C ALA A 587 -37.95 -3.29 -15.22
N ASN A 588 -36.82 -3.21 -14.54
CA ASN A 588 -35.50 -3.56 -15.08
C ASN A 588 -35.07 -2.66 -16.23
N LYS A 589 -35.64 -1.46 -16.32
CA LYS A 589 -35.23 -0.47 -17.30
C LYS A 589 -35.10 0.88 -16.62
N ALA A 590 -34.24 1.74 -17.17
CA ALA A 590 -33.99 3.06 -16.62
C ALA A 590 -34.22 4.12 -17.68
N ARG A 591 -34.63 5.30 -17.23
CA ARG A 591 -34.90 6.41 -18.13
C ARG A 591 -34.79 7.71 -17.34
N VAL A 592 -34.53 8.78 -18.07
CA VAL A 592 -34.59 10.14 -17.52
C VAL A 592 -35.83 10.81 -18.11
N GLU A 593 -36.72 11.28 -17.24
CA GLU A 593 -37.88 12.05 -17.65
C GLU A 593 -37.60 13.52 -17.39
N VAL A 594 -37.73 14.33 -18.43
CA VAL A 594 -37.50 15.76 -18.36
C VAL A 594 -38.85 16.46 -18.52
N LEU A 595 -39.16 17.37 -17.60
CA LEU A 595 -40.48 17.98 -17.51
C LEU A 595 -40.36 19.45 -17.92
N LEU A 596 -40.94 19.79 -19.07
CA LEU A 596 -40.79 21.15 -19.62
C LEU A 596 -41.50 22.21 -18.78
N GLY A 597 -42.50 21.82 -17.99
CA GLY A 597 -43.16 22.78 -17.11
C GLY A 597 -43.88 23.85 -17.91
N ASP A 598 -43.69 25.11 -17.50
CA ASP A 598 -44.39 26.24 -18.12
C ASP A 598 -43.54 26.97 -19.16
N GLU A 599 -42.42 26.40 -19.57
CA GLU A 599 -41.56 27.07 -20.54
C GLU A 599 -42.22 27.08 -21.92
N LYS A 600 -42.14 28.23 -22.59
CA LYS A 600 -42.57 28.32 -23.98
C LYS A 600 -41.35 28.07 -24.87
N LEU A 601 -41.40 27.01 -25.66
CA LEU A 601 -40.23 26.54 -26.40
C LEU A 601 -40.61 26.24 -27.83
N SER A 602 -39.74 26.62 -28.76
CA SER A 602 -39.96 26.38 -30.18
C SER A 602 -38.63 26.29 -30.88
N GLY A 603 -38.45 25.25 -31.69
CA GLY A 603 -37.20 25.02 -32.37
C GLY A 603 -36.41 23.87 -31.75
N GLU A 604 -35.14 23.80 -32.15
CA GLU A 604 -34.26 22.75 -31.68
C GLU A 604 -33.47 23.22 -30.47
N TYR A 605 -33.27 22.32 -29.51
CA TYR A 605 -32.63 22.64 -28.25
C TYR A 605 -31.63 21.58 -27.87
N HIS A 606 -30.53 22.02 -27.27
CA HIS A 606 -29.57 21.10 -26.65
C HIS A 606 -30.19 20.71 -25.30
N LEU A 607 -30.19 19.44 -24.96
CA LEU A 607 -30.71 18.95 -23.68
C LEU A 607 -29.56 18.27 -22.95
N VAL A 608 -29.24 18.77 -21.76
CA VAL A 608 -28.16 18.22 -20.93
C VAL A 608 -28.77 17.86 -19.58
N THR A 609 -28.79 16.56 -19.26
CA THR A 609 -29.30 16.12 -17.97
C THR A 609 -28.27 16.39 -16.88
N ASN A 610 -28.76 16.66 -15.66
CA ASN A 610 -27.90 16.90 -14.49
C ASN A 610 -28.46 16.09 -13.33
N ILE A 611 -28.08 14.81 -13.27
CA ILE A 611 -28.49 13.91 -12.20
C ILE A 611 -27.37 13.86 -11.17
N GLN A 612 -27.68 14.24 -9.93
CA GLN A 612 -26.76 14.14 -8.80
C GLN A 612 -25.49 14.95 -9.03
N GLY A 613 -25.59 16.04 -9.79
CA GLY A 613 -24.47 16.94 -9.99
C GLY A 613 -23.56 16.62 -11.16
N LYS A 614 -23.85 15.56 -11.92
CA LYS A 614 -23.02 15.16 -13.05
C LYS A 614 -23.83 15.30 -14.33
N LYS A 615 -23.30 16.05 -15.28
CA LYS A 615 -23.95 16.28 -16.56
C LYS A 615 -23.47 15.26 -17.58
N ASP A 616 -24.39 14.78 -18.41
CA ASP A 616 -24.01 13.87 -19.47
C ASP A 616 -23.34 14.63 -20.60
N LYS A 617 -22.68 13.89 -21.49
CA LYS A 617 -22.03 14.44 -22.67
C LYS A 617 -22.58 13.80 -23.94
N GLN A 618 -23.85 13.40 -23.91
CA GLN A 618 -24.47 12.62 -24.97
C GLN A 618 -24.92 13.47 -26.16
N GLN A 619 -24.79 14.80 -26.07
CA GLN A 619 -25.11 15.69 -27.19
C GLN A 619 -26.58 15.56 -27.61
N ILE A 620 -27.47 15.49 -26.62
CA ILE A 620 -28.88 15.29 -26.92
C ILE A 620 -29.46 16.57 -27.51
N LYS A 621 -30.23 16.41 -28.59
CA LYS A 621 -30.96 17.52 -29.21
C LYS A 621 -32.41 17.09 -29.41
N ILE A 622 -33.32 18.02 -29.16
CA ILE A 622 -34.74 17.78 -29.34
C ILE A 622 -35.36 18.98 -30.06
N THR A 623 -36.39 18.71 -30.84
CA THR A 623 -37.13 19.75 -31.55
C THR A 623 -38.48 19.95 -30.89
N LEU A 624 -38.79 21.19 -30.53
CA LEU A 624 -40.04 21.51 -29.86
C LEU A 624 -40.85 22.51 -30.66
N ASP B 19 -61.77 24.08 13.72
CA ASP B 19 -62.50 24.85 12.70
C ASP B 19 -61.73 24.91 11.39
N ILE B 20 -62.44 24.65 10.28
CA ILE B 20 -61.82 24.66 8.97
C ILE B 20 -61.82 26.09 8.44
N LYS B 21 -60.63 26.62 8.16
CA LYS B 21 -60.47 28.00 7.71
C LYS B 21 -60.69 28.15 6.21
N ILE B 22 -60.24 27.18 5.43
CA ILE B 22 -60.22 27.30 3.97
C ILE B 22 -60.65 25.99 3.34
N SER B 23 -61.54 26.08 2.36
CA SER B 23 -61.86 24.95 1.49
C SER B 23 -61.27 25.21 0.12
N VAL B 24 -60.47 24.28 -0.37
CA VAL B 24 -59.92 24.35 -1.71
C VAL B 24 -60.82 23.54 -2.63
N VAL B 25 -61.44 24.21 -3.59
CA VAL B 25 -62.36 23.58 -4.53
C VAL B 25 -61.64 23.42 -5.86
N VAL B 26 -61.51 22.17 -6.33
CA VAL B 26 -60.83 21.89 -7.59
C VAL B 26 -61.75 21.07 -8.49
N PRO B 27 -62.22 21.61 -9.62
CA PRO B 27 -62.90 20.78 -10.61
C PRO B 27 -61.91 20.14 -11.55
N THR B 28 -61.99 18.82 -11.73
CA THR B 28 -61.03 18.10 -12.57
C THR B 28 -61.74 17.52 -13.79
N TYR B 29 -61.05 17.53 -14.92
CA TYR B 29 -61.53 16.85 -16.11
C TYR B 29 -60.32 16.45 -16.94
N ASN B 30 -60.00 15.15 -16.95
CA ASN B 30 -58.89 14.61 -17.72
C ASN B 30 -57.60 15.37 -17.42
N THR B 31 -57.34 15.52 -16.13
CA THR B 31 -56.24 16.36 -15.68
C THR B 31 -54.89 15.73 -16.04
N GLU B 32 -53.96 16.57 -16.50
CA GLU B 32 -52.58 16.14 -16.66
C GLU B 32 -52.02 15.69 -15.32
N LEU B 33 -51.47 14.47 -15.30
CA LEU B 33 -51.01 13.89 -14.04
C LEU B 33 -49.88 14.71 -13.42
N GLU B 34 -48.97 15.23 -14.24
CA GLU B 34 -47.89 16.05 -13.71
C GLU B 34 -48.43 17.35 -13.12
N GLY B 35 -49.38 17.99 -13.81
CA GLY B 35 -50.01 19.18 -13.24
C GLY B 35 -50.77 18.87 -11.97
N LEU B 36 -51.42 17.70 -11.91
CA LEU B 36 -52.10 17.30 -10.70
C LEU B 36 -51.12 17.08 -9.55
N LYS B 37 -49.96 16.48 -9.83
CA LYS B 37 -48.93 16.34 -8.82
C LYS B 37 -48.44 17.70 -8.35
N ASN B 38 -48.18 18.62 -9.28
CA ASN B 38 -47.72 19.95 -8.89
C ASN B 38 -48.79 20.69 -8.09
N LEU B 39 -50.07 20.46 -8.41
CA LEU B 39 -51.13 21.08 -7.64
C LEU B 39 -51.14 20.54 -6.21
N MET B 40 -51.09 19.21 -6.07
CA MET B 40 -51.11 18.61 -4.74
C MET B 40 -49.91 19.02 -3.92
N ALA B 41 -48.73 19.11 -4.55
CA ALA B 41 -47.54 19.51 -3.81
C ALA B 41 -47.68 20.95 -3.28
N SER B 42 -48.21 21.85 -4.11
CA SER B 42 -48.35 23.24 -3.69
C SER B 42 -49.34 23.42 -2.54
N ILE B 43 -50.27 22.48 -2.36
CA ILE B 43 -51.14 22.51 -1.19
C ILE B 43 -50.47 21.86 0.02
N ASP B 44 -49.75 20.76 -0.18
CA ASP B 44 -49.06 20.11 0.93
C ASP B 44 -48.02 21.03 1.55
N LYS B 45 -47.50 21.99 0.79
CA LYS B 45 -46.47 22.90 1.28
C LYS B 45 -47.04 24.17 1.91
N GLN B 46 -48.37 24.25 2.02
CA GLN B 46 -48.99 25.38 2.72
C GLN B 46 -48.52 25.42 4.16
N THR B 47 -48.12 26.61 4.63
CA THR B 47 -47.67 26.76 6.00
C THR B 47 -48.80 26.54 6.99
N MET B 48 -50.04 26.77 6.57
CA MET B 48 -51.19 26.56 7.44
C MET B 48 -51.27 25.11 7.89
N ASN B 49 -51.62 24.92 9.15
CA ASN B 49 -51.79 23.58 9.70
C ASN B 49 -52.81 22.81 8.88
N PRO B 50 -52.47 21.60 8.39
CA PRO B 50 -53.41 20.87 7.52
C PRO B 50 -54.78 20.64 8.11
N ASP B 51 -54.91 20.50 9.44
CA ASP B 51 -56.23 20.31 10.02
C ASP B 51 -57.03 21.61 10.11
N GLU B 52 -56.58 22.68 9.46
CA GLU B 52 -57.30 23.95 9.40
C GLU B 52 -57.82 24.28 8.01
N TYR B 53 -57.58 23.42 7.03
CA TYR B 53 -58.17 23.58 5.71
C TYR B 53 -58.62 22.22 5.18
N GLU B 54 -59.36 22.24 4.07
CA GLU B 54 -59.86 21.03 3.46
C GLU B 54 -59.76 21.15 1.95
N LEU B 55 -59.74 20.01 1.27
CA LEU B 55 -59.69 19.92 -0.18
C LEU B 55 -60.94 19.22 -0.67
N VAL B 56 -61.66 19.87 -1.58
CA VAL B 56 -62.91 19.34 -2.12
C VAL B 56 -62.74 19.22 -3.64
N PHE B 57 -62.57 17.99 -4.12
CA PHE B 57 -62.41 17.72 -5.53
C PHE B 57 -63.70 17.13 -6.09
N VAL B 58 -64.17 17.68 -7.21
CA VAL B 58 -65.31 17.15 -7.93
C VAL B 58 -64.85 16.87 -9.36
N ASP B 59 -64.78 15.59 -9.71
CA ASP B 59 -64.37 15.19 -11.05
C ASP B 59 -65.56 15.28 -12.00
N ASP B 60 -65.38 16.04 -13.08
CA ASP B 60 -66.46 16.28 -14.04
C ASP B 60 -66.52 15.16 -15.08
N GLY B 61 -66.69 13.94 -14.57
CA GLY B 61 -66.77 12.75 -15.40
C GLY B 61 -65.59 12.55 -16.33
N SER B 62 -64.38 12.48 -15.76
CA SER B 62 -63.20 12.26 -16.57
C SER B 62 -63.26 10.91 -17.27
N THR B 63 -62.72 10.87 -18.49
CA THR B 63 -62.58 9.63 -19.25
C THR B 63 -61.22 8.97 -19.05
N THR B 64 -60.27 9.69 -18.45
CA THR B 64 -59.00 9.10 -18.05
C THR B 64 -59.15 8.50 -16.66
N ASP B 65 -58.03 8.18 -16.01
CA ASP B 65 -58.05 7.62 -14.66
C ASP B 65 -57.90 8.69 -13.59
N THR B 66 -58.29 9.93 -13.90
CA THR B 66 -58.10 11.03 -12.94
C THR B 66 -58.82 10.76 -11.63
N TYR B 67 -60.07 10.26 -11.71
CA TYR B 67 -60.84 10.02 -10.49
C TYR B 67 -60.17 8.98 -9.60
N GLU B 68 -59.69 7.89 -10.20
CA GLU B 68 -58.98 6.87 -9.44
C GLU B 68 -57.69 7.44 -8.84
N ARG B 69 -56.98 8.24 -9.63
CA ARG B 69 -55.81 8.95 -9.09
C ARG B 69 -56.20 9.84 -7.91
N LEU B 70 -57.34 10.54 -8.04
CA LEU B 70 -57.78 11.43 -6.96
C LEU B 70 -58.12 10.66 -5.70
N GLN B 71 -58.74 9.49 -5.85
CA GLN B 71 -59.06 8.67 -4.68
C GLN B 71 -57.79 8.12 -4.03
N GLU B 72 -56.75 7.89 -4.82
CA GLU B 72 -55.47 7.46 -4.26
C GLU B 72 -54.87 8.54 -3.38
N PHE B 73 -54.97 9.81 -3.80
CA PHE B 73 -54.52 10.90 -2.94
C PHE B 73 -55.36 11.00 -1.68
N ALA B 74 -56.66 10.75 -1.80
CA ALA B 74 -57.56 10.88 -0.66
C ALA B 74 -57.35 9.81 0.39
N GLU B 75 -56.64 8.73 0.05
CA GLU B 75 -56.39 7.67 1.04
C GLU B 75 -55.53 8.19 2.19
N THR B 76 -54.42 8.85 1.86
CA THR B 76 -53.47 9.33 2.85
C THR B 76 -53.73 10.76 3.27
N ARG B 77 -54.87 11.34 2.88
CA ARG B 77 -55.21 12.72 3.22
C ARG B 77 -56.59 12.75 3.87
N PRO B 78 -56.66 12.82 5.20
CA PRO B 78 -57.96 12.83 5.87
C PRO B 78 -58.84 14.01 5.49
N ASN B 79 -58.25 15.18 5.22
CA ASN B 79 -59.01 16.38 4.93
C ASN B 79 -59.34 16.53 3.45
N MET B 80 -59.20 15.47 2.65
CA MET B 80 -59.51 15.51 1.23
C MET B 80 -60.80 14.74 0.96
N THR B 81 -61.71 15.38 0.25
CA THR B 81 -62.95 14.76 -0.19
C THR B 81 -62.99 14.78 -1.71
N VAL B 82 -63.32 13.63 -2.31
CA VAL B 82 -63.34 13.49 -3.75
C VAL B 82 -64.73 13.01 -4.16
N LYS B 83 -65.27 13.61 -5.22
CA LYS B 83 -66.57 13.24 -5.75
C LYS B 83 -66.52 13.24 -7.26
N GLN B 84 -67.32 12.36 -7.87
CA GLN B 84 -67.42 12.27 -9.32
C GLN B 84 -68.86 12.46 -9.73
N ILE B 85 -69.09 13.30 -10.75
CA ILE B 85 -70.40 13.55 -11.33
C ILE B 85 -70.33 13.31 -12.83
N GLU B 86 -71.50 13.34 -13.47
CA GLU B 86 -71.56 13.25 -14.93
C GLU B 86 -71.03 14.54 -15.54
N ASN B 87 -70.30 14.39 -16.65
CA ASN B 87 -69.57 15.51 -17.22
C ASN B 87 -70.50 16.66 -17.57
N SER B 88 -70.22 17.83 -17.01
CA SER B 88 -71.03 19.03 -17.23
C SER B 88 -70.54 19.87 -18.41
N GLY B 89 -69.31 19.64 -18.88
CA GLY B 89 -68.74 20.40 -19.96
C GLY B 89 -67.84 21.54 -19.54
N TRP B 90 -67.92 21.97 -18.28
CA TRP B 90 -67.06 23.03 -17.79
C TRP B 90 -66.94 22.88 -16.28
N GLY B 91 -66.09 23.71 -15.68
CA GLY B 91 -65.85 23.63 -14.26
C GLY B 91 -66.89 24.31 -13.38
N SER B 92 -67.84 25.02 -13.99
CA SER B 92 -68.83 25.77 -13.21
C SER B 92 -69.65 24.85 -12.32
N ARG B 93 -70.29 23.84 -12.89
CA ARG B 93 -71.12 22.94 -12.09
C ARG B 93 -70.31 22.22 -11.02
N PRO B 94 -69.16 21.60 -11.32
CA PRO B 94 -68.37 21.01 -10.23
C PRO B 94 -67.97 22.01 -9.15
N ARG B 95 -67.72 23.27 -9.52
CA ARG B 95 -67.42 24.29 -8.51
C ARG B 95 -68.62 24.53 -7.60
N ASN B 96 -69.83 24.50 -8.15
CA ASN B 96 -71.01 24.76 -7.33
C ASN B 96 -71.30 23.60 -6.39
N ILE B 97 -71.23 22.37 -6.91
CA ILE B 97 -71.44 21.20 -6.06
C ILE B 97 -70.39 21.15 -4.96
N ALA B 98 -69.12 21.40 -5.30
CA ALA B 98 -68.07 21.40 -4.29
C ALA B 98 -68.30 22.50 -3.26
N THR B 99 -68.87 23.64 -3.68
CA THR B 99 -69.09 24.74 -2.74
C THR B 99 -70.13 24.37 -1.69
N LYS B 100 -71.21 23.70 -2.10
CA LYS B 100 -72.26 23.32 -1.16
C LYS B 100 -71.81 22.18 -0.23
N MET B 101 -70.86 21.35 -0.64
CA MET B 101 -70.35 20.32 0.25
C MET B 101 -69.13 20.77 1.04
N ALA B 102 -68.63 21.97 0.79
CA ALA B 102 -67.50 22.50 1.55
C ALA B 102 -67.96 22.94 2.94
N LYS B 103 -67.03 22.91 3.89
CA LYS B 103 -67.31 23.29 5.27
C LYS B 103 -66.42 24.43 5.76
N GLY B 104 -65.61 25.04 4.90
CA GLY B 104 -64.67 26.04 5.33
C GLY B 104 -65.24 27.44 5.32
N GLU B 105 -64.59 28.33 6.09
CA GLU B 105 -65.01 29.71 6.16
C GLU B 105 -64.81 30.42 4.82
N TYR B 106 -63.63 30.26 4.23
CA TYR B 106 -63.33 30.83 2.92
C TYR B 106 -63.14 29.70 1.91
N ILE B 107 -63.45 30.00 0.66
CA ILE B 107 -63.35 29.04 -0.43
C ILE B 107 -62.46 29.63 -1.51
N LEU B 108 -61.45 28.87 -1.92
CA LEU B 108 -60.60 29.19 -3.05
C LEU B 108 -60.96 28.28 -4.22
N TYR B 109 -61.18 28.87 -5.38
CA TYR B 109 -61.43 28.11 -6.61
C TYR B 109 -60.09 27.93 -7.31
N LEU B 110 -59.52 26.74 -7.18
CA LEU B 110 -58.21 26.41 -7.72
C LEU B 110 -58.41 25.46 -8.89
N ASP B 111 -57.91 25.86 -10.06
CA ASP B 111 -58.08 25.04 -11.25
C ASP B 111 -57.06 23.90 -11.24
N HIS B 112 -57.42 22.81 -11.94
CA HIS B 112 -56.69 21.55 -11.83
C HIS B 112 -55.30 21.60 -12.44
N ASP B 113 -54.89 22.72 -13.02
CA ASP B 113 -53.58 22.86 -13.65
C ASP B 113 -52.81 24.06 -13.13
N ASP B 114 -53.19 24.56 -11.95
CA ASP B 114 -52.59 25.75 -11.36
C ASP B 114 -51.95 25.38 -10.02
N THR B 115 -51.26 26.35 -9.41
CA THR B 115 -50.63 26.14 -8.11
C THR B 115 -50.82 27.37 -7.24
N VAL B 116 -50.71 27.16 -5.93
CA VAL B 116 -50.78 28.23 -4.94
C VAL B 116 -49.43 28.30 -4.21
N PHE B 117 -49.10 29.50 -3.75
CA PHE B 117 -47.82 29.75 -3.09
C PHE B 117 -47.88 29.33 -1.62
N PRO B 118 -46.72 29.04 -1.01
CA PRO B 118 -46.73 28.32 0.28
C PRO B 118 -47.33 29.09 1.44
N GLU B 119 -47.30 30.43 1.42
CA GLU B 119 -47.88 31.22 2.50
C GLU B 119 -49.28 31.75 2.18
N THR B 120 -49.89 31.28 1.08
CA THR B 120 -51.15 31.85 0.61
C THR B 120 -52.26 31.67 1.64
N PHE B 121 -52.49 30.43 2.08
CA PHE B 121 -53.62 30.14 2.97
C PHE B 121 -53.52 30.95 4.25
N GLU B 122 -52.32 30.98 4.86
CA GLU B 122 -52.13 31.69 6.12
C GLU B 122 -52.31 33.19 5.94
N ARG B 123 -51.70 33.77 4.90
CA ARG B 123 -51.76 35.21 4.70
C ARG B 123 -53.18 35.66 4.36
N VAL B 124 -53.82 34.96 3.42
CA VAL B 124 -55.15 35.36 2.97
C VAL B 124 -56.15 35.25 4.12
N TYR B 125 -56.10 34.16 4.88
CA TYR B 125 -57.07 33.99 5.96
C TYR B 125 -56.89 35.07 7.02
N ASN B 126 -55.65 35.29 7.48
CA ASN B 126 -55.43 36.32 8.48
C ASN B 126 -55.89 37.68 7.96
N PHE B 127 -55.64 37.94 6.67
CA PHE B 127 -56.08 39.21 6.08
C PHE B 127 -57.60 39.28 5.98
N GLY B 128 -58.24 38.18 5.62
CA GLY B 128 -59.69 38.18 5.53
C GLY B 128 -60.37 38.19 6.90
N LYS B 129 -59.81 37.45 7.86
CA LYS B 129 -60.40 37.39 9.20
C LYS B 129 -60.22 38.70 9.94
N GLU B 130 -59.02 39.30 9.88
CA GLU B 130 -58.77 40.55 10.60
C GLU B 130 -59.66 41.67 10.09
N ASN B 131 -60.08 41.62 8.82
CA ASN B 131 -60.85 42.69 8.22
C ASN B 131 -62.29 42.28 7.89
N ASN B 132 -62.70 41.09 8.31
CA ASN B 132 -64.06 40.59 8.12
C ASN B 132 -64.47 40.71 6.64
N LEU B 133 -63.62 40.21 5.77
CA LEU B 133 -63.81 40.34 4.33
C LEU B 133 -64.68 39.21 3.80
N ASP B 134 -65.51 39.55 2.82
CA ASP B 134 -66.27 38.54 2.08
C ASP B 134 -65.46 38.00 0.92
N VAL B 135 -64.66 38.84 0.28
CA VAL B 135 -63.79 38.43 -0.82
C VAL B 135 -62.40 38.96 -0.55
N VAL B 136 -61.40 38.09 -0.69
CA VAL B 136 -60.00 38.48 -0.70
C VAL B 136 -59.51 38.30 -2.14
N SER B 137 -59.22 39.41 -2.80
CA SER B 137 -58.62 39.41 -4.13
C SER B 137 -57.11 39.45 -3.94
N GLY B 138 -56.47 38.30 -4.01
CA GLY B 138 -55.04 38.20 -3.79
C GLY B 138 -54.25 38.28 -5.09
N LYS B 139 -53.04 38.83 -4.99
CA LYS B 139 -52.16 38.98 -6.14
C LYS B 139 -52.08 37.67 -6.93
N GLU B 140 -52.42 37.76 -8.21
CA GLU B 140 -52.40 36.60 -9.09
C GLU B 140 -51.22 36.73 -10.07
N VAL B 141 -50.61 35.59 -10.39
CA VAL B 141 -49.44 35.54 -11.25
C VAL B 141 -49.78 34.72 -12.49
N ARG B 142 -49.34 35.19 -13.65
CA ARG B 142 -49.51 34.46 -14.90
C ARG B 142 -48.15 34.23 -15.56
N THR B 143 -48.10 33.16 -16.36
CA THR B 143 -46.86 32.78 -17.04
C THR B 143 -46.31 33.93 -17.89
N ASN B 144 -47.14 34.48 -18.78
CA ASN B 144 -46.68 35.45 -19.76
C ASN B 144 -47.01 36.88 -19.33
N GLY B 145 -46.26 37.82 -19.90
CA GLY B 145 -46.50 39.23 -19.71
C GLY B 145 -45.67 39.83 -18.59
N TRP B 146 -45.49 41.15 -18.67
CA TRP B 146 -44.73 41.89 -17.67
C TRP B 146 -45.57 42.36 -16.50
N SER B 147 -46.89 42.13 -16.53
CA SER B 147 -47.74 42.54 -15.43
C SER B 147 -49.01 41.71 -15.43
N TRP B 148 -49.67 41.68 -14.28
CA TRP B 148 -51.04 41.18 -14.16
C TRP B 148 -51.68 41.91 -12.99
N GLY B 149 -52.78 42.61 -13.26
CA GLY B 149 -53.37 43.45 -12.22
C GLY B 149 -52.46 44.57 -11.78
N TRP B 150 -51.75 45.20 -12.73
CA TRP B 150 -50.80 46.26 -12.41
C TRP B 150 -51.41 47.34 -11.53
N LYS B 151 -52.60 47.82 -11.88
CA LYS B 151 -53.24 48.87 -11.11
C LYS B 151 -53.80 48.35 -9.80
N GLN B 152 -54.54 47.24 -9.86
CA GLN B 152 -55.29 46.78 -8.69
C GLN B 152 -54.39 46.12 -7.65
N PHE B 153 -53.38 45.36 -8.08
CA PHE B 153 -52.45 44.76 -7.13
C PHE B 153 -51.27 45.67 -6.82
N SER B 154 -51.52 46.97 -6.65
CA SER B 154 -50.44 47.92 -6.41
C SER B 154 -50.14 48.08 -4.92
N GLU B 155 -51.14 47.98 -4.07
CA GLU B 155 -50.96 48.06 -2.62
C GLU B 155 -52.07 47.28 -1.94
N ASN B 156 -51.81 46.90 -0.69
CA ASN B 156 -52.84 46.26 0.12
C ASN B 156 -53.95 47.25 0.43
N ASN B 157 -55.20 46.77 0.38
CA ASN B 157 -56.35 47.62 0.65
C ASN B 157 -57.41 46.77 1.35
N PRO B 158 -57.51 46.85 2.68
CA PRO B 158 -58.52 46.07 3.40
C PRO B 158 -59.94 46.60 3.21
N HIS B 159 -60.12 47.75 2.56
CA HIS B 159 -61.44 48.33 2.33
C HIS B 159 -61.64 48.61 0.85
N ALA B 160 -61.35 47.61 0.02
CA ALA B 160 -61.33 47.81 -1.42
C ALA B 160 -62.73 48.05 -1.99
N GLU B 161 -63.77 47.53 -1.34
CA GLU B 161 -65.11 47.69 -1.90
C GLU B 161 -65.52 49.15 -2.00
N GLU B 162 -64.85 50.05 -1.27
CA GLU B 162 -65.14 51.47 -1.35
C GLU B 162 -64.65 52.09 -2.66
N MET B 163 -63.75 51.41 -3.37
CA MET B 163 -63.30 51.87 -4.68
C MET B 163 -64.37 51.73 -5.75
N GLY B 164 -65.42 50.96 -5.50
CA GLY B 164 -66.35 50.55 -6.55
C GLY B 164 -65.99 49.18 -7.09
N ILE B 165 -66.70 48.79 -8.15
CA ILE B 165 -66.57 47.44 -8.66
C ILE B 165 -65.18 47.15 -9.24
N GLU B 166 -64.42 48.19 -9.58
CA GLU B 166 -63.07 47.99 -10.11
C GLU B 166 -62.17 47.23 -9.14
N CYS B 167 -62.51 47.19 -7.84
CA CYS B 167 -61.65 46.56 -6.86
C CYS B 167 -61.51 45.05 -7.05
N LEU B 168 -62.39 44.42 -7.84
CA LEU B 168 -62.32 42.98 -8.06
C LEU B 168 -61.60 42.60 -9.35
N LEU B 169 -61.17 43.56 -10.14
CA LEU B 169 -60.39 43.24 -11.33
C LEU B 169 -58.95 42.91 -10.95
N PRO B 170 -58.32 41.97 -11.67
CA PRO B 170 -58.90 41.17 -12.76
C PRO B 170 -59.87 40.12 -12.23
N MET B 171 -61.03 39.99 -12.87
CA MET B 171 -62.14 39.19 -12.34
C MET B 171 -61.99 37.71 -12.66
N THR B 172 -60.83 37.11 -12.34
CA THR B 172 -60.73 35.66 -12.38
C THR B 172 -61.44 35.08 -11.16
N PRO B 173 -61.76 33.78 -11.17
CA PRO B 173 -62.36 33.16 -9.98
C PRO B 173 -61.34 32.72 -8.95
N HIS B 174 -60.06 33.00 -9.17
CA HIS B 174 -58.99 32.53 -8.31
C HIS B 174 -58.80 33.41 -7.08
N LYS B 175 -59.90 33.80 -6.44
CA LYS B 175 -59.90 34.58 -5.22
C LYS B 175 -60.46 33.73 -4.07
N PHE B 176 -60.45 34.30 -2.88
CA PHE B 176 -61.01 33.64 -1.70
C PHE B 176 -62.35 34.28 -1.38
N TYR B 177 -63.40 33.46 -1.35
CA TYR B 177 -64.77 33.92 -1.12
C TYR B 177 -65.26 33.33 0.19
N LYS B 178 -65.84 34.18 1.04
CA LYS B 178 -66.44 33.70 2.28
C LYS B 178 -67.62 32.80 1.95
N ARG B 179 -67.52 31.53 2.37
CA ARG B 179 -68.51 30.54 1.97
C ARG B 179 -69.92 30.95 2.41
N GLU B 180 -70.06 31.51 3.62
CA GLU B 180 -71.37 31.92 4.10
C GLU B 180 -71.97 33.03 3.24
N PHE B 181 -71.12 33.97 2.81
CA PHE B 181 -71.60 35.06 1.94
C PHE B 181 -72.10 34.50 0.61
N LEU B 182 -71.45 33.46 0.09
CA LEU B 182 -71.89 32.86 -1.16
C LEU B 182 -73.21 32.13 -0.99
N LEU B 183 -73.36 31.35 0.08
CA LEU B 183 -74.56 30.55 0.26
C LEU B 183 -75.76 31.43 0.58
N GLU B 184 -75.58 32.45 1.43
CA GLU B 184 -76.71 33.28 1.84
C GLU B 184 -77.28 34.04 0.66
N ASN B 185 -76.43 34.48 -0.26
CA ASN B 185 -76.88 35.24 -1.42
C ASN B 185 -77.06 34.40 -2.66
N ASP B 186 -76.89 33.07 -2.55
CA ASP B 186 -77.03 32.15 -3.67
C ASP B 186 -76.23 32.63 -4.88
N ILE B 187 -74.92 32.76 -4.67
CA ILE B 187 -73.99 33.15 -5.71
C ILE B 187 -73.35 31.88 -6.24
N THR B 188 -73.68 31.52 -7.47
CA THR B 188 -73.15 30.32 -8.10
C THR B 188 -72.60 30.68 -9.48
N PHE B 189 -71.77 29.80 -10.02
CA PHE B 189 -71.29 29.95 -11.38
C PHE B 189 -72.38 29.54 -12.37
N ASP B 190 -72.36 30.19 -13.54
CA ASP B 190 -73.32 29.92 -14.60
C ASP B 190 -73.24 28.46 -15.03
N ASP B 191 -74.38 27.76 -14.95
CA ASP B 191 -74.44 26.32 -15.13
C ASP B 191 -74.81 25.91 -16.56
N GLY B 192 -75.47 26.77 -17.31
CA GLY B 192 -76.06 26.39 -18.58
C GLY B 192 -75.06 26.25 -19.71
N ALA B 193 -75.55 26.44 -20.94
CA ALA B 193 -74.72 26.33 -22.12
C ALA B 193 -73.50 27.24 -21.98
N ARG B 194 -72.36 26.73 -22.44
CA ARG B 194 -71.04 27.32 -22.20
C ARG B 194 -71.06 28.82 -22.41
N VAL B 195 -70.74 29.56 -21.37
CA VAL B 195 -70.76 31.01 -21.39
C VAL B 195 -69.32 31.49 -21.25
N LEU B 196 -68.98 32.56 -21.96
CA LEU B 196 -67.70 33.20 -21.75
C LEU B 196 -67.79 34.13 -20.56
N TRP B 197 -66.69 34.22 -19.82
CA TRP B 197 -66.56 35.15 -18.69
C TRP B 197 -67.56 34.83 -17.58
N GLU B 198 -67.72 33.54 -17.27
CA GLU B 198 -68.52 33.17 -16.10
C GLU B 198 -67.91 33.69 -14.81
N ASP B 199 -66.60 33.96 -14.79
CA ASP B 199 -65.97 34.53 -13.60
C ASP B 199 -66.26 36.02 -13.47
N VAL B 200 -66.44 36.71 -14.60
CA VAL B 200 -66.90 38.10 -14.54
C VAL B 200 -68.30 38.18 -13.94
N TYR B 201 -69.19 37.27 -14.36
CA TYR B 201 -70.52 37.20 -13.76
C TYR B 201 -70.43 36.91 -12.27
N PHE B 202 -69.57 35.96 -11.89
CA PHE B 202 -69.49 35.52 -10.51
C PHE B 202 -69.01 36.64 -9.59
N ASN B 203 -67.94 37.33 -10.00
CA ASN B 203 -67.40 38.42 -9.17
C ASN B 203 -68.36 39.61 -9.14
N SER B 204 -69.04 39.90 -10.25
CA SER B 204 -70.01 40.99 -10.26
C SER B 204 -71.17 40.70 -9.31
N LYS B 205 -71.63 39.45 -9.27
CA LYS B 205 -72.70 39.09 -8.35
C LYS B 205 -72.25 39.24 -6.90
N ALA B 206 -71.01 38.84 -6.60
CA ALA B 206 -70.49 39.05 -5.25
C ALA B 206 -70.52 40.52 -4.89
N PHE B 207 -70.20 41.39 -5.85
CA PHE B 207 -70.17 42.81 -5.54
C PHE B 207 -71.59 43.39 -5.45
N ILE B 208 -72.49 42.93 -6.31
CA ILE B 208 -73.88 43.41 -6.30
C ILE B 208 -74.55 43.15 -4.96
N HIS B 209 -74.19 42.04 -4.30
CA HIS B 209 -74.76 41.69 -3.01
C HIS B 209 -73.95 42.23 -1.82
N GLY B 210 -73.15 43.28 -2.04
CA GLY B 210 -72.53 43.98 -0.93
C GLY B 210 -71.33 43.31 -0.28
N ALA B 211 -70.43 42.77 -1.09
CA ALA B 211 -69.24 42.10 -0.57
C ALA B 211 -68.23 43.11 -0.03
N LYS B 212 -67.83 42.90 1.23
CA LYS B 212 -66.61 43.52 1.74
C LYS B 212 -65.41 42.87 1.04
N VAL B 213 -64.67 43.67 0.27
CA VAL B 213 -63.58 43.16 -0.56
C VAL B 213 -62.27 43.76 -0.08
N GLY B 214 -61.25 42.92 0.01
CA GLY B 214 -59.91 43.37 0.35
C GLY B 214 -58.92 42.84 -0.67
N ILE B 215 -57.93 43.66 -1.00
CA ILE B 215 -56.89 43.31 -1.97
C ILE B 215 -55.61 43.01 -1.20
N LEU B 216 -55.04 41.83 -1.43
CA LEU B 216 -53.77 41.43 -0.83
C LEU B 216 -52.72 41.49 -1.94
N ALA B 217 -51.93 42.56 -1.96
CA ALA B 217 -51.01 42.80 -3.05
C ALA B 217 -49.54 42.48 -2.74
N ASP B 218 -49.18 42.26 -1.47
CA ASP B 218 -47.77 42.17 -1.12
C ASP B 218 -47.24 40.75 -1.13
N TYR B 219 -48.00 39.80 -1.65
CA TYR B 219 -47.55 38.42 -1.71
C TYR B 219 -48.29 37.69 -2.82
N PRO B 220 -47.59 37.04 -3.75
CA PRO B 220 -48.26 36.32 -4.83
C PRO B 220 -49.00 35.12 -4.26
N THR B 221 -50.31 35.05 -4.49
CA THR B 221 -51.13 34.02 -3.87
C THR B 221 -51.43 32.85 -4.81
N TYR B 222 -51.51 33.09 -6.11
CA TYR B 222 -52.07 32.12 -7.05
C TYR B 222 -51.29 32.21 -8.36
N TYR B 223 -50.88 31.06 -8.90
CA TYR B 223 -50.17 31.01 -10.17
C TYR B 223 -51.11 30.40 -11.21
N TRP B 224 -51.60 31.25 -12.11
CA TRP B 224 -52.46 30.86 -13.23
C TRP B 224 -51.57 30.49 -14.42
N ILE B 225 -51.45 29.20 -14.70
CA ILE B 225 -50.39 28.70 -15.58
C ILE B 225 -50.89 28.57 -17.01
N ALA B 226 -50.11 29.10 -17.95
CA ALA B 226 -50.38 28.89 -19.37
C ALA B 226 -49.87 27.51 -19.77
N THR B 227 -50.76 26.69 -20.32
CA THR B 227 -50.42 25.35 -20.79
C THR B 227 -50.48 25.32 -22.31
N GLY B 228 -50.07 24.18 -22.87
CA GLY B 228 -50.29 23.94 -24.28
C GLY B 228 -51.76 23.77 -24.63
N ALA B 229 -52.55 23.27 -23.68
CA ALA B 229 -53.97 23.02 -23.92
C ALA B 229 -54.82 24.28 -23.80
N ASN B 230 -54.30 25.35 -23.19
CA ASN B 230 -55.05 26.61 -23.12
C ASN B 230 -54.34 27.72 -23.89
N GLY B 236 -64.62 30.83 -28.17
CA GLY B 236 -65.19 31.85 -29.01
C GLY B 236 -64.39 32.12 -30.29
N ARG B 237 -64.00 31.06 -30.99
CA ARG B 237 -63.32 31.22 -32.27
C ARG B 237 -64.30 31.59 -33.38
N ASP B 238 -65.49 31.00 -33.37
CA ASP B 238 -66.57 31.43 -34.24
C ASP B 238 -66.91 32.89 -33.94
N PRO B 239 -66.80 33.79 -34.93
CA PRO B 239 -67.16 35.20 -34.66
C PRO B 239 -68.61 35.39 -34.28
N HIS B 240 -69.51 34.55 -34.79
CA HIS B 240 -70.93 34.68 -34.45
C HIS B 240 -71.18 34.29 -33.00
N GLU B 241 -70.50 33.26 -32.51
CA GLU B 241 -70.65 32.88 -31.11
C GLU B 241 -69.93 33.86 -30.19
N LYS B 242 -68.79 34.40 -30.63
CA LYS B 242 -68.08 35.40 -29.85
C LYS B 242 -68.98 36.60 -29.54
N TRP B 243 -69.55 37.20 -30.58
CA TRP B 243 -70.37 38.39 -30.38
C TRP B 243 -71.75 38.08 -29.81
N ASN B 244 -72.16 36.82 -29.80
CA ASN B 244 -73.35 36.45 -29.04
C ASN B 244 -73.05 36.47 -27.55
N GLN B 245 -71.83 36.08 -27.17
CA GLN B 245 -71.43 36.12 -25.77
C GLN B 245 -71.14 37.55 -25.31
N ILE B 246 -70.60 38.39 -26.19
CA ILE B 246 -70.37 39.79 -25.84
C ILE B 246 -71.69 40.48 -25.57
N ASN B 247 -72.72 40.20 -26.39
CA ASN B 247 -74.05 40.74 -26.14
C ASN B 247 -74.61 40.28 -24.81
N LYS B 248 -74.42 38.99 -24.47
CA LYS B 248 -74.88 38.49 -23.19
C LYS B 248 -74.22 39.23 -22.03
N LEU B 249 -72.93 39.53 -22.15
CA LEU B 249 -72.20 40.17 -21.06
C LEU B 249 -72.71 41.58 -20.80
N PHE B 250 -72.76 42.41 -21.84
CA PHE B 250 -73.22 43.78 -21.66
C PHE B 250 -74.66 43.82 -21.16
N ASN B 251 -75.53 42.98 -21.72
CA ASN B 251 -76.90 42.90 -21.24
C ASN B 251 -76.93 42.49 -19.77
N PHE B 252 -76.01 41.64 -19.34
CA PHE B 252 -75.94 41.28 -17.93
C PHE B 252 -75.61 42.50 -17.08
N PHE B 253 -74.59 43.27 -17.47
CA PHE B 253 -74.26 44.51 -16.75
C PHE B 253 -75.49 45.40 -16.62
N LYS B 254 -76.17 45.69 -17.73
CA LYS B 254 -77.28 46.65 -17.70
C LYS B 254 -78.48 46.09 -16.95
N ASP B 255 -78.62 44.77 -16.87
CA ASP B 255 -79.74 44.14 -16.20
C ASP B 255 -79.48 43.86 -14.72
N ASN B 256 -78.23 43.93 -14.26
CA ASN B 256 -77.92 43.46 -12.92
C ASN B 256 -77.19 44.49 -12.05
N ILE B 257 -76.42 45.39 -12.66
CA ILE B 257 -75.63 46.36 -11.92
C ILE B 257 -76.42 47.67 -11.89
N LYS B 258 -77.08 47.95 -10.77
CA LYS B 258 -77.92 49.14 -10.63
C LYS B 258 -77.13 50.38 -10.24
N GLU B 259 -76.12 50.22 -9.39
CA GLU B 259 -75.35 51.37 -8.93
C GLU B 259 -74.62 52.01 -10.10
N GLN B 260 -74.87 53.29 -10.31
CA GLN B 260 -74.53 53.92 -11.59
C GLN B 260 -73.02 53.93 -11.83
N ARG B 261 -72.23 54.26 -10.80
CA ARG B 261 -70.78 54.34 -10.97
C ARG B 261 -70.20 52.99 -11.38
N ASP B 262 -70.73 51.89 -10.82
CA ASP B 262 -70.22 50.57 -11.17
C ASP B 262 -70.66 50.17 -12.57
N LEU B 263 -71.92 50.47 -12.93
CA LEU B 263 -72.38 50.19 -14.28
C LEU B 263 -71.53 50.91 -15.31
N ASP B 264 -71.25 52.19 -15.07
CA ASP B 264 -70.48 52.97 -16.03
C ASP B 264 -69.05 52.46 -16.14
N PHE B 265 -68.46 51.99 -15.05
CA PHE B 265 -67.11 51.45 -15.12
C PHE B 265 -67.08 50.17 -15.95
N MET B 266 -67.98 49.23 -15.64
CA MET B 266 -67.99 47.97 -16.39
C MET B 266 -68.31 48.21 -17.85
N LEU B 267 -69.28 49.08 -18.14
CA LEU B 267 -69.59 49.41 -19.54
C LEU B 267 -68.36 49.98 -20.25
N THR B 268 -67.72 50.98 -19.64
CA THR B 268 -66.56 51.61 -20.28
C THR B 268 -65.41 50.62 -20.45
N HIS B 269 -65.11 49.83 -19.41
CA HIS B 269 -63.97 48.93 -19.47
C HIS B 269 -64.13 47.88 -20.57
N TRP B 270 -65.28 47.22 -20.60
CA TRP B 270 -65.48 46.15 -21.58
C TRP B 270 -65.73 46.68 -22.98
N TYR B 271 -66.35 47.86 -23.11
CA TYR B 271 -66.48 48.47 -24.43
C TYR B 271 -65.13 48.82 -25.01
N ARG B 272 -64.25 49.39 -24.19
CA ARG B 272 -62.91 49.73 -24.65
C ARG B 272 -62.12 48.49 -25.04
N SER B 273 -62.18 47.44 -24.20
CA SER B 273 -61.24 46.34 -24.37
C SER B 273 -61.72 45.31 -25.37
N ARG B 274 -63.03 45.01 -25.41
CA ARG B 274 -63.52 43.94 -26.26
C ARG B 274 -64.24 44.42 -27.52
N VAL B 275 -64.72 45.65 -27.54
CA VAL B 275 -65.43 46.16 -28.70
C VAL B 275 -64.50 47.07 -29.51
N LEU B 276 -64.06 48.18 -28.92
CA LEU B 276 -63.10 49.03 -29.60
C LEU B 276 -61.76 48.32 -29.78
N GLY B 277 -61.51 47.23 -29.05
CA GLY B 277 -60.27 46.50 -29.16
C GLY B 277 -60.05 45.81 -30.49
N ILE B 278 -61.11 45.64 -31.30
CA ILE B 278 -60.94 45.07 -32.63
C ILE B 278 -60.75 46.14 -33.70
N LEU B 279 -60.75 47.41 -33.32
CA LEU B 279 -60.65 48.50 -34.29
C LEU B 279 -59.24 49.06 -34.42
N GLY B 280 -58.24 48.36 -33.87
CA GLY B 280 -56.87 48.81 -34.01
C GLY B 280 -56.03 47.84 -34.83
N GLN B 281 -54.97 47.33 -34.22
CA GLN B 281 -54.07 46.41 -34.92
C GLN B 281 -54.75 45.10 -35.28
N TRP B 282 -55.85 44.76 -34.59
CA TRP B 282 -56.65 43.61 -34.98
C TRP B 282 -57.05 43.68 -36.45
N LEU B 283 -57.29 44.89 -36.96
CA LEU B 283 -57.68 45.04 -38.36
C LEU B 283 -56.57 44.62 -39.30
N LEU B 284 -55.33 44.54 -38.83
CA LEU B 284 -54.18 44.21 -39.71
C LEU B 284 -53.88 42.72 -39.66
N LYS B 285 -54.40 41.98 -38.67
CA LYS B 285 -54.09 40.58 -38.46
C LYS B 285 -55.25 39.65 -38.81
N ASN B 286 -56.22 40.12 -39.58
CA ASN B 286 -57.42 39.32 -39.86
C ASN B 286 -57.86 39.55 -41.30
N ASN B 287 -58.52 38.54 -41.86
CA ASN B 287 -58.95 38.63 -43.24
C ASN B 287 -60.16 39.57 -43.34
N ASN B 288 -60.55 39.87 -44.58
CA ASN B 288 -61.59 40.87 -44.78
C ASN B 288 -62.97 40.36 -44.41
N GLU B 289 -63.24 39.07 -44.65
CA GLU B 289 -64.57 38.55 -44.35
C GLU B 289 -64.83 38.51 -42.85
N ARG B 290 -63.80 38.12 -42.07
CA ARG B 290 -63.96 38.14 -40.62
C ARG B 290 -64.07 39.56 -40.09
N ILE B 291 -63.32 40.50 -40.69
CA ILE B 291 -63.40 41.90 -40.27
C ILE B 291 -64.81 42.44 -40.44
N ASP B 292 -65.40 42.19 -41.62
CA ASP B 292 -66.76 42.67 -41.88
C ASP B 292 -67.75 42.09 -40.87
N ILE B 293 -67.60 40.81 -40.54
CA ILE B 293 -68.54 40.18 -39.61
C ILE B 293 -68.43 40.80 -38.23
N GLU B 294 -67.22 40.89 -37.69
CA GLU B 294 -67.06 41.41 -36.33
C GLU B 294 -67.29 42.92 -36.26
N PHE B 295 -66.90 43.65 -37.31
CA PHE B 295 -67.15 45.10 -37.31
C PHE B 295 -68.64 45.41 -37.23
N ASN B 296 -69.45 44.70 -38.02
CA ASN B 296 -70.89 44.96 -38.02
C ASN B 296 -71.53 44.52 -36.70
N TYR B 297 -71.05 43.44 -36.11
CA TYR B 297 -71.48 43.09 -34.76
C TYR B 297 -71.13 44.19 -33.78
N ALA B 298 -69.92 44.77 -33.91
CA ALA B 298 -69.47 45.79 -32.98
C ALA B 298 -70.28 47.08 -33.13
N LYS B 299 -70.52 47.50 -34.38
CA LYS B 299 -71.35 48.68 -34.62
C LYS B 299 -72.75 48.49 -34.06
N LYS B 300 -73.34 47.32 -34.28
CA LYS B 300 -74.69 47.06 -33.78
C LYS B 300 -74.73 47.12 -32.25
N LEU B 301 -73.75 46.53 -31.58
CA LEU B 301 -73.71 46.54 -30.13
C LEU B 301 -73.47 47.95 -29.59
N ALA B 302 -72.65 48.74 -30.28
CA ALA B 302 -72.44 50.13 -29.85
C ALA B 302 -73.75 50.90 -29.88
N GLU B 303 -74.57 50.68 -30.90
CA GLU B 303 -75.82 51.41 -31.04
C GLU B 303 -76.90 50.89 -30.09
N GLU B 304 -76.95 49.58 -29.87
CA GLU B 304 -78.05 48.98 -29.12
C GLU B 304 -77.82 48.98 -27.61
N LEU B 305 -76.57 48.90 -27.15
CA LEU B 305 -76.31 48.71 -25.73
C LEU B 305 -75.42 49.78 -25.09
N ILE B 306 -74.59 50.48 -25.85
CA ILE B 306 -73.57 51.37 -25.29
C ILE B 306 -74.08 52.79 -25.40
N PRO B 307 -74.39 53.48 -24.30
CA PRO B 307 -74.86 54.86 -24.38
C PRO B 307 -73.76 55.80 -24.87
N ALA B 308 -74.19 56.96 -25.35
CA ALA B 308 -73.27 57.89 -25.98
C ALA B 308 -72.29 58.51 -24.99
N TYR B 309 -72.71 58.72 -23.73
CA TYR B 309 -71.82 59.33 -22.75
C TYR B 309 -70.64 58.45 -22.38
N ILE B 310 -70.66 57.17 -22.75
CA ILE B 310 -69.57 56.26 -22.39
C ILE B 310 -68.28 56.68 -23.09
N SER B 311 -68.38 57.13 -24.34
CA SER B 311 -67.21 57.52 -25.10
C SER B 311 -66.52 58.74 -24.53
N GLU B 312 -67.21 59.55 -23.74
CA GLU B 312 -66.57 60.69 -23.08
C GLU B 312 -65.65 60.25 -21.94
N ASN B 313 -65.70 58.97 -21.55
CA ASN B 313 -64.80 58.41 -20.55
C ASN B 313 -63.56 57.79 -21.16
N LEU B 314 -63.28 58.04 -22.44
CA LEU B 314 -62.21 57.40 -23.17
C LEU B 314 -61.15 58.40 -23.59
N ASP B 315 -59.94 57.90 -23.80
CA ASP B 315 -58.86 58.71 -24.33
C ASP B 315 -59.16 59.10 -25.78
N LYS B 316 -58.37 60.05 -26.28
CA LYS B 316 -58.62 60.63 -27.61
C LYS B 316 -58.67 59.54 -28.69
N ASN B 317 -57.69 58.63 -28.69
CA ASN B 317 -57.62 57.61 -29.73
C ASN B 317 -58.83 56.69 -29.72
N ASN B 318 -59.33 56.37 -28.52
CA ASN B 318 -60.51 55.51 -28.44
C ASN B 318 -61.78 56.27 -28.80
N GLN B 319 -61.80 57.58 -28.55
CA GLN B 319 -62.91 58.40 -29.03
C GLN B 319 -62.94 58.45 -30.55
N VAL B 320 -61.77 58.44 -31.19
CA VAL B 320 -61.72 58.36 -32.64
C VAL B 320 -62.31 57.03 -33.10
N LYS B 321 -61.95 55.94 -32.42
CA LYS B 321 -62.44 54.62 -32.82
C LYS B 321 -63.94 54.50 -32.60
N ASP B 322 -64.44 54.96 -31.45
CA ASP B 322 -65.88 54.93 -31.22
C ASP B 322 -66.63 55.74 -32.26
N TYR B 323 -66.13 56.94 -32.59
CA TYR B 323 -66.80 57.80 -33.56
C TYR B 323 -66.91 57.13 -34.92
N LEU B 324 -65.79 56.63 -35.43
CA LEU B 324 -65.78 56.01 -36.75
C LEU B 324 -66.56 54.70 -36.76
N LEU B 325 -66.55 53.97 -35.64
CA LEU B 325 -67.36 52.76 -35.53
C LEU B 325 -68.84 53.08 -35.77
N ARG B 326 -69.39 54.03 -35.00
CA ARG B 326 -70.78 54.40 -35.16
C ARG B 326 -71.04 55.00 -36.53
N GLN B 327 -70.05 55.71 -37.09
CA GLN B 327 -70.16 56.23 -38.44
C GLN B 327 -70.09 55.12 -39.48
N GLY B 328 -69.65 53.93 -39.11
CA GLY B 328 -69.52 52.83 -40.05
C GLY B 328 -68.37 52.96 -41.01
N ASP B 329 -67.35 53.75 -40.66
CA ASP B 329 -66.24 54.04 -41.57
C ASP B 329 -65.09 53.08 -41.25
N LEU B 330 -65.24 51.85 -41.74
CA LEU B 330 -64.20 50.84 -41.54
C LEU B 330 -62.92 51.16 -42.31
N ASP B 331 -63.04 51.84 -43.45
CA ASP B 331 -61.86 52.19 -44.25
C ASP B 331 -60.95 53.14 -43.47
N SER B 332 -61.52 54.18 -42.86
CA SER B 332 -60.70 55.10 -42.07
C SER B 332 -60.05 54.38 -40.90
N LEU B 333 -60.78 53.45 -40.27
CA LEU B 333 -60.20 52.68 -39.17
C LEU B 333 -59.09 51.77 -39.66
N LYS B 334 -59.21 51.23 -40.88
CA LYS B 334 -58.12 50.45 -41.46
C LYS B 334 -56.90 51.32 -41.72
N LYS B 335 -57.11 52.53 -42.25
CA LYS B 335 -56.00 53.44 -42.52
C LYS B 335 -55.34 53.92 -41.22
N LEU B 336 -56.15 54.17 -40.18
CA LEU B 336 -55.56 54.61 -38.91
C LEU B 336 -54.75 53.49 -38.27
N ALA B 337 -55.22 52.24 -38.38
CA ALA B 337 -54.44 51.13 -37.85
C ALA B 337 -53.09 51.04 -38.54
N GLN B 338 -53.04 51.29 -39.85
CA GLN B 338 -51.78 51.31 -40.57
C GLN B 338 -50.89 52.44 -40.09
N ILE B 339 -51.49 53.59 -39.77
CA ILE B 339 -50.72 54.73 -39.28
C ILE B 339 -50.17 54.46 -37.89
N ASP B 340 -50.95 53.79 -37.04
CA ASP B 340 -50.55 53.54 -35.66
C ASP B 340 -49.61 52.36 -35.49
N ALA B 341 -49.44 51.53 -36.51
CA ALA B 341 -48.68 50.30 -36.36
C ALA B 341 -47.23 50.60 -35.97
N GLY B 342 -46.76 49.91 -34.93
CA GLY B 342 -45.37 50.01 -34.51
C GLY B 342 -45.07 51.03 -33.43
N ILE B 343 -46.04 51.86 -33.04
CA ILE B 343 -45.79 52.87 -32.01
C ILE B 343 -45.42 52.17 -30.71
N THR B 344 -44.32 52.61 -30.10
CA THR B 344 -43.80 51.91 -28.94
C THR B 344 -42.82 52.82 -28.21
N ALA B 345 -42.39 52.36 -27.03
CA ALA B 345 -41.40 53.07 -26.22
C ALA B 345 -40.47 52.02 -25.62
N LEU B 346 -39.25 51.94 -26.14
CA LEU B 346 -38.24 51.00 -25.65
C LEU B 346 -37.23 51.76 -24.80
N SER B 347 -36.89 51.22 -23.64
CA SER B 347 -35.93 51.85 -22.75
C SER B 347 -34.53 51.30 -22.99
N TYR B 348 -33.54 52.20 -23.00
CA TYR B 348 -32.14 51.85 -23.10
C TYR B 348 -31.47 52.07 -21.74
N VAL B 349 -30.53 51.20 -21.38
CA VAL B 349 -29.72 51.42 -20.19
C VAL B 349 -28.70 52.51 -20.49
N GLU B 350 -28.79 53.63 -19.75
CA GLU B 350 -27.79 54.67 -19.85
C GLU B 350 -26.68 54.49 -18.83
N ASP B 351 -26.98 53.84 -17.71
CA ASP B 351 -25.97 53.52 -16.70
C ASP B 351 -26.52 52.43 -15.80
N ALA B 352 -25.64 51.54 -15.37
CA ALA B 352 -25.96 50.48 -14.44
C ALA B 352 -24.76 50.23 -13.54
N TYR B 353 -24.98 50.15 -12.23
CA TYR B 353 -23.86 49.94 -11.31
C TYR B 353 -24.41 49.56 -9.96
N PHE B 354 -23.65 48.73 -9.23
CA PHE B 354 -23.97 48.42 -7.85
C PHE B 354 -23.43 49.50 -6.94
N LYS B 355 -24.16 49.78 -5.86
CA LYS B 355 -23.76 50.74 -4.86
C LYS B 355 -24.41 50.34 -3.54
N GLU B 356 -23.60 50.31 -2.47
CA GLU B 356 -24.01 49.72 -1.20
C GLU B 356 -24.60 48.33 -1.45
N ASP B 357 -25.85 48.12 -1.04
CA ASP B 357 -26.50 46.82 -1.20
C ASP B 357 -27.54 46.81 -2.32
N LYS B 358 -27.44 47.73 -3.28
CA LYS B 358 -28.47 47.88 -4.30
C LYS B 358 -27.84 47.98 -5.69
N LEU B 359 -28.68 47.74 -6.70
CA LEU B 359 -28.30 47.90 -8.11
C LEU B 359 -29.03 49.11 -8.67
N PHE B 360 -28.28 50.07 -9.20
CA PHE B 360 -28.83 51.33 -9.68
C PHE B 360 -28.88 51.35 -11.20
N PHE B 361 -29.95 51.94 -11.75
CA PHE B 361 -30.14 52.08 -13.18
C PHE B 361 -30.47 53.52 -13.53
N LYS B 362 -29.91 53.99 -14.64
CA LYS B 362 -30.41 55.16 -15.36
C LYS B 362 -30.85 54.68 -16.72
N THR B 363 -32.10 54.95 -17.08
CA THR B 363 -32.64 54.55 -18.36
C THR B 363 -33.18 55.75 -19.11
N SER B 364 -33.33 55.59 -20.43
CA SER B 364 -33.92 56.61 -21.28
C SER B 364 -34.85 55.92 -22.28
N THR B 365 -35.89 56.64 -22.69
CA THR B 365 -36.80 56.12 -23.70
C THR B 365 -37.32 57.28 -24.53
N LYS B 366 -37.94 56.93 -25.65
CA LYS B 366 -38.74 57.89 -26.41
C LYS B 366 -39.74 57.09 -27.23
N MET B 367 -40.84 57.74 -27.59
CA MET B 367 -41.81 57.10 -28.46
C MET B 367 -41.24 57.02 -29.87
N THR B 368 -41.34 55.84 -30.47
CA THR B 368 -40.79 55.59 -31.79
C THR B 368 -41.75 54.69 -32.56
N TYR B 369 -41.44 54.49 -33.85
CA TYR B 369 -41.99 53.40 -34.63
C TYR B 369 -40.97 52.26 -34.61
N GLU B 370 -41.23 51.23 -33.82
CA GLU B 370 -40.47 49.98 -33.89
C GLU B 370 -39.00 50.18 -33.49
N ASP B 371 -38.77 51.07 -32.51
N ASP B 371 -38.77 51.08 -32.52
CA ASP B 371 -37.44 51.41 -32.00
CA ASP B 371 -37.43 51.39 -31.99
C ASP B 371 -36.53 51.95 -33.09
C ASP B 371 -36.53 52.01 -33.05
N LYS B 372 -37.13 52.60 -34.09
CA LYS B 372 -36.40 53.23 -35.18
C LYS B 372 -36.73 54.73 -35.14
N GLU B 373 -37.33 55.27 -36.20
CA GLU B 373 -37.54 56.72 -36.27
C GLU B 373 -38.53 57.18 -35.17
N ASP B 374 -38.41 58.46 -34.81
CA ASP B 374 -39.23 59.04 -33.74
C ASP B 374 -40.71 59.07 -34.12
N PHE B 375 -41.55 58.84 -33.11
CA PHE B 375 -42.97 59.19 -33.18
C PHE B 375 -43.13 60.69 -32.96
N PHE B 376 -43.97 61.33 -33.78
CA PHE B 376 -44.15 62.77 -33.74
C PHE B 376 -45.62 63.12 -33.55
N ILE B 377 -45.86 64.18 -32.80
CA ILE B 377 -47.10 64.94 -32.86
C ILE B 377 -46.73 66.33 -33.37
N GLU B 378 -47.72 67.04 -33.92
CA GLU B 378 -47.47 68.28 -34.63
C GLU B 378 -48.28 69.42 -34.02
N LYS B 379 -47.64 70.59 -33.92
CA LYS B 379 -48.25 71.76 -33.30
C LYS B 379 -48.80 72.66 -34.39
N THR B 380 -50.10 72.97 -34.29
CA THR B 380 -50.76 73.90 -35.20
C THR B 380 -51.50 74.93 -34.37
N ALA B 381 -51.06 76.19 -34.48
CA ALA B 381 -51.58 77.30 -33.67
C ALA B 381 -51.39 76.93 -32.21
N ASP B 382 -52.46 76.80 -31.41
CA ASP B 382 -52.34 76.51 -29.99
C ASP B 382 -52.60 75.04 -29.66
N ARG B 383 -52.58 74.17 -30.66
CA ARG B 383 -52.96 72.77 -30.50
C ARG B 383 -51.81 71.85 -30.84
N MET B 384 -51.65 70.81 -30.03
CA MET B 384 -50.73 69.70 -30.32
C MET B 384 -51.55 68.55 -30.86
N GLU B 385 -51.39 68.27 -32.15
CA GLU B 385 -52.31 67.38 -32.85
C GLU B 385 -51.65 66.07 -33.25
N ARG B 386 -52.45 65.02 -33.26
CA ARG B 386 -52.06 63.76 -33.87
C ARG B 386 -51.88 63.97 -35.36
N ILE B 387 -50.83 63.37 -35.93
CA ILE B 387 -50.52 63.53 -37.34
C ILE B 387 -51.35 62.56 -38.15
N LEU B 388 -52.27 63.08 -38.94
CA LEU B 388 -53.17 62.29 -39.77
C LEU B 388 -53.23 62.92 -41.15
N PRO B 389 -53.56 62.14 -42.18
CA PRO B 389 -53.87 62.74 -43.49
C PRO B 389 -55.10 63.63 -43.40
N GLU B 390 -55.16 64.61 -44.30
CA GLU B 390 -56.30 65.52 -44.31
C GLU B 390 -57.60 64.79 -44.59
N GLU B 391 -57.55 63.68 -45.31
CA GLU B 391 -58.76 62.93 -45.62
C GLU B 391 -59.44 62.41 -44.35
N ILE B 392 -58.64 62.00 -43.37
CA ILE B 392 -59.20 61.49 -42.12
C ILE B 392 -59.46 62.62 -41.13
N LYS B 393 -58.56 63.62 -41.10
CA LYS B 393 -58.75 64.77 -40.22
C LYS B 393 -60.08 65.46 -40.49
N SER B 394 -60.49 65.53 -41.76
CA SER B 394 -61.73 66.20 -42.13
C SER B 394 -62.96 65.40 -41.75
N LYS B 395 -62.83 64.11 -41.41
CA LYS B 395 -63.96 63.29 -41.01
C LYS B 395 -64.10 63.19 -39.50
N LEU B 396 -63.23 63.83 -38.72
CA LEU B 396 -63.27 63.73 -37.28
C LEU B 396 -63.55 65.07 -36.65
N PRO B 397 -64.22 65.10 -35.48
CA PRO B 397 -64.25 66.33 -34.69
C PRO B 397 -62.84 66.76 -34.32
N LYS B 398 -62.60 68.08 -34.35
CA LYS B 398 -61.24 68.61 -34.14
C LYS B 398 -60.67 68.19 -32.80
N GLU B 399 -61.52 67.99 -31.79
CA GLU B 399 -61.05 67.71 -30.44
C GLU B 399 -60.53 66.28 -30.30
N PHE B 400 -60.95 65.36 -31.16
CA PHE B 400 -60.58 63.96 -30.97
C PHE B 400 -59.13 63.68 -31.36
N PHE B 401 -58.46 64.60 -32.07
CA PHE B 401 -57.05 64.45 -32.38
C PHE B 401 -56.23 65.64 -31.86
N ASP B 402 -56.74 66.31 -30.82
CA ASP B 402 -56.03 67.37 -30.13
C ASP B 402 -55.50 66.82 -28.81
N TYR B 403 -54.18 66.65 -28.74
CA TYR B 403 -53.51 66.07 -27.59
C TYR B 403 -53.11 67.11 -26.54
N SER B 404 -53.56 68.36 -26.68
CA SER B 404 -53.04 69.46 -25.86
C SER B 404 -53.18 69.18 -24.38
N ASP B 405 -54.38 68.82 -23.93
CA ASP B 405 -54.63 68.62 -22.51
C ASP B 405 -54.05 67.32 -21.97
N ASP B 406 -53.50 66.46 -22.83
CA ASP B 406 -53.02 65.14 -22.42
C ASP B 406 -51.50 65.08 -22.28
N LEU B 407 -50.79 66.19 -22.48
CA LEU B 407 -49.33 66.19 -22.53
C LEU B 407 -48.67 66.11 -21.15
N ALA B 408 -49.44 66.06 -20.07
CA ALA B 408 -48.88 65.97 -18.73
C ALA B 408 -49.34 64.71 -18.00
N GLU B 409 -49.88 63.73 -18.72
CA GLU B 409 -50.31 62.46 -18.15
C GLU B 409 -49.43 61.29 -18.57
N PHE B 410 -48.17 61.57 -18.88
CA PHE B 410 -47.22 60.50 -19.17
C PHE B 410 -46.80 59.79 -17.89
N THR B 411 -46.67 58.47 -17.96
CA THR B 411 -46.07 57.71 -16.88
C THR B 411 -44.93 56.87 -17.43
N TYR B 412 -43.95 56.61 -16.57
CA TYR B 412 -42.70 55.94 -16.95
C TYR B 412 -42.15 55.30 -15.68
N GLU B 413 -42.20 53.97 -15.60
CA GLU B 413 -41.95 53.25 -14.36
C GLU B 413 -41.17 51.98 -14.64
N PRO B 414 -40.41 51.48 -13.66
CA PRO B 414 -39.66 50.24 -13.88
C PRO B 414 -40.37 49.04 -13.29
N SER B 415 -40.06 47.84 -13.79
CA SER B 415 -40.66 46.63 -13.24
C SER B 415 -39.65 45.48 -13.33
N ILE B 416 -39.96 44.40 -12.61
CA ILE B 416 -39.11 43.23 -12.52
C ILE B 416 -40.00 41.99 -12.57
N LYS B 417 -39.45 40.90 -13.08
CA LYS B 417 -40.18 39.63 -13.14
C LYS B 417 -39.25 38.50 -12.74
N GLY B 418 -39.71 37.67 -11.81
CA GLY B 418 -38.97 36.46 -11.48
C GLY B 418 -39.13 35.43 -12.57
N ARG B 419 -38.02 34.95 -13.13
CA ARG B 419 -38.12 34.04 -14.26
C ARG B 419 -38.61 32.65 -13.85
N ASN B 420 -38.52 32.32 -12.56
CA ASN B 420 -39.02 31.04 -12.07
C ASN B 420 -40.43 31.15 -11.52
N SER B 421 -40.69 32.15 -10.67
CA SER B 421 -42.00 32.30 -10.08
C SER B 421 -43.01 32.88 -11.06
N ARG B 422 -42.55 33.60 -12.08
CA ARG B 422 -43.32 34.38 -13.04
C ARG B 422 -44.00 35.59 -12.39
N ALA B 423 -43.71 35.86 -11.12
CA ALA B 423 -44.31 37.00 -10.44
C ALA B 423 -43.70 38.31 -10.94
N THR B 424 -44.56 39.31 -11.13
CA THR B 424 -44.14 40.64 -11.59
C THR B 424 -44.37 41.66 -10.48
N TRP B 425 -43.51 42.68 -10.44
CA TRP B 425 -43.64 43.73 -9.44
C TRP B 425 -43.22 45.06 -10.04
N LYS B 426 -43.91 46.11 -9.64
CA LYS B 426 -43.40 47.45 -9.85
C LYS B 426 -42.18 47.67 -8.97
N ILE B 427 -41.16 48.33 -9.51
CA ILE B 427 -39.99 48.70 -8.72
C ILE B 427 -40.22 50.10 -8.17
N ASP B 428 -40.33 50.21 -6.85
CA ASP B 428 -40.71 51.46 -6.22
C ASP B 428 -39.52 52.40 -6.10
N GLY B 429 -39.83 53.66 -5.79
CA GLY B 429 -38.84 54.65 -5.46
C GLY B 429 -38.20 55.33 -6.64
N SER B 430 -38.70 55.11 -7.85
CA SER B 430 -38.05 55.66 -9.03
C SER B 430 -38.40 57.12 -9.21
N THR B 431 -37.52 57.84 -9.90
CA THR B 431 -37.79 59.20 -10.34
C THR B 431 -37.68 59.24 -11.84
N SER B 432 -38.69 59.80 -12.50
CA SER B 432 -38.72 59.83 -13.95
C SER B 432 -39.23 61.19 -14.41
N ASN B 433 -38.92 61.51 -15.66
CA ASN B 433 -39.34 62.76 -16.27
C ASN B 433 -39.60 62.52 -17.74
N VAL B 434 -40.75 63.00 -18.24
CA VAL B 434 -41.12 62.89 -19.64
C VAL B 434 -41.32 64.29 -20.21
N GLU B 435 -40.70 64.56 -21.36
CA GLU B 435 -40.76 65.87 -21.98
C GLU B 435 -41.28 65.76 -23.41
N VAL B 436 -42.03 66.78 -23.81
CA VAL B 436 -42.46 66.97 -25.20
C VAL B 436 -41.48 67.96 -25.83
N VAL B 437 -40.65 67.47 -26.75
CA VAL B 437 -39.50 68.22 -27.26
C VAL B 437 -39.71 68.55 -28.72
N ASN B 438 -39.58 69.83 -29.07
CA ASN B 438 -39.66 70.28 -30.46
C ASN B 438 -38.37 69.90 -31.16
N LYS B 439 -38.41 68.84 -31.96
CA LYS B 439 -37.18 68.37 -32.61
C LYS B 439 -36.84 69.21 -33.83
N LYS B 440 -37.82 69.43 -34.70
CA LYS B 440 -37.60 70.18 -35.93
C LYS B 440 -38.93 70.73 -36.40
N ALA B 441 -38.89 71.89 -37.05
CA ALA B 441 -40.08 72.54 -37.61
C ALA B 441 -41.12 72.64 -36.50
N ASN B 442 -42.35 72.19 -36.71
CA ASN B 442 -43.38 72.16 -35.69
C ASN B 442 -43.61 70.76 -35.15
N LEU B 443 -42.67 69.84 -35.38
CA LEU B 443 -42.77 68.43 -34.94
C LEU B 443 -42.25 68.26 -33.52
N TYR B 444 -42.99 67.54 -32.68
CA TYR B 444 -42.62 67.32 -31.29
C TYR B 444 -42.47 65.83 -31.03
N LYS B 445 -41.40 65.48 -30.31
CA LYS B 445 -41.16 64.12 -29.86
C LYS B 445 -41.39 64.03 -28.35
N ILE B 446 -41.47 62.78 -27.87
CA ILE B 446 -41.77 62.49 -26.47
C ILE B 446 -40.61 61.68 -25.91
N GLU B 447 -39.85 62.29 -24.98
CA GLU B 447 -38.64 61.69 -24.43
C GLU B 447 -38.80 61.51 -22.92
N GLY B 448 -38.27 60.41 -22.42
CA GLY B 448 -38.31 60.12 -20.99
C GLY B 448 -36.97 59.71 -20.45
N GLU B 449 -36.71 60.09 -19.21
CA GLU B 449 -35.57 59.64 -18.43
C GLU B 449 -36.06 59.12 -17.09
N MET B 450 -35.36 58.12 -16.56
CA MET B 450 -35.77 57.48 -15.32
C MET B 450 -34.55 56.95 -14.57
N SER B 451 -34.56 57.12 -13.25
CA SER B 451 -33.57 56.55 -12.35
C SER B 451 -34.28 55.66 -11.34
N PHE B 452 -33.71 54.48 -11.08
CA PHE B 452 -34.29 53.59 -10.08
C PHE B 452 -33.21 52.65 -9.58
N SER B 453 -33.47 52.08 -8.40
CA SER B 453 -32.59 51.07 -7.84
C SER B 453 -33.39 49.81 -7.54
N VAL B 454 -32.67 48.70 -7.45
CA VAL B 454 -33.26 47.40 -7.13
C VAL B 454 -32.69 46.94 -5.80
N GLN B 455 -33.57 46.84 -4.79
CA GLN B 455 -33.28 46.15 -3.55
C GLN B 455 -33.89 44.77 -3.68
N ILE B 456 -33.06 43.78 -3.99
CA ILE B 456 -33.59 42.47 -4.39
C ILE B 456 -34.34 41.79 -3.25
N ASN B 457 -34.04 42.15 -2.00
CA ASN B 457 -34.81 41.59 -0.88
C ASN B 457 -36.28 41.98 -0.92
N ASP B 458 -36.63 43.07 -1.61
CA ASP B 458 -38.03 43.45 -1.72
C ASP B 458 -38.87 42.39 -2.42
N TYR B 459 -38.24 41.58 -3.27
CA TYR B 459 -38.97 40.64 -4.11
C TYR B 459 -38.73 39.19 -3.72
N ILE B 460 -37.81 38.93 -2.80
CA ILE B 460 -37.57 37.58 -2.28
C ILE B 460 -38.55 37.35 -1.13
N LEU B 461 -39.57 36.54 -1.38
CA LEU B 461 -40.63 36.25 -0.39
C LEU B 461 -40.60 34.78 0.05
N ASP B 462 -40.48 33.84 -0.88
CA ASP B 462 -40.34 32.43 -0.55
C ASP B 462 -38.88 32.03 -0.70
N ALA B 463 -38.51 30.95 0.01
CA ALA B 463 -37.13 30.48 -0.02
C ALA B 463 -36.65 30.22 -1.43
N ALA B 464 -37.52 29.68 -2.29
CA ALA B 464 -37.13 29.42 -3.67
C ALA B 464 -36.78 30.71 -4.42
N ASP B 465 -37.28 31.87 -3.99
CA ASP B 465 -36.99 33.12 -4.70
C ASP B 465 -35.53 33.54 -4.54
N LYS B 466 -34.80 32.97 -3.57
CA LYS B 466 -33.42 33.37 -3.33
C LYS B 466 -32.51 33.02 -4.51
N LYS B 467 -32.78 31.92 -5.19
CA LYS B 467 -31.97 31.47 -6.32
C LYS B 467 -32.84 31.56 -7.59
N GLN B 468 -32.67 32.65 -8.34
CA GLN B 468 -33.59 32.91 -9.44
C GLN B 468 -32.99 33.94 -10.39
N PRO B 469 -33.19 33.80 -11.70
CA PRO B 469 -32.93 34.93 -12.60
C PRO B 469 -34.12 35.88 -12.62
N TRP B 470 -33.83 37.18 -12.69
CA TRP B 470 -34.85 38.21 -12.75
C TRP B 470 -34.66 39.03 -14.02
N ASP B 471 -35.77 39.39 -14.66
CA ASP B 471 -35.73 40.16 -15.89
C ASP B 471 -36.36 41.52 -15.66
N ILE B 472 -35.73 42.57 -16.19
CA ILE B 472 -36.11 43.95 -15.91
C ILE B 472 -36.85 44.52 -17.11
N ALA B 473 -37.88 45.32 -16.82
CA ALA B 473 -38.71 45.92 -17.86
C ALA B 473 -39.06 47.34 -17.44
N THR B 474 -39.56 48.11 -18.40
CA THR B 474 -40.08 49.44 -18.14
C THR B 474 -41.48 49.56 -18.72
N ARG B 475 -42.31 50.33 -18.05
CA ARG B 475 -43.70 50.56 -18.45
C ARG B 475 -43.87 52.04 -18.76
N PHE B 476 -44.24 52.34 -20.00
CA PHE B 476 -44.45 53.70 -20.46
C PHE B 476 -45.87 53.85 -20.98
N THR B 477 -46.59 54.86 -20.49
CA THR B 477 -47.92 55.17 -20.99
C THR B 477 -47.99 56.63 -21.39
N GLY B 478 -48.79 56.90 -22.41
CA GLY B 478 -48.99 58.26 -22.86
C GLY B 478 -49.79 58.35 -24.14
N LEU B 479 -50.61 59.39 -24.26
CA LEU B 479 -51.40 59.65 -25.46
C LEU B 479 -52.27 58.45 -25.83
N GLY B 480 -52.62 57.62 -24.84
CA GLY B 480 -53.41 56.44 -25.06
C GLY B 480 -52.63 55.16 -25.29
N TYR B 481 -51.32 55.25 -25.53
CA TYR B 481 -50.51 54.06 -25.76
C TYR B 481 -49.94 53.54 -24.45
N THR B 482 -49.72 52.23 -24.40
CA THR B 482 -49.05 51.59 -23.28
C THR B 482 -47.94 50.69 -23.83
N SER B 483 -46.71 50.94 -23.41
CA SER B 483 -45.57 50.10 -23.81
C SER B 483 -44.88 49.58 -22.56
N HIS B 484 -45.10 48.31 -22.26
CA HIS B 484 -44.43 47.63 -21.17
C HIS B 484 -43.50 46.59 -21.80
N ARG B 485 -42.19 46.88 -21.79
CA ARG B 485 -41.23 46.10 -22.56
C ARG B 485 -39.96 45.91 -21.75
N ALA B 486 -39.24 44.83 -22.07
CA ALA B 486 -37.98 44.54 -21.42
C ALA B 486 -36.99 45.68 -21.62
N LEU B 487 -36.26 46.00 -20.55
CA LEU B 487 -35.16 46.94 -20.64
C LEU B 487 -34.05 46.35 -21.50
N THR B 488 -33.39 47.20 -22.30
CA THR B 488 -32.37 46.72 -23.23
C THR B 488 -31.12 47.59 -23.16
N ILE B 489 -30.02 47.04 -23.69
CA ILE B 489 -28.77 47.78 -23.84
C ILE B 489 -28.06 47.24 -25.06
N GLY B 490 -27.30 48.11 -25.75
CA GLY B 490 -26.54 47.70 -26.90
C GLY B 490 -25.13 47.25 -26.55
N LYS B 491 -24.41 48.04 -25.78
CA LYS B 491 -23.05 47.67 -25.39
C LYS B 491 -23.08 46.43 -24.49
N ILE B 492 -21.94 45.74 -24.45
CA ILE B 492 -21.79 44.61 -23.56
C ILE B 492 -21.90 45.09 -22.11
N LEU B 493 -22.64 44.33 -21.30
CA LEU B 493 -22.84 44.67 -19.89
C LEU B 493 -22.76 43.39 -19.08
N ILE B 494 -21.74 43.29 -18.22
CA ILE B 494 -21.60 42.20 -17.24
C ILE B 494 -21.00 42.82 -15.98
N LYS B 495 -21.78 42.88 -14.90
CA LYS B 495 -21.29 43.39 -13.63
C LYS B 495 -21.77 42.49 -12.50
N THR B 496 -20.86 42.18 -11.57
CA THR B 496 -21.11 41.22 -10.50
C THR B 496 -21.09 41.90 -9.15
N ALA B 497 -21.75 41.26 -8.19
CA ALA B 497 -21.75 41.75 -6.82
C ALA B 497 -21.90 40.57 -5.87
N LEU B 498 -21.30 40.71 -4.70
CA LEU B 498 -21.45 39.77 -3.60
C LEU B 498 -21.92 40.60 -2.41
N ILE B 499 -23.22 40.59 -2.15
CA ILE B 499 -23.85 41.50 -1.20
C ILE B 499 -24.57 40.66 -0.16
N ASN B 500 -24.02 40.61 1.06
CA ASN B 500 -24.64 39.92 2.19
C ASN B 500 -25.15 38.54 1.79
N ASN B 501 -24.21 37.71 1.33
CA ASN B 501 -24.44 36.31 0.98
C ASN B 501 -25.32 36.13 -0.25
N LYS B 502 -25.53 37.17 -1.04
CA LYS B 502 -26.20 37.05 -2.33
C LYS B 502 -25.18 37.30 -3.44
N THR B 503 -24.95 36.29 -4.27
CA THR B 503 -24.26 36.48 -5.54
C THR B 503 -25.23 37.14 -6.53
N MET B 504 -24.78 38.21 -7.18
CA MET B 504 -25.66 38.97 -8.07
C MET B 504 -24.90 39.33 -9.33
N ILE B 505 -25.55 39.17 -10.49
CA ILE B 505 -24.93 39.47 -11.78
C ILE B 505 -25.99 40.13 -12.66
N VAL B 506 -25.77 41.40 -13.00
CA VAL B 506 -26.58 42.07 -14.01
C VAL B 506 -25.87 41.94 -15.35
N TYR B 507 -26.61 41.57 -16.40
CA TYR B 507 -25.99 41.29 -17.68
C TYR B 507 -26.99 41.53 -18.81
N LYS B 508 -26.45 41.94 -19.95
CA LYS B 508 -27.16 41.89 -21.21
C LYS B 508 -27.26 40.44 -21.66
N ASN B 509 -28.47 39.89 -21.73
CA ASN B 509 -28.60 38.49 -22.11
C ASN B 509 -28.50 38.35 -23.63
N ALA B 510 -28.72 37.12 -24.12
CA ALA B 510 -28.52 36.85 -25.53
C ALA B 510 -29.57 37.50 -26.42
N SER B 511 -30.70 37.90 -25.85
CA SER B 511 -31.70 38.65 -26.60
C SER B 511 -31.47 40.15 -26.56
N GLY B 512 -30.37 40.60 -25.95
CA GLY B 512 -30.14 42.02 -25.78
C GLY B 512 -30.90 42.66 -24.65
N LEU B 513 -31.42 41.88 -23.72
CA LEU B 513 -32.27 42.38 -22.64
C LEU B 513 -31.57 42.27 -21.29
N ILE B 514 -32.03 43.06 -20.33
CA ILE B 514 -31.37 43.18 -19.03
C ILE B 514 -31.94 42.11 -18.09
N SER B 515 -31.04 41.27 -17.57
CA SER B 515 -31.37 40.23 -16.61
C SER B 515 -30.48 40.38 -15.39
N LEU B 516 -30.96 39.89 -14.25
CA LEU B 516 -30.23 39.91 -12.98
C LEU B 516 -30.27 38.50 -12.42
N ASP B 517 -29.12 37.83 -12.38
CA ASP B 517 -29.02 36.50 -11.80
C ASP B 517 -28.61 36.63 -10.34
N VAL B 518 -29.30 35.90 -9.47
CA VAL B 518 -29.06 35.91 -8.04
C VAL B 518 -29.01 34.46 -7.58
N GLY B 519 -27.94 34.10 -6.85
CA GLY B 519 -27.78 32.74 -6.42
C GLY B 519 -27.24 31.79 -7.48
N SER B 520 -26.69 32.32 -8.57
CA SER B 520 -26.07 31.51 -9.62
C SER B 520 -27.06 30.55 -10.28
N SER B 521 -28.28 31.01 -10.53
CA SER B 521 -29.22 30.14 -11.22
C SER B 521 -28.83 29.95 -12.69
N VAL B 522 -28.22 30.95 -13.32
CA VAL B 522 -27.84 30.80 -14.72
C VAL B 522 -26.37 31.09 -15.01
N ARG B 523 -25.65 31.84 -14.18
CA ARG B 523 -24.27 32.23 -14.53
C ARG B 523 -23.34 32.08 -13.33
N SER B 524 -22.04 31.97 -13.64
CA SER B 524 -20.99 31.79 -12.64
C SER B 524 -20.41 33.15 -12.23
N ILE B 525 -20.54 33.51 -10.96
CA ILE B 525 -20.00 34.80 -10.53
C ILE B 525 -18.48 34.82 -10.60
N VAL B 526 -17.82 33.67 -10.38
CA VAL B 526 -16.37 33.62 -10.53
C VAL B 526 -15.97 33.85 -11.98
N GLU B 527 -16.66 33.20 -12.91
CA GLU B 527 -16.36 33.38 -14.32
C GLU B 527 -16.57 34.82 -14.75
N ASP B 528 -17.67 35.45 -14.32
CA ASP B 528 -17.99 36.79 -14.79
C ASP B 528 -17.17 37.86 -14.08
N SER B 529 -16.73 37.59 -12.86
CA SER B 529 -15.85 38.53 -12.17
C SER B 529 -14.41 38.45 -12.69
N GLY B 530 -13.99 37.29 -13.19
CA GLY B 530 -12.61 37.06 -13.56
C GLY B 530 -11.75 36.78 -12.34
N VAL B 531 -10.58 36.19 -12.51
CA VAL B 531 -9.67 35.98 -11.40
C VAL B 531 -8.35 36.66 -11.72
N LYS B 532 -7.68 37.13 -10.68
CA LYS B 532 -6.33 37.68 -10.81
C LYS B 532 -5.36 36.52 -10.65
N ARG B 533 -5.16 35.79 -11.75
CA ARG B 533 -4.48 34.51 -11.66
C ARG B 533 -3.04 34.67 -11.19
N GLU B 534 -2.41 35.82 -11.44
CA GLU B 534 -1.08 36.08 -10.93
C GLU B 534 -1.07 36.33 -9.42
N GLN B 535 -2.23 36.55 -8.81
CA GLN B 535 -2.31 36.78 -7.37
C GLN B 535 -2.92 35.60 -6.63
N ILE B 536 -3.04 34.44 -7.29
CA ILE B 536 -3.46 33.22 -6.63
C ILE B 536 -2.36 32.79 -5.66
N LEU B 537 -2.76 32.44 -4.43
CA LEU B 537 -1.81 32.05 -3.38
C LEU B 537 -1.97 30.57 -3.07
N ILE B 538 -0.86 29.84 -3.10
CA ILE B 538 -0.83 28.43 -2.77
C ILE B 538 -0.04 28.29 -1.48
N ASP B 539 -0.70 27.83 -0.41
CA ASP B 539 -0.04 27.56 0.87
C ASP B 539 -0.21 26.07 1.13
N LYS B 540 0.79 25.28 0.76
CA LYS B 540 0.61 23.83 0.84
C LYS B 540 0.72 23.29 2.25
N THR B 541 1.44 23.97 3.15
CA THR B 541 1.47 23.51 4.53
C THR B 541 0.10 23.65 5.18
N SER B 542 -0.57 24.77 4.94
CA SER B 542 -1.94 24.92 5.43
C SER B 542 -2.97 24.27 4.51
N GLY B 543 -2.57 23.85 3.31
CA GLY B 543 -3.48 23.18 2.40
C GLY B 543 -4.59 24.07 1.90
N LYS B 544 -4.28 25.33 1.58
CA LYS B 544 -5.28 26.30 1.16
C LYS B 544 -4.79 27.04 -0.07
N VAL B 545 -5.63 27.07 -1.09
CA VAL B 545 -5.40 27.84 -2.31
C VAL B 545 -6.37 29.01 -2.28
N THR B 546 -5.84 30.22 -2.44
CA THR B 546 -6.64 31.44 -2.39
C THR B 546 -6.72 32.04 -3.79
N ILE B 547 -7.94 32.29 -4.25
CA ILE B 547 -8.19 32.79 -5.59
C ILE B 547 -8.97 34.10 -5.47
N PRO B 548 -8.31 35.24 -5.64
CA PRO B 548 -9.02 36.53 -5.56
C PRO B 548 -9.81 36.83 -6.83
N LEU B 549 -11.02 37.37 -6.65
CA LEU B 549 -11.84 37.78 -7.78
C LEU B 549 -11.44 39.18 -8.23
N ASN B 550 -11.47 39.41 -9.54
CA ASN B 550 -10.99 40.67 -10.09
C ASN B 550 -12.01 41.79 -9.96
N GLU B 551 -13.04 41.79 -10.82
CA GLU B 551 -14.02 42.87 -10.86
C GLU B 551 -15.31 42.40 -10.21
N ILE B 552 -15.64 42.96 -9.04
CA ILE B 552 -16.82 42.55 -8.30
C ILE B 552 -17.13 43.54 -7.18
N HIS B 553 -18.39 43.92 -7.05
CA HIS B 553 -18.84 44.80 -5.98
C HIS B 553 -19.14 43.96 -4.75
N VAL B 554 -18.45 44.26 -3.65
CA VAL B 554 -18.59 43.49 -2.41
C VAL B 554 -19.12 44.42 -1.33
N PHE B 555 -20.23 44.02 -0.70
CA PHE B 555 -20.86 44.78 0.37
C PHE B 555 -21.25 43.82 1.48
N GLY B 556 -21.01 44.23 2.73
CA GLY B 556 -21.25 43.34 3.83
C GLY B 556 -20.29 42.14 3.79
N GLU B 557 -20.55 41.21 4.70
CA GLU B 557 -19.75 40.00 4.82
C GLU B 557 -20.50 38.81 4.25
N SER B 558 -19.82 38.01 3.43
CA SER B 558 -20.42 36.85 2.81
C SER B 558 -19.54 35.64 3.03
N LEU B 559 -20.17 34.48 3.20
CA LEU B 559 -19.47 33.20 3.18
C LEU B 559 -20.40 32.18 2.54
N ILE B 560 -20.01 31.68 1.38
CA ILE B 560 -20.85 30.75 0.63
C ILE B 560 -20.06 29.48 0.40
N GLU B 561 -20.54 28.38 0.97
CA GLU B 561 -19.86 27.09 0.86
C GLU B 561 -20.08 26.50 -0.53
N GLY B 562 -19.05 25.85 -1.04
CA GLY B 562 -19.13 25.21 -2.34
C GLY B 562 -18.10 24.11 -2.41
N ASN B 563 -17.60 23.87 -3.61
CA ASN B 563 -16.53 22.88 -3.77
C ASN B 563 -15.74 23.23 -5.03
N ALA B 564 -14.71 22.43 -5.28
CA ALA B 564 -13.84 22.61 -6.44
C ALA B 564 -13.34 21.25 -6.88
N GLU B 565 -12.88 21.18 -8.11
CA GLU B 565 -12.39 19.94 -8.70
C GLU B 565 -10.95 20.13 -9.15
N LEU B 566 -10.11 19.16 -8.83
CA LEU B 566 -8.72 19.13 -9.27
C LEU B 566 -8.53 17.97 -10.23
N LYS B 567 -7.80 18.21 -11.32
CA LYS B 567 -7.49 17.15 -12.29
C LYS B 567 -6.03 17.33 -12.71
N PRO B 568 -5.22 16.26 -12.64
CA PRO B 568 -3.83 16.38 -13.06
C PRO B 568 -3.74 16.71 -14.55
N VAL B 569 -2.97 17.73 -14.88
CA VAL B 569 -2.76 18.09 -16.28
C VAL B 569 -2.10 16.93 -17.01
N GLY B 570 -2.60 16.63 -18.21
CA GLY B 570 -2.05 15.56 -19.02
C GLY B 570 -2.89 14.29 -19.05
N ILE B 571 -3.36 13.85 -17.88
CA ILE B 571 -4.15 12.63 -17.77
C ILE B 571 -5.61 13.00 -18.01
N SER B 572 -6.08 12.81 -19.25
CA SER B 572 -7.38 13.35 -19.63
C SER B 572 -8.54 12.53 -19.08
N ASP B 573 -8.34 11.23 -18.83
CA ASP B 573 -9.37 10.39 -18.24
C ASP B 573 -9.30 10.32 -16.71
N ALA B 574 -8.59 11.25 -16.08
CA ALA B 574 -8.41 11.19 -14.63
C ALA B 574 -9.70 11.52 -13.90
N ASP B 575 -9.95 10.81 -12.81
CA ASP B 575 -11.08 11.15 -11.94
C ASP B 575 -10.90 12.57 -11.41
N PRO B 576 -11.97 13.35 -11.34
CA PRO B 576 -11.90 14.60 -10.60
C PRO B 576 -11.61 14.35 -9.14
N ILE B 577 -10.81 15.22 -8.54
CA ILE B 577 -10.52 15.19 -7.11
C ILE B 577 -11.37 16.28 -6.48
N ASN B 578 -12.39 15.87 -5.73
CA ASN B 578 -13.34 16.81 -5.14
C ASN B 578 -12.80 17.36 -3.82
N VAL B 579 -12.73 18.69 -3.72
CA VAL B 579 -12.29 19.35 -2.49
C VAL B 579 -13.27 20.45 -2.13
N LYS B 580 -13.25 20.83 -0.85
CA LYS B 580 -14.12 21.88 -0.36
C LYS B 580 -13.62 23.25 -0.80
N ALA B 581 -14.58 24.17 -0.97
CA ALA B 581 -14.25 25.52 -1.39
C ALA B 581 -15.28 26.47 -0.78
N LYS B 582 -14.86 27.72 -0.57
CA LYS B 582 -15.70 28.75 0.02
C LYS B 582 -15.54 30.04 -0.78
N LEU B 583 -16.65 30.68 -1.08
CA LEU B 583 -16.66 32.03 -1.62
C LEU B 583 -16.81 33.01 -0.46
N ILE B 584 -15.89 33.95 -0.33
CA ILE B 584 -15.83 34.84 0.83
C ILE B 584 -15.90 36.28 0.35
N GLY B 585 -16.73 37.07 1.02
CA GLY B 585 -16.73 38.51 0.85
C GLY B 585 -16.41 39.19 2.16
N GLU B 586 -15.33 39.95 2.21
CA GLU B 586 -15.01 40.72 3.41
C GLU B 586 -14.12 41.90 3.06
N ALA B 587 -14.34 43.01 3.76
CA ALA B 587 -13.59 44.25 3.52
C ALA B 587 -13.67 44.67 2.06
N ASN B 588 -14.86 44.50 1.47
CA ASN B 588 -15.15 44.94 0.10
C ASN B 588 -14.27 44.24 -0.93
N LYS B 589 -13.84 43.01 -0.64
CA LYS B 589 -13.08 42.19 -1.56
C LYS B 589 -13.63 40.77 -1.49
N ALA B 590 -13.49 40.05 -2.60
CA ALA B 590 -13.99 38.69 -2.71
C ALA B 590 -12.88 37.74 -3.12
N ARG B 591 -12.96 36.51 -2.61
CA ARG B 591 -11.98 35.48 -2.95
C ARG B 591 -12.64 34.13 -2.78
N VAL B 592 -12.16 33.15 -3.55
CA VAL B 592 -12.49 31.74 -3.34
C VAL B 592 -11.31 31.09 -2.64
N GLU B 593 -11.59 30.33 -1.58
CA GLU B 593 -10.60 29.54 -0.88
C GLU B 593 -10.88 28.07 -1.14
N VAL B 594 -9.86 27.34 -1.58
CA VAL B 594 -9.97 25.93 -1.88
C VAL B 594 -9.12 25.18 -0.87
N LEU B 595 -9.75 24.27 -0.13
CA LEU B 595 -9.06 23.51 0.90
C LEU B 595 -8.62 22.18 0.34
N LEU B 596 -7.30 21.91 0.40
CA LEU B 596 -6.77 20.66 -0.13
C LEU B 596 -7.08 19.47 0.77
N GLY B 597 -7.35 19.70 2.06
CA GLY B 597 -7.67 18.59 2.94
C GLY B 597 -6.56 17.56 3.02
N ASP B 598 -6.96 16.29 3.03
CA ASP B 598 -6.02 15.17 3.17
C ASP B 598 -5.51 14.65 1.82
N GLU B 599 -5.81 15.35 0.73
CA GLU B 599 -5.36 14.88 -0.58
C GLU B 599 -3.85 15.03 -0.73
N LYS B 600 -3.23 14.06 -1.38
CA LYS B 600 -1.79 14.07 -1.63
C LYS B 600 -1.57 14.39 -3.10
N LEU B 601 -1.04 15.58 -3.39
CA LEU B 601 -0.94 16.09 -4.74
C LEU B 601 0.51 16.42 -5.10
N SER B 602 0.81 16.25 -6.38
CA SER B 602 2.11 16.61 -6.93
C SER B 602 1.94 16.95 -8.40
N GLY B 603 2.65 17.96 -8.86
CA GLY B 603 2.59 18.37 -10.24
C GLY B 603 1.54 19.45 -10.46
N GLU B 604 1.18 19.61 -11.74
CA GLU B 604 0.25 20.64 -12.14
C GLU B 604 -1.16 20.06 -12.16
N TYR B 605 -2.13 20.88 -11.76
CA TYR B 605 -3.53 20.46 -11.71
C TYR B 605 -4.41 21.55 -12.31
N HIS B 606 -5.40 21.13 -13.10
CA HIS B 606 -6.54 21.99 -13.39
C HIS B 606 -7.35 22.20 -12.12
N LEU B 607 -7.76 23.45 -11.88
CA LEU B 607 -8.61 23.77 -10.74
C LEU B 607 -9.88 24.45 -11.25
N VAL B 608 -11.03 23.82 -11.04
CA VAL B 608 -12.33 24.37 -11.43
C VAL B 608 -13.16 24.58 -10.17
N THR B 609 -13.56 25.82 -9.92
CA THR B 609 -14.42 26.09 -8.77
C THR B 609 -15.86 25.77 -9.12
N ASN B 610 -16.64 25.40 -8.09
CA ASN B 610 -18.06 25.08 -8.26
C ASN B 610 -18.82 25.72 -7.09
N ILE B 611 -19.12 27.02 -7.24
CA ILE B 611 -19.90 27.75 -6.27
C ILE B 611 -21.36 27.77 -6.73
N GLN B 612 -22.24 27.27 -5.88
CA GLN B 612 -23.69 27.33 -6.12
C GLN B 612 -24.08 26.61 -7.41
N GLY B 613 -23.33 25.56 -7.75
CA GLY B 613 -23.64 24.70 -8.88
C GLY B 613 -23.21 25.24 -10.23
N LYS B 614 -22.43 26.31 -10.27
CA LYS B 614 -21.92 26.87 -11.51
C LYS B 614 -20.40 26.82 -11.48
N LYS B 615 -19.81 26.28 -12.54
CA LYS B 615 -18.37 26.15 -12.63
C LYS B 615 -17.79 27.32 -13.42
N ASP B 616 -16.61 27.76 -13.03
CA ASP B 616 -15.96 28.81 -13.80
C ASP B 616 -15.28 28.21 -15.03
N LYS B 617 -14.96 29.08 -15.99
CA LYS B 617 -14.21 28.68 -17.16
C LYS B 617 -12.89 29.44 -17.22
N GLN B 618 -12.32 29.76 -16.06
CA GLN B 618 -11.11 30.57 -16.01
C GLN B 618 -9.86 29.77 -16.33
N GLN B 619 -9.96 28.44 -16.45
CA GLN B 619 -8.84 27.57 -16.80
C GLN B 619 -7.68 27.80 -15.84
N ILE B 620 -7.99 27.77 -14.54
CA ILE B 620 -6.96 27.91 -13.53
C ILE B 620 -6.11 26.65 -13.47
N LYS B 621 -4.80 26.84 -13.42
CA LYS B 621 -3.85 25.75 -13.18
C LYS B 621 -2.96 26.12 -12.00
N ILE B 622 -2.74 25.17 -11.10
CA ILE B 622 -1.81 25.33 -10.00
C ILE B 622 -0.82 24.17 -10.03
N THR B 623 0.37 24.38 -9.48
CA THR B 623 1.35 23.32 -9.29
C THR B 623 1.52 23.07 -7.81
N LEU B 624 1.39 21.81 -7.40
CA LEU B 624 1.47 21.43 -6.00
C LEU B 624 2.67 20.52 -5.71
N ASP C 19 -30.75 -37.48 -40.29
CA ASP C 19 -30.06 -37.04 -39.08
C ASP C 19 -30.94 -37.21 -37.84
N ILE C 20 -30.46 -37.99 -36.88
CA ILE C 20 -31.24 -38.35 -35.71
C ILE C 20 -30.95 -37.36 -34.58
N LYS C 21 -32.00 -36.72 -34.06
CA LYS C 21 -31.81 -35.69 -33.06
C LYS C 21 -31.70 -36.28 -31.65
N ILE C 22 -32.44 -37.34 -31.37
CA ILE C 22 -32.60 -37.84 -30.01
C ILE C 22 -32.47 -39.35 -30.00
N SER C 23 -31.66 -39.87 -29.08
CA SER C 23 -31.61 -41.30 -28.79
C SER C 23 -32.19 -41.51 -27.40
N VAL C 24 -33.20 -42.38 -27.31
CA VAL C 24 -33.84 -42.73 -26.05
C VAL C 24 -33.17 -44.00 -25.53
N VAL C 25 -32.46 -43.87 -24.41
CA VAL C 25 -31.74 -44.99 -23.80
C VAL C 25 -32.57 -45.55 -22.66
N VAL C 26 -33.01 -46.80 -22.80
CA VAL C 26 -33.83 -47.44 -21.76
C VAL C 26 -33.16 -48.73 -21.31
N PRO C 27 -32.70 -48.81 -20.06
CA PRO C 27 -32.22 -50.09 -19.53
C PRO C 27 -33.33 -50.87 -18.86
N THR C 28 -33.60 -52.09 -19.32
CA THR C 28 -34.71 -52.87 -18.81
C THR C 28 -34.20 -54.04 -17.97
N TYR C 29 -34.99 -54.39 -16.95
CA TYR C 29 -34.73 -55.61 -16.18
C TYR C 29 -36.03 -56.04 -15.53
N ASN C 30 -36.57 -57.18 -15.98
CA ASN C 30 -37.81 -57.75 -15.44
C ASN C 30 -38.93 -56.70 -15.42
N THR C 31 -39.00 -55.92 -16.49
CA THR C 31 -39.90 -54.77 -16.55
C THR C 31 -41.36 -55.19 -16.41
N GLU C 32 -42.10 -54.52 -15.53
CA GLU C 32 -43.54 -54.71 -15.47
C GLU C 32 -44.14 -54.43 -16.83
N LEU C 33 -44.95 -55.36 -17.32
CA LEU C 33 -45.42 -55.29 -18.70
C LEU C 33 -46.28 -54.06 -18.94
N GLU C 34 -47.13 -53.70 -17.98
CA GLU C 34 -48.00 -52.56 -18.18
C GLU C 34 -47.19 -51.26 -18.30
N GLY C 35 -46.20 -51.09 -17.44
CA GLY C 35 -45.34 -49.91 -17.54
C GLY C 35 -44.57 -49.84 -18.84
N LEU C 36 -44.13 -51.00 -19.35
CA LEU C 36 -43.44 -51.01 -20.64
C LEU C 36 -44.36 -50.54 -21.76
N LYS C 37 -45.61 -50.99 -21.77
CA LYS C 37 -46.57 -50.52 -22.75
C LYS C 37 -46.84 -49.03 -22.61
N ASN C 38 -46.95 -48.54 -21.37
CA ASN C 38 -47.14 -47.12 -21.16
C ASN C 38 -45.92 -46.33 -21.63
N LEU C 39 -44.73 -46.86 -21.38
CA LEU C 39 -43.51 -46.22 -21.85
C LEU C 39 -43.49 -46.15 -23.38
N MET C 40 -43.75 -47.28 -24.04
CA MET C 40 -43.78 -47.29 -25.50
C MET C 40 -44.85 -46.35 -26.03
N ALA C 41 -46.03 -46.33 -25.39
CA ALA C 41 -47.09 -45.43 -25.81
C ALA C 41 -46.67 -43.97 -25.72
N SER C 42 -45.92 -43.61 -24.66
CA SER C 42 -45.53 -42.22 -24.49
C SER C 42 -44.48 -41.81 -25.53
N ILE C 43 -43.69 -42.76 -26.00
CA ILE C 43 -42.72 -42.46 -27.06
C ILE C 43 -43.42 -42.40 -28.42
N ASP C 44 -44.34 -43.32 -28.70
CA ASP C 44 -45.05 -43.29 -29.96
C ASP C 44 -45.85 -42.00 -30.14
N LYS C 45 -46.33 -41.41 -29.04
CA LYS C 45 -47.15 -40.21 -29.10
C LYS C 45 -46.33 -38.92 -29.14
N GLN C 46 -45.01 -39.03 -29.28
CA GLN C 46 -44.17 -37.84 -29.42
C GLN C 46 -44.54 -37.07 -30.69
N THR C 47 -44.58 -35.74 -30.58
CA THR C 47 -44.87 -34.93 -31.75
C THR C 47 -43.73 -34.96 -32.77
N MET C 48 -42.53 -35.36 -32.35
CA MET C 48 -41.41 -35.40 -33.26
C MET C 48 -41.55 -36.53 -34.26
N ASN C 49 -41.10 -36.28 -35.48
CA ASN C 49 -41.15 -37.29 -36.54
C ASN C 49 -40.43 -38.57 -36.09
N PRO C 50 -41.05 -39.74 -36.23
CA PRO C 50 -40.40 -40.99 -35.81
C PRO C 50 -39.03 -41.21 -36.41
N ASP C 51 -38.79 -40.84 -37.66
CA ASP C 51 -37.48 -41.06 -38.26
C ASP C 51 -36.44 -40.04 -37.81
N GLU C 52 -36.78 -39.17 -36.86
CA GLU C 52 -35.84 -38.19 -36.32
C GLU C 52 -35.33 -38.56 -34.93
N TYR C 53 -35.85 -39.62 -34.32
CA TYR C 53 -35.31 -40.13 -33.06
C TYR C 53 -35.12 -41.63 -33.17
N GLU C 54 -34.45 -42.19 -32.18
CA GLU C 54 -34.22 -43.62 -32.14
C GLU C 54 -34.38 -44.12 -30.71
N LEU C 55 -34.66 -45.41 -30.58
CA LEU C 55 -34.83 -46.08 -29.30
C LEU C 55 -33.75 -47.14 -29.16
N VAL C 56 -32.97 -47.07 -28.09
CA VAL C 56 -31.90 -48.02 -27.83
C VAL C 56 -32.22 -48.69 -26.50
N PHE C 57 -32.73 -49.92 -26.56
CA PHE C 57 -33.05 -50.71 -25.37
C PHE C 57 -31.95 -51.72 -25.13
N VAL C 58 -31.42 -51.76 -23.91
CA VAL C 58 -30.47 -52.79 -23.51
C VAL C 58 -31.06 -53.52 -22.30
N ASP C 59 -31.28 -54.82 -22.47
CA ASP C 59 -31.87 -55.66 -21.43
C ASP C 59 -30.78 -56.20 -20.54
N ASP C 60 -30.88 -55.92 -19.24
CA ASP C 60 -29.85 -56.31 -18.27
C ASP C 60 -30.09 -57.74 -17.79
N GLY C 61 -30.18 -58.66 -18.75
CA GLY C 61 -30.32 -60.07 -18.47
C GLY C 61 -31.54 -60.40 -17.64
N SER C 62 -32.72 -60.02 -18.13
CA SER C 62 -33.96 -60.27 -17.43
C SER C 62 -34.24 -61.76 -17.32
N THR C 63 -34.76 -62.18 -16.17
CA THR C 63 -35.23 -63.55 -15.98
C THR C 63 -36.66 -63.74 -16.47
N THR C 64 -37.41 -62.67 -16.70
CA THR C 64 -38.73 -62.74 -17.30
C THR C 64 -38.59 -62.72 -18.83
N ASP C 65 -39.71 -62.64 -19.55
CA ASP C 65 -39.71 -62.54 -21.00
C ASP C 65 -39.57 -61.11 -21.50
N THR C 66 -38.94 -60.24 -20.71
CA THR C 66 -38.86 -58.82 -21.08
C THR C 66 -38.14 -58.63 -22.39
N TYR C 67 -37.01 -59.32 -22.59
CA TYR C 67 -36.25 -59.18 -23.83
C TYR C 67 -37.05 -59.70 -25.02
N GLU C 68 -37.79 -60.80 -24.82
CA GLU C 68 -38.64 -61.32 -25.89
C GLU C 68 -39.69 -60.28 -26.30
N ARG C 69 -40.32 -59.63 -25.34
CA ARG C 69 -41.34 -58.63 -25.68
C ARG C 69 -40.73 -57.36 -26.23
N LEU C 70 -39.48 -57.06 -25.88
CA LEU C 70 -38.77 -55.96 -26.52
C LEU C 70 -38.48 -56.26 -27.98
N GLN C 71 -38.12 -57.51 -28.29
CA GLN C 71 -37.93 -57.89 -29.68
C GLN C 71 -39.25 -57.85 -30.44
N GLU C 72 -40.34 -58.25 -29.78
CA GLU C 72 -41.68 -58.07 -30.34
C GLU C 72 -41.90 -56.62 -30.77
N PHE C 73 -41.71 -55.68 -29.82
CA PHE C 73 -41.88 -54.27 -30.12
C PHE C 73 -40.99 -53.83 -31.28
N ALA C 74 -39.79 -54.40 -31.38
CA ALA C 74 -38.79 -53.83 -32.28
C ALA C 74 -39.05 -54.20 -33.75
N GLU C 75 -39.69 -55.35 -34.00
CA GLU C 75 -39.98 -55.74 -35.37
C GLU C 75 -40.83 -54.69 -36.07
N THR C 76 -41.74 -54.05 -35.33
CA THR C 76 -42.65 -53.06 -35.91
C THR C 76 -41.99 -51.70 -36.11
N ARG C 77 -41.00 -51.37 -35.28
CA ARG C 77 -40.42 -50.03 -35.28
C ARG C 77 -38.98 -50.08 -35.77
N PRO C 78 -38.69 -49.59 -36.99
CA PRO C 78 -37.32 -49.73 -37.53
C PRO C 78 -36.29 -48.91 -36.78
N ASN C 79 -36.71 -47.92 -35.99
CA ASN C 79 -35.81 -47.07 -35.24
C ASN C 79 -35.61 -47.54 -33.80
N MET C 80 -35.86 -48.82 -33.52
CA MET C 80 -35.67 -49.38 -32.19
C MET C 80 -34.63 -50.49 -32.24
N THR C 81 -33.52 -50.27 -31.54
CA THR C 81 -32.48 -51.28 -31.37
C THR C 81 -32.61 -51.92 -30.00
N VAL C 82 -32.57 -53.25 -29.96
CA VAL C 82 -32.71 -53.99 -28.72
C VAL C 82 -31.53 -54.94 -28.58
N LYS C 83 -30.87 -54.88 -27.43
CA LYS C 83 -29.70 -55.71 -27.16
C LYS C 83 -29.82 -56.25 -25.74
N GLN C 84 -29.26 -57.44 -25.52
CA GLN C 84 -29.27 -58.06 -24.21
C GLN C 84 -27.85 -58.32 -23.76
N ILE C 85 -27.56 -58.01 -22.49
CA ILE C 85 -26.28 -58.31 -21.89
C ILE C 85 -26.54 -59.15 -20.64
N GLU C 86 -25.45 -59.66 -20.07
CA GLU C 86 -25.56 -60.34 -18.78
C GLU C 86 -25.85 -59.32 -17.69
N ASN C 87 -26.61 -59.78 -16.67
CA ASN C 87 -27.12 -58.87 -15.65
C ASN C 87 -25.98 -58.23 -14.88
N SER C 88 -25.91 -56.90 -14.97
CA SER C 88 -24.94 -56.13 -14.21
C SER C 88 -25.44 -55.75 -12.81
N GLY C 89 -26.76 -55.79 -12.59
CA GLY C 89 -27.32 -55.52 -11.29
C GLY C 89 -27.96 -54.15 -11.16
N TRP C 90 -27.69 -53.24 -12.09
CA TRP C 90 -28.28 -51.91 -12.04
C TRP C 90 -28.29 -51.34 -13.46
N GLY C 91 -28.92 -50.17 -13.62
CA GLY C 91 -29.07 -49.56 -14.92
C GLY C 91 -27.80 -48.92 -15.47
N SER C 92 -26.73 -48.86 -14.67
CA SER C 92 -25.54 -48.12 -15.08
C SER C 92 -24.91 -48.72 -16.33
N ARG C 93 -24.53 -49.98 -16.27
CA ARG C 93 -23.83 -50.58 -17.42
C ARG C 93 -24.69 -50.61 -18.67
N PRO C 94 -25.95 -51.07 -18.64
CA PRO C 94 -26.76 -50.98 -19.87
C PRO C 94 -26.90 -49.56 -20.42
N ARG C 95 -26.97 -48.54 -19.54
CA ARG C 95 -26.96 -47.17 -20.03
C ARG C 95 -25.66 -46.83 -20.75
N ASN C 96 -24.52 -47.25 -20.17
CA ASN C 96 -23.25 -46.94 -20.81
C ASN C 96 -23.12 -47.64 -22.16
N ILE C 97 -23.50 -48.92 -22.21
CA ILE C 97 -23.44 -49.66 -23.46
C ILE C 97 -24.35 -49.03 -24.52
N ALA C 98 -25.56 -48.66 -24.12
CA ALA C 98 -26.50 -48.06 -25.06
C ALA C 98 -26.02 -46.70 -25.55
N THR C 99 -25.36 -45.93 -24.68
CA THR C 99 -24.85 -44.62 -25.09
C THR C 99 -23.83 -44.76 -26.21
N LYS C 100 -22.96 -45.77 -26.14
CA LYS C 100 -22.00 -46.02 -27.22
C LYS C 100 -22.71 -46.42 -28.51
N MET C 101 -23.79 -47.19 -28.41
CA MET C 101 -24.54 -47.60 -29.59
C MET C 101 -25.34 -46.45 -30.20
N ALA C 102 -25.65 -45.43 -29.42
CA ALA C 102 -26.55 -44.37 -29.87
C ALA C 102 -25.93 -43.56 -31.00
N LYS C 103 -26.79 -42.98 -31.83
CA LYS C 103 -26.35 -42.10 -32.92
C LYS C 103 -26.92 -40.69 -32.83
N GLY C 104 -27.86 -40.44 -31.92
CA GLY C 104 -28.54 -39.16 -31.89
C GLY C 104 -27.68 -38.05 -31.30
N GLU C 105 -28.05 -36.82 -31.64
CA GLU C 105 -27.32 -35.67 -31.12
C GLU C 105 -27.48 -35.54 -29.61
N TYR C 106 -28.68 -35.84 -29.10
CA TYR C 106 -28.96 -35.81 -27.67
C TYR C 106 -29.43 -37.18 -27.20
N ILE C 107 -29.12 -37.49 -25.94
CA ILE C 107 -29.49 -38.76 -25.32
C ILE C 107 -30.33 -38.46 -24.09
N LEU C 108 -31.50 -39.09 -24.00
CA LEU C 108 -32.33 -39.10 -22.81
C LEU C 108 -32.22 -40.46 -22.15
N TYR C 109 -31.91 -40.48 -20.86
CA TYR C 109 -31.89 -41.71 -20.08
C TYR C 109 -33.28 -41.89 -19.49
N LEU C 110 -34.04 -42.80 -20.06
CA LEU C 110 -35.42 -43.04 -19.66
C LEU C 110 -35.49 -44.40 -18.98
N ASP C 111 -35.96 -44.43 -17.74
CA ASP C 111 -36.05 -45.68 -17.02
C ASP C 111 -37.28 -46.46 -17.47
N HIS C 112 -37.24 -47.78 -17.27
CA HIS C 112 -38.22 -48.66 -17.90
C HIS C 112 -39.60 -48.58 -17.28
N ASP C 113 -39.82 -47.74 -16.25
CA ASP C 113 -41.09 -47.62 -15.58
C ASP C 113 -41.63 -46.19 -15.59
N ASP C 114 -41.12 -45.36 -16.49
CA ASP C 114 -41.45 -43.95 -16.57
C ASP C 114 -42.09 -43.64 -17.91
N THR C 115 -42.50 -42.40 -18.09
CA THR C 115 -43.08 -41.93 -19.34
C THR C 115 -42.59 -40.52 -19.63
N VAL C 116 -42.69 -40.14 -20.90
CA VAL C 116 -42.37 -38.78 -21.33
C VAL C 116 -43.64 -38.16 -21.87
N PHE C 117 -43.71 -36.83 -21.77
CA PHE C 117 -44.86 -36.09 -22.26
C PHE C 117 -44.74 -35.89 -23.78
N PRO C 118 -45.88 -35.73 -24.48
CA PRO C 118 -45.87 -35.88 -25.94
C PRO C 118 -45.05 -34.84 -26.70
N GLU C 119 -44.86 -33.63 -26.17
CA GLU C 119 -44.09 -32.62 -26.87
C GLU C 119 -42.66 -32.49 -26.35
N THR C 120 -42.21 -33.46 -25.54
CA THR C 120 -40.89 -33.36 -24.92
C THR C 120 -39.78 -33.32 -25.97
N PHE C 121 -39.78 -34.29 -26.88
CA PHE C 121 -38.68 -34.41 -27.83
C PHE C 121 -38.50 -33.15 -28.65
N GLU C 122 -39.58 -32.65 -29.27
CA GLU C 122 -39.50 -31.44 -30.08
C GLU C 122 -39.06 -30.25 -29.24
N ARG C 123 -39.71 -30.03 -28.09
CA ARG C 123 -39.41 -28.84 -27.30
C ARG C 123 -37.98 -28.86 -26.78
N VAL C 124 -37.53 -30.02 -26.27
CA VAL C 124 -36.20 -30.09 -25.70
C VAL C 124 -35.14 -29.88 -26.77
N TYR C 125 -35.25 -30.59 -27.91
CA TYR C 125 -34.23 -30.49 -28.94
C TYR C 125 -34.11 -29.05 -29.46
N ASN C 126 -35.22 -28.46 -29.88
CA ASN C 126 -35.20 -27.08 -30.37
C ASN C 126 -34.55 -26.14 -29.36
N PHE C 127 -34.88 -26.34 -28.08
CA PHE C 127 -34.27 -25.52 -27.03
C PHE C 127 -32.77 -25.79 -26.92
N GLY C 128 -32.37 -27.06 -26.98
CA GLY C 128 -30.96 -27.38 -26.88
C GLY C 128 -30.16 -26.98 -28.12
N LYS C 129 -30.79 -27.01 -29.30
CA LYS C 129 -30.09 -26.69 -30.54
C LYS C 129 -29.90 -25.19 -30.68
N GLU C 130 -30.93 -24.40 -30.37
CA GLU C 130 -30.85 -22.96 -30.55
C GLU C 130 -29.82 -22.34 -29.61
N ASN C 131 -29.57 -22.98 -28.47
CA ASN C 131 -28.64 -22.46 -27.48
C ASN C 131 -27.37 -23.28 -27.36
N ASN C 132 -27.17 -24.29 -28.22
CA ASN C 132 -25.96 -25.09 -28.26
C ASN C 132 -25.62 -25.66 -26.88
N LEU C 133 -26.59 -26.39 -26.32
CA LEU C 133 -26.49 -26.88 -24.96
C LEU C 133 -25.95 -28.30 -24.94
N ASP C 134 -25.04 -28.55 -23.99
CA ASP C 134 -24.55 -29.90 -23.76
C ASP C 134 -25.49 -30.71 -22.87
N VAL C 135 -26.25 -30.03 -22.01
CA VAL C 135 -27.21 -30.67 -21.12
C VAL C 135 -28.48 -29.83 -21.13
N VAL C 136 -29.61 -30.46 -21.40
CA VAL C 136 -30.91 -29.83 -21.21
C VAL C 136 -31.53 -30.45 -19.96
N SER C 137 -31.73 -29.64 -18.94
CA SER C 137 -32.39 -30.06 -17.70
C SER C 137 -33.85 -29.63 -17.83
N GLY C 138 -34.70 -30.56 -18.27
CA GLY C 138 -36.10 -30.26 -18.47
C GLY C 138 -36.91 -30.53 -17.22
N LYS C 139 -38.00 -29.78 -17.07
CA LYS C 139 -38.88 -29.94 -15.93
C LYS C 139 -39.22 -31.40 -15.75
N GLU C 140 -39.01 -31.91 -14.54
CA GLU C 140 -39.30 -33.30 -14.22
C GLU C 140 -40.45 -33.35 -13.23
N VAL C 141 -41.31 -34.35 -13.40
CA VAL C 141 -42.51 -34.54 -12.59
C VAL C 141 -42.37 -35.83 -11.82
N ARG C 142 -42.80 -35.81 -10.56
CA ARG C 142 -42.88 -37.00 -9.72
C ARG C 142 -44.30 -37.20 -9.24
N THR C 143 -44.61 -38.44 -8.86
CA THR C 143 -45.96 -38.79 -8.45
C THR C 143 -46.38 -38.01 -7.20
N ASN C 144 -45.53 -38.00 -6.19
CA ASN C 144 -45.86 -37.43 -4.89
C ASN C 144 -45.19 -36.07 -4.69
N GLY C 145 -45.80 -35.28 -3.82
CA GLY C 145 -45.25 -34.00 -3.42
C GLY C 145 -45.89 -32.83 -4.14
N TRP C 146 -45.81 -31.67 -3.51
CA TRP C 146 -46.37 -30.44 -4.07
C TRP C 146 -45.39 -29.70 -4.97
N SER C 147 -44.14 -30.17 -5.07
CA SER C 147 -43.16 -29.53 -5.92
C SER C 147 -42.07 -30.54 -6.27
N TRP C 148 -41.31 -30.21 -7.30
CA TRP C 148 -40.07 -30.92 -7.61
C TRP C 148 -39.20 -29.95 -8.39
N GLY C 149 -37.99 -29.69 -7.90
CA GLY C 149 -37.16 -28.68 -8.52
C GLY C 149 -37.82 -27.31 -8.52
N TRP C 150 -38.47 -26.95 -7.41
CA TRP C 150 -39.17 -25.67 -7.31
C TRP C 150 -38.24 -24.51 -7.66
N LYS C 151 -37.06 -24.48 -7.06
CA LYS C 151 -36.12 -23.37 -7.29
C LYS C 151 -35.57 -23.39 -8.71
N GLN C 152 -35.23 -24.58 -9.23
CA GLN C 152 -34.56 -24.63 -10.53
C GLN C 152 -35.55 -24.55 -11.69
N PHE C 153 -36.68 -25.24 -11.61
CA PHE C 153 -37.66 -25.25 -12.70
C PHE C 153 -38.63 -24.09 -12.64
N SER C 154 -38.14 -22.89 -12.30
CA SER C 154 -39.03 -21.73 -12.19
C SER C 154 -39.20 -21.02 -13.52
N GLU C 155 -38.10 -20.86 -14.27
CA GLU C 155 -38.14 -20.17 -15.55
C GLU C 155 -37.11 -20.80 -16.48
N ASN C 156 -37.34 -20.63 -17.78
CA ASN C 156 -36.36 -21.10 -18.75
C ASN C 156 -35.07 -20.30 -18.63
N ASN C 157 -33.95 -20.99 -18.81
CA ASN C 157 -32.63 -20.37 -18.68
C ASN C 157 -31.68 -21.08 -19.62
N PRO C 158 -31.40 -20.49 -20.79
CA PRO C 158 -30.45 -21.12 -21.72
C PRO C 158 -28.99 -20.92 -21.34
N HIS C 159 -28.71 -20.15 -20.30
CA HIS C 159 -27.34 -19.95 -19.83
C HIS C 159 -27.26 -20.33 -18.35
N ALA C 160 -27.81 -21.50 -18.02
CA ALA C 160 -27.93 -21.91 -16.62
C ALA C 160 -26.58 -22.15 -15.97
N GLU C 161 -25.59 -22.64 -16.73
CA GLU C 161 -24.28 -22.94 -16.14
C GLU C 161 -23.62 -21.70 -15.57
N GLU C 162 -24.11 -20.51 -15.92
CA GLU C 162 -23.56 -19.28 -15.36
C GLU C 162 -23.86 -19.13 -13.88
N MET C 163 -24.86 -19.84 -13.36
CA MET C 163 -25.20 -19.80 -11.95
C MET C 163 -24.44 -20.83 -11.12
N GLY C 164 -23.58 -21.63 -11.74
CA GLY C 164 -22.83 -22.65 -11.02
C GLY C 164 -23.50 -24.01 -11.13
N ILE C 165 -22.90 -24.97 -10.43
CA ILE C 165 -23.34 -26.35 -10.52
C ILE C 165 -24.76 -26.57 -10.02
N GLU C 166 -25.32 -25.59 -9.28
CA GLU C 166 -26.70 -25.68 -8.82
C GLU C 166 -27.69 -25.83 -9.96
N CYS C 167 -27.33 -25.40 -11.18
CA CYS C 167 -28.25 -25.46 -12.31
C CYS C 167 -28.65 -26.89 -12.67
N LEU C 168 -27.94 -27.90 -12.18
CA LEU C 168 -28.24 -29.27 -12.52
C LEU C 168 -29.10 -29.98 -11.48
N LEU C 169 -29.39 -29.33 -10.35
CA LEU C 169 -30.31 -29.91 -9.38
C LEU C 169 -31.74 -29.82 -9.90
N PRO C 170 -32.59 -30.82 -9.64
CA PRO C 170 -32.28 -32.12 -9.01
C PRO C 170 -31.49 -33.00 -9.96
N MET C 171 -30.42 -33.59 -9.46
CA MET C 171 -29.46 -34.26 -10.32
C MET C 171 -29.87 -35.68 -10.68
N THR C 172 -31.10 -35.86 -11.17
CA THR C 172 -31.50 -37.14 -11.73
C THR C 172 -30.86 -37.31 -13.11
N PRO C 173 -30.81 -38.53 -13.65
CA PRO C 173 -30.29 -38.72 -15.00
C PRO C 173 -31.32 -38.49 -16.09
N HIS C 174 -32.54 -38.09 -15.71
CA HIS C 174 -33.63 -37.92 -16.67
C HIS C 174 -33.55 -36.57 -17.37
N LYS C 175 -32.39 -36.29 -17.97
CA LYS C 175 -32.10 -35.09 -18.73
C LYS C 175 -31.65 -35.49 -20.13
N PHE C 176 -31.50 -34.51 -20.99
CA PHE C 176 -31.00 -34.71 -22.34
C PHE C 176 -29.54 -34.27 -22.42
N TYR C 177 -28.67 -35.21 -22.76
CA TYR C 177 -27.24 -34.98 -22.77
C TYR C 177 -26.71 -35.06 -24.20
N LYS C 178 -25.94 -34.05 -24.60
CA LYS C 178 -25.29 -34.07 -25.91
C LYS C 178 -24.34 -35.28 -25.99
N ARG C 179 -24.65 -36.23 -26.88
CA ARG C 179 -23.92 -37.48 -26.93
C ARG C 179 -22.44 -37.24 -27.19
N GLU C 180 -22.12 -36.39 -28.19
CA GLU C 180 -20.72 -36.08 -28.48
C GLU C 180 -20.02 -35.53 -27.25
N PHE C 181 -20.73 -34.71 -26.45
CA PHE C 181 -20.12 -34.16 -25.25
C PHE C 181 -19.75 -35.26 -24.26
N LEU C 182 -20.68 -36.20 -24.03
CA LEU C 182 -20.41 -37.30 -23.11
C LEU C 182 -19.22 -38.14 -23.58
N LEU C 183 -19.17 -38.44 -24.88
CA LEU C 183 -18.05 -39.22 -25.41
C LEU C 183 -16.75 -38.45 -25.34
N GLU C 184 -16.77 -37.18 -25.73
CA GLU C 184 -15.56 -36.35 -25.78
C GLU C 184 -14.91 -36.21 -24.41
N ASN C 185 -15.68 -36.37 -23.33
CA ASN C 185 -15.15 -36.25 -21.98
C ASN C 185 -15.18 -37.56 -21.21
N ASP C 186 -15.55 -38.66 -21.86
CA ASP C 186 -15.61 -39.98 -21.21
C ASP C 186 -16.45 -39.94 -19.94
N ILE C 187 -17.67 -39.41 -20.07
CA ILE C 187 -18.61 -39.34 -18.96
C ILE C 187 -19.50 -40.57 -19.01
N THR C 188 -19.44 -41.40 -17.97
CA THR C 188 -20.22 -42.63 -17.91
C THR C 188 -20.76 -42.80 -16.50
N PHE C 189 -21.71 -43.73 -16.38
CA PHE C 189 -22.22 -44.09 -15.07
C PHE C 189 -21.31 -45.12 -14.40
N ASP C 190 -21.18 -45.00 -13.08
CA ASP C 190 -20.46 -45.99 -12.29
C ASP C 190 -21.24 -47.30 -12.27
N ASP C 191 -20.61 -48.37 -12.76
CA ASP C 191 -21.21 -49.70 -12.76
C ASP C 191 -20.52 -50.64 -11.77
N GLY C 192 -19.87 -50.09 -10.75
CA GLY C 192 -19.24 -50.91 -9.73
C GLY C 192 -20.24 -51.49 -8.76
N ALA C 193 -19.70 -52.20 -7.78
CA ALA C 193 -20.54 -52.83 -6.77
C ALA C 193 -21.28 -51.78 -5.95
N ARG C 194 -22.59 -52.00 -5.79
CA ARG C 194 -23.50 -51.20 -4.95
C ARG C 194 -23.17 -49.72 -4.95
N VAL C 195 -23.40 -49.03 -6.06
CA VAL C 195 -23.15 -47.60 -6.12
C VAL C 195 -24.43 -46.86 -5.78
N LEU C 196 -24.30 -45.80 -4.99
CA LEU C 196 -25.41 -44.90 -4.70
C LEU C 196 -25.15 -43.55 -5.33
N TRP C 197 -26.24 -42.87 -5.70
CA TRP C 197 -26.17 -41.52 -6.27
C TRP C 197 -25.28 -41.46 -7.51
N GLU C 198 -25.32 -42.52 -8.32
CA GLU C 198 -24.55 -42.51 -9.55
C GLU C 198 -25.00 -41.39 -10.50
N ASP C 199 -26.23 -40.90 -10.36
CA ASP C 199 -26.64 -39.78 -11.20
C ASP C 199 -26.04 -38.47 -10.70
N VAL C 200 -25.77 -38.36 -9.40
CA VAL C 200 -25.04 -37.20 -8.89
C VAL C 200 -23.63 -37.16 -9.44
N TYR C 201 -22.95 -38.31 -9.44
CA TYR C 201 -21.62 -38.38 -10.06
C TYR C 201 -21.68 -37.97 -11.53
N PHE C 202 -22.65 -38.53 -12.26
CA PHE C 202 -22.76 -38.29 -13.70
C PHE C 202 -22.97 -36.82 -14.00
N ASN C 203 -23.92 -36.18 -13.30
CA ASN C 203 -24.19 -34.77 -13.53
C ASN C 203 -23.04 -33.88 -13.05
N SER C 204 -22.44 -34.22 -11.91
CA SER C 204 -21.29 -33.46 -11.44
C SER C 204 -20.16 -33.51 -12.45
N LYS C 205 -19.88 -34.69 -13.00
CA LYS C 205 -18.82 -34.81 -14.00
C LYS C 205 -19.11 -33.96 -15.22
N ALA C 206 -20.37 -33.98 -15.68
CA ALA C 206 -20.74 -33.14 -16.82
C ALA C 206 -20.46 -31.67 -16.54
N PHE C 207 -20.78 -31.19 -15.33
CA PHE C 207 -20.55 -29.77 -15.06
C PHE C 207 -19.06 -29.48 -14.89
N ILE C 208 -18.32 -30.41 -14.28
CA ILE C 208 -16.88 -30.25 -14.11
C ILE C 208 -16.18 -30.11 -15.45
N HIS C 209 -16.70 -30.77 -16.49
CA HIS C 209 -16.11 -30.69 -17.81
C HIS C 209 -16.68 -29.54 -18.64
N GLY C 210 -17.28 -28.55 -17.99
CA GLY C 210 -17.66 -27.32 -18.66
C GLY C 210 -18.90 -27.42 -19.53
N ALA C 211 -19.88 -28.23 -19.14
CA ALA C 211 -21.09 -28.35 -19.94
C ALA C 211 -21.87 -27.04 -19.93
N LYS C 212 -22.33 -26.62 -21.10
CA LYS C 212 -23.31 -25.54 -21.19
C LYS C 212 -24.67 -26.14 -20.88
N VAL C 213 -25.30 -25.63 -19.82
CA VAL C 213 -26.55 -26.19 -19.31
C VAL C 213 -27.69 -25.22 -19.64
N GLY C 214 -28.80 -25.78 -20.09
CA GLY C 214 -30.04 -25.03 -20.21
C GLY C 214 -31.13 -25.70 -19.39
N ILE C 215 -31.99 -24.89 -18.79
CA ILE C 215 -33.10 -25.37 -17.97
C ILE C 215 -34.40 -25.07 -18.70
N LEU C 216 -35.15 -26.10 -19.03
CA LEU C 216 -36.43 -25.96 -19.75
C LEU C 216 -37.56 -26.21 -18.75
N ALA C 217 -38.19 -25.12 -18.29
CA ALA C 217 -39.11 -25.18 -17.16
C ALA C 217 -40.57 -24.97 -17.54
N ASP C 218 -40.87 -24.53 -18.76
CA ASP C 218 -42.24 -24.15 -19.13
C ASP C 218 -43.07 -25.32 -19.64
N TYR C 219 -42.53 -26.54 -19.64
CA TYR C 219 -43.25 -27.71 -20.12
C TYR C 219 -42.73 -28.95 -19.40
N PRO C 220 -43.61 -29.78 -18.84
CA PRO C 220 -43.15 -31.00 -18.15
C PRO C 220 -42.61 -32.01 -19.15
N THR C 221 -41.35 -32.40 -18.98
CA THR C 221 -40.70 -33.25 -19.96
C THR C 221 -40.71 -34.72 -19.58
N TYR C 222 -40.53 -35.03 -18.30
CA TYR C 222 -40.28 -36.39 -17.84
C TYR C 222 -41.13 -36.68 -16.62
N TYR C 223 -41.84 -37.80 -16.62
CA TYR C 223 -42.62 -38.25 -15.47
C TYR C 223 -41.87 -39.38 -14.79
N TRP C 224 -41.33 -39.09 -13.61
CA TRP C 224 -40.65 -40.08 -12.76
C TRP C 224 -41.70 -40.70 -11.85
N ILE C 225 -42.09 -41.96 -12.15
CA ILE C 225 -43.26 -42.59 -11.55
C ILE C 225 -42.86 -43.35 -10.29
N ALA C 226 -43.58 -43.11 -9.19
CA ALA C 226 -43.38 -43.87 -7.96
C ALA C 226 -44.02 -45.25 -8.12
N THR C 227 -43.24 -46.30 -7.87
CA THR C 227 -43.68 -47.67 -8.10
C THR C 227 -43.37 -48.55 -6.91
N GLY C 228 -44.39 -49.24 -6.40
CA GLY C 228 -44.25 -50.29 -5.40
C GLY C 228 -43.25 -50.04 -4.28
N ALA C 229 -43.37 -48.87 -3.65
CA ALA C 229 -42.47 -48.44 -2.58
C ALA C 229 -41.01 -48.51 -3.03
N ASN C 230 -40.67 -47.60 -3.94
CA ASN C 230 -39.33 -47.51 -4.52
C ASN C 230 -38.24 -47.35 -3.46
N ARG C 237 -29.82 -49.01 2.99
CA ARG C 237 -30.57 -49.24 4.22
C ARG C 237 -29.66 -49.55 5.40
N ASP C 238 -28.61 -50.33 5.14
CA ASP C 238 -27.65 -50.65 6.19
C ASP C 238 -26.89 -49.40 6.61
N PRO C 239 -26.88 -49.05 7.90
CA PRO C 239 -26.24 -47.79 8.31
C PRO C 239 -24.76 -47.72 7.97
N HIS C 240 -24.05 -48.84 8.10
CA HIS C 240 -22.62 -48.84 7.77
C HIS C 240 -22.40 -48.64 6.28
N GLU C 241 -23.19 -49.33 5.45
CA GLU C 241 -23.10 -49.14 4.01
C GLU C 241 -23.58 -47.75 3.60
N LYS C 242 -24.58 -47.22 4.28
CA LYS C 242 -25.08 -45.88 3.94
C LYS C 242 -24.00 -44.83 4.12
N TRP C 243 -23.34 -44.82 5.28
CA TRP C 243 -22.33 -43.81 5.55
C TRP C 243 -21.02 -44.07 4.82
N ASN C 244 -20.77 -45.30 4.38
CA ASN C 244 -19.66 -45.54 3.48
C ASN C 244 -19.90 -44.86 2.14
N GLN C 245 -21.14 -44.91 1.65
CA GLN C 245 -21.47 -44.24 0.40
C GLN C 245 -21.44 -42.72 0.56
N ILE C 246 -21.85 -42.21 1.72
CA ILE C 246 -21.81 -40.77 1.96
C ILE C 246 -20.37 -40.29 2.05
N ASN C 247 -19.50 -41.07 2.68
CA ASN C 247 -18.07 -40.75 2.64
C ASN C 247 -17.56 -40.77 1.21
N LYS C 248 -18.01 -41.74 0.40
CA LYS C 248 -17.58 -41.80 -1.00
C LYS C 248 -18.06 -40.59 -1.78
N LEU C 249 -19.27 -40.11 -1.52
CA LEU C 249 -19.80 -38.96 -2.25
C LEU C 249 -19.01 -37.71 -1.92
N PHE C 250 -18.80 -37.43 -0.62
CA PHE C 250 -18.09 -36.22 -0.24
C PHE C 250 -16.64 -36.26 -0.71
N ASN C 251 -16.00 -37.44 -0.65
CA ASN C 251 -14.64 -37.55 -1.17
C ASN C 251 -14.60 -37.28 -2.67
N PHE C 252 -15.63 -37.75 -3.40
CA PHE C 252 -15.75 -37.43 -4.83
C PHE C 252 -15.79 -35.93 -5.05
N PHE C 253 -16.59 -35.21 -4.26
CA PHE C 253 -16.65 -33.75 -4.37
C PHE C 253 -15.27 -33.14 -4.17
N LYS C 254 -14.58 -33.53 -3.09
CA LYS C 254 -13.30 -32.91 -2.75
C LYS C 254 -12.20 -33.29 -3.74
N ASP C 255 -12.34 -34.43 -4.42
CA ASP C 255 -11.30 -34.89 -5.32
C ASP C 255 -11.50 -34.43 -6.76
N ASN C 256 -12.71 -34.09 -7.17
CA ASN C 256 -12.99 -33.83 -8.58
C ASN C 256 -13.46 -32.42 -8.89
N ILE C 257 -14.13 -31.75 -7.97
CA ILE C 257 -14.64 -30.40 -8.24
C ILE C 257 -13.51 -29.40 -8.00
N LYS C 258 -13.13 -28.69 -9.06
CA LYS C 258 -12.02 -27.75 -9.02
C LYS C 258 -12.44 -26.32 -8.74
N GLU C 259 -13.62 -25.91 -9.23
CA GLU C 259 -14.14 -24.58 -8.92
C GLU C 259 -14.59 -24.52 -7.46
N GLN C 260 -13.95 -23.66 -6.66
CA GLN C 260 -14.25 -23.60 -5.24
C GLN C 260 -15.71 -23.26 -4.98
N ARG C 261 -16.32 -22.41 -5.82
CA ARG C 261 -17.73 -22.09 -5.65
C ARG C 261 -18.59 -23.34 -5.74
N ASP C 262 -18.36 -24.15 -6.76
CA ASP C 262 -19.19 -25.35 -6.92
C ASP C 262 -18.87 -26.37 -5.84
N LEU C 263 -17.59 -26.47 -5.43
CA LEU C 263 -17.23 -27.37 -4.35
C LEU C 263 -17.95 -26.97 -3.05
N ASP C 264 -17.89 -25.68 -2.69
CA ASP C 264 -18.56 -25.22 -1.48
C ASP C 264 -20.07 -25.48 -1.55
N PHE C 265 -20.67 -25.27 -2.72
CA PHE C 265 -22.12 -25.50 -2.85
C PHE C 265 -22.45 -26.98 -2.62
N MET C 266 -21.75 -27.88 -3.32
CA MET C 266 -22.04 -29.30 -3.17
C MET C 266 -21.74 -29.78 -1.75
N LEU C 267 -20.64 -29.31 -1.16
CA LEU C 267 -20.37 -29.65 0.23
C LEU C 267 -21.50 -29.17 1.13
N THR C 268 -21.88 -27.89 1.00
CA THR C 268 -22.94 -27.34 1.85
C THR C 268 -24.27 -28.06 1.63
N HIS C 269 -24.66 -28.23 0.36
CA HIS C 269 -25.97 -28.80 0.06
C HIS C 269 -26.12 -30.21 0.59
N TRP C 270 -25.10 -31.05 0.40
CA TRP C 270 -25.18 -32.43 0.84
C TRP C 270 -24.90 -32.58 2.33
N TYR C 271 -24.07 -31.71 2.89
CA TYR C 271 -23.92 -31.70 4.35
C TYR C 271 -25.24 -31.35 5.02
N ARG C 272 -25.93 -30.32 4.50
CA ARG C 272 -27.20 -29.91 5.10
C ARG C 272 -28.25 -31.01 5.01
N SER C 273 -28.41 -31.62 3.83
CA SER C 273 -29.50 -32.56 3.63
C SER C 273 -29.20 -33.96 4.14
N ARG C 274 -27.96 -34.45 4.03
CA ARG C 274 -27.70 -35.84 4.36
C ARG C 274 -27.03 -36.04 5.72
N VAL C 275 -26.31 -35.04 6.23
CA VAL C 275 -25.61 -35.20 7.51
C VAL C 275 -26.40 -34.49 8.60
N LEU C 276 -26.54 -33.17 8.49
CA LEU C 276 -27.41 -32.46 9.42
C LEU C 276 -28.86 -32.92 9.29
N GLY C 277 -29.24 -33.46 8.13
CA GLY C 277 -30.58 -33.95 7.88
C GLY C 277 -31.02 -35.09 8.77
N ILE C 278 -30.10 -35.74 9.49
CA ILE C 278 -30.49 -36.78 10.46
C ILE C 278 -30.56 -36.24 11.89
N LEU C 279 -30.35 -34.94 12.09
CA LEU C 279 -30.26 -34.36 13.42
C LEU C 279 -31.53 -33.67 13.86
N GLY C 280 -32.58 -33.72 13.05
CA GLY C 280 -33.86 -33.15 13.44
C GLY C 280 -34.86 -34.24 13.71
N GLN C 281 -35.98 -34.22 12.96
CA GLN C 281 -37.07 -35.15 13.22
C GLN C 281 -36.68 -36.60 13.03
N TRP C 282 -35.61 -36.87 12.27
CA TRP C 282 -35.09 -38.23 12.14
C TRP C 282 -34.80 -38.86 13.50
N LEU C 283 -34.28 -38.07 14.44
CA LEU C 283 -33.97 -38.60 15.77
C LEU C 283 -35.21 -39.07 16.52
N LEU C 284 -36.39 -38.57 16.18
CA LEU C 284 -37.62 -38.99 16.82
C LEU C 284 -38.26 -40.21 16.17
N LYS C 285 -37.70 -40.71 15.07
CA LYS C 285 -38.30 -41.83 14.37
C LYS C 285 -37.41 -43.07 14.33
N ASN C 286 -36.33 -43.11 15.12
CA ASN C 286 -35.36 -44.20 15.04
C ASN C 286 -34.94 -44.63 16.43
N ASN C 287 -34.55 -45.90 16.53
CA ASN C 287 -34.16 -46.46 17.81
C ASN C 287 -32.77 -45.98 18.20
N ASN C 288 -32.45 -46.11 19.49
CA ASN C 288 -31.20 -45.58 20.01
C ASN C 288 -29.99 -46.25 19.39
N GLU C 289 -30.07 -47.55 19.10
CA GLU C 289 -28.96 -48.26 18.49
C GLU C 289 -28.60 -47.66 17.14
N ARG C 290 -29.60 -47.46 16.29
CA ARG C 290 -29.34 -46.89 14.96
C ARG C 290 -28.89 -45.44 15.06
N ILE C 291 -29.49 -44.68 15.98
CA ILE C 291 -29.12 -43.26 16.13
C ILE C 291 -27.64 -43.13 16.49
N ASP C 292 -27.18 -43.94 17.43
CA ASP C 292 -25.79 -43.83 17.89
C ASP C 292 -24.81 -44.18 16.77
N ILE C 293 -25.14 -45.17 15.96
CA ILE C 293 -24.26 -45.54 14.84
C ILE C 293 -24.16 -44.39 13.84
N GLU C 294 -25.31 -43.86 13.40
CA GLU C 294 -25.29 -42.83 12.36
C GLU C 294 -24.82 -41.48 12.89
N PHE C 295 -25.12 -41.16 14.16
CA PHE C 295 -24.61 -39.92 14.74
C PHE C 295 -23.09 -39.93 14.78
N ASN C 296 -22.50 -41.05 15.20
CA ASN C 296 -21.04 -41.14 15.25
C ASN C 296 -20.44 -41.08 13.84
N TYR C 297 -21.08 -41.76 12.88
CA TYR C 297 -20.65 -41.62 11.49
C TYR C 297 -20.75 -40.17 11.03
N ALA C 298 -21.85 -39.49 11.38
CA ALA C 298 -22.02 -38.10 10.97
C ALA C 298 -20.98 -37.20 11.62
N LYS C 299 -20.74 -37.40 12.92
CA LYS C 299 -19.72 -36.60 13.63
C LYS C 299 -18.33 -36.84 13.05
N LYS C 300 -17.99 -38.11 12.77
CA LYS C 300 -16.68 -38.39 12.19
C LYS C 300 -16.56 -37.82 10.78
N LEU C 301 -17.68 -37.79 10.04
CA LEU C 301 -17.63 -37.25 8.68
C LEU C 301 -17.53 -35.73 8.70
N ALA C 302 -18.25 -35.07 9.60
CA ALA C 302 -18.14 -33.62 9.74
C ALA C 302 -16.73 -33.21 10.14
N GLU C 303 -16.10 -33.99 11.04
CA GLU C 303 -14.77 -33.64 11.52
C GLU C 303 -13.73 -33.80 10.43
N GLU C 304 -13.82 -34.89 9.66
CA GLU C 304 -12.76 -35.21 8.70
C GLU C 304 -12.93 -34.45 7.39
N LEU C 305 -14.14 -34.42 6.84
CA LEU C 305 -14.34 -34.02 5.45
C LEU C 305 -14.94 -32.63 5.26
N ILE C 306 -15.72 -32.13 6.21
CA ILE C 306 -16.46 -30.88 6.04
C ILE C 306 -15.70 -29.80 6.81
N PRO C 307 -15.12 -28.80 6.13
CA PRO C 307 -14.42 -27.73 6.84
C PRO C 307 -15.38 -26.83 7.61
N ALA C 308 -14.81 -26.07 8.55
CA ALA C 308 -15.61 -25.29 9.48
C ALA C 308 -16.33 -24.13 8.80
N TYR C 309 -15.75 -23.56 7.75
CA TYR C 309 -16.38 -22.43 7.08
C TYR C 309 -17.69 -22.80 6.43
N ILE C 310 -17.93 -24.10 6.19
CA ILE C 310 -19.18 -24.51 5.53
C ILE C 310 -20.38 -24.15 6.40
N SER C 311 -20.22 -24.23 7.72
CA SER C 311 -21.31 -23.89 8.64
C SER C 311 -21.77 -22.46 8.48
N GLU C 312 -20.87 -21.56 8.06
CA GLU C 312 -21.23 -20.17 7.86
C GLU C 312 -22.18 -19.97 6.68
N ASN C 313 -22.30 -20.96 5.80
CA ASN C 313 -23.25 -20.90 4.69
C ASN C 313 -24.65 -21.35 5.10
N LEU C 314 -24.89 -21.63 6.37
CA LEU C 314 -26.10 -22.30 6.81
C LEU C 314 -27.00 -21.36 7.61
N ASP C 315 -28.28 -21.71 7.63
CA ASP C 315 -29.25 -20.98 8.44
C ASP C 315 -29.01 -21.27 9.93
N LYS C 316 -29.61 -20.42 10.77
CA LYS C 316 -29.35 -20.49 12.21
C LYS C 316 -29.57 -21.89 12.76
N ASN C 317 -30.74 -22.47 12.48
CA ASN C 317 -31.09 -23.77 13.03
C ASN C 317 -30.10 -24.85 12.60
N ASN C 318 -29.59 -24.76 11.36
CA ASN C 318 -28.61 -25.72 10.90
C ASN C 318 -27.23 -25.47 11.50
N GLN C 319 -26.88 -24.20 11.75
CA GLN C 319 -25.65 -23.92 12.47
C GLN C 319 -25.70 -24.51 13.88
N VAL C 320 -26.88 -24.49 14.51
CA VAL C 320 -27.04 -25.14 15.80
C VAL C 320 -26.75 -26.63 15.70
N LYS C 321 -27.25 -27.27 14.65
CA LYS C 321 -27.06 -28.71 14.48
C LYS C 321 -25.59 -29.05 14.21
N ASP C 322 -24.92 -28.24 13.39
CA ASP C 322 -23.50 -28.50 13.13
C ASP C 322 -22.67 -28.30 14.40
N TYR C 323 -22.94 -27.22 15.14
CA TYR C 323 -22.19 -26.97 16.37
C TYR C 323 -22.37 -28.11 17.36
N LEU C 324 -23.61 -28.52 17.61
CA LEU C 324 -23.84 -29.59 18.58
C LEU C 324 -23.29 -30.92 18.09
N LEU C 325 -23.36 -31.18 16.78
CA LEU C 325 -22.76 -32.40 16.24
C LEU C 325 -21.27 -32.45 16.56
N ARG C 326 -20.53 -31.40 16.23
CA ARG C 326 -19.09 -31.40 16.49
C ARG C 326 -18.79 -31.44 17.98
N GLN C 327 -19.73 -30.98 18.81
CA GLN C 327 -19.61 -31.14 20.26
C GLN C 327 -19.95 -32.56 20.71
N GLY C 328 -20.54 -33.39 19.85
CA GLY C 328 -20.98 -34.69 20.26
C GLY C 328 -22.17 -34.68 21.20
N ASP C 329 -22.93 -33.56 21.22
CA ASP C 329 -24.03 -33.37 22.16
C ASP C 329 -25.32 -33.92 21.54
N LEU C 330 -25.41 -35.25 21.51
CA LEU C 330 -26.61 -35.91 20.99
C LEU C 330 -27.83 -35.65 21.87
N ASP C 331 -27.61 -35.40 23.16
CA ASP C 331 -28.74 -35.17 24.06
C ASP C 331 -29.43 -33.84 23.76
N SER C 332 -28.65 -32.78 23.52
CA SER C 332 -29.26 -31.50 23.16
C SER C 332 -29.98 -31.57 21.82
N LEU C 333 -29.42 -32.32 20.87
CA LEU C 333 -30.08 -32.48 19.58
C LEU C 333 -31.42 -33.20 19.73
N LYS C 334 -31.47 -34.22 20.58
CA LYS C 334 -32.73 -34.93 20.80
C LYS C 334 -33.77 -34.03 21.46
N LYS C 335 -33.33 -33.18 22.40
CA LYS C 335 -34.24 -32.22 23.01
C LYS C 335 -34.69 -31.17 22.01
N LEU C 336 -33.78 -30.71 21.14
CA LEU C 336 -34.15 -29.71 20.14
C LEU C 336 -35.13 -30.27 19.13
N ALA C 337 -34.94 -31.52 18.70
CA ALA C 337 -35.89 -32.13 17.78
C ALA C 337 -37.28 -32.22 18.42
N GLN C 338 -37.33 -32.55 19.71
CA GLN C 338 -38.61 -32.57 20.41
C GLN C 338 -39.25 -31.18 20.42
N ILE C 339 -38.44 -30.13 20.57
CA ILE C 339 -38.95 -28.77 20.61
C ILE C 339 -39.46 -28.33 19.24
N ASP C 340 -38.76 -28.73 18.17
CA ASP C 340 -39.13 -28.32 16.81
C ASP C 340 -40.24 -29.17 16.20
N ALA C 341 -40.61 -30.28 16.82
CA ALA C 341 -41.56 -31.20 16.20
C ALA C 341 -42.90 -30.53 15.93
N GLY C 342 -43.35 -30.59 14.68
CA GLY C 342 -44.66 -30.13 14.30
C GLY C 342 -44.76 -28.70 13.82
N ILE C 343 -43.64 -27.95 13.83
CA ILE C 343 -43.67 -26.58 13.34
C ILE C 343 -44.11 -26.58 11.89
N THR C 344 -45.11 -25.78 11.57
CA THR C 344 -45.70 -25.81 10.24
C THR C 344 -46.42 -24.50 9.98
N ALA C 345 -46.95 -24.37 8.77
CA ALA C 345 -47.72 -23.20 8.37
C ALA C 345 -48.79 -23.70 7.40
N LEU C 346 -50.02 -23.77 7.89
CA LEU C 346 -51.16 -24.18 7.07
C LEU C 346 -51.94 -22.94 6.66
N SER C 347 -52.35 -22.91 5.39
CA SER C 347 -53.10 -21.79 4.86
C SER C 347 -54.59 -22.09 4.88
N TYR C 348 -55.39 -21.07 5.20
CA TYR C 348 -56.84 -21.16 5.21
C TYR C 348 -57.42 -20.29 4.10
N VAL C 349 -58.49 -20.78 3.46
CA VAL C 349 -59.23 -19.96 2.51
C VAL C 349 -60.02 -18.91 3.29
N GLU C 350 -59.72 -17.63 3.03
CA GLU C 350 -60.49 -16.53 3.60
C GLU C 350 -61.53 -16.00 2.62
N ASP C 351 -61.34 -16.22 1.32
CA ASP C 351 -62.33 -15.87 0.31
C ASP C 351 -61.97 -16.59 -0.97
N ALA C 352 -62.98 -17.06 -1.68
CA ALA C 352 -62.78 -17.71 -2.98
C ALA C 352 -64.00 -17.44 -3.85
N TYR C 353 -63.76 -16.97 -5.08
CA TYR C 353 -64.85 -16.58 -5.97
C TYR C 353 -64.32 -16.46 -7.39
N PHE C 354 -65.23 -16.62 -8.35
CA PHE C 354 -64.91 -16.41 -9.76
C PHE C 354 -65.16 -14.95 -10.15
N LYS C 355 -64.38 -14.47 -11.11
CA LYS C 355 -64.59 -13.15 -11.69
C LYS C 355 -63.95 -13.14 -13.07
N GLU C 356 -64.66 -12.58 -14.06
CA GLU C 356 -64.24 -12.68 -15.45
C GLU C 356 -64.00 -14.14 -15.81
N ASP C 357 -62.79 -14.46 -16.26
CA ASP C 357 -62.45 -15.84 -16.64
C ASP C 357 -61.48 -16.48 -15.65
N LYS C 358 -61.48 -16.04 -14.40
CA LYS C 358 -60.49 -16.53 -13.44
C LYS C 358 -61.12 -16.79 -12.08
N LEU C 359 -60.45 -17.62 -11.30
CA LEU C 359 -60.81 -17.94 -9.93
C LEU C 359 -59.87 -17.21 -8.98
N PHE C 360 -60.44 -16.46 -8.04
CA PHE C 360 -59.68 -15.63 -7.12
C PHE C 360 -59.66 -16.23 -5.72
N PHE C 361 -58.52 -16.06 -5.05
CA PHE C 361 -58.29 -16.61 -3.72
C PHE C 361 -57.71 -15.55 -2.80
N LYS C 362 -58.22 -15.50 -1.58
CA LYS C 362 -57.59 -14.81 -0.46
C LYS C 362 -57.31 -15.85 0.61
N THR C 363 -56.06 -15.95 1.03
CA THR C 363 -55.67 -16.92 2.05
C THR C 363 -54.90 -16.23 3.16
N SER C 364 -54.88 -16.89 4.32
CA SER C 364 -54.11 -16.45 5.47
C SER C 364 -53.36 -17.64 6.05
N THR C 365 -52.30 -17.36 6.77
CA THR C 365 -51.54 -18.41 7.44
C THR C 365 -50.79 -17.82 8.63
N LYS C 366 -50.38 -18.71 9.53
CA LYS C 366 -49.42 -18.35 10.56
C LYS C 366 -48.65 -19.60 10.94
N MET C 367 -47.46 -19.40 11.51
CA MET C 367 -46.68 -20.54 11.96
C MET C 367 -47.27 -21.08 13.25
N THR C 368 -47.42 -22.40 13.31
CA THR C 368 -48.03 -23.07 14.44
C THR C 368 -47.31 -24.38 14.69
N TYR C 369 -47.69 -25.03 15.77
CA TYR C 369 -47.39 -26.44 15.99
C TYR C 369 -48.61 -27.23 15.52
N GLU C 370 -48.44 -28.00 14.44
CA GLU C 370 -49.47 -28.90 13.91
C GLU C 370 -50.82 -28.20 13.76
N ASP C 371 -50.78 -26.97 13.22
N ASP C 371 -50.78 -26.96 13.27
CA ASP C 371 -51.98 -26.15 13.00
CA ASP C 371 -51.99 -26.18 12.99
C ASP C 371 -52.83 -26.02 14.26
C ASP C 371 -52.83 -25.98 14.25
N LYS C 372 -52.16 -25.83 15.40
CA LYS C 372 -52.85 -25.60 16.66
C LYS C 372 -52.32 -24.29 17.22
N GLU C 373 -51.75 -24.28 18.43
CA GLU C 373 -51.30 -23.04 19.04
C GLU C 373 -50.19 -22.40 18.20
N ASP C 374 -50.01 -21.09 18.38
CA ASP C 374 -49.05 -20.32 17.61
C ASP C 374 -47.61 -20.76 17.89
N PHE C 375 -46.78 -20.65 16.87
CA PHE C 375 -45.35 -20.66 17.04
C PHE C 375 -44.89 -19.26 17.43
N PHE C 376 -44.01 -19.16 18.44
CA PHE C 376 -43.54 -17.88 18.94
C PHE C 376 -42.02 -17.78 18.87
N ILE C 377 -41.53 -16.59 18.57
CA ILE C 377 -40.17 -16.19 18.90
C ILE C 377 -40.27 -15.07 19.92
N GLU C 378 -39.18 -14.84 20.65
CA GLU C 378 -39.20 -14.02 21.85
C GLU C 378 -38.18 -12.91 21.76
N LYS C 379 -38.61 -11.69 22.05
CA LYS C 379 -37.73 -10.52 22.00
C LYS C 379 -37.11 -10.30 23.38
N THR C 380 -35.78 -10.39 23.43
CA THR C 380 -35.02 -10.01 24.62
C THR C 380 -34.05 -8.92 24.21
N ALA C 381 -34.17 -7.76 24.87
CA ALA C 381 -33.41 -6.58 24.51
C ALA C 381 -33.68 -6.19 23.06
N ASP C 382 -32.66 -6.31 22.22
CA ASP C 382 -32.72 -5.95 20.82
C ASP C 382 -32.78 -7.16 19.90
N ARG C 383 -32.94 -8.36 20.47
CA ARG C 383 -32.77 -9.59 19.72
C ARG C 383 -34.08 -10.39 19.71
N MET C 384 -34.43 -10.90 18.54
CA MET C 384 -35.57 -11.80 18.36
C MET C 384 -35.03 -13.22 18.40
N GLU C 385 -35.22 -13.90 19.51
CA GLU C 385 -34.55 -15.16 19.75
C GLU C 385 -35.48 -16.35 19.58
N ARG C 386 -34.88 -17.47 19.19
CA ARG C 386 -35.53 -18.76 19.28
C ARG C 386 -35.83 -19.07 20.75
N ILE C 387 -37.06 -19.52 21.02
CA ILE C 387 -37.45 -19.88 22.37
C ILE C 387 -36.86 -21.25 22.69
N LEU C 388 -35.95 -21.29 23.65
CA LEU C 388 -35.17 -22.48 24.00
C LEU C 388 -34.97 -22.52 25.52
N PRO C 389 -34.92 -23.71 26.11
CA PRO C 389 -34.60 -23.81 27.53
C PRO C 389 -33.20 -23.27 27.81
N GLU C 390 -33.04 -22.70 29.01
CA GLU C 390 -31.79 -22.03 29.34
C GLU C 390 -30.60 -22.98 29.27
N GLU C 391 -30.80 -24.26 29.62
CA GLU C 391 -29.70 -25.22 29.56
C GLU C 391 -29.16 -25.36 28.14
N ILE C 392 -30.05 -25.35 27.15
CA ILE C 392 -29.61 -25.42 25.75
C ILE C 392 -28.95 -24.12 25.34
N LYS C 393 -29.55 -22.97 25.70
CA LYS C 393 -29.04 -21.67 25.25
C LYS C 393 -27.60 -21.43 25.71
N SER C 394 -27.27 -21.86 26.92
CA SER C 394 -25.93 -21.60 27.44
C SER C 394 -24.87 -22.42 26.72
N LYS C 395 -25.25 -23.58 26.15
CA LYS C 395 -24.33 -24.45 25.44
C LYS C 395 -24.05 -23.97 24.01
N LEU C 396 -24.73 -22.92 23.55
CA LEU C 396 -24.68 -22.52 22.15
C LEU C 396 -24.10 -21.12 22.02
N PRO C 397 -23.44 -20.81 20.90
CA PRO C 397 -23.09 -19.41 20.63
C PRO C 397 -24.35 -18.58 20.52
N LYS C 398 -24.32 -17.38 21.12
CA LYS C 398 -25.51 -16.55 21.21
C LYS C 398 -26.06 -16.19 19.84
N GLU C 399 -25.21 -16.13 18.83
CA GLU C 399 -25.65 -15.73 17.50
C GLU C 399 -26.54 -16.78 16.84
N PHE C 400 -26.42 -18.05 17.28
CA PHE C 400 -27.08 -19.12 16.54
C PHE C 400 -28.55 -19.25 16.89
N PHE C 401 -29.03 -18.63 17.96
CA PHE C 401 -30.45 -18.65 18.28
C PHE C 401 -31.06 -17.24 18.23
N ASP C 402 -30.41 -16.34 17.50
CA ASP C 402 -30.86 -14.96 17.33
C ASP C 402 -31.37 -14.82 15.90
N TYR C 403 -32.70 -14.79 15.74
CA TYR C 403 -33.33 -14.70 14.44
C TYR C 403 -33.42 -13.27 13.91
N SER C 404 -32.78 -12.30 14.56
CA SER C 404 -32.98 -10.89 14.23
C SER C 404 -32.69 -10.61 12.77
N ASP C 405 -31.60 -11.17 12.23
CA ASP C 405 -31.19 -10.87 10.86
C ASP C 405 -32.05 -11.55 9.80
N ASP C 406 -32.87 -12.53 10.16
CA ASP C 406 -33.59 -13.32 9.18
C ASP C 406 -35.08 -13.00 9.14
N LEU C 407 -35.50 -11.89 9.72
CA LEU C 407 -36.93 -11.57 9.84
C LEU C 407 -37.52 -10.94 8.58
N ALA C 408 -36.71 -10.65 7.56
CA ALA C 408 -37.21 -10.08 6.33
C ALA C 408 -37.09 -11.05 5.15
N GLU C 409 -36.99 -12.36 5.43
CA GLU C 409 -36.74 -13.36 4.40
C GLU C 409 -37.89 -14.34 4.25
N PHE C 410 -39.09 -13.99 4.71
CA PHE C 410 -40.23 -14.88 4.59
C PHE C 410 -40.76 -14.87 3.16
N THR C 411 -41.14 -16.05 2.68
CA THR C 411 -41.84 -16.18 1.41
C THR C 411 -43.17 -16.89 1.63
N TYR C 412 -44.15 -16.54 0.79
CA TYR C 412 -45.49 -17.07 0.89
C TYR C 412 -46.07 -17.04 -0.52
N GLU C 413 -46.29 -18.20 -1.13
CA GLU C 413 -46.65 -18.32 -2.53
C GLU C 413 -47.67 -19.42 -2.73
N PRO C 414 -48.49 -19.33 -3.78
CA PRO C 414 -49.44 -20.42 -4.07
C PRO C 414 -48.91 -21.37 -5.13
N SER C 415 -49.42 -22.59 -5.15
CA SER C 415 -49.04 -23.58 -6.16
C SER C 415 -50.24 -24.44 -6.52
N ILE C 416 -50.09 -25.19 -7.61
CA ILE C 416 -51.16 -26.02 -8.13
C ILE C 416 -50.55 -27.34 -8.60
N LYS C 417 -51.35 -28.41 -8.51
CA LYS C 417 -50.91 -29.72 -8.97
C LYS C 417 -52.06 -30.39 -9.71
N GLY C 418 -51.78 -30.87 -10.93
CA GLY C 418 -52.77 -31.64 -11.68
C GLY C 418 -52.82 -33.07 -11.16
N ARG C 419 -54.02 -33.52 -10.78
CA ARG C 419 -54.14 -34.83 -10.16
C ARG C 419 -53.91 -35.98 -11.13
N ASN C 420 -54.02 -35.74 -12.43
CA ASN C 420 -53.77 -36.75 -13.45
C ASN C 420 -52.32 -36.74 -13.91
N SER C 421 -51.82 -35.57 -14.34
CA SER C 421 -50.46 -35.49 -14.85
C SER C 421 -49.42 -35.48 -13.75
N ARG C 422 -49.82 -35.15 -12.52
CA ARG C 422 -48.96 -34.99 -11.35
C ARG C 422 -48.02 -33.80 -11.48
N ALA C 423 -48.20 -32.97 -12.50
CA ALA C 423 -47.32 -31.82 -12.70
C ALA C 423 -47.68 -30.71 -11.74
N THR C 424 -46.66 -30.08 -11.15
CA THR C 424 -46.82 -29.01 -10.18
C THR C 424 -46.32 -27.70 -10.75
N TRP C 425 -46.96 -26.62 -10.35
CA TRP C 425 -46.64 -25.29 -10.84
C TRP C 425 -46.79 -24.28 -9.72
N LYS C 426 -45.90 -23.30 -9.71
CA LYS C 426 -46.17 -22.07 -9.00
C LYS C 426 -47.27 -21.29 -9.72
N ILE C 427 -48.20 -20.73 -8.95
CA ILE C 427 -49.23 -19.84 -9.49
C ILE C 427 -48.66 -18.43 -9.46
N ASP C 428 -48.41 -17.86 -10.64
CA ASP C 428 -47.76 -16.56 -10.72
C ASP C 428 -48.72 -15.42 -10.39
N GLY C 429 -48.14 -14.25 -10.15
CA GLY C 429 -48.90 -13.02 -9.97
C GLY C 429 -49.51 -12.83 -8.61
N SER C 430 -49.14 -13.64 -7.62
CA SER C 430 -49.74 -13.50 -6.30
C SER C 430 -49.22 -12.26 -5.59
N THR C 431 -49.97 -11.83 -4.58
CA THR C 431 -49.60 -10.75 -3.68
C THR C 431 -49.63 -11.30 -2.27
N SER C 432 -48.50 -11.19 -1.56
CA SER C 432 -48.40 -11.77 -0.23
C SER C 432 -47.67 -10.80 0.69
N ASN C 433 -47.86 -11.01 1.99
CA ASN C 433 -47.27 -10.18 3.03
C ASN C 433 -47.13 -11.02 4.29
N VAL C 434 -45.97 -10.92 4.94
CA VAL C 434 -45.69 -11.65 6.17
C VAL C 434 -45.27 -10.65 7.23
N GLU C 435 -45.83 -10.78 8.43
CA GLU C 435 -45.61 -9.82 9.50
C GLU C 435 -45.22 -10.54 10.79
N VAL C 436 -44.25 -9.98 11.50
CA VAL C 436 -43.83 -10.47 12.81
C VAL C 436 -44.57 -9.66 13.87
N VAL C 437 -45.56 -10.28 14.51
CA VAL C 437 -46.55 -9.56 15.30
C VAL C 437 -46.39 -9.90 16.78
N ASN C 438 -46.37 -8.87 17.62
CA ASN C 438 -46.27 -9.03 19.07
C ASN C 438 -47.61 -9.51 19.61
N LYS C 439 -47.68 -10.78 19.98
CA LYS C 439 -48.95 -11.37 20.43
C LYS C 439 -49.24 -11.00 21.88
N LYS C 440 -48.31 -11.33 22.78
CA LYS C 440 -48.48 -11.07 24.19
C LYS C 440 -47.09 -10.96 24.81
N ALA C 441 -46.97 -10.12 25.83
CA ALA C 441 -45.68 -9.86 26.48
C ALA C 441 -44.59 -9.57 25.46
N ASN C 442 -43.56 -10.41 25.41
CA ASN C 442 -42.48 -10.28 24.45
C ASN C 442 -42.52 -11.35 23.37
N LEU C 443 -43.63 -12.07 23.26
CA LEU C 443 -43.77 -13.16 22.30
C LEU C 443 -44.29 -12.64 20.97
N TYR C 444 -43.67 -13.10 19.90
CA TYR C 444 -44.00 -12.67 18.55
C TYR C 444 -44.39 -13.87 17.70
N LYS C 445 -45.48 -13.75 16.97
CA LYS C 445 -45.91 -14.76 16.01
C LYS C 445 -45.62 -14.28 14.60
N ILE C 446 -45.80 -15.19 13.64
CA ILE C 446 -45.52 -14.92 12.23
C ILE C 446 -46.79 -15.21 11.44
N GLU C 447 -47.38 -14.16 10.86
CA GLU C 447 -48.65 -14.24 10.15
C GLU C 447 -48.49 -13.80 8.70
N GLY C 448 -49.16 -14.51 7.80
CA GLY C 448 -49.11 -14.17 6.38
C GLY C 448 -50.50 -14.07 5.78
N GLU C 449 -50.61 -13.18 4.79
CA GLU C 449 -51.83 -13.02 4.00
C GLU C 449 -51.45 -13.04 2.52
N MET C 450 -52.29 -13.65 1.70
CA MET C 450 -51.99 -13.79 0.28
C MET C 450 -53.25 -13.65 -0.56
N SER C 451 -53.10 -13.02 -1.73
CA SER C 451 -54.14 -12.92 -2.75
C SER C 451 -53.58 -13.46 -4.05
N PHE C 452 -54.34 -14.32 -4.73
CA PHE C 452 -53.91 -14.79 -6.03
C PHE C 452 -55.10 -15.25 -6.84
N SER C 453 -54.91 -15.34 -8.16
CA SER C 453 -55.93 -15.83 -9.07
C SER C 453 -55.38 -16.98 -9.89
N VAL C 454 -56.28 -17.83 -10.37
CA VAL C 454 -55.93 -19.00 -11.17
C VAL C 454 -56.53 -18.80 -12.56
N GLN C 455 -55.66 -18.61 -13.55
CA GLN C 455 -56.03 -18.69 -14.97
C GLN C 455 -55.68 -20.10 -15.43
N ILE C 456 -56.70 -20.98 -15.45
CA ILE C 456 -56.46 -22.41 -15.65
C ILE C 456 -55.81 -22.70 -17.00
N ASN C 457 -55.98 -21.83 -18.00
CA ASN C 457 -55.31 -22.03 -19.27
C ASN C 457 -53.79 -21.98 -19.14
N ASP C 458 -53.26 -21.37 -18.07
CA ASP C 458 -51.82 -21.31 -17.90
C ASP C 458 -51.20 -22.68 -17.71
N TYR C 459 -51.97 -23.67 -17.28
CA TYR C 459 -51.44 -24.98 -16.93
C TYR C 459 -51.95 -26.09 -17.84
N ILE C 460 -52.75 -25.75 -18.85
CA ILE C 460 -53.22 -26.73 -19.81
C ILE C 460 -52.25 -26.71 -20.98
N LEU C 461 -51.35 -27.70 -21.02
CA LEU C 461 -50.31 -27.81 -22.09
C LEU C 461 -50.64 -28.96 -23.04
N ASP C 462 -51.05 -30.12 -22.52
CA ASP C 462 -51.50 -31.23 -23.35
C ASP C 462 -53.02 -31.27 -23.34
N ALA C 463 -53.60 -31.77 -24.44
CA ALA C 463 -55.05 -31.85 -24.56
C ALA C 463 -55.66 -32.61 -23.39
N ALA C 464 -54.96 -33.63 -22.87
CA ALA C 464 -55.46 -34.37 -21.73
C ALA C 464 -55.61 -33.50 -20.49
N ASP C 465 -54.88 -32.37 -20.41
CA ASP C 465 -54.95 -31.49 -19.24
C ASP C 465 -56.28 -30.75 -19.13
N LYS C 466 -57.07 -30.72 -20.21
CA LYS C 466 -58.33 -29.97 -20.23
C LYS C 466 -59.37 -30.58 -19.29
N LYS C 467 -59.33 -31.89 -19.10
CA LYS C 467 -60.25 -32.60 -18.20
C LYS C 467 -59.39 -33.20 -17.10
N GLN C 468 -59.38 -32.55 -15.93
CA GLN C 468 -58.49 -32.95 -14.84
C GLN C 468 -58.99 -32.32 -13.55
N PRO C 469 -58.82 -32.98 -12.41
CA PRO C 469 -58.90 -32.28 -11.13
C PRO C 469 -57.56 -31.65 -10.80
N TRP C 470 -57.61 -30.46 -10.20
CA TRP C 470 -56.43 -29.73 -9.78
C TRP C 470 -56.51 -29.49 -8.28
N ASP C 471 -55.38 -29.65 -7.61
CA ASP C 471 -55.31 -29.46 -6.17
C ASP C 471 -54.42 -28.26 -5.88
N ILE C 472 -54.88 -27.39 -4.96
CA ILE C 472 -54.23 -26.12 -4.66
C ILE C 472 -53.44 -26.27 -3.37
N ALA C 473 -52.27 -25.62 -3.32
CA ALA C 473 -51.39 -25.68 -2.17
C ALA C 473 -50.76 -24.31 -1.95
N THR C 474 -50.09 -24.15 -0.81
CA THR C 474 -49.33 -22.95 -0.51
C THR C 474 -47.94 -23.33 -0.02
N ARG C 475 -46.97 -22.47 -0.33
CA ARG C 475 -45.59 -22.69 0.08
C ARG C 475 -45.17 -21.53 0.97
N PHE C 476 -44.84 -21.83 2.22
CA PHE C 476 -44.37 -20.85 3.18
C PHE C 476 -42.98 -21.23 3.66
N THR C 477 -42.04 -20.29 3.58
CA THR C 477 -40.69 -20.50 4.06
C THR C 477 -40.28 -19.37 4.99
N GLY C 478 -39.44 -19.70 5.97
CA GLY C 478 -38.96 -18.71 6.91
C GLY C 478 -38.29 -19.30 8.13
N LEU C 479 -37.27 -18.62 8.64
CA LEU C 479 -36.51 -19.06 9.81
C LEU C 479 -35.92 -20.46 9.64
N GLY C 480 -35.71 -20.89 8.40
CA GLY C 480 -35.18 -22.21 8.14
C GLY C 480 -36.23 -23.28 7.90
N TYR C 481 -37.50 -23.02 8.16
CA TYR C 481 -38.55 -24.00 7.93
C TYR C 481 -39.19 -23.78 6.57
N THR C 482 -39.59 -24.88 5.94
CA THR C 482 -40.31 -24.87 4.67
C THR C 482 -41.59 -25.67 4.85
N SER C 483 -42.72 -25.06 4.50
CA SER C 483 -44.00 -25.71 4.69
C SER C 483 -44.80 -25.57 3.40
N HIS C 484 -44.92 -26.67 2.66
CA HIS C 484 -45.62 -26.71 1.39
C HIS C 484 -46.75 -27.72 1.55
N ARG C 485 -47.98 -27.23 1.67
CA ARG C 485 -49.06 -28.17 1.92
C ARG C 485 -50.38 -27.64 1.36
N ALA C 486 -51.33 -28.55 1.25
CA ALA C 486 -52.60 -28.27 0.59
C ALA C 486 -53.32 -27.10 1.25
N LEU C 487 -53.88 -26.24 0.43
CA LEU C 487 -54.77 -25.20 0.94
C LEU C 487 -56.03 -25.83 1.52
N THR C 488 -56.50 -25.30 2.65
CA THR C 488 -57.63 -25.91 3.33
C THR C 488 -58.70 -24.87 3.65
N ILE C 489 -59.90 -25.36 3.97
CA ILE C 489 -60.98 -24.52 4.45
C ILE C 489 -61.86 -25.37 5.37
N GLY C 490 -62.52 -24.70 6.32
CA GLY C 490 -63.39 -25.39 7.25
C GLY C 490 -64.84 -25.41 6.84
N LYS C 491 -65.37 -24.26 6.42
CA LYS C 491 -66.76 -24.17 6.03
C LYS C 491 -67.00 -24.91 4.71
N ILE C 492 -68.25 -25.29 4.47
CA ILE C 492 -68.60 -25.89 3.19
C ILE C 492 -68.33 -24.89 2.09
N LEU C 493 -67.64 -25.34 1.05
CA LEU C 493 -67.30 -24.50 -0.11
C LEU C 493 -67.58 -25.31 -1.37
N ILE C 494 -68.54 -24.82 -2.18
CA ILE C 494 -68.87 -25.40 -3.48
C ILE C 494 -69.27 -24.25 -4.39
N LYS C 495 -68.45 -23.93 -5.39
CA LYS C 495 -68.74 -22.83 -6.30
C LYS C 495 -68.43 -23.26 -7.74
N THR C 496 -69.39 -23.07 -8.63
CA THR C 496 -69.27 -23.55 -10.00
C THR C 496 -69.14 -22.39 -10.97
N ALA C 497 -68.55 -22.69 -12.13
CA ALA C 497 -68.40 -21.69 -13.16
C ALA C 497 -68.46 -22.36 -14.53
N LEU C 498 -68.95 -21.62 -15.51
CA LEU C 498 -68.97 -22.03 -16.91
C LEU C 498 -68.31 -20.89 -17.68
N ILE C 499 -67.07 -21.12 -18.13
CA ILE C 499 -66.20 -20.05 -18.61
C ILE C 499 -65.61 -20.51 -19.94
N ASN C 500 -66.12 -19.96 -21.04
CA ASN C 500 -65.60 -20.21 -22.39
C ASN C 500 -65.42 -21.70 -22.63
N ASN C 501 -66.52 -22.43 -22.46
CA ASN C 501 -66.60 -23.88 -22.69
C ASN C 501 -65.83 -24.69 -21.67
N LYS C 502 -65.49 -24.11 -20.52
CA LYS C 502 -64.83 -24.84 -19.44
C LYS C 502 -65.78 -24.90 -18.25
N THR C 503 -66.15 -26.11 -17.85
CA THR C 503 -66.83 -26.33 -16.59
C THR C 503 -65.81 -26.31 -15.46
N MET C 504 -66.04 -25.48 -14.45
CA MET C 504 -65.10 -25.29 -13.35
C MET C 504 -65.85 -25.37 -12.04
N ILE C 505 -65.30 -26.14 -11.10
CA ILE C 505 -65.90 -26.31 -9.77
C ILE C 505 -64.78 -26.24 -8.74
N VAL C 506 -64.83 -25.24 -7.88
CA VAL C 506 -63.92 -25.16 -6.74
C VAL C 506 -64.67 -25.67 -5.51
N TYR C 507 -64.01 -26.54 -4.75
CA TYR C 507 -64.73 -27.21 -3.69
C TYR C 507 -63.78 -27.69 -2.62
N LYS C 508 -64.29 -27.71 -1.39
CA LYS C 508 -63.66 -28.41 -0.27
C LYS C 508 -63.87 -29.91 -0.46
N ASN C 509 -62.79 -30.67 -0.63
CA ASN C 509 -62.93 -32.09 -0.88
C ASN C 509 -63.08 -32.85 0.44
N ALA C 510 -63.18 -34.18 0.34
CA ALA C 510 -63.46 -35.01 1.51
C ALA C 510 -62.36 -34.93 2.56
N SER C 511 -61.17 -34.46 2.21
CA SER C 511 -60.10 -34.29 3.17
C SER C 511 -60.04 -32.89 3.76
N GLY C 512 -61.00 -32.02 3.41
CA GLY C 512 -60.95 -30.63 3.83
C GLY C 512 -60.00 -29.77 3.04
N LEU C 513 -59.50 -30.26 1.91
CA LEU C 513 -58.54 -29.53 1.10
C LEU C 513 -59.24 -28.95 -0.14
N ILE C 514 -58.61 -27.93 -0.73
CA ILE C 514 -59.20 -27.19 -1.83
C ILE C 514 -58.83 -27.88 -3.14
N SER C 515 -59.85 -28.22 -3.93
CA SER C 515 -59.67 -28.83 -5.24
C SER C 515 -60.44 -28.03 -6.29
N LEU C 516 -60.01 -28.18 -7.55
CA LEU C 516 -60.63 -27.50 -8.69
C LEU C 516 -60.86 -28.53 -9.79
N ASP C 517 -62.13 -28.91 -10.01
CA ASP C 517 -62.49 -29.83 -11.08
C ASP C 517 -62.79 -29.03 -12.34
N VAL C 518 -62.05 -29.32 -13.41
CA VAL C 518 -62.27 -28.70 -14.71
C VAL C 518 -62.61 -29.80 -15.71
N GLY C 519 -63.79 -29.70 -16.33
CA GLY C 519 -64.19 -30.68 -17.32
C GLY C 519 -64.95 -31.87 -16.79
N SER C 520 -65.47 -31.80 -15.57
CA SER C 520 -66.30 -32.86 -14.99
C SER C 520 -65.52 -34.17 -14.81
N SER C 521 -64.25 -34.05 -14.41
CA SER C 521 -63.50 -35.27 -14.16
C SER C 521 -63.93 -35.96 -12.87
N VAL C 522 -64.45 -35.23 -11.89
CA VAL C 522 -64.88 -35.88 -10.66
C VAL C 522 -66.28 -35.47 -10.22
N ARG C 523 -66.75 -34.30 -10.63
CA ARG C 523 -68.02 -33.78 -10.11
C ARG C 523 -68.92 -33.27 -11.22
N SER C 524 -70.23 -33.26 -10.92
CA SER C 524 -71.26 -32.82 -11.85
C SER C 524 -71.57 -31.34 -11.62
N ILE C 525 -71.34 -30.51 -12.63
CA ILE C 525 -71.58 -29.07 -12.46
C ILE C 525 -73.08 -28.78 -12.34
N VAL C 526 -73.94 -29.60 -12.94
CA VAL C 526 -75.38 -29.40 -12.76
C VAL C 526 -75.78 -29.65 -11.31
N GLU C 527 -75.29 -30.75 -10.73
CA GLU C 527 -75.61 -31.09 -9.35
C GLU C 527 -75.10 -30.01 -8.40
N ASP C 528 -73.85 -29.57 -8.58
CA ASP C 528 -73.27 -28.59 -7.66
C ASP C 528 -73.86 -27.19 -7.86
N SER C 529 -74.34 -26.87 -9.06
CA SER C 529 -74.97 -25.57 -9.30
C SER C 529 -76.38 -25.52 -8.76
N GLY C 530 -77.05 -26.66 -8.69
CA GLY C 530 -78.46 -26.67 -8.38
C GLY C 530 -79.30 -26.32 -9.59
N VAL C 531 -80.58 -26.65 -9.50
CA VAL C 531 -81.54 -26.50 -10.59
C VAL C 531 -82.74 -25.73 -10.08
N LYS C 532 -83.12 -24.67 -10.79
CA LYS C 532 -84.33 -23.90 -10.46
C LYS C 532 -85.52 -24.68 -10.98
N ARG C 533 -86.03 -25.59 -10.15
CA ARG C 533 -87.07 -26.52 -10.60
C ARG C 533 -88.34 -25.81 -11.04
N GLU C 534 -88.67 -24.68 -10.41
CA GLU C 534 -89.87 -23.93 -10.77
C GLU C 534 -89.77 -23.32 -12.16
N GLN C 535 -88.55 -23.11 -12.67
CA GLN C 535 -88.33 -22.46 -13.94
C GLN C 535 -87.98 -23.43 -15.07
N ILE C 536 -88.18 -24.72 -14.85
CA ILE C 536 -88.01 -25.70 -15.91
C ILE C 536 -89.09 -25.49 -16.96
N LEU C 537 -88.67 -25.35 -18.22
CA LEU C 537 -89.58 -25.10 -19.32
C LEU C 537 -89.76 -26.37 -20.14
N ILE C 538 -91.02 -26.73 -20.39
CA ILE C 538 -91.39 -27.92 -21.14
C ILE C 538 -92.16 -27.47 -22.37
N ASP C 539 -91.54 -27.56 -23.53
CA ASP C 539 -92.16 -27.21 -24.80
C ASP C 539 -92.30 -28.49 -25.61
N LYS C 540 -93.38 -29.23 -25.36
CA LYS C 540 -93.54 -30.53 -25.98
C LYS C 540 -93.72 -30.40 -27.50
N THR C 541 -94.35 -29.33 -27.95
CA THR C 541 -94.53 -29.12 -29.38
C THR C 541 -93.19 -28.90 -30.07
N SER C 542 -92.27 -28.18 -29.42
CA SER C 542 -90.94 -27.98 -29.95
C SER C 542 -89.95 -29.08 -29.56
N GLY C 543 -90.38 -30.02 -28.72
CA GLY C 543 -89.50 -31.08 -28.27
C GLY C 543 -88.27 -30.60 -27.53
N LYS C 544 -88.44 -29.66 -26.60
CA LYS C 544 -87.32 -29.12 -25.85
C LYS C 544 -87.72 -28.90 -24.39
N VAL C 545 -86.86 -29.35 -23.49
CA VAL C 545 -87.00 -29.11 -22.06
C VAL C 545 -85.80 -28.28 -21.62
N THR C 546 -86.05 -27.09 -21.10
CA THR C 546 -85.01 -26.17 -20.65
C THR C 546 -84.86 -26.25 -19.14
N ILE C 547 -83.64 -26.46 -18.66
CA ILE C 547 -83.34 -26.61 -17.24
C ILE C 547 -82.34 -25.53 -16.84
N PRO C 548 -82.81 -24.43 -16.25
CA PRO C 548 -81.87 -23.40 -15.79
C PRO C 548 -81.02 -23.88 -14.62
N LEU C 549 -79.76 -23.45 -14.61
CA LEU C 549 -78.88 -23.72 -13.49
C LEU C 549 -79.00 -22.59 -12.48
N ASN C 550 -79.01 -22.95 -11.20
CA ASN C 550 -79.30 -21.97 -10.16
C ASN C 550 -78.10 -21.09 -9.86
N GLU C 551 -77.13 -21.61 -9.11
CA GLU C 551 -75.96 -20.83 -8.69
C GLU C 551 -74.76 -21.24 -9.55
N ILE C 552 -74.30 -20.33 -10.41
CA ILE C 552 -73.20 -20.61 -11.32
C ILE C 552 -72.67 -19.30 -11.92
N HIS C 553 -71.35 -19.16 -11.96
CA HIS C 553 -70.70 -18.02 -12.59
C HIS C 553 -70.50 -18.31 -14.08
N VAL C 554 -71.18 -17.54 -14.93
CA VAL C 554 -71.12 -17.75 -16.37
C VAL C 554 -70.37 -16.59 -17.01
N PHE C 555 -69.35 -16.91 -17.80
CA PHE C 555 -68.55 -15.91 -18.50
C PHE C 555 -68.23 -16.42 -19.90
N GLY C 556 -68.46 -15.57 -20.90
CA GLY C 556 -68.30 -15.98 -22.28
C GLY C 556 -69.42 -16.89 -22.75
N GLU C 557 -69.25 -17.41 -23.95
CA GLU C 557 -70.23 -18.28 -24.60
C GLU C 557 -69.76 -19.73 -24.50
N SER C 558 -70.67 -20.63 -24.11
CA SER C 558 -70.33 -22.03 -23.95
C SER C 558 -71.42 -22.90 -24.55
N LEU C 559 -71.01 -23.99 -25.20
CA LEU C 559 -71.93 -25.03 -25.66
C LEU C 559 -71.22 -26.36 -25.53
N ILE C 560 -71.70 -27.19 -24.61
CA ILE C 560 -71.12 -28.50 -24.33
C ILE C 560 -72.20 -29.53 -24.60
N GLU C 561 -71.95 -30.42 -25.56
CA GLU C 561 -72.90 -31.45 -25.91
C GLU C 561 -72.81 -32.62 -24.94
N GLY C 562 -73.96 -33.14 -24.57
CA GLY C 562 -74.05 -34.32 -23.72
C GLY C 562 -75.30 -35.10 -24.07
N ASN C 563 -75.85 -35.79 -23.08
CA ASN C 563 -77.09 -36.55 -23.25
C ASN C 563 -77.90 -36.46 -21.97
N ALA C 564 -79.08 -37.08 -21.99
CA ALA C 564 -79.94 -37.19 -20.82
C ALA C 564 -80.68 -38.51 -20.90
N GLU C 565 -81.22 -38.94 -19.76
CA GLU C 565 -81.98 -40.19 -19.69
C GLU C 565 -83.37 -39.92 -19.13
N LEU C 566 -84.37 -40.52 -19.77
CA LEU C 566 -85.75 -40.44 -19.32
C LEU C 566 -86.20 -41.84 -18.89
N LYS C 567 -86.85 -41.92 -17.73
CA LYS C 567 -87.41 -43.16 -17.25
C LYS C 567 -88.81 -42.88 -16.72
N PRO C 568 -89.82 -43.66 -17.11
CA PRO C 568 -91.18 -43.42 -16.60
C PRO C 568 -91.26 -43.68 -15.11
N VAL C 569 -91.83 -42.72 -14.38
CA VAL C 569 -91.97 -42.87 -12.95
C VAL C 569 -92.89 -44.05 -12.65
N GLY C 570 -92.48 -44.89 -11.70
CA GLY C 570 -93.26 -46.04 -11.30
C GLY C 570 -92.94 -47.35 -12.02
N ILE C 571 -92.07 -47.32 -13.02
CA ILE C 571 -91.65 -48.54 -13.71
C ILE C 571 -90.18 -48.78 -13.39
N SER C 572 -89.92 -49.55 -12.32
CA SER C 572 -88.58 -49.60 -11.75
C SER C 572 -87.55 -50.23 -12.69
N ASP C 573 -87.97 -51.20 -13.51
CA ASP C 573 -87.05 -51.92 -14.39
C ASP C 573 -87.10 -51.40 -15.83
N ALA C 574 -87.59 -50.19 -16.03
CA ALA C 574 -87.73 -49.66 -17.39
C ALA C 574 -86.37 -49.32 -17.98
N ASP C 575 -86.26 -49.48 -19.30
CA ASP C 575 -85.06 -49.04 -19.99
C ASP C 575 -84.96 -47.52 -19.95
N PRO C 576 -83.76 -46.98 -19.75
CA PRO C 576 -83.60 -45.54 -19.94
C PRO C 576 -83.88 -45.16 -21.38
N ILE C 577 -84.47 -43.99 -21.57
CA ILE C 577 -84.68 -43.43 -22.89
C ILE C 577 -83.59 -42.38 -23.11
N ASN C 578 -82.71 -42.64 -24.06
CA ASN C 578 -81.55 -41.79 -24.30
C ASN C 578 -81.92 -40.67 -25.25
N VAL C 579 -81.71 -39.43 -24.82
CA VAL C 579 -81.98 -38.25 -25.63
C VAL C 579 -80.77 -37.34 -25.58
N LYS C 580 -80.68 -36.46 -26.58
CA LYS C 580 -79.57 -35.52 -26.63
C LYS C 580 -79.80 -34.37 -25.65
N ALA C 581 -78.69 -33.80 -25.18
CA ALA C 581 -78.75 -32.66 -24.28
C ALA C 581 -77.51 -31.80 -24.48
N LYS C 582 -77.63 -30.53 -24.12
CA LYS C 582 -76.49 -29.63 -24.22
C LYS C 582 -76.53 -28.61 -23.09
N LEU C 583 -75.34 -28.26 -22.61
CA LEU C 583 -75.16 -27.24 -21.59
C LEU C 583 -74.73 -25.94 -22.28
N ILE C 584 -75.48 -24.88 -22.02
CA ILE C 584 -75.34 -23.62 -22.75
C ILE C 584 -75.01 -22.51 -21.78
N GLY C 585 -74.03 -21.69 -22.13
CA GLY C 585 -73.73 -20.51 -21.35
C GLY C 585 -73.79 -19.28 -22.21
N GLU C 586 -74.64 -18.32 -21.86
CA GLU C 586 -74.77 -17.11 -22.66
C GLU C 586 -75.48 -16.06 -21.81
N ALA C 587 -75.05 -14.81 -21.98
CA ALA C 587 -75.63 -13.68 -21.26
C ALA C 587 -75.55 -13.90 -19.75
N ASN C 588 -74.45 -14.53 -19.32
CA ASN C 588 -74.13 -14.75 -17.91
C ASN C 588 -75.13 -15.68 -17.22
N LYS C 589 -75.84 -16.49 -18.01
CA LYS C 589 -76.76 -17.50 -17.50
C LYS C 589 -76.40 -18.85 -18.10
N ALA C 590 -76.72 -19.92 -17.37
CA ALA C 590 -76.46 -21.27 -17.83
C ALA C 590 -77.73 -22.10 -17.77
N ARG C 591 -77.91 -22.97 -18.76
CA ARG C 591 -79.07 -23.84 -18.81
C ARG C 591 -78.68 -25.13 -19.51
N VAL C 592 -79.44 -26.19 -19.22
CA VAL C 592 -79.35 -27.46 -19.93
C VAL C 592 -80.62 -27.60 -20.77
N GLU C 593 -80.46 -27.76 -22.08
CA GLU C 593 -81.59 -28.02 -22.97
C GLU C 593 -81.60 -29.49 -23.35
N VAL C 594 -82.74 -30.14 -23.18
CA VAL C 594 -82.91 -31.57 -23.44
C VAL C 594 -83.88 -31.71 -24.61
N LEU C 595 -83.42 -32.34 -25.69
CA LEU C 595 -84.22 -32.52 -26.90
C LEU C 595 -84.92 -33.87 -26.87
N LEU C 596 -86.24 -33.86 -27.00
CA LEU C 596 -87.01 -35.10 -26.94
C LEU C 596 -86.92 -35.92 -28.22
N GLY C 597 -86.74 -35.27 -29.37
CA GLY C 597 -86.63 -36.03 -30.61
C GLY C 597 -87.94 -36.71 -30.97
N ASP C 598 -87.82 -37.99 -31.39
CA ASP C 598 -88.93 -38.74 -31.98
C ASP C 598 -89.58 -39.74 -31.03
N GLU C 599 -89.25 -39.73 -29.75
CA GLU C 599 -89.85 -40.70 -28.84
C GLU C 599 -91.28 -40.30 -28.50
N LYS C 600 -92.13 -41.30 -28.36
CA LYS C 600 -93.48 -41.07 -27.86
C LYS C 600 -93.43 -41.06 -26.33
N LEU C 601 -93.93 -40.00 -25.73
CA LEU C 601 -93.77 -39.80 -24.29
C LEU C 601 -95.06 -39.29 -23.69
N SER C 602 -95.53 -39.95 -22.63
CA SER C 602 -96.75 -39.57 -21.94
C SER C 602 -96.62 -39.94 -20.48
N GLY C 603 -97.01 -39.03 -19.60
CA GLY C 603 -96.91 -39.25 -18.18
C GLY C 603 -95.65 -38.64 -17.59
N GLU C 604 -95.34 -39.07 -16.38
CA GLU C 604 -94.24 -38.49 -15.63
C GLU C 604 -92.96 -39.28 -15.86
N TYR C 605 -91.85 -38.57 -15.97
CA TYR C 605 -90.57 -39.20 -16.28
C TYR C 605 -89.48 -38.64 -15.37
N HIS C 606 -88.57 -39.51 -14.96
CA HIS C 606 -87.31 -39.08 -14.37
C HIS C 606 -86.40 -38.57 -15.48
N LEU C 607 -85.80 -37.41 -15.26
CA LEU C 607 -84.86 -36.84 -16.22
C LEU C 607 -83.53 -36.63 -15.49
N VAL C 608 -82.49 -37.32 -15.95
CA VAL C 608 -81.14 -37.20 -15.39
C VAL C 608 -80.23 -36.70 -16.51
N THR C 609 -79.66 -35.52 -16.33
CA THR C 609 -78.70 -35.00 -17.30
C THR C 609 -77.36 -35.70 -17.15
N ASN C 610 -76.64 -35.81 -18.27
CA ASN C 610 -75.32 -36.47 -18.32
C ASN C 610 -74.42 -35.59 -19.18
N ILE C 611 -73.85 -34.56 -18.56
CA ILE C 611 -72.94 -33.63 -19.22
C ILE C 611 -71.52 -34.06 -18.88
N GLN C 612 -70.71 -34.31 -19.91
CA GLN C 612 -69.29 -34.64 -19.75
C GLN C 612 -69.06 -35.87 -18.87
N GLY C 613 -70.00 -36.82 -18.89
CA GLY C 613 -69.83 -38.07 -18.18
C GLY C 613 -70.27 -38.08 -16.74
N LYS C 614 -70.81 -36.98 -16.24
CA LYS C 614 -71.25 -36.89 -14.85
C LYS C 614 -72.75 -36.63 -14.82
N LYS C 615 -73.46 -37.43 -14.03
CA LYS C 615 -74.91 -37.36 -13.97
C LYS C 615 -75.34 -36.60 -12.72
N ASP C 616 -76.35 -35.77 -12.86
CA ASP C 616 -76.81 -35.02 -11.70
C ASP C 616 -77.65 -35.91 -10.79
N LYS C 617 -77.85 -35.44 -9.56
CA LYS C 617 -78.69 -36.14 -8.59
C LYS C 617 -79.83 -35.24 -8.15
N GLN C 618 -80.32 -34.38 -9.06
CA GLN C 618 -81.32 -33.38 -8.69
C GLN C 618 -82.73 -33.93 -8.62
N GLN C 619 -82.95 -35.19 -9.00
CA GLN C 619 -84.26 -35.83 -8.94
C GLN C 619 -85.29 -35.04 -9.75
N ILE C 620 -84.90 -34.63 -10.96
CA ILE C 620 -85.81 -33.90 -11.81
C ILE C 620 -86.91 -34.84 -12.32
N LYS C 621 -88.15 -34.43 -12.13
CA LYS C 621 -89.30 -35.12 -12.73
C LYS C 621 -90.06 -34.13 -13.60
N ILE C 622 -90.45 -34.57 -14.79
CA ILE C 622 -91.26 -33.76 -15.70
C ILE C 622 -92.43 -34.60 -16.18
N THR C 623 -93.54 -33.93 -16.47
CA THR C 623 -94.74 -34.56 -16.99
C THR C 623 -94.90 -34.20 -18.47
N LEU C 624 -95.00 -35.22 -19.31
CA LEU C 624 -95.19 -35.02 -20.75
C LEU C 624 -96.51 -35.62 -21.24
N LYS D 18 37.94 13.05 -62.68
CA LYS D 18 37.29 11.95 -61.97
C LYS D 18 35.77 11.98 -62.09
N ASP D 19 35.19 10.83 -62.41
CA ASP D 19 33.75 10.71 -62.53
C ASP D 19 33.08 10.85 -61.17
N ILE D 20 31.97 11.59 -61.13
CA ILE D 20 31.24 11.77 -59.89
C ILE D 20 30.41 10.52 -59.63
N LYS D 21 30.72 9.82 -58.55
CA LYS D 21 30.02 8.58 -58.24
C LYS D 21 28.64 8.85 -57.62
N ILE D 22 28.54 9.86 -56.76
CA ILE D 22 27.32 10.10 -55.99
C ILE D 22 27.06 11.60 -55.94
N SER D 23 25.82 11.99 -56.21
CA SER D 23 25.36 13.35 -56.01
C SER D 23 24.41 13.36 -54.81
N VAL D 24 24.69 14.20 -53.82
CA VAL D 24 23.86 14.33 -52.64
C VAL D 24 22.97 15.55 -52.83
N VAL D 25 21.66 15.32 -52.91
CA VAL D 25 20.68 16.37 -53.15
C VAL D 25 20.06 16.75 -51.81
N VAL D 26 20.26 18.00 -51.39
CA VAL D 26 19.72 18.45 -50.10
C VAL D 26 18.88 19.70 -50.28
N PRO D 27 17.55 19.61 -50.14
CA PRO D 27 16.72 20.83 -50.17
C PRO D 27 16.61 21.46 -48.79
N THR D 28 17.09 22.69 -48.66
CA THR D 28 17.09 23.38 -47.37
C THR D 28 16.00 24.43 -47.32
N TYR D 29 15.44 24.63 -46.13
CA TYR D 29 14.48 25.70 -45.91
C TYR D 29 14.44 26.00 -44.42
N ASN D 30 14.92 27.18 -44.04
CA ASN D 30 15.03 27.58 -42.63
C ASN D 30 15.66 26.47 -41.80
N THR D 31 16.74 25.90 -42.34
CA THR D 31 17.34 24.72 -41.74
C THR D 31 17.88 25.02 -40.34
N GLU D 32 17.64 24.09 -39.42
CA GLU D 32 18.16 24.21 -38.07
C GLU D 32 19.68 24.06 -38.09
N LEU D 33 20.38 25.07 -37.56
CA LEU D 33 21.82 25.17 -37.79
C LEU D 33 22.56 23.95 -37.26
N GLU D 34 22.24 23.50 -36.05
CA GLU D 34 22.98 22.40 -35.45
C GLU D 34 22.81 21.11 -36.25
N GLY D 35 21.60 20.88 -36.78
CA GLY D 35 21.40 19.71 -37.63
C GLY D 35 22.12 19.84 -38.96
N LEU D 36 22.18 21.06 -39.51
CA LEU D 36 22.94 21.28 -40.73
C LEU D 36 24.42 20.98 -40.51
N LYS D 37 24.95 21.32 -39.33
CA LYS D 37 26.33 20.97 -39.03
C LYS D 37 26.51 19.47 -38.92
N ASN D 38 25.60 18.78 -38.22
CA ASN D 38 25.66 17.33 -38.12
C ASN D 38 25.54 16.67 -39.49
N LEU D 39 24.69 17.24 -40.35
CA LEU D 39 24.56 16.72 -41.71
C LEU D 39 25.87 16.87 -42.47
N MET D 40 26.47 18.06 -42.43
CA MET D 40 27.75 18.27 -43.08
C MET D 40 28.81 17.31 -42.55
N ALA D 41 28.85 17.13 -41.23
CA ALA D 41 29.87 16.26 -40.64
C ALA D 41 29.68 14.82 -41.10
N SER D 42 28.43 14.37 -41.21
CA SER D 42 28.18 12.99 -41.61
C SER D 42 28.63 12.73 -43.04
N ILE D 43 28.64 13.77 -43.87
CA ILE D 43 29.14 13.61 -45.24
C ILE D 43 30.66 13.71 -45.28
N ASP D 44 31.24 14.63 -44.49
CA ASP D 44 32.70 14.74 -44.46
C ASP D 44 33.34 13.46 -43.94
N LYS D 45 32.70 12.80 -42.97
CA LYS D 45 33.21 11.55 -42.44
C LYS D 45 33.02 10.37 -43.40
N GLN D 46 32.45 10.58 -44.58
CA GLN D 46 32.29 9.50 -45.54
C GLN D 46 33.65 8.94 -45.94
N THR D 47 33.75 7.61 -45.97
CA THR D 47 35.02 6.98 -46.34
C THR D 47 35.35 7.14 -47.81
N MET D 48 34.38 7.52 -48.64
CA MET D 48 34.65 7.73 -50.06
C MET D 48 35.46 9.00 -50.26
N ASN D 49 36.41 8.96 -51.19
CA ASN D 49 37.24 10.11 -51.51
C ASN D 49 36.35 11.29 -51.88
N PRO D 50 36.58 12.48 -51.31
CA PRO D 50 35.66 13.60 -51.57
C PRO D 50 35.59 14.03 -53.03
N ASP D 51 36.62 13.77 -53.84
CA ASP D 51 36.52 14.13 -55.26
C ASP D 51 35.72 13.13 -56.08
N GLU D 52 35.07 12.16 -55.44
CA GLU D 52 34.22 11.20 -56.13
C GLU D 52 32.74 11.41 -55.87
N TYR D 53 32.37 12.37 -55.03
CA TYR D 53 30.98 12.74 -54.84
C TYR D 53 30.87 14.27 -54.84
N GLU D 54 29.63 14.75 -54.96
CA GLU D 54 29.36 16.17 -54.97
C GLU D 54 28.13 16.46 -54.12
N LEU D 55 28.08 17.67 -53.58
CA LEU D 55 26.95 18.13 -52.77
C LEU D 55 26.18 19.16 -53.59
N VAL D 56 24.89 18.92 -53.78
CA VAL D 56 24.04 19.80 -54.57
C VAL D 56 22.93 20.30 -53.65
N PHE D 57 23.12 21.49 -53.09
CA PHE D 57 22.17 22.11 -52.17
C PHE D 57 21.33 23.13 -52.93
N VAL D 58 20.01 23.08 -52.71
CA VAL D 58 19.10 24.08 -53.23
C VAL D 58 18.28 24.62 -52.06
N ASP D 59 18.36 25.92 -51.84
CA ASP D 59 17.62 26.58 -50.76
C ASP D 59 16.28 27.07 -51.29
N ASP D 60 15.21 26.70 -50.59
CA ASP D 60 13.85 27.01 -51.04
C ASP D 60 13.39 28.36 -50.51
N GLY D 61 14.23 29.37 -50.68
CA GLY D 61 13.91 30.72 -50.24
C GLY D 61 13.82 30.88 -48.74
N SER D 62 14.88 30.52 -48.03
CA SER D 62 14.88 30.61 -46.57
C SER D 62 14.77 32.05 -46.11
N THR D 63 13.92 32.27 -45.11
CA THR D 63 13.84 33.57 -44.45
C THR D 63 14.98 33.76 -43.43
N THR D 64 15.56 32.67 -42.94
CA THR D 64 16.75 32.74 -42.11
C THR D 64 17.99 32.82 -43.00
N ASP D 65 19.16 32.83 -42.36
CA ASP D 65 20.41 32.96 -43.10
C ASP D 65 20.95 31.60 -43.51
N THR D 66 20.04 30.66 -43.81
CA THR D 66 20.48 29.33 -44.19
C THR D 66 21.34 29.39 -45.44
N TYR D 67 20.94 30.19 -46.43
CA TYR D 67 21.71 30.32 -47.66
C TYR D 67 23.08 30.93 -47.39
N GLU D 68 23.19 31.81 -46.40
CA GLU D 68 24.49 32.37 -46.03
C GLU D 68 25.38 31.30 -45.42
N ARG D 69 24.83 30.46 -44.54
CA ARG D 69 25.63 29.39 -43.94
C ARG D 69 26.05 28.37 -44.99
N LEU D 70 25.15 28.02 -45.91
CA LEU D 70 25.49 27.07 -46.96
C LEU D 70 26.61 27.58 -47.85
N GLN D 71 26.68 28.90 -48.06
CA GLN D 71 27.79 29.46 -48.83
C GLN D 71 29.09 29.47 -48.03
N GLU D 72 29.01 29.62 -46.70
CA GLU D 72 30.23 29.52 -45.89
C GLU D 72 30.78 28.10 -45.93
N PHE D 73 29.91 27.10 -46.07
CA PHE D 73 30.38 25.74 -46.33
C PHE D 73 30.95 25.61 -47.74
N ALA D 74 30.31 26.25 -48.72
CA ALA D 74 30.73 26.10 -50.10
C ALA D 74 32.11 26.66 -50.37
N GLU D 75 32.59 27.59 -49.52
CA GLU D 75 33.90 28.19 -49.75
C GLU D 75 35.02 27.18 -49.64
N THR D 76 34.97 26.34 -48.60
CA THR D 76 36.02 25.37 -48.33
C THR D 76 35.75 24.01 -48.95
N ARG D 77 34.77 23.90 -49.83
CA ARG D 77 34.35 22.63 -50.41
C ARG D 77 34.16 22.77 -51.91
N PRO D 78 35.17 22.38 -52.72
CA PRO D 78 35.05 22.58 -54.16
C PRO D 78 33.93 21.78 -54.81
N ASN D 79 33.53 20.65 -54.20
CA ASN D 79 32.51 19.78 -54.78
C ASN D 79 31.11 20.08 -54.26
N MET D 80 30.89 21.30 -53.74
CA MET D 80 29.60 21.66 -53.15
C MET D 80 28.97 22.78 -53.96
N THR D 81 27.79 22.50 -54.51
CA THR D 81 27.03 23.47 -55.29
C THR D 81 25.86 23.95 -54.46
N VAL D 82 25.70 25.28 -54.37
CA VAL D 82 24.63 25.89 -53.59
C VAL D 82 23.85 26.83 -54.48
N LYS D 83 22.52 26.72 -54.44
CA LYS D 83 21.63 27.52 -55.28
C LYS D 83 20.38 27.87 -54.48
N GLN D 84 19.88 29.09 -54.66
CA GLN D 84 18.67 29.54 -53.98
C GLN D 84 17.59 29.82 -55.01
N ILE D 85 16.44 29.17 -54.84
CA ILE D 85 15.27 29.43 -55.68
C ILE D 85 14.20 30.10 -54.81
N GLU D 86 13.17 30.61 -55.47
CA GLU D 86 12.02 31.13 -54.75
C GLU D 86 11.26 30.00 -54.07
N ASN D 87 10.66 30.32 -52.92
CA ASN D 87 10.03 29.29 -52.10
C ASN D 87 8.94 28.56 -52.87
N SER D 88 9.06 27.23 -52.89
CA SER D 88 8.07 26.37 -53.54
C SER D 88 7.15 25.68 -52.55
N GLY D 89 7.40 25.84 -51.24
CA GLY D 89 6.55 25.27 -50.21
C GLY D 89 6.94 23.90 -49.74
N TRP D 90 7.75 23.16 -50.49
CA TRP D 90 8.15 21.82 -50.09
C TRP D 90 9.46 21.47 -50.79
N GLY D 91 10.00 20.30 -50.46
CA GLY D 91 11.25 19.82 -51.01
C GLY D 91 11.19 19.22 -52.39
N SER D 92 10.00 19.14 -53.00
CA SER D 92 9.86 18.51 -54.31
C SER D 92 10.61 19.29 -55.38
N ARG D 93 10.26 20.58 -55.54
CA ARG D 93 10.87 21.37 -56.61
C ARG D 93 12.38 21.55 -56.42
N PRO D 94 12.89 21.93 -55.24
CA PRO D 94 14.35 21.98 -55.09
C PRO D 94 15.04 20.66 -55.36
N ARG D 95 14.40 19.53 -55.04
CA ARG D 95 14.96 18.23 -55.40
C ARG D 95 15.08 18.09 -56.91
N ASN D 96 14.00 18.38 -57.64
CA ASN D 96 14.01 18.20 -59.09
C ASN D 96 15.05 19.08 -59.75
N ILE D 97 15.21 20.32 -59.25
CA ILE D 97 16.19 21.24 -59.80
C ILE D 97 17.60 20.72 -59.55
N ALA D 98 17.87 20.27 -58.32
CA ALA D 98 19.17 19.70 -57.99
C ALA D 98 19.45 18.43 -58.78
N THR D 99 18.40 17.69 -59.13
CA THR D 99 18.57 16.47 -59.90
C THR D 99 19.02 16.78 -61.34
N LYS D 100 18.40 17.78 -61.96
CA LYS D 100 18.73 18.13 -63.34
C LYS D 100 20.02 18.91 -63.47
N MET D 101 20.62 19.32 -62.35
CA MET D 101 21.94 19.95 -62.38
C MET D 101 23.00 19.11 -61.69
N ALA D 102 22.68 17.86 -61.34
CA ALA D 102 23.65 16.94 -60.79
C ALA D 102 24.43 16.25 -61.90
N LYS D 103 25.60 15.74 -61.54
CA LYS D 103 26.48 15.06 -62.49
C LYS D 103 26.88 13.66 -62.05
N GLY D 104 26.49 13.23 -60.85
CA GLY D 104 26.90 11.92 -60.37
C GLY D 104 26.13 10.79 -61.01
N GLU D 105 26.70 9.59 -60.89
CA GLU D 105 26.02 8.40 -61.42
C GLU D 105 24.77 8.07 -60.62
N TYR D 106 24.85 8.16 -59.29
CA TYR D 106 23.70 7.92 -58.42
C TYR D 106 23.38 9.17 -57.62
N ILE D 107 22.10 9.31 -57.27
CA ILE D 107 21.61 10.44 -56.50
C ILE D 107 21.02 9.92 -55.20
N LEU D 108 21.38 10.56 -54.08
CA LEU D 108 20.73 10.35 -52.80
C LEU D 108 19.95 11.60 -52.43
N TYR D 109 18.71 11.42 -51.98
CA TYR D 109 17.89 12.53 -51.52
C TYR D 109 18.02 12.60 -49.99
N LEU D 110 18.89 13.49 -49.53
CA LEU D 110 19.17 13.67 -48.11
C LEU D 110 18.44 14.91 -47.62
N ASP D 111 17.57 14.76 -46.63
CA ASP D 111 16.87 15.90 -46.08
C ASP D 111 17.78 16.69 -45.14
N HIS D 112 17.46 17.98 -44.96
CA HIS D 112 18.38 18.92 -44.31
C HIS D 112 18.50 18.71 -42.80
N ASP D 113 17.83 17.71 -42.23
CA ASP D 113 17.84 17.45 -40.79
C ASP D 113 18.21 15.99 -40.49
N ASP D 114 18.83 15.32 -41.46
CA ASP D 114 19.18 13.91 -41.35
C ASP D 114 20.69 13.75 -41.48
N THR D 115 21.18 12.54 -41.23
CA THR D 115 22.59 12.23 -41.43
C THR D 115 22.72 10.89 -42.13
N VAL D 116 23.91 10.65 -42.67
CA VAL D 116 24.26 9.45 -43.39
C VAL D 116 25.40 8.75 -42.66
N PHE D 117 25.40 7.42 -42.69
CA PHE D 117 26.42 6.66 -41.97
C PHE D 117 27.76 6.70 -42.73
N PRO D 118 28.89 6.49 -42.03
CA PRO D 118 30.20 6.77 -42.63
C PRO D 118 30.54 5.94 -43.86
N GLU D 119 30.18 4.66 -43.91
CA GLU D 119 30.54 3.83 -45.04
C GLU D 119 29.42 3.71 -46.07
N THR D 120 28.40 4.57 -45.97
CA THR D 120 27.24 4.43 -46.85
C THR D 120 27.62 4.61 -48.32
N PHE D 121 28.29 5.71 -48.66
CA PHE D 121 28.56 6.02 -50.06
C PHE D 121 29.31 4.88 -50.76
N GLU D 122 30.37 4.37 -50.11
CA GLU D 122 31.16 3.31 -50.72
C GLU D 122 30.36 2.02 -50.86
N ARG D 123 29.75 1.56 -49.77
CA ARG D 123 29.00 0.31 -49.81
C ARG D 123 27.84 0.37 -50.80
N VAL D 124 27.09 1.48 -50.79
CA VAL D 124 25.96 1.61 -51.71
C VAL D 124 26.44 1.64 -53.15
N TYR D 125 27.46 2.45 -53.45
CA TYR D 125 27.91 2.58 -54.83
C TYR D 125 28.47 1.27 -55.35
N ASN D 126 29.35 0.64 -54.57
CA ASN D 126 29.94 -0.63 -55.00
C ASN D 126 28.86 -1.70 -55.22
N PHE D 127 27.84 -1.72 -54.35
CA PHE D 127 26.74 -2.67 -54.49
C PHE D 127 25.91 -2.37 -55.74
N GLY D 128 25.67 -1.08 -56.01
CA GLY D 128 24.92 -0.72 -57.20
C GLY D 128 25.69 -0.87 -58.49
N LYS D 129 27.00 -0.57 -58.45
CA LYS D 129 27.82 -0.68 -59.65
C LYS D 129 28.06 -2.13 -60.05
N GLU D 130 28.26 -3.01 -59.06
CA GLU D 130 28.51 -4.41 -59.34
C GLU D 130 27.28 -5.08 -59.96
N ASN D 131 26.09 -4.69 -59.52
CA ASN D 131 24.86 -5.34 -59.95
C ASN D 131 24.04 -4.49 -60.91
N ASN D 132 24.60 -3.40 -61.42
CA ASN D 132 23.95 -2.56 -62.44
C ASN D 132 22.55 -2.14 -62.01
N LEU D 133 22.44 -1.65 -60.77
CA LEU D 133 21.16 -1.33 -60.18
C LEU D 133 20.71 0.09 -60.54
N ASP D 134 19.43 0.22 -60.87
CA ASP D 134 18.82 1.54 -61.05
C ASP D 134 18.48 2.19 -59.72
N VAL D 135 18.10 1.39 -58.73
CA VAL D 135 17.79 1.89 -57.39
C VAL D 135 18.45 0.99 -56.37
N VAL D 136 19.17 1.58 -55.42
CA VAL D 136 19.68 0.89 -54.26
C VAL D 136 18.86 1.33 -53.06
N SER D 137 18.05 0.41 -52.54
CA SER D 137 17.27 0.66 -51.33
C SER D 137 18.09 0.20 -50.13
N GLY D 138 18.78 1.14 -49.50
CA GLY D 138 19.62 0.82 -48.37
C GLY D 138 18.86 0.89 -47.06
N LYS D 139 19.27 0.03 -46.11
CA LYS D 139 18.65 -0.01 -44.79
C LYS D 139 18.57 1.38 -44.18
N GLU D 140 17.36 1.78 -43.85
CA GLU D 140 17.11 3.09 -43.26
C GLU D 140 16.84 2.93 -41.77
N VAL D 141 17.26 3.93 -41.01
CA VAL D 141 17.17 3.91 -39.55
C VAL D 141 16.33 5.11 -39.11
N ARG D 142 15.41 4.88 -38.17
CA ARG D 142 14.61 5.94 -37.60
C ARG D 142 14.86 6.05 -36.10
N THR D 143 14.66 7.25 -35.57
CA THR D 143 14.92 7.51 -34.16
C THR D 143 14.10 6.60 -33.26
N ASN D 144 12.81 6.44 -33.55
CA ASN D 144 11.89 5.78 -32.64
C ASN D 144 11.42 4.45 -33.23
N GLY D 145 11.10 3.52 -32.34
CA GLY D 145 10.56 2.23 -32.75
C GLY D 145 11.60 1.13 -32.71
N TRP D 146 11.11 -0.11 -32.75
CA TRP D 146 11.96 -1.29 -32.64
C TRP D 146 12.25 -1.92 -33.99
N SER D 147 11.69 -1.40 -35.07
CA SER D 147 12.02 -1.89 -36.40
C SER D 147 11.73 -0.80 -37.41
N TRP D 148 12.34 -0.95 -38.58
CA TRP D 148 11.97 -0.18 -39.76
C TRP D 148 12.34 -1.02 -40.96
N GLY D 149 11.37 -1.30 -41.82
CA GLY D 149 11.59 -2.25 -42.90
C GLY D 149 11.94 -3.64 -42.40
N TRP D 150 11.24 -4.10 -41.35
CA TRP D 150 11.51 -5.41 -40.77
C TRP D 150 11.53 -6.50 -41.83
N LYS D 151 10.58 -6.46 -42.76
CA LYS D 151 10.50 -7.51 -43.77
C LYS D 151 11.51 -7.29 -44.90
N GLN D 152 11.58 -6.07 -45.44
CA GLN D 152 12.36 -5.82 -46.64
C GLN D 152 13.86 -5.78 -46.34
N PHE D 153 14.25 -5.20 -45.22
CA PHE D 153 15.67 -5.03 -44.88
C PHE D 153 16.23 -6.23 -44.13
N SER D 154 15.78 -7.44 -44.47
CA SER D 154 16.18 -8.63 -43.74
C SER D 154 17.43 -9.27 -44.34
N GLU D 155 17.58 -9.21 -45.65
CA GLU D 155 18.71 -9.81 -46.33
C GLU D 155 19.07 -8.96 -47.55
N ASN D 156 20.34 -8.98 -47.91
CA ASN D 156 20.76 -8.35 -49.16
C ASN D 156 20.15 -9.08 -50.34
N ASN D 157 19.71 -8.32 -51.32
CA ASN D 157 19.09 -8.90 -52.53
C ASN D 157 19.40 -7.99 -53.71
N PRO D 158 20.37 -8.36 -54.55
CA PRO D 158 20.69 -7.56 -55.74
C PRO D 158 19.68 -7.72 -56.87
N HIS D 159 18.71 -8.61 -56.74
CA HIS D 159 17.67 -8.84 -57.75
C HIS D 159 16.29 -8.73 -57.09
N ALA D 160 16.11 -7.66 -56.31
CA ALA D 160 14.91 -7.54 -55.49
C ALA D 160 13.66 -7.23 -56.31
N GLU D 161 13.80 -6.60 -57.48
CA GLU D 161 12.63 -6.29 -58.29
C GLU D 161 11.91 -7.53 -58.80
N GLU D 162 12.55 -8.70 -58.72
CA GLU D 162 11.89 -9.95 -59.08
C GLU D 162 10.77 -10.32 -58.11
N MET D 163 10.82 -9.78 -56.89
CA MET D 163 9.79 -10.00 -55.88
C MET D 163 8.59 -9.09 -56.06
N GLY D 164 8.66 -8.15 -56.98
CA GLY D 164 7.57 -7.22 -57.22
C GLY D 164 7.85 -5.86 -56.62
N ILE D 165 6.82 -5.01 -56.69
CA ILE D 165 6.94 -3.63 -56.24
C ILE D 165 7.16 -3.53 -54.74
N GLU D 166 6.96 -4.61 -54.00
CA GLU D 166 7.21 -4.61 -52.56
C GLU D 166 8.67 -4.33 -52.23
N CYS D 167 9.59 -4.60 -53.17
CA CYS D 167 11.02 -4.48 -52.89
C CYS D 167 11.44 -3.05 -52.54
N LEU D 168 10.61 -2.06 -52.82
CA LEU D 168 10.93 -0.66 -52.56
C LEU D 168 10.32 -0.14 -51.26
N LEU D 169 9.55 -0.97 -50.55
CA LEU D 169 9.07 -0.53 -49.25
C LEU D 169 10.20 -0.64 -48.21
N PRO D 170 10.26 0.28 -47.24
CA PRO D 170 9.44 1.48 -47.12
C PRO D 170 9.81 2.53 -48.17
N MET D 171 8.80 3.14 -48.80
CA MET D 171 9.02 3.97 -49.96
C MET D 171 9.38 5.41 -49.60
N THR D 172 10.33 5.58 -48.67
CA THR D 172 10.93 6.90 -48.48
C THR D 172 11.78 7.25 -49.70
N PRO D 173 12.11 8.52 -49.89
CA PRO D 173 12.99 8.89 -50.99
C PRO D 173 14.47 8.79 -50.65
N HIS D 174 14.79 8.24 -49.47
CA HIS D 174 16.15 8.19 -48.97
C HIS D 174 16.88 6.96 -49.49
N LYS D 175 16.79 6.75 -50.80
CA LYS D 175 17.47 5.69 -51.51
C LYS D 175 18.48 6.32 -52.48
N PHE D 176 19.20 5.46 -53.19
CA PHE D 176 20.13 5.90 -54.22
C PHE D 176 19.56 5.52 -55.58
N TYR D 177 19.42 6.52 -56.46
CA TYR D 177 18.80 6.34 -57.76
C TYR D 177 19.82 6.64 -58.86
N LYS D 178 19.86 5.77 -59.87
CA LYS D 178 20.67 6.02 -61.06
C LYS D 178 20.17 7.29 -61.75
N ARG D 179 21.03 8.31 -61.80
CA ARG D 179 20.62 9.62 -62.30
C ARG D 179 20.07 9.53 -63.72
N GLU D 180 20.80 8.85 -64.61
CA GLU D 180 20.34 8.74 -66.00
C GLU D 180 19.02 8.00 -66.08
N PHE D 181 18.78 7.02 -65.22
CA PHE D 181 17.51 6.31 -65.23
C PHE D 181 16.35 7.24 -64.90
N LEU D 182 16.52 8.09 -63.89
CA LEU D 182 15.50 9.07 -63.56
C LEU D 182 15.25 10.03 -64.71
N LEU D 183 16.33 10.47 -65.39
CA LEU D 183 16.19 11.45 -66.45
C LEU D 183 15.56 10.84 -67.70
N GLU D 184 15.90 9.57 -68.00
CA GLU D 184 15.36 8.93 -69.19
C GLU D 184 13.85 8.76 -69.12
N ASN D 185 13.32 8.45 -67.94
CA ASN D 185 11.90 8.18 -67.77
C ASN D 185 11.14 9.36 -67.20
N ASP D 186 11.77 10.54 -67.14
CA ASP D 186 11.14 11.77 -66.63
C ASP D 186 10.45 11.51 -65.29
N ILE D 187 11.21 10.98 -64.35
CA ILE D 187 10.72 10.67 -63.01
C ILE D 187 11.07 11.85 -62.11
N THR D 188 10.05 12.55 -61.62
CA THR D 188 10.23 13.75 -60.80
C THR D 188 9.26 13.71 -59.64
N PHE D 189 9.55 14.52 -58.62
CA PHE D 189 8.63 14.68 -57.49
C PHE D 189 7.53 15.67 -57.85
N ASP D 190 6.31 15.38 -57.36
CA ASP D 190 5.18 16.28 -57.58
C ASP D 190 5.32 17.52 -56.71
N ASP D 191 5.20 18.70 -57.33
CA ASP D 191 5.38 19.97 -56.63
C ASP D 191 4.10 20.82 -56.66
N GLY D 192 2.94 20.16 -56.70
CA GLY D 192 1.67 20.85 -56.77
C GLY D 192 1.26 21.48 -55.45
N ALA D 193 0.05 22.06 -55.46
CA ALA D 193 -0.42 22.84 -54.33
C ALA D 193 -0.64 21.98 -53.10
N ARG D 194 -1.04 20.72 -53.29
CA ARG D 194 -1.38 19.81 -52.20
C ARG D 194 -0.66 18.49 -52.48
N VAL D 195 0.57 18.39 -52.02
CA VAL D 195 1.43 17.24 -52.29
C VAL D 195 1.46 16.35 -51.06
N LEU D 196 1.13 15.07 -51.24
CA LEU D 196 1.14 14.10 -50.16
C LEU D 196 1.64 12.77 -50.69
N TRP D 197 2.52 12.11 -49.92
CA TRP D 197 3.10 10.82 -50.31
C TRP D 197 3.84 10.91 -51.64
N GLU D 198 4.52 12.04 -51.88
CA GLU D 198 5.24 12.21 -53.14
C GLU D 198 6.33 11.16 -53.31
N ASP D 199 6.86 10.62 -52.21
CA ASP D 199 7.88 9.58 -52.33
C ASP D 199 7.27 8.25 -52.73
N VAL D 200 5.99 8.02 -52.43
CA VAL D 200 5.32 6.80 -52.87
C VAL D 200 5.13 6.82 -54.37
N TYR D 201 4.76 7.98 -54.93
CA TYR D 201 4.66 8.10 -56.38
C TYR D 201 6.03 7.95 -57.03
N PHE D 202 7.04 8.63 -56.48
CA PHE D 202 8.39 8.60 -57.03
C PHE D 202 8.91 7.16 -57.12
N ASN D 203 8.82 6.41 -56.02
CA ASN D 203 9.30 5.03 -56.02
C ASN D 203 8.42 4.13 -56.89
N SER D 204 7.11 4.30 -56.83
CA SER D 204 6.22 3.51 -57.68
C SER D 204 6.55 3.74 -59.16
N LYS D 205 6.82 4.99 -59.54
CA LYS D 205 7.15 5.25 -60.94
C LYS D 205 8.48 4.62 -61.33
N ALA D 206 9.46 4.62 -60.42
CA ALA D 206 10.72 3.94 -60.71
C ALA D 206 10.50 2.48 -61.01
N PHE D 207 9.60 1.83 -60.26
CA PHE D 207 9.35 0.41 -60.50
C PHE D 207 8.58 0.19 -61.79
N ILE D 208 7.55 1.01 -62.05
CA ILE D 208 6.74 0.85 -63.25
C ILE D 208 7.61 0.92 -64.50
N HIS D 209 8.62 1.78 -64.48
CA HIS D 209 9.53 1.92 -65.60
C HIS D 209 10.66 0.88 -65.59
N GLY D 210 10.52 -0.20 -64.84
CA GLY D 210 11.45 -1.32 -64.94
C GLY D 210 12.78 -1.14 -64.24
N ALA D 211 12.81 -0.44 -63.13
CA ALA D 211 14.06 -0.23 -62.41
C ALA D 211 14.60 -1.55 -61.86
N LYS D 212 15.88 -1.83 -62.12
CA LYS D 212 16.57 -2.89 -61.40
C LYS D 212 16.82 -2.42 -59.98
N VAL D 213 16.33 -3.18 -59.00
CA VAL D 213 16.33 -2.75 -57.61
C VAL D 213 17.17 -3.71 -56.79
N GLY D 214 17.98 -3.15 -55.91
CA GLY D 214 18.72 -3.95 -54.95
C GLY D 214 18.46 -3.47 -53.54
N ILE D 215 18.32 -4.41 -52.62
CA ILE D 215 18.16 -4.12 -51.21
C ILE D 215 19.49 -4.38 -50.52
N LEU D 216 20.08 -3.33 -49.96
CA LEU D 216 21.29 -3.44 -49.14
C LEU D 216 20.85 -3.40 -47.68
N ALA D 217 20.86 -4.56 -47.03
CA ALA D 217 20.29 -4.70 -45.70
C ALA D 217 21.31 -4.88 -44.59
N ASP D 218 22.57 -5.17 -44.90
CA ASP D 218 23.54 -5.50 -43.87
C ASP D 218 24.30 -4.30 -43.33
N TYR D 219 23.93 -3.08 -43.74
CA TYR D 219 24.63 -1.91 -43.24
C TYR D 219 23.63 -0.77 -43.16
N PRO D 220 23.54 -0.07 -42.02
CA PRO D 220 22.64 1.08 -41.91
C PRO D 220 23.17 2.22 -42.79
N THR D 221 22.33 2.69 -43.70
CA THR D 221 22.79 3.68 -44.68
C THR D 221 22.31 5.09 -44.38
N TYR D 222 21.11 5.25 -43.82
CA TYR D 222 20.48 6.56 -43.71
C TYR D 222 19.77 6.67 -42.37
N TYR D 223 20.03 7.75 -41.65
CA TYR D 223 19.38 8.02 -40.37
C TYR D 223 18.30 9.09 -40.61
N TRP D 224 17.04 8.66 -40.60
CA TRP D 224 15.87 9.54 -40.74
C TRP D 224 15.49 10.00 -39.34
N ILE D 225 15.81 11.26 -39.02
CA ILE D 225 15.83 11.71 -37.63
C ILE D 225 14.49 12.38 -37.28
N ALA D 226 13.92 12.00 -36.14
CA ALA D 226 12.72 12.64 -35.64
C ALA D 226 13.11 13.85 -34.79
N THR D 227 12.57 15.01 -35.13
CA THR D 227 12.95 16.27 -34.50
C THR D 227 11.74 16.92 -33.82
N GLY D 228 11.94 18.13 -33.33
CA GLY D 228 10.89 18.87 -32.64
C GLY D 228 10.10 19.77 -33.57
N ARG D 237 -4.08 17.15 -42.03
CA ARG D 237 -4.98 17.21 -40.88
C ARG D 237 -6.42 17.43 -41.33
N ASP D 238 -6.61 18.25 -42.36
CA ASP D 238 -7.93 18.45 -42.96
C ASP D 238 -8.45 17.12 -43.50
N PRO D 239 -9.55 16.58 -42.96
CA PRO D 239 -10.04 15.28 -43.44
C PRO D 239 -10.45 15.29 -44.90
N HIS D 240 -10.98 16.41 -45.41
CA HIS D 240 -11.37 16.47 -46.81
C HIS D 240 -10.16 16.45 -47.72
N GLU D 241 -9.09 17.15 -47.32
CA GLU D 241 -7.87 17.12 -48.12
C GLU D 241 -7.20 15.76 -48.04
N LYS D 242 -7.19 15.16 -46.85
CA LYS D 242 -6.59 13.85 -46.67
C LYS D 242 -7.21 12.82 -47.61
N TRP D 243 -8.54 12.77 -47.67
CA TRP D 243 -9.18 11.77 -48.49
C TRP D 243 -9.19 12.14 -49.97
N ASN D 244 -9.03 13.42 -50.30
CA ASN D 244 -8.72 13.78 -51.68
C ASN D 244 -7.40 13.16 -52.11
N GLN D 245 -6.38 13.24 -51.25
CA GLN D 245 -5.08 12.66 -51.57
C GLN D 245 -5.14 11.14 -51.64
N ILE D 246 -5.90 10.51 -50.74
CA ILE D 246 -5.99 9.05 -50.74
C ILE D 246 -6.65 8.56 -52.02
N ASN D 247 -7.72 9.22 -52.46
CA ASN D 247 -8.33 8.88 -53.74
C ASN D 247 -7.34 9.06 -54.89
N LYS D 248 -6.58 10.16 -54.87
CA LYS D 248 -5.57 10.37 -55.89
C LYS D 248 -4.56 9.23 -55.90
N LEU D 249 -4.17 8.76 -54.72
CA LEU D 249 -3.14 7.72 -54.64
C LEU D 249 -3.65 6.39 -55.16
N PHE D 250 -4.87 5.99 -54.77
CA PHE D 250 -5.40 4.72 -55.26
C PHE D 250 -5.66 4.77 -56.76
N ASN D 251 -6.17 5.89 -57.27
CA ASN D 251 -6.39 6.02 -58.71
C ASN D 251 -5.08 5.93 -59.47
N PHE D 252 -4.00 6.48 -58.91
CA PHE D 252 -2.68 6.33 -59.53
C PHE D 252 -2.29 4.86 -59.62
N PHE D 253 -2.46 4.11 -58.53
CA PHE D 253 -2.18 2.68 -58.54
C PHE D 253 -2.94 1.98 -59.66
N LYS D 254 -4.25 2.20 -59.72
CA LYS D 254 -5.10 1.47 -60.67
C LYS D 254 -4.80 1.85 -62.11
N ASP D 255 -4.40 3.11 -62.35
CA ASP D 255 -4.20 3.60 -63.71
C ASP D 255 -2.80 3.34 -64.25
N ASN D 256 -1.81 3.07 -63.40
CA ASN D 256 -0.43 3.01 -63.88
C ASN D 256 0.29 1.69 -63.63
N ILE D 257 -0.10 0.93 -62.62
CA ILE D 257 0.56 -0.34 -62.33
C ILE D 257 -0.02 -1.41 -63.23
N LYS D 258 0.84 -2.08 -64.01
CA LYS D 258 0.39 -3.02 -65.03
C LYS D 258 0.44 -4.46 -64.57
N GLU D 259 1.43 -4.85 -63.77
CA GLU D 259 1.51 -6.22 -63.30
C GLU D 259 0.48 -6.44 -62.20
N GLN D 260 -0.38 -7.46 -62.39
CA GLN D 260 -1.47 -7.67 -61.44
C GLN D 260 -0.96 -7.96 -60.03
N ARG D 261 0.14 -8.71 -59.92
CA ARG D 261 0.72 -8.98 -58.61
C ARG D 261 1.12 -7.68 -57.91
N ASP D 262 1.67 -6.74 -58.67
CA ASP D 262 2.10 -5.47 -58.10
C ASP D 262 0.90 -4.59 -57.73
N LEU D 263 -0.11 -4.56 -58.60
CA LEU D 263 -1.30 -3.77 -58.28
C LEU D 263 -2.02 -4.32 -57.07
N ASP D 264 -2.17 -5.64 -57.00
CA ASP D 264 -2.83 -6.26 -55.85
C ASP D 264 -2.07 -5.96 -54.55
N PHE D 265 -0.73 -5.91 -54.63
CA PHE D 265 0.03 -5.65 -53.42
C PHE D 265 -0.18 -4.22 -52.93
N MET D 266 -0.08 -3.24 -53.83
CA MET D 266 -0.25 -1.85 -53.39
C MET D 266 -1.67 -1.59 -52.92
N LEU D 267 -2.67 -2.18 -53.61
CA LEU D 267 -4.05 -1.97 -53.17
C LEU D 267 -4.28 -2.56 -51.80
N THR D 268 -3.82 -3.79 -51.59
CA THR D 268 -3.96 -4.45 -50.29
C THR D 268 -3.22 -3.66 -49.21
N HIS D 269 -1.95 -3.32 -49.46
CA HIS D 269 -1.13 -2.67 -48.44
C HIS D 269 -1.71 -1.33 -48.01
N TRP D 270 -2.12 -0.51 -48.96
CA TRP D 270 -2.63 0.82 -48.63
C TRP D 270 -4.08 0.80 -48.17
N TYR D 271 -4.90 -0.13 -48.67
CA TYR D 271 -6.25 -0.29 -48.14
C TYR D 271 -6.21 -0.72 -46.68
N ARG D 272 -5.39 -1.71 -46.37
CA ARG D 272 -5.24 -2.16 -44.99
C ARG D 272 -4.78 -1.03 -44.09
N SER D 273 -3.72 -0.33 -44.48
CA SER D 273 -3.04 0.56 -43.54
C SER D 273 -3.71 1.94 -43.44
N ARG D 274 -4.22 2.48 -44.55
CA ARG D 274 -4.76 3.84 -44.52
C ARG D 274 -6.28 3.91 -44.54
N VAL D 275 -6.98 2.87 -45.00
CA VAL D 275 -8.43 2.92 -45.09
C VAL D 275 -9.02 2.13 -43.94
N LEU D 276 -8.79 0.82 -43.92
CA LEU D 276 -9.17 0.05 -42.74
C LEU D 276 -8.40 0.51 -41.50
N GLY D 277 -7.28 1.23 -41.68
CA GLY D 277 -6.47 1.67 -40.57
C GLY D 277 -7.09 2.72 -39.69
N ILE D 278 -8.18 3.34 -40.12
CA ILE D 278 -8.93 4.25 -39.26
C ILE D 278 -10.10 3.54 -38.58
N LEU D 279 -10.24 2.24 -38.75
CA LEU D 279 -11.43 1.53 -38.29
C LEU D 279 -11.19 0.74 -37.00
N GLY D 280 -10.02 0.88 -36.39
CA GLY D 280 -9.74 0.29 -35.10
C GLY D 280 -9.53 1.33 -34.01
N GLN D 281 -8.34 1.32 -33.38
CA GLN D 281 -8.07 2.21 -32.27
C GLN D 281 -8.18 3.69 -32.65
N TRP D 282 -8.08 4.01 -33.94
CA TRP D 282 -8.29 5.39 -34.39
C TRP D 282 -9.66 5.92 -33.96
N LEU D 283 -10.68 5.05 -33.96
CA LEU D 283 -12.03 5.47 -33.55
C LEU D 283 -12.09 5.88 -32.09
N LEU D 284 -11.11 5.49 -31.27
CA LEU D 284 -11.08 5.86 -29.87
C LEU D 284 -10.22 7.08 -29.59
N LYS D 285 -9.60 7.67 -30.62
CA LYS D 285 -8.73 8.82 -30.43
C LYS D 285 -9.24 10.08 -31.13
N ASN D 286 -10.51 10.11 -31.56
CA ASN D 286 -10.97 11.18 -32.43
C ASN D 286 -12.43 11.51 -32.10
N ASN D 287 -12.81 12.75 -32.41
CA ASN D 287 -14.16 13.21 -32.12
C ASN D 287 -15.14 12.69 -33.16
N ASN D 288 -16.43 12.67 -32.78
CA ASN D 288 -17.44 12.03 -33.61
C ASN D 288 -17.57 12.73 -34.97
N GLU D 289 -17.25 14.02 -35.05
CA GLU D 289 -17.43 14.73 -36.31
C GLU D 289 -16.38 14.30 -37.34
N ARG D 290 -15.12 14.24 -36.93
CA ARG D 290 -14.09 13.78 -37.87
C ARG D 290 -14.31 12.31 -38.22
N ILE D 291 -14.75 11.50 -37.27
CA ILE D 291 -15.01 10.08 -37.54
C ILE D 291 -16.05 9.94 -38.63
N ASP D 292 -17.15 10.69 -38.55
CA ASP D 292 -18.20 10.55 -39.55
C ASP D 292 -17.73 11.00 -40.93
N ILE D 293 -16.91 12.06 -40.98
CA ILE D 293 -16.38 12.52 -42.26
C ILE D 293 -15.49 11.46 -42.89
N GLU D 294 -14.53 10.96 -42.12
CA GLU D 294 -13.56 10.03 -42.72
C GLU D 294 -14.19 8.66 -42.96
N PHE D 295 -15.08 8.20 -42.09
CA PHE D 295 -15.73 6.92 -42.31
C PHE D 295 -16.50 6.92 -43.63
N ASN D 296 -17.28 7.97 -43.89
CA ASN D 296 -18.04 8.06 -45.14
C ASN D 296 -17.12 8.11 -46.35
N TYR D 297 -16.02 8.87 -46.24
CA TYR D 297 -15.00 8.86 -47.29
C TYR D 297 -14.44 7.47 -47.50
N ALA D 298 -14.11 6.78 -46.41
CA ALA D 298 -13.54 5.43 -46.54
C ALA D 298 -14.54 4.47 -47.18
N LYS D 299 -15.83 4.64 -46.85
CA LYS D 299 -16.84 3.76 -47.42
C LYS D 299 -17.01 3.99 -48.92
N LYS D 300 -17.02 5.25 -49.35
CA LYS D 300 -17.09 5.55 -50.79
C LYS D 300 -15.88 4.98 -51.52
N LEU D 301 -14.68 5.15 -50.95
CA LEU D 301 -13.47 4.67 -51.60
C LEU D 301 -13.47 3.15 -51.72
N ALA D 302 -13.82 2.45 -50.64
CA ALA D 302 -13.91 1.00 -50.71
C ALA D 302 -14.87 0.55 -51.82
N GLU D 303 -16.04 1.17 -51.88
CA GLU D 303 -17.03 0.80 -52.90
C GLU D 303 -16.52 1.11 -54.30
N GLU D 304 -15.97 2.30 -54.51
CA GLU D 304 -15.65 2.77 -55.85
C GLU D 304 -14.33 2.21 -56.38
N LEU D 305 -13.33 1.98 -55.52
CA LEU D 305 -11.99 1.68 -56.00
C LEU D 305 -11.43 0.33 -55.60
N ILE D 306 -11.93 -0.29 -54.54
CA ILE D 306 -11.30 -1.49 -53.97
C ILE D 306 -12.14 -2.69 -54.36
N PRO D 307 -11.66 -3.59 -55.22
CA PRO D 307 -12.45 -4.76 -55.59
C PRO D 307 -12.59 -5.72 -54.42
N ALA D 308 -13.62 -6.56 -54.51
CA ALA D 308 -13.96 -7.44 -53.39
C ALA D 308 -12.85 -8.45 -53.11
N TYR D 309 -12.16 -8.94 -54.15
CA TYR D 309 -11.14 -9.96 -53.92
C TYR D 309 -10.01 -9.45 -53.05
N ILE D 310 -9.80 -8.14 -52.99
CA ILE D 310 -8.70 -7.59 -52.19
C ILE D 310 -8.84 -8.02 -50.73
N SER D 311 -10.05 -7.97 -50.20
CA SER D 311 -10.23 -8.29 -48.79
C SER D 311 -10.18 -9.78 -48.53
N GLU D 312 -10.35 -10.61 -49.56
CA GLU D 312 -10.11 -12.03 -49.39
C GLU D 312 -8.64 -12.32 -49.08
N ASN D 313 -7.73 -11.40 -49.38
CA ASN D 313 -6.32 -11.55 -49.04
C ASN D 313 -6.00 -11.16 -47.60
N LEU D 314 -6.96 -10.62 -46.85
CA LEU D 314 -6.68 -10.03 -45.55
C LEU D 314 -6.93 -11.01 -44.42
N ASP D 315 -6.35 -10.70 -43.26
CA ASP D 315 -6.62 -11.49 -42.07
C ASP D 315 -8.07 -11.27 -41.61
N LYS D 316 -8.54 -12.20 -40.76
CA LYS D 316 -9.93 -12.21 -40.31
C LYS D 316 -10.38 -10.85 -39.79
N ASN D 317 -9.57 -10.23 -38.91
CA ASN D 317 -10.01 -8.99 -38.27
C ASN D 317 -10.17 -7.87 -39.28
N ASN D 318 -9.31 -7.83 -40.29
CA ASN D 318 -9.47 -6.85 -41.35
C ASN D 318 -10.63 -7.18 -42.28
N GLN D 319 -10.97 -8.47 -42.43
CA GLN D 319 -12.18 -8.81 -43.19
C GLN D 319 -13.43 -8.36 -42.45
N VAL D 320 -13.43 -8.45 -41.12
CA VAL D 320 -14.53 -7.89 -40.32
C VAL D 320 -14.63 -6.39 -40.58
N LYS D 321 -13.49 -5.69 -40.53
CA LYS D 321 -13.50 -4.25 -40.74
C LYS D 321 -13.96 -3.89 -42.15
N ASP D 322 -13.47 -4.61 -43.16
CA ASP D 322 -13.92 -4.37 -44.53
C ASP D 322 -15.43 -4.58 -44.65
N TYR D 323 -15.94 -5.69 -44.08
CA TYR D 323 -17.35 -6.02 -44.20
C TYR D 323 -18.23 -4.95 -43.54
N LEU D 324 -17.88 -4.54 -42.31
CA LEU D 324 -18.72 -3.59 -41.60
C LEU D 324 -18.61 -2.19 -42.21
N LEU D 325 -17.43 -1.83 -42.74
CA LEU D 325 -17.30 -0.59 -43.49
C LEU D 325 -18.30 -0.53 -44.64
N ARG D 326 -18.29 -1.57 -45.49
CA ARG D 326 -19.16 -1.58 -46.66
C ARG D 326 -20.62 -1.61 -46.27
N GLN D 327 -20.93 -2.28 -45.15
CA GLN D 327 -22.26 -2.28 -44.56
C GLN D 327 -22.62 -0.95 -43.90
N GLY D 328 -21.69 0.00 -43.81
CA GLY D 328 -21.98 1.24 -43.13
C GLY D 328 -22.15 1.13 -41.63
N ASP D 329 -21.66 0.05 -41.02
CA ASP D 329 -21.93 -0.22 -39.60
C ASP D 329 -20.81 0.34 -38.73
N LEU D 330 -20.81 1.66 -38.62
CA LEU D 330 -19.84 2.35 -37.77
C LEU D 330 -19.99 1.97 -36.31
N ASP D 331 -21.22 1.75 -35.84
CA ASP D 331 -21.44 1.46 -34.43
C ASP D 331 -20.84 0.12 -34.01
N SER D 332 -20.97 -0.90 -34.86
CA SER D 332 -20.30 -2.16 -34.55
C SER D 332 -18.79 -1.99 -34.56
N LEU D 333 -18.27 -1.14 -35.43
CA LEU D 333 -16.82 -0.94 -35.51
C LEU D 333 -16.31 -0.25 -34.25
N LYS D 334 -17.04 0.75 -33.75
CA LYS D 334 -16.67 1.42 -32.50
C LYS D 334 -16.66 0.44 -31.34
N LYS D 335 -17.66 -0.45 -31.28
CA LYS D 335 -17.71 -1.42 -30.19
C LYS D 335 -16.59 -2.44 -30.31
N LEU D 336 -16.28 -2.88 -31.53
CA LEU D 336 -15.15 -3.78 -31.71
C LEU D 336 -13.84 -3.12 -31.30
N ALA D 337 -13.71 -1.82 -31.54
CA ALA D 337 -12.48 -1.14 -31.18
C ALA D 337 -12.29 -1.14 -29.66
N GLN D 338 -13.38 -0.93 -28.92
CA GLN D 338 -13.28 -1.01 -27.47
C GLN D 338 -12.95 -2.41 -26.98
N ILE D 339 -13.48 -3.43 -27.66
CA ILE D 339 -13.13 -4.81 -27.31
C ILE D 339 -11.66 -5.09 -27.58
N ASP D 340 -11.11 -4.56 -28.67
CA ASP D 340 -9.74 -4.84 -29.07
C ASP D 340 -8.70 -4.06 -28.27
N ALA D 341 -9.10 -2.98 -27.60
CA ALA D 341 -8.13 -2.04 -27.04
C ALA D 341 -7.28 -2.71 -25.95
N GLY D 342 -5.97 -2.57 -26.07
CA GLY D 342 -5.04 -3.07 -25.08
C GLY D 342 -4.41 -4.41 -25.38
N ILE D 343 -4.89 -5.11 -26.43
CA ILE D 343 -4.35 -6.43 -26.77
C ILE D 343 -2.87 -6.31 -27.09
N THR D 344 -2.05 -7.12 -26.42
CA THR D 344 -0.60 -7.01 -26.54
C THR D 344 0.04 -8.33 -26.14
N ALA D 345 1.36 -8.40 -26.35
CA ALA D 345 2.15 -9.57 -25.96
C ALA D 345 3.51 -9.06 -25.47
N LEU D 346 3.68 -9.03 -24.16
CA LEU D 346 4.92 -8.60 -23.52
C LEU D 346 5.73 -9.82 -23.13
N SER D 347 7.04 -9.78 -23.40
CA SER D 347 7.92 -10.90 -23.12
C SER D 347 8.63 -10.71 -21.79
N TYR D 348 8.73 -11.79 -21.03
CA TYR D 348 9.44 -11.81 -19.77
C TYR D 348 10.71 -12.63 -19.94
N VAL D 349 11.78 -12.22 -19.26
CA VAL D 349 13.01 -13.01 -19.22
C VAL D 349 12.80 -14.18 -18.28
N GLU D 350 12.94 -15.40 -18.80
CA GLU D 350 12.91 -16.58 -17.94
C GLU D 350 14.32 -17.03 -17.55
N ASP D 351 15.33 -16.65 -18.32
CA ASP D 351 16.71 -17.01 -18.02
C ASP D 351 17.62 -16.18 -18.91
N ALA D 352 18.78 -15.80 -18.37
CA ALA D 352 19.75 -15.00 -19.09
C ALA D 352 21.13 -15.31 -18.50
N TYR D 353 22.08 -15.65 -19.36
CA TYR D 353 23.42 -15.98 -18.90
C TYR D 353 24.40 -15.87 -20.05
N PHE D 354 25.65 -15.59 -19.71
CA PHE D 354 26.74 -15.61 -20.67
C PHE D 354 27.30 -17.01 -20.79
N LYS D 355 27.52 -17.46 -22.02
CA LYS D 355 28.15 -18.75 -22.28
C LYS D 355 29.12 -18.55 -23.43
N GLU D 356 30.38 -18.93 -23.22
CA GLU D 356 31.43 -18.80 -24.24
C GLU D 356 31.51 -17.33 -24.64
N ASP D 357 31.32 -16.98 -25.91
CA ASP D 357 31.43 -15.59 -26.35
C ASP D 357 30.07 -14.93 -26.59
N LYS D 358 28.97 -15.51 -26.12
CA LYS D 358 27.64 -15.00 -26.42
C LYS D 358 26.80 -14.91 -25.15
N LEU D 359 25.73 -14.11 -25.25
CA LEU D 359 24.74 -13.95 -24.19
C LEU D 359 23.47 -14.68 -24.59
N PHE D 360 22.99 -15.56 -23.71
CA PHE D 360 21.82 -16.40 -24.00
C PHE D 360 20.61 -15.94 -23.20
N PHE D 361 19.43 -16.05 -23.84
CA PHE D 361 18.15 -15.66 -23.25
C PHE D 361 17.12 -16.77 -23.42
N LYS D 362 16.31 -16.95 -22.38
CA LYS D 362 15.06 -17.71 -22.49
C LYS D 362 13.92 -16.78 -22.08
N THR D 363 12.94 -16.61 -22.96
CA THR D 363 11.84 -15.70 -22.71
C THR D 363 10.50 -16.41 -22.88
N SER D 364 9.46 -15.81 -22.30
CA SER D 364 8.10 -16.30 -22.43
C SER D 364 7.18 -15.11 -22.68
N THR D 365 6.09 -15.37 -23.38
CA THR D 365 5.09 -14.34 -23.60
C THR D 365 3.71 -14.97 -23.66
N LYS D 366 2.71 -14.11 -23.64
CA LYS D 366 1.32 -14.54 -23.66
C LYS D 366 0.49 -13.34 -24.11
N MET D 367 -0.52 -13.59 -24.93
CA MET D 367 -1.39 -12.51 -25.36
C MET D 367 -2.26 -12.08 -24.19
N THR D 368 -2.27 -10.78 -23.89
CA THR D 368 -2.99 -10.23 -22.76
C THR D 368 -3.63 -8.90 -23.14
N TYR D 369 -4.39 -8.35 -22.22
CA TYR D 369 -4.80 -6.95 -22.23
C TYR D 369 -3.84 -6.18 -21.31
N GLU D 370 -3.00 -5.34 -21.89
CA GLU D 370 -2.11 -4.45 -21.12
C GLU D 370 -1.26 -5.21 -20.10
N ASP D 371 -0.76 -6.38 -20.51
N ASP D 371 -0.77 -6.39 -20.49
CA ASP D 371 0.05 -7.29 -19.68
CA ASP D 371 0.09 -7.21 -19.64
C ASP D 371 -0.62 -7.61 -18.35
C ASP D 371 -0.61 -7.68 -18.37
N LYS D 372 -1.95 -7.67 -18.35
CA LYS D 372 -2.70 -8.13 -17.20
C LYS D 372 -3.42 -9.43 -17.49
N GLU D 373 -4.76 -9.43 -17.52
CA GLU D 373 -5.49 -10.68 -17.72
C GLU D 373 -5.28 -11.22 -19.14
N ASP D 374 -5.44 -12.54 -19.29
CA ASP D 374 -5.20 -13.19 -20.57
C ASP D 374 -6.18 -12.73 -21.64
N PHE D 375 -5.67 -12.63 -22.86
CA PHE D 375 -6.54 -12.58 -24.03
C PHE D 375 -7.01 -14.00 -24.35
N PHE D 376 -8.31 -14.14 -24.67
CA PHE D 376 -8.90 -15.45 -24.88
C PHE D 376 -9.56 -15.55 -26.25
N ILE D 377 -9.58 -16.76 -26.80
CA ILE D 377 -10.50 -17.14 -27.86
C ILE D 377 -11.30 -18.33 -27.34
N GLU D 378 -12.41 -18.62 -28.00
CA GLU D 378 -13.40 -19.55 -27.46
C GLU D 378 -13.77 -20.62 -28.49
N LYS D 379 -13.74 -21.88 -28.05
CA LYS D 379 -14.01 -23.01 -28.93
C LYS D 379 -15.49 -23.38 -28.86
N THR D 380 -16.14 -23.38 -30.02
CA THR D 380 -17.52 -23.85 -30.16
C THR D 380 -17.55 -24.80 -31.33
N ALA D 381 -18.00 -26.04 -31.08
CA ALA D 381 -17.95 -27.12 -32.05
C ALA D 381 -16.49 -27.33 -32.42
N ASP D 382 -16.10 -27.22 -33.68
CA ASP D 382 -14.70 -27.30 -34.09
C ASP D 382 -14.16 -25.93 -34.50
N ARG D 383 -14.83 -24.86 -34.12
CA ARG D 383 -14.44 -23.50 -34.47
C ARG D 383 -13.79 -22.81 -33.28
N MET D 384 -12.69 -22.09 -33.53
CA MET D 384 -12.02 -21.29 -32.52
C MET D 384 -12.36 -19.82 -32.80
N GLU D 385 -13.31 -19.29 -32.05
CA GLU D 385 -13.94 -18.02 -32.39
C GLU D 385 -13.39 -16.87 -31.57
N ARG D 386 -13.23 -15.73 -32.24
CA ARG D 386 -13.11 -14.45 -31.56
C ARG D 386 -14.28 -14.28 -30.59
N ILE D 387 -13.98 -13.92 -29.35
CA ILE D 387 -15.02 -13.69 -28.35
C ILE D 387 -15.66 -12.33 -28.66
N LEU D 388 -16.96 -12.35 -28.98
CA LEU D 388 -17.69 -11.17 -29.41
C LEU D 388 -19.10 -11.21 -28.84
N PRO D 389 -19.72 -10.04 -28.63
CA PRO D 389 -21.14 -10.03 -28.23
C PRO D 389 -22.01 -10.59 -29.34
N GLU D 390 -23.13 -11.21 -28.93
CA GLU D 390 -24.04 -11.81 -29.89
C GLU D 390 -24.52 -10.80 -30.92
N GLU D 391 -24.77 -9.56 -30.48
CA GLU D 391 -25.30 -8.54 -31.38
C GLU D 391 -24.39 -8.31 -32.58
N ILE D 392 -23.07 -8.43 -32.38
CA ILE D 392 -22.11 -8.26 -33.47
C ILE D 392 -21.93 -9.56 -34.25
N LYS D 393 -21.87 -10.71 -33.57
CA LYS D 393 -21.64 -11.97 -34.27
C LYS D 393 -22.71 -12.24 -35.31
N SER D 394 -23.97 -11.91 -35.00
CA SER D 394 -25.06 -12.15 -35.94
C SER D 394 -24.97 -11.25 -37.16
N LYS D 395 -24.30 -10.10 -37.06
CA LYS D 395 -24.15 -9.19 -38.19
C LYS D 395 -22.99 -9.56 -39.10
N LEU D 396 -22.23 -10.60 -38.77
CA LEU D 396 -21.01 -10.95 -39.48
C LEU D 396 -21.09 -12.35 -40.07
N PRO D 397 -20.50 -12.56 -41.25
CA PRO D 397 -20.34 -13.92 -41.76
C PRO D 397 -19.53 -14.76 -40.78
N LYS D 398 -19.94 -16.03 -40.62
CA LYS D 398 -19.35 -16.89 -39.59
C LYS D 398 -17.84 -17.00 -39.76
N GLU D 399 -17.36 -17.04 -41.01
CA GLU D 399 -15.95 -17.29 -41.28
C GLU D 399 -15.06 -16.19 -40.74
N PHE D 400 -15.56 -14.95 -40.66
CA PHE D 400 -14.71 -13.82 -40.36
C PHE D 400 -14.28 -13.75 -38.89
N PHE D 401 -15.00 -14.40 -37.98
CA PHE D 401 -14.58 -14.47 -36.58
C PHE D 401 -14.24 -15.90 -36.17
N ASP D 402 -13.86 -16.73 -37.14
CA ASP D 402 -13.41 -18.10 -36.90
C ASP D 402 -11.91 -18.14 -37.16
N TYR D 403 -11.13 -18.30 -36.09
CA TYR D 403 -9.67 -18.29 -36.17
C TYR D 403 -9.07 -19.66 -36.47
N SER D 404 -9.90 -20.67 -36.74
CA SER D 404 -9.42 -22.05 -36.79
C SER D 404 -8.24 -22.24 -37.73
N ASP D 405 -8.30 -21.63 -38.91
CA ASP D 405 -7.27 -21.83 -39.94
C ASP D 405 -6.09 -20.88 -39.77
N ASP D 406 -6.04 -20.11 -38.68
CA ASP D 406 -4.96 -19.17 -38.46
C ASP D 406 -4.17 -19.48 -37.19
N LEU D 407 -4.41 -20.62 -36.56
CA LEU D 407 -3.81 -20.90 -35.25
C LEU D 407 -2.37 -21.38 -35.33
N ALA D 408 -1.80 -21.50 -36.53
CA ALA D 408 -0.39 -21.80 -36.69
C ALA D 408 0.36 -20.68 -37.38
N GLU D 409 -0.25 -19.50 -37.52
CA GLU D 409 0.36 -18.35 -38.16
C GLU D 409 0.99 -17.38 -37.16
N PHE D 410 1.47 -17.87 -36.03
CA PHE D 410 2.12 -17.02 -35.05
C PHE D 410 3.60 -16.87 -35.37
N THR D 411 4.14 -15.67 -35.13
CA THR D 411 5.58 -15.47 -35.16
C THR D 411 6.02 -14.86 -33.83
N TYR D 412 7.24 -15.22 -33.43
CA TYR D 412 7.80 -14.82 -32.14
C TYR D 412 9.31 -14.84 -32.29
N GLU D 413 9.94 -13.67 -32.32
CA GLU D 413 11.36 -13.59 -32.62
C GLU D 413 11.97 -12.43 -31.85
N PRO D 414 13.30 -12.42 -31.66
CA PRO D 414 13.92 -11.34 -30.90
C PRO D 414 14.54 -10.27 -31.79
N SER D 415 14.77 -9.09 -31.23
CA SER D 415 15.41 -8.00 -31.95
C SER D 415 16.26 -7.20 -30.97
N ILE D 416 17.11 -6.33 -31.53
CA ILE D 416 18.02 -5.51 -30.74
C ILE D 416 18.07 -4.13 -31.37
N LYS D 417 18.39 -3.12 -30.57
CA LYS D 417 18.48 -1.75 -31.05
C LYS D 417 19.66 -1.04 -30.41
N GLY D 418 20.53 -0.47 -31.24
CA GLY D 418 21.61 0.36 -30.75
C GLY D 418 21.06 1.69 -30.27
N ARG D 419 21.27 2.02 -28.99
CA ARG D 419 20.64 3.20 -28.42
C ARG D 419 21.23 4.49 -28.98
N ASN D 420 22.48 4.47 -29.44
CA ASN D 420 23.09 5.65 -30.02
C ASN D 420 22.90 5.73 -31.53
N SER D 421 23.10 4.61 -32.23
CA SER D 421 22.91 4.61 -33.69
C SER D 421 21.44 4.59 -34.07
N ARG D 422 20.57 4.11 -33.18
CA ARG D 422 19.14 3.89 -33.40
C ARG D 422 18.88 2.74 -34.37
N ALA D 423 19.92 2.02 -34.79
CA ALA D 423 19.77 0.91 -35.74
C ALA D 423 19.17 -0.30 -35.05
N THR D 424 18.21 -0.95 -35.73
CA THR D 424 17.54 -2.13 -35.19
C THR D 424 17.81 -3.32 -36.10
N TRP D 425 17.94 -4.49 -35.49
CA TRP D 425 18.21 -5.71 -36.23
C TRP D 425 17.40 -6.84 -35.64
N LYS D 426 17.04 -7.79 -36.51
CA LYS D 426 16.56 -9.07 -36.03
C LYS D 426 17.72 -9.87 -35.48
N ILE D 427 17.50 -10.52 -34.35
CA ILE D 427 18.48 -11.46 -33.79
C ILE D 427 18.22 -12.83 -34.40
N ASP D 428 19.19 -13.35 -35.14
CA ASP D 428 18.98 -14.57 -35.90
C ASP D 428 19.27 -15.79 -35.03
N GLY D 429 18.80 -16.95 -35.51
CA GLY D 429 19.09 -18.22 -34.87
C GLY D 429 18.18 -18.59 -33.73
N SER D 430 17.08 -17.87 -33.51
CA SER D 430 16.25 -18.13 -32.35
C SER D 430 15.35 -19.33 -32.60
N THR D 431 14.98 -20.00 -31.52
CA THR D 431 14.00 -21.07 -31.53
C THR D 431 12.78 -20.58 -30.76
N SER D 432 11.59 -20.77 -31.31
CA SER D 432 10.38 -20.32 -30.64
C SER D 432 9.25 -21.29 -30.90
N ASN D 433 8.24 -21.21 -30.04
CA ASN D 433 7.06 -22.06 -30.14
C ASN D 433 5.88 -21.33 -29.52
N VAL D 434 4.77 -21.28 -30.25
CA VAL D 434 3.54 -20.65 -29.80
C VAL D 434 2.45 -21.70 -29.73
N GLU D 435 1.73 -21.74 -28.60
CA GLU D 435 0.72 -22.74 -28.32
C GLU D 435 -0.62 -22.09 -28.04
N VAL D 436 -1.69 -22.74 -28.46
CA VAL D 436 -3.05 -22.36 -28.11
C VAL D 436 -3.49 -23.32 -27.01
N VAL D 437 -3.65 -22.81 -25.79
CA VAL D 437 -3.79 -23.62 -24.58
C VAL D 437 -5.19 -23.44 -24.01
N ASN D 438 -5.85 -24.56 -23.70
CA ASN D 438 -7.13 -24.53 -23.01
C ASN D 438 -6.92 -24.07 -21.57
N LYS D 439 -7.29 -22.82 -21.27
CA LYS D 439 -7.18 -22.32 -19.90
C LYS D 439 -8.23 -22.96 -19.01
N LYS D 440 -9.51 -22.79 -19.36
CA LYS D 440 -10.62 -23.35 -18.63
C LYS D 440 -11.86 -23.28 -19.51
N ALA D 441 -12.82 -24.16 -19.22
CA ALA D 441 -14.02 -24.29 -20.03
C ALA D 441 -13.63 -24.46 -21.50
N ASN D 442 -14.12 -23.59 -22.38
CA ASN D 442 -13.73 -23.60 -23.78
C ASN D 442 -12.87 -22.39 -24.13
N LEU D 443 -12.30 -21.74 -23.13
CA LEU D 443 -11.44 -20.58 -23.34
C LEU D 443 -10.02 -21.03 -23.61
N TYR D 444 -9.41 -20.44 -24.63
CA TYR D 444 -8.04 -20.75 -25.01
C TYR D 444 -7.21 -19.48 -25.00
N LYS D 445 -6.03 -19.56 -24.40
CA LYS D 445 -5.05 -18.49 -24.40
C LYS D 445 -3.91 -18.84 -25.34
N ILE D 446 -3.07 -17.84 -25.63
CA ILE D 446 -1.97 -17.98 -26.58
C ILE D 446 -0.68 -17.69 -25.84
N GLU D 447 0.19 -18.70 -25.72
CA GLU D 447 1.44 -18.62 -24.98
C GLU D 447 2.61 -18.93 -25.91
N GLY D 448 3.69 -18.17 -25.75
CA GLY D 448 4.90 -18.40 -26.53
C GLY D 448 6.11 -18.56 -25.64
N GLU D 449 7.10 -19.28 -26.16
CA GLU D 449 8.40 -19.48 -25.54
C GLU D 449 9.47 -19.33 -26.60
N MET D 450 10.63 -18.84 -26.20
CA MET D 450 11.69 -18.55 -27.17
C MET D 450 13.06 -18.66 -26.53
N SER D 451 14.01 -19.19 -27.29
CA SER D 451 15.43 -19.23 -26.91
C SER D 451 16.25 -18.54 -27.97
N PHE D 452 17.16 -17.67 -27.55
CA PHE D 452 18.07 -17.03 -28.50
C PHE D 452 19.33 -16.60 -27.79
N SER D 453 20.33 -16.23 -28.60
CA SER D 453 21.62 -15.79 -28.11
C SER D 453 22.07 -14.57 -28.91
N VAL D 454 22.82 -13.70 -28.25
CA VAL D 454 23.34 -12.47 -28.84
C VAL D 454 24.83 -12.64 -29.07
N GLN D 455 25.24 -12.52 -30.33
CA GLN D 455 26.65 -12.39 -30.71
C GLN D 455 26.83 -10.91 -31.09
N ILE D 456 27.32 -10.12 -30.13
CA ILE D 456 27.34 -8.67 -30.30
C ILE D 456 28.20 -8.25 -31.50
N ASN D 457 29.11 -9.12 -31.97
CA ASN D 457 29.89 -8.82 -33.16
C ASN D 457 29.01 -8.65 -34.39
N ASP D 458 27.86 -9.33 -34.42
CA ASP D 458 26.93 -9.24 -35.54
C ASP D 458 26.47 -7.80 -35.81
N TYR D 459 26.53 -6.92 -34.81
CA TYR D 459 25.93 -5.61 -34.91
C TYR D 459 26.93 -4.47 -34.78
N ILE D 460 28.22 -4.77 -34.66
CA ILE D 460 29.25 -3.74 -34.59
C ILE D 460 29.80 -3.54 -35.99
N LEU D 461 29.43 -2.42 -36.62
CA LEU D 461 29.85 -2.12 -38.01
C LEU D 461 30.73 -0.87 -38.06
N ASP D 462 30.34 0.20 -37.37
CA ASP D 462 31.17 1.39 -37.24
C ASP D 462 31.94 1.33 -35.92
N ALA D 463 33.04 2.08 -35.87
CA ALA D 463 33.84 2.13 -34.64
C ALA D 463 33.00 2.60 -33.45
N ALA D 464 32.09 3.55 -33.69
CA ALA D 464 31.27 4.06 -32.60
C ALA D 464 30.43 2.96 -31.96
N ASP D 465 30.07 1.93 -32.73
CA ASP D 465 29.23 0.84 -32.23
C ASP D 465 29.90 0.03 -31.11
N LYS D 466 31.21 0.14 -30.91
CA LYS D 466 31.86 -0.67 -29.88
C LYS D 466 31.58 -0.18 -28.47
N LYS D 467 31.15 1.07 -28.30
CA LYS D 467 30.82 1.62 -26.99
C LYS D 467 29.38 2.15 -27.07
N GLN D 468 28.43 1.32 -26.65
CA GLN D 468 27.03 1.69 -26.84
C GLN D 468 26.13 0.83 -25.96
N PRO D 469 25.07 1.39 -25.38
CA PRO D 469 24.04 0.55 -24.78
C PRO D 469 23.15 -0.05 -25.87
N TRP D 470 22.82 -1.32 -25.71
CA TRP D 470 21.94 -2.03 -26.63
C TRP D 470 20.67 -2.44 -25.90
N ASP D 471 19.52 -2.23 -26.53
CA ASP D 471 18.23 -2.55 -25.93
C ASP D 471 17.61 -3.74 -26.65
N ILE D 472 17.12 -4.71 -25.88
CA ILE D 472 16.58 -5.96 -26.40
C ILE D 472 15.07 -5.88 -26.44
N ALA D 473 14.47 -6.42 -27.50
CA ALA D 473 13.01 -6.42 -27.66
C ALA D 473 12.59 -7.75 -28.27
N THR D 474 11.27 -7.97 -28.34
CA THR D 474 10.70 -9.17 -28.93
C THR D 474 9.54 -8.78 -29.84
N ARG D 475 9.39 -9.52 -30.95
CA ARG D 475 8.35 -9.26 -31.92
C ARG D 475 7.41 -10.45 -31.96
N PHE D 476 6.14 -10.23 -31.65
CA PHE D 476 5.11 -11.26 -31.65
C PHE D 476 4.00 -10.85 -32.61
N THR D 477 3.58 -11.78 -33.46
CA THR D 477 2.43 -11.55 -34.34
C THR D 477 1.51 -12.75 -34.29
N GLY D 478 0.21 -12.49 -34.45
CA GLY D 478 -0.79 -13.55 -34.45
C GLY D 478 -2.21 -13.02 -34.43
N LEU D 479 -3.12 -13.74 -35.09
CA LEU D 479 -4.54 -13.39 -35.17
C LEU D 479 -4.76 -11.94 -35.63
N GLY D 480 -3.82 -11.36 -36.36
CA GLY D 480 -3.96 -10.00 -36.83
C GLY D 480 -3.19 -8.96 -36.03
N TYR D 481 -2.72 -9.30 -34.85
CA TYR D 481 -2.06 -8.33 -33.98
C TYR D 481 -0.55 -8.45 -34.13
N THR D 482 0.12 -7.31 -33.94
CA THR D 482 1.57 -7.22 -33.97
C THR D 482 2.00 -6.51 -32.71
N SER D 483 2.88 -7.15 -31.94
CA SER D 483 3.37 -6.58 -30.69
C SER D 483 4.88 -6.66 -30.69
N HIS D 484 5.54 -5.53 -30.85
CA HIS D 484 7.00 -5.43 -30.84
C HIS D 484 7.35 -4.51 -29.69
N ARG D 485 7.79 -5.09 -28.58
CA ARG D 485 7.97 -4.36 -27.33
C ARG D 485 9.27 -4.75 -26.67
N ALA D 486 9.80 -3.85 -25.85
CA ALA D 486 11.04 -4.12 -25.14
C ALA D 486 10.90 -5.35 -24.26
N LEU D 487 11.96 -6.15 -24.22
CA LEU D 487 12.03 -7.27 -23.30
C LEU D 487 12.10 -6.76 -21.87
N THR D 488 11.41 -7.44 -20.94
CA THR D 488 11.34 -6.99 -19.57
C THR D 488 11.65 -8.13 -18.61
N ILE D 489 11.96 -7.75 -17.36
CA ILE D 489 12.14 -8.71 -16.28
C ILE D 489 11.74 -8.02 -14.99
N GLY D 490 11.23 -8.81 -14.04
CA GLY D 490 10.85 -8.27 -12.75
C GLY D 490 11.97 -8.34 -11.72
N LYS D 491 12.59 -9.51 -11.60
CA LYS D 491 13.64 -9.66 -10.61
C LYS D 491 14.86 -8.84 -11.01
N ILE D 492 15.66 -8.49 -10.00
CA ILE D 492 16.93 -7.82 -10.26
C ILE D 492 17.80 -8.70 -11.14
N LEU D 493 18.32 -8.12 -12.22
CA LEU D 493 19.23 -8.81 -13.13
C LEU D 493 20.43 -7.93 -13.36
N ILE D 494 21.62 -8.41 -12.96
CA ILE D 494 22.89 -7.77 -13.26
C ILE D 494 23.90 -8.91 -13.46
N LYS D 495 24.39 -9.07 -14.68
CA LYS D 495 25.44 -10.04 -14.96
C LYS D 495 26.47 -9.43 -15.88
N THR D 496 27.75 -9.60 -15.55
CA THR D 496 28.85 -9.01 -16.29
C THR D 496 29.66 -10.08 -17.01
N ALA D 497 30.40 -9.64 -18.03
CA ALA D 497 31.25 -10.52 -18.80
C ALA D 497 32.41 -9.72 -19.39
N LEU D 498 33.55 -10.39 -19.57
CA LEU D 498 34.72 -9.85 -20.25
C LEU D 498 35.08 -10.84 -21.36
N ILE D 499 34.71 -10.48 -22.60
CA ILE D 499 34.75 -11.40 -23.73
C ILE D 499 35.55 -10.71 -24.83
N ASN D 500 36.81 -11.12 -25.02
CA ASN D 500 37.66 -10.66 -26.11
C ASN D 500 37.67 -9.13 -26.22
N ASN D 501 38.12 -8.50 -25.14
CA ASN D 501 38.24 -7.04 -25.03
C ASN D 501 36.91 -6.32 -25.10
N LYS D 502 35.82 -7.00 -24.77
CA LYS D 502 34.51 -6.39 -24.68
C LYS D 502 33.99 -6.55 -23.26
N THR D 503 33.80 -5.43 -22.58
CA THR D 503 33.07 -5.41 -21.32
C THR D 503 31.58 -5.45 -21.65
N MET D 504 30.88 -6.45 -21.11
CA MET D 504 29.47 -6.67 -21.42
C MET D 504 28.69 -6.82 -20.13
N ILE D 505 27.61 -6.04 -19.98
CA ILE D 505 26.78 -6.07 -18.79
C ILE D 505 25.32 -6.13 -19.24
N VAL D 506 24.66 -7.27 -19.01
CA VAL D 506 23.23 -7.38 -19.22
C VAL D 506 22.53 -6.99 -17.92
N TYR D 507 21.52 -6.16 -18.01
CA TYR D 507 20.93 -5.63 -16.78
C TYR D 507 19.50 -5.18 -17.01
N LYS D 508 18.76 -5.18 -15.90
CA LYS D 508 17.44 -4.55 -15.84
C LYS D 508 17.66 -3.05 -15.63
N ASN D 509 17.33 -2.25 -16.64
CA ASN D 509 17.56 -0.81 -16.56
C ASN D 509 16.49 -0.14 -15.70
N ALA D 510 16.61 1.17 -15.53
CA ALA D 510 15.74 1.93 -14.64
C ALA D 510 14.27 1.89 -15.05
N SER D 511 13.98 1.61 -16.32
CA SER D 511 12.60 1.46 -16.76
C SER D 511 12.10 0.03 -16.63
N GLY D 512 12.90 -0.87 -16.07
CA GLY D 512 12.51 -2.26 -15.93
C GLY D 512 12.69 -3.10 -17.19
N LEU D 513 13.43 -2.60 -18.17
CA LEU D 513 13.65 -3.27 -19.45
C LEU D 513 15.08 -3.81 -19.53
N ILE D 514 15.32 -4.68 -20.50
CA ILE D 514 16.59 -5.37 -20.63
C ILE D 514 17.54 -4.56 -21.52
N SER D 515 18.71 -4.23 -20.98
CA SER D 515 19.73 -3.49 -21.70
C SER D 515 21.06 -4.23 -21.63
N LEU D 516 21.88 -4.04 -22.65
CA LEU D 516 23.20 -4.65 -22.75
C LEU D 516 24.20 -3.53 -22.98
N ASP D 517 24.97 -3.20 -21.95
CA ASP D 517 25.99 -2.17 -22.06
C ASP D 517 27.31 -2.82 -22.43
N VAL D 518 27.91 -2.39 -23.53
CA VAL D 518 29.25 -2.85 -23.90
C VAL D 518 30.14 -1.64 -24.10
N GLY D 519 31.38 -1.74 -23.61
CA GLY D 519 32.29 -0.62 -23.66
C GLY D 519 32.12 0.38 -22.55
N SER D 520 31.35 0.04 -21.51
CA SER D 520 31.16 0.89 -20.34
C SER D 520 30.53 2.22 -20.72
N SER D 521 29.54 2.18 -21.61
CA SER D 521 28.86 3.43 -21.96
C SER D 521 27.90 3.87 -20.86
N VAL D 522 27.52 2.99 -19.94
CA VAL D 522 26.57 3.35 -18.90
C VAL D 522 27.07 2.94 -17.52
N ARG D 523 27.51 1.70 -17.37
CA ARG D 523 27.81 1.13 -16.06
C ARG D 523 29.28 0.73 -15.98
N SER D 524 29.77 0.61 -14.74
CA SER D 524 31.12 0.17 -14.48
C SER D 524 31.13 -1.34 -14.26
N ILE D 525 31.96 -2.05 -15.04
CA ILE D 525 32.01 -3.49 -14.91
C ILE D 525 32.70 -3.92 -13.62
N VAL D 526 33.55 -3.07 -13.05
CA VAL D 526 34.11 -3.39 -11.74
C VAL D 526 33.04 -3.30 -10.66
N GLU D 527 32.25 -2.22 -10.70
CA GLU D 527 31.19 -2.05 -9.71
C GLU D 527 30.18 -3.19 -9.76
N ASP D 528 29.77 -3.58 -10.97
CA ASP D 528 28.76 -4.63 -11.12
C ASP D 528 29.32 -6.03 -10.90
N SER D 529 30.63 -6.24 -11.14
CA SER D 529 31.23 -7.53 -10.86
C SER D 529 31.56 -7.71 -9.39
N GLY D 530 31.88 -6.63 -8.69
CA GLY D 530 32.38 -6.72 -7.33
C GLY D 530 33.84 -7.14 -7.28
N VAL D 531 34.47 -6.87 -6.14
CA VAL D 531 35.87 -7.19 -5.94
C VAL D 531 36.01 -8.09 -4.72
N LYS D 532 36.90 -9.08 -4.83
CA LYS D 532 37.27 -9.93 -3.70
C LYS D 532 38.27 -9.16 -2.86
N ARG D 533 37.76 -8.39 -1.89
CA ARG D 533 38.61 -7.50 -1.13
C ARG D 533 39.74 -8.23 -0.43
N GLU D 534 39.52 -9.49 -0.02
CA GLU D 534 40.53 -10.21 0.72
C GLU D 534 41.53 -10.95 -0.17
N GLN D 535 41.39 -10.86 -1.49
CA GLN D 535 42.37 -11.42 -2.41
C GLN D 535 43.21 -10.34 -3.09
N ILE D 536 43.11 -9.10 -2.61
CA ILE D 536 43.95 -8.03 -3.14
C ILE D 536 45.41 -8.33 -2.84
N LEU D 537 46.26 -8.19 -3.85
CA LEU D 537 47.68 -8.51 -3.74
C LEU D 537 48.48 -7.24 -4.00
N ILE D 538 49.06 -6.69 -2.94
CA ILE D 538 49.92 -5.51 -3.03
C ILE D 538 51.37 -5.97 -3.04
N ASP D 539 52.15 -5.47 -4.00
CA ASP D 539 53.55 -5.83 -4.18
C ASP D 539 54.36 -4.54 -4.18
N LYS D 540 55.15 -4.32 -3.12
CA LYS D 540 55.91 -3.08 -3.00
C LYS D 540 57.09 -3.03 -3.97
N THR D 541 57.61 -4.19 -4.41
CA THR D 541 58.76 -4.19 -5.30
C THR D 541 58.41 -3.58 -6.65
N SER D 542 57.33 -4.06 -7.28
CA SER D 542 56.86 -3.52 -8.55
C SER D 542 55.83 -2.41 -8.38
N GLY D 543 55.33 -2.17 -7.17
CA GLY D 543 54.25 -1.22 -6.98
C GLY D 543 52.99 -1.58 -7.73
N LYS D 544 52.66 -2.88 -7.78
CA LYS D 544 51.55 -3.40 -8.57
C LYS D 544 50.46 -3.87 -7.62
N VAL D 545 49.36 -3.13 -7.57
CA VAL D 545 48.21 -3.49 -6.75
C VAL D 545 47.23 -4.26 -7.63
N THR D 546 47.03 -5.54 -7.31
CA THR D 546 46.16 -6.40 -8.09
C THR D 546 44.82 -6.56 -7.36
N ILE D 547 43.74 -6.25 -8.06
CA ILE D 547 42.39 -6.32 -7.53
C ILE D 547 41.59 -7.30 -8.38
N PRO D 548 41.40 -8.53 -7.92
CA PRO D 548 40.60 -9.49 -8.69
C PRO D 548 39.11 -9.17 -8.60
N LEU D 549 38.40 -9.50 -9.69
CA LEU D 549 36.96 -9.30 -9.75
C LEU D 549 36.22 -10.53 -9.24
N ASN D 550 35.04 -10.30 -8.65
CA ASN D 550 34.27 -11.36 -8.02
C ASN D 550 33.50 -12.20 -9.04
N GLU D 551 32.31 -11.73 -9.42
CA GLU D 551 31.42 -12.47 -10.31
C GLU D 551 31.49 -11.86 -11.71
N ILE D 552 32.03 -12.62 -12.67
CA ILE D 552 32.17 -12.14 -14.04
C ILE D 552 32.46 -13.32 -14.97
N HIS D 553 31.87 -13.30 -16.16
CA HIS D 553 32.10 -14.34 -17.16
C HIS D 553 33.29 -13.93 -18.02
N VAL D 554 34.40 -14.66 -17.91
CA VAL D 554 35.63 -14.35 -18.63
C VAL D 554 35.80 -15.40 -19.72
N PHE D 555 35.85 -14.94 -20.98
CA PHE D 555 36.08 -15.81 -22.13
C PHE D 555 37.07 -15.12 -23.05
N GLY D 556 38.11 -15.84 -23.46
CA GLY D 556 39.20 -15.25 -24.22
C GLY D 556 40.12 -14.43 -23.32
N GLU D 557 41.01 -13.69 -23.96
CA GLU D 557 41.92 -12.79 -23.26
C GLU D 557 41.58 -11.34 -23.59
N SER D 558 41.79 -10.46 -22.61
CA SER D 558 41.38 -9.07 -22.73
C SER D 558 42.37 -8.16 -22.00
N LEU D 559 42.60 -6.99 -22.56
CA LEU D 559 43.53 -6.02 -21.98
C LEU D 559 43.03 -4.63 -22.30
N ILE D 560 42.51 -3.93 -21.30
CA ILE D 560 41.93 -2.59 -21.48
C ILE D 560 42.64 -1.63 -20.53
N GLU D 561 43.14 -0.52 -21.08
CA GLU D 561 43.85 0.46 -20.28
C GLU D 561 42.87 1.36 -19.54
N GLY D 562 43.28 1.78 -18.33
CA GLY D 562 42.49 2.70 -17.54
C GLY D 562 43.36 3.51 -16.62
N ASN D 563 42.79 4.01 -15.52
CA ASN D 563 43.55 4.74 -14.52
C ASN D 563 42.80 4.69 -13.20
N ALA D 564 43.50 5.00 -12.12
CA ALA D 564 42.95 4.97 -10.78
C ALA D 564 43.28 6.27 -10.05
N GLU D 565 42.56 6.50 -8.96
CA GLU D 565 42.71 7.70 -8.16
C GLU D 565 42.91 7.30 -6.70
N LEU D 566 43.86 7.96 -6.04
CA LEU D 566 44.19 7.69 -4.66
C LEU D 566 44.03 8.94 -3.81
N LYS D 567 43.63 8.73 -2.56
CA LYS D 567 43.30 9.78 -1.62
C LYS D 567 43.58 9.28 -0.21
N PRO D 568 44.28 10.06 0.61
CA PRO D 568 44.52 9.64 2.00
C PRO D 568 43.20 9.62 2.77
N VAL D 569 42.85 8.47 3.34
CA VAL D 569 41.61 8.33 4.08
C VAL D 569 41.81 9.04 5.42
N GLY D 570 41.08 10.14 5.62
CA GLY D 570 41.27 10.97 6.80
C GLY D 570 41.47 12.43 6.47
N ILE D 571 42.07 12.72 5.32
CA ILE D 571 42.32 14.11 4.92
C ILE D 571 41.08 14.65 4.24
N SER D 572 40.65 15.84 4.65
CA SER D 572 39.40 16.43 4.15
C SER D 572 39.45 16.68 2.65
N ASP D 573 40.31 17.60 2.22
CA ASP D 573 40.53 17.83 0.79
C ASP D 573 41.73 16.97 0.38
N ALA D 574 41.44 15.84 -0.29
CA ALA D 574 42.46 14.81 -0.43
C ALA D 574 43.54 15.21 -1.43
N ASP D 575 43.20 16.03 -2.43
CA ASP D 575 44.11 16.45 -3.50
C ASP D 575 44.65 15.19 -4.16
N PRO D 576 43.87 14.58 -5.05
CA PRO D 576 44.08 13.17 -5.38
C PRO D 576 45.36 12.92 -6.18
N ILE D 577 45.73 11.64 -6.20
CA ILE D 577 46.91 11.16 -6.93
C ILE D 577 46.41 10.24 -8.04
N ASN D 578 46.57 10.68 -9.29
CA ASN D 578 46.16 9.88 -10.43
C ASN D 578 47.26 8.90 -10.81
N VAL D 579 46.90 7.62 -10.95
CA VAL D 579 47.84 6.57 -11.35
C VAL D 579 47.21 5.72 -12.44
N LYS D 580 48.07 5.03 -13.18
CA LYS D 580 47.65 4.23 -14.32
C LYS D 580 47.15 2.86 -13.86
N ALA D 581 45.94 2.50 -14.27
CA ALA D 581 45.34 1.21 -13.94
C ALA D 581 45.10 0.41 -15.21
N LYS D 582 44.56 -0.80 -15.04
CA LYS D 582 44.50 -1.75 -16.15
C LYS D 582 43.61 -2.96 -15.84
N LEU D 583 42.56 -3.15 -16.64
CA LEU D 583 41.62 -4.26 -16.48
C LEU D 583 41.98 -5.39 -17.43
N ILE D 584 42.16 -6.59 -16.88
CA ILE D 584 42.74 -7.72 -17.60
C ILE D 584 41.87 -8.96 -17.38
N GLY D 585 41.75 -9.78 -18.42
CA GLY D 585 41.07 -11.06 -18.32
C GLY D 585 41.83 -12.19 -18.97
N GLU D 586 42.05 -13.27 -18.22
CA GLU D 586 42.77 -14.44 -18.75
C GLU D 586 42.47 -15.64 -17.87
N ALA D 587 42.41 -16.81 -18.51
CA ALA D 587 42.14 -18.09 -17.84
C ALA D 587 40.85 -18.04 -17.04
N ASN D 588 39.80 -17.51 -17.67
CA ASN D 588 38.47 -17.42 -17.08
C ASN D 588 38.48 -16.61 -15.78
N LYS D 589 39.33 -15.59 -15.73
CA LYS D 589 39.46 -14.77 -14.53
C LYS D 589 39.77 -13.33 -14.94
N ALA D 590 39.27 -12.39 -14.15
CA ALA D 590 39.42 -10.97 -14.45
C ALA D 590 39.97 -10.24 -13.23
N ARG D 591 40.87 -9.29 -13.48
CA ARG D 591 41.51 -8.54 -12.41
C ARG D 591 41.88 -7.17 -12.92
N VAL D 592 42.02 -6.23 -12.00
CA VAL D 592 42.47 -4.83 -12.28
C VAL D 592 43.83 -4.64 -11.61
N GLU D 593 44.88 -4.39 -12.39
CA GLU D 593 46.22 -4.13 -11.87
C GLU D 593 46.45 -2.62 -11.86
N VAL D 594 46.78 -2.08 -10.69
CA VAL D 594 47.04 -0.66 -10.51
C VAL D 594 48.52 -0.46 -10.22
N LEU D 595 49.16 0.44 -10.95
CA LEU D 595 50.58 0.73 -10.80
C LEU D 595 50.77 2.13 -10.24
N LEU D 596 51.47 2.23 -9.10
CA LEU D 596 51.70 3.54 -8.44
C LEU D 596 52.99 4.14 -8.96
N GLY D 597 53.86 3.36 -9.59
CA GLY D 597 55.09 3.90 -10.15
C GLY D 597 55.94 4.53 -9.08
N ASP D 598 56.19 5.84 -9.20
CA ASP D 598 57.01 6.58 -8.24
C ASP D 598 56.16 6.83 -6.98
N GLU D 599 56.14 5.81 -6.13
CA GLU D 599 55.29 5.85 -4.95
C GLU D 599 55.74 6.93 -3.99
N LYS D 600 54.78 7.60 -3.37
CA LYS D 600 55.03 8.58 -2.31
C LYS D 600 53.99 8.45 -1.21
N LEU D 601 53.63 7.21 -0.87
CA LEU D 601 52.44 6.93 -0.10
C LEU D 601 52.76 6.04 1.08
N SER D 602 52.02 6.25 2.17
CA SER D 602 52.15 5.44 3.37
C SER D 602 50.85 5.57 4.16
N GLY D 603 50.35 4.45 4.66
CA GLY D 603 49.10 4.44 5.38
C GLY D 603 47.92 4.15 4.48
N GLU D 604 46.74 4.25 5.07
CA GLU D 604 45.51 3.92 4.36
C GLU D 604 45.23 4.96 3.28
N TYR D 605 44.89 4.48 2.08
CA TYR D 605 44.67 5.35 0.93
C TYR D 605 43.44 4.88 0.17
N HIS D 606 42.47 5.79 -0.03
CA HIS D 606 41.32 5.49 -0.86
C HIS D 606 41.78 5.14 -2.28
N LEU D 607 41.11 4.18 -2.90
CA LEU D 607 41.41 3.79 -4.28
C LEU D 607 40.10 3.55 -5.01
N VAL D 608 39.88 4.28 -6.09
CA VAL D 608 38.76 4.04 -6.99
C VAL D 608 39.32 3.94 -8.40
N THR D 609 38.94 2.89 -9.11
CA THR D 609 39.38 2.66 -10.47
C THR D 609 38.54 3.46 -11.45
N ASN D 610 39.04 3.59 -12.68
CA ASN D 610 38.32 4.33 -13.72
C ASN D 610 38.66 3.66 -15.06
N ILE D 611 37.88 2.65 -15.42
CA ILE D 611 38.04 1.92 -16.67
C ILE D 611 36.99 2.42 -17.64
N GLN D 612 37.45 2.88 -18.81
CA GLN D 612 36.56 3.36 -19.88
C GLN D 612 35.61 4.44 -19.38
N GLY D 613 36.14 5.37 -18.59
CA GLY D 613 35.35 6.47 -18.09
C GLY D 613 34.32 6.11 -17.05
N LYS D 614 34.36 4.90 -16.50
CA LYS D 614 33.43 4.45 -15.49
C LYS D 614 34.20 4.09 -14.23
N LYS D 615 33.84 4.73 -13.12
CA LYS D 615 34.53 4.57 -11.86
C LYS D 615 33.66 3.76 -10.91
N ASP D 616 34.27 2.80 -10.21
CA ASP D 616 33.51 1.95 -9.32
C ASP D 616 33.21 2.66 -8.00
N LYS D 617 32.24 2.12 -7.27
CA LYS D 617 31.84 2.64 -5.97
C LYS D 617 32.03 1.60 -4.87
N GLN D 618 33.07 0.76 -5.02
CA GLN D 618 33.32 -0.33 -4.07
C GLN D 618 33.90 0.15 -2.74
N GLN D 619 34.27 1.42 -2.63
CA GLN D 619 34.85 1.97 -1.39
C GLN D 619 36.07 1.17 -0.97
N ILE D 620 37.01 1.02 -1.90
CA ILE D 620 38.24 0.26 -1.65
C ILE D 620 39.17 1.10 -0.81
N LYS D 621 39.72 0.50 0.24
CA LYS D 621 40.76 1.13 1.07
C LYS D 621 41.95 0.19 1.13
N ILE D 622 43.14 0.72 0.85
CA ILE D 622 44.38 -0.04 0.94
C ILE D 622 45.39 0.77 1.75
N THR D 623 46.14 0.08 2.59
CA THR D 623 47.16 0.71 3.44
C THR D 623 48.53 0.28 2.92
N LEU D 624 49.30 1.25 2.46
CA LEU D 624 50.64 0.96 1.95
C LEU D 624 51.73 1.40 2.92
N ASP E 19 48.05 5.33 53.93
CA ASP E 19 46.87 5.69 53.15
C ASP E 19 47.24 6.15 51.75
N ILE E 20 46.25 6.15 50.87
CA ILE E 20 46.44 6.42 49.45
C ILE E 20 45.98 7.84 49.17
N LYS E 21 46.93 8.69 48.75
CA LYS E 21 46.63 10.10 48.52
C LYS E 21 45.95 10.34 47.18
N ILE E 22 46.27 9.54 46.16
CA ILE E 22 45.83 9.80 44.80
C ILE E 22 45.40 8.49 44.15
N SER E 23 44.27 8.52 43.46
CA SER E 23 43.82 7.43 42.60
C SER E 23 43.81 7.93 41.16
N VAL E 24 44.56 7.25 40.29
CA VAL E 24 44.62 7.60 38.87
C VAL E 24 43.61 6.74 38.13
N VAL E 25 42.56 7.37 37.62
CA VAL E 25 41.48 6.67 36.93
C VAL E 25 41.71 6.78 35.43
N VAL E 26 41.96 5.65 34.78
CA VAL E 26 42.29 5.65 33.36
C VAL E 26 41.35 4.73 32.58
N PRO E 27 40.52 5.27 31.68
CA PRO E 27 39.73 4.41 30.79
C PRO E 27 40.51 4.06 29.53
N THR E 28 40.57 2.79 29.17
CA THR E 28 41.33 2.34 28.01
C THR E 28 40.40 1.66 27.01
N TYR E 29 40.72 1.82 25.74
CA TYR E 29 40.00 1.16 24.65
C TYR E 29 40.81 1.24 23.36
N ASN E 30 41.29 0.10 22.88
CA ASN E 30 42.14 0.03 21.68
C ASN E 30 43.30 1.01 21.79
N THR E 31 43.88 1.09 22.99
CA THR E 31 44.92 2.07 23.26
C THR E 31 46.18 1.76 22.46
N GLU E 32 46.77 2.79 21.86
CA GLU E 32 48.05 2.64 21.18
C GLU E 32 49.12 2.26 22.19
N LEU E 33 49.85 1.17 21.90
CA LEU E 33 50.81 0.64 22.86
C LEU E 33 51.86 1.67 23.25
N GLU E 34 52.31 2.48 22.29
CA GLU E 34 53.38 3.43 22.57
C GLU E 34 52.88 4.57 23.46
N GLY E 35 51.67 5.07 23.22
CA GLY E 35 51.10 6.06 24.09
C GLY E 35 50.77 5.52 25.47
N LEU E 36 50.46 4.23 25.57
CA LEU E 36 50.27 3.60 26.87
C LEU E 36 51.60 3.49 27.62
N LYS E 37 52.69 3.22 26.89
CA LYS E 37 54.02 3.18 27.50
C LYS E 37 54.41 4.53 28.08
N ASN E 38 54.13 5.60 27.34
CA ASN E 38 54.45 6.94 27.82
C ASN E 38 53.61 7.31 29.05
N LEU E 39 52.36 6.85 29.10
CA LEU E 39 51.52 7.11 30.26
C LEU E 39 52.10 6.47 31.51
N MET E 40 52.45 5.18 31.43
CA MET E 40 53.01 4.49 32.59
C MET E 40 54.31 5.15 33.04
N ALA E 41 55.18 5.51 32.10
CA ALA E 41 56.45 6.13 32.46
C ALA E 41 56.24 7.46 33.17
N SER E 42 55.24 8.25 32.73
CA SER E 42 54.99 9.53 33.38
C SER E 42 54.48 9.35 34.81
N ILE E 43 53.83 8.23 35.09
CA ILE E 43 53.39 7.94 36.46
C ILE E 43 54.51 7.31 37.28
N ASP E 44 55.37 6.48 36.66
CA ASP E 44 56.48 5.91 37.40
C ASP E 44 57.48 6.99 37.83
N LYS E 45 57.57 8.08 37.07
CA LYS E 45 58.51 9.14 37.35
C LYS E 45 57.98 10.17 38.34
N GLN E 46 56.83 9.92 38.96
CA GLN E 46 56.29 10.85 39.95
C GLN E 46 57.20 10.89 41.17
N THR E 47 57.41 12.10 41.69
CA THR E 47 58.19 12.23 42.92
C THR E 47 57.45 11.66 44.12
N MET E 48 56.14 11.47 44.03
CA MET E 48 55.39 10.87 45.13
C MET E 48 55.72 9.39 45.22
N ASN E 49 55.85 8.90 46.45
CA ASN E 49 56.20 7.51 46.69
C ASN E 49 55.09 6.60 46.15
N PRO E 50 55.43 5.53 45.44
CA PRO E 50 54.40 4.75 44.73
C PRO E 50 53.40 4.05 45.62
N ASP E 51 53.66 3.86 46.91
CA ASP E 51 52.64 3.26 47.76
C ASP E 51 51.65 4.28 48.30
N GLU E 52 51.75 5.54 47.89
CA GLU E 52 50.80 6.57 48.31
C GLU E 52 49.81 6.93 47.22
N TYR E 53 49.93 6.33 46.03
CA TYR E 53 48.94 6.49 44.98
C TYR E 53 48.61 5.12 44.41
N GLU E 54 47.46 5.05 43.73
CA GLU E 54 46.99 3.82 43.11
C GLU E 54 46.61 4.09 41.66
N LEU E 55 46.68 3.04 40.85
CA LEU E 55 46.34 3.11 39.44
C LEU E 55 45.11 2.25 39.21
N VAL E 56 44.01 2.87 38.77
CA VAL E 56 42.77 2.16 38.58
C VAL E 56 42.41 2.18 37.10
N PHE E 57 42.83 1.15 36.38
CA PHE E 57 42.53 1.00 34.96
C PHE E 57 41.27 0.16 34.77
N VAL E 58 40.54 0.47 33.71
CA VAL E 58 39.28 -0.24 33.37
C VAL E 58 39.19 -0.34 31.84
N ASP E 59 39.49 -1.50 31.27
CA ASP E 59 39.41 -1.65 29.83
C ASP E 59 37.96 -1.65 29.39
N ASP E 60 37.60 -0.71 28.51
CA ASP E 60 36.22 -0.60 28.04
C ASP E 60 35.93 -1.65 26.97
N GLY E 61 36.26 -2.90 27.26
CA GLY E 61 36.06 -4.00 26.31
C GLY E 61 36.72 -3.75 24.97
N SER E 62 38.05 -3.59 24.96
CA SER E 62 38.76 -3.32 23.73
C SER E 62 39.02 -4.60 22.96
N THR E 63 38.95 -4.50 21.63
CA THR E 63 39.12 -5.66 20.76
C THR E 63 40.58 -6.02 20.53
N THR E 64 41.51 -5.16 20.92
CA THR E 64 42.93 -5.43 20.77
C THR E 64 43.48 -6.01 22.07
N ASP E 65 44.80 -6.17 22.13
CA ASP E 65 45.44 -6.82 23.27
C ASP E 65 45.67 -5.88 24.44
N THR E 66 45.11 -4.66 24.42
CA THR E 66 45.46 -3.67 25.43
C THR E 66 45.10 -4.15 26.83
N TYR E 67 43.99 -4.89 26.96
CA TYR E 67 43.62 -5.42 28.27
C TYR E 67 44.72 -6.33 28.81
N GLU E 68 45.22 -7.25 27.99
CA GLU E 68 46.32 -8.10 28.44
C GLU E 68 47.60 -7.31 28.62
N ARG E 69 47.78 -6.22 27.85
CA ARG E 69 48.91 -5.34 28.05
C ARG E 69 48.85 -4.66 29.42
N LEU E 70 47.64 -4.28 29.85
CA LEU E 70 47.50 -3.65 31.18
C LEU E 70 47.77 -4.71 32.25
N GLN E 71 47.44 -5.97 31.98
CA GLN E 71 47.64 -7.03 32.97
C GLN E 71 49.12 -7.23 33.27
N GLU E 72 49.94 -7.38 32.22
CA GLU E 72 51.37 -7.57 32.43
C GLU E 72 52.00 -6.34 33.07
N PHE E 73 51.42 -5.16 32.84
CA PHE E 73 51.87 -3.95 33.53
C PHE E 73 51.66 -4.07 35.04
N ALA E 74 50.53 -4.65 35.45
CA ALA E 74 50.21 -4.72 36.88
C ALA E 74 51.01 -5.78 37.61
N GLU E 75 51.68 -6.68 36.89
CA GLU E 75 52.50 -7.70 37.53
C GLU E 75 53.62 -7.07 38.34
N THR E 76 54.17 -5.96 37.87
CA THR E 76 55.23 -5.24 38.57
C THR E 76 54.69 -4.25 39.60
N ARG E 77 53.50 -3.70 39.39
CA ARG E 77 52.96 -2.65 40.25
C ARG E 77 51.89 -3.20 41.18
N PRO E 78 52.13 -3.21 42.50
CA PRO E 78 51.08 -3.67 43.42
C PRO E 78 49.89 -2.74 43.50
N ASN E 79 50.07 -1.45 43.20
CA ASN E 79 49.00 -0.46 43.33
C ASN E 79 48.20 -0.27 42.04
N MET E 80 48.26 -1.23 41.12
CA MET E 80 47.57 -1.14 39.85
C MET E 80 46.41 -2.13 39.80
N THR E 81 45.28 -1.68 39.28
CA THR E 81 44.06 -2.49 39.18
C THR E 81 43.51 -2.38 37.77
N VAL E 82 43.20 -3.53 37.16
CA VAL E 82 42.59 -3.57 35.84
C VAL E 82 41.22 -4.22 35.95
N LYS E 83 40.43 -4.04 34.88
CA LYS E 83 39.07 -4.55 34.83
C LYS E 83 38.59 -4.44 33.39
N GLN E 84 37.86 -5.46 32.93
CA GLN E 84 37.39 -5.52 31.55
C GLN E 84 35.86 -5.60 31.54
N ILE E 85 35.22 -4.43 31.56
CA ILE E 85 33.77 -4.34 31.38
C ILE E 85 33.48 -4.34 29.89
N GLU E 86 32.21 -4.55 29.53
CA GLU E 86 31.85 -4.54 28.12
C GLU E 86 31.96 -3.13 27.55
N ASN E 87 32.09 -3.07 26.22
CA ASN E 87 32.29 -1.80 25.53
C ASN E 87 31.13 -0.85 25.82
N SER E 88 31.46 0.36 26.31
CA SER E 88 30.46 1.37 26.60
C SER E 88 30.37 2.44 25.52
N GLY E 89 31.34 2.53 24.61
CA GLY E 89 31.32 3.49 23.54
C GLY E 89 32.03 4.80 23.83
N TRP E 90 32.16 5.17 25.09
CA TRP E 90 32.92 6.36 25.47
C TRP E 90 33.55 6.08 26.83
N GLY E 91 34.17 7.10 27.41
CA GLY E 91 34.92 6.93 28.66
C GLY E 91 34.17 7.23 29.93
N SER E 92 32.91 7.66 29.86
CA SER E 92 32.18 8.05 31.07
C SER E 92 31.90 6.84 31.96
N ARG E 93 31.41 5.74 31.38
CA ARG E 93 31.09 4.57 32.17
C ARG E 93 32.31 3.95 32.84
N PRO E 94 33.41 3.66 32.15
CA PRO E 94 34.58 3.09 32.86
C PRO E 94 35.13 4.04 33.91
N ARG E 95 35.05 5.35 33.69
CA ARG E 95 35.47 6.30 34.72
C ARG E 95 34.65 6.12 35.99
N ASN E 96 33.32 6.09 35.86
CA ASN E 96 32.47 5.91 37.03
C ASN E 96 32.75 4.59 37.72
N ILE E 97 32.97 3.53 36.94
CA ILE E 97 33.27 2.23 37.53
C ILE E 97 34.56 2.29 38.34
N ALA E 98 35.60 2.95 37.80
CA ALA E 98 36.86 3.08 38.50
C ALA E 98 36.77 4.06 39.66
N THR E 99 35.84 5.01 39.61
CA THR E 99 35.69 5.97 40.70
C THR E 99 35.14 5.31 41.97
N LYS E 100 34.38 4.23 41.81
CA LYS E 100 33.79 3.56 42.97
C LYS E 100 34.70 2.55 43.62
N MET E 101 35.57 1.90 42.84
CA MET E 101 36.61 1.07 43.44
C MET E 101 37.81 1.89 43.89
N ALA E 102 37.90 3.15 43.48
CA ALA E 102 38.99 4.01 43.91
C ALA E 102 38.99 4.15 45.43
N LYS E 103 40.18 4.08 46.03
CA LYS E 103 40.33 4.18 47.48
C LYS E 103 41.08 5.42 47.90
N GLY E 104 41.67 6.18 46.97
CA GLY E 104 42.48 7.33 47.33
C GLY E 104 41.65 8.52 47.75
N GLU E 105 42.36 9.55 48.24
CA GLU E 105 41.71 10.77 48.69
C GLU E 105 41.30 11.64 47.51
N TYR E 106 42.17 11.78 46.51
CA TYR E 106 41.89 12.58 45.33
C TYR E 106 41.84 11.68 44.10
N ILE E 107 41.03 12.08 43.13
CA ILE E 107 40.86 11.37 41.88
C ILE E 107 41.38 12.24 40.75
N LEU E 108 42.22 11.67 39.89
CA LEU E 108 42.60 12.30 38.64
C LEU E 108 42.09 11.43 37.49
N TYR E 109 41.38 12.05 36.55
CA TYR E 109 40.88 11.36 35.37
C TYR E 109 41.89 11.55 34.25
N LEU E 110 42.80 10.58 34.14
CA LEU E 110 43.85 10.58 33.13
C LEU E 110 43.42 9.72 31.96
N ASP E 111 43.38 10.31 30.77
CA ASP E 111 43.01 9.57 29.57
C ASP E 111 44.19 8.75 29.05
N HIS E 112 43.89 7.73 28.25
CA HIS E 112 44.88 6.71 27.92
C HIS E 112 45.94 7.18 26.92
N ASP E 113 45.91 8.44 26.48
CA ASP E 113 46.88 8.95 25.52
C ASP E 113 47.52 10.24 26.00
N ASP E 114 47.43 10.53 27.30
CA ASP E 114 48.00 11.72 27.90
C ASP E 114 49.14 11.34 28.85
N THR E 115 49.78 12.35 29.42
CA THR E 115 50.86 12.16 30.39
C THR E 115 50.71 13.20 31.49
N VAL E 116 51.35 12.93 32.63
CA VAL E 116 51.40 13.87 33.78
C VAL E 116 52.85 14.29 33.99
N PHE E 117 53.07 15.48 34.54
CA PHE E 117 54.44 15.95 34.77
C PHE E 117 54.99 15.37 36.07
N PRO E 118 56.33 15.31 36.20
CA PRO E 118 56.92 14.49 37.29
C PRO E 118 56.51 14.90 38.69
N GLU E 119 56.40 16.20 38.97
CA GLU E 119 56.09 16.64 40.32
C GLU E 119 54.60 16.93 40.52
N THR E 120 53.75 16.46 39.60
CA THR E 120 52.33 16.79 39.68
C THR E 120 51.69 16.27 40.96
N PHE E 121 51.83 14.96 41.22
CA PHE E 121 51.14 14.35 42.35
C PHE E 121 51.49 15.05 43.66
N GLU E 122 52.77 15.33 43.86
CA GLU E 122 53.22 15.92 45.13
C GLU E 122 52.72 17.35 45.28
N ARG E 123 52.96 18.19 44.27
CA ARG E 123 52.56 19.58 44.38
C ARG E 123 51.05 19.71 44.52
N VAL E 124 50.29 18.89 43.80
CA VAL E 124 48.83 18.98 43.81
C VAL E 124 48.28 18.53 45.16
N TYR E 125 48.70 17.36 45.64
CA TYR E 125 48.16 16.86 46.90
C TYR E 125 48.47 17.81 48.05
N ASN E 126 49.73 18.25 48.15
CA ASN E 126 50.07 19.18 49.23
C ASN E 126 49.29 20.48 49.11
N PHE E 127 49.01 20.92 47.89
CA PHE E 127 48.20 22.12 47.69
C PHE E 127 46.75 21.88 48.09
N GLY E 128 46.18 20.73 47.71
CA GLY E 128 44.79 20.46 48.03
C GLY E 128 44.59 20.10 49.49
N LYS E 129 45.52 19.33 50.07
CA LYS E 129 45.39 18.93 51.47
C LYS E 129 45.58 20.13 52.40
N GLU E 130 46.54 21.01 52.08
CA GLU E 130 46.79 22.15 52.94
C GLU E 130 45.60 23.10 52.98
N ASN E 131 44.88 23.21 51.86
CA ASN E 131 43.74 24.12 51.76
C ASN E 131 42.40 23.40 51.80
N ASN E 132 42.40 22.10 52.07
CA ASN E 132 41.19 21.28 52.16
C ASN E 132 40.30 21.49 50.94
N LEU E 133 40.87 21.32 49.76
CA LEU E 133 40.18 21.58 48.51
C LEU E 133 39.41 20.35 48.06
N ASP E 134 38.20 20.59 47.53
CA ASP E 134 37.44 19.53 46.88
C ASP E 134 37.86 19.33 45.44
N VAL E 135 38.29 20.38 44.77
CA VAL E 135 38.80 20.29 43.40
C VAL E 135 40.10 21.08 43.31
N VAL E 136 41.13 20.46 42.73
CA VAL E 136 42.38 21.14 42.41
C VAL E 136 42.44 21.26 40.90
N SER E 137 42.37 22.50 40.41
CA SER E 137 42.47 22.77 38.98
C SER E 137 43.91 23.14 38.68
N GLY E 138 44.69 22.16 38.21
CA GLY E 138 46.08 22.38 37.91
C GLY E 138 46.29 22.82 36.47
N LYS E 139 47.38 23.54 36.24
CA LYS E 139 47.71 24.03 34.91
C LYS E 139 47.73 22.88 33.91
N GLU E 140 46.97 23.02 32.83
CA GLU E 140 46.90 21.98 31.81
C GLU E 140 47.60 22.46 30.55
N VAL E 141 48.30 21.53 29.91
CA VAL E 141 49.10 21.79 28.73
C VAL E 141 48.49 21.03 27.56
N ARG E 142 48.44 21.68 26.40
CA ARG E 142 47.98 21.06 25.17
C ARG E 142 49.04 21.17 24.10
N THR E 143 49.02 20.23 23.15
CA THR E 143 50.04 20.19 22.12
C THR E 143 50.10 21.50 21.34
N ASN E 144 48.95 21.97 20.87
CA ASN E 144 48.87 23.09 19.96
C ASN E 144 48.42 24.36 20.66
N GLY E 145 48.73 25.48 20.06
CA GLY E 145 48.24 26.76 20.54
C GLY E 145 49.27 27.46 21.40
N TRP E 146 49.14 28.78 21.47
CA TRP E 146 50.05 29.63 22.25
C TRP E 146 49.60 29.82 23.70
N SER E 147 48.38 29.37 24.04
CA SER E 147 47.93 29.47 25.42
C SER E 147 46.96 28.35 25.72
N TRP E 148 46.75 28.12 27.02
CA TRP E 148 45.62 27.31 27.47
C TRP E 148 45.25 27.75 28.88
N GLY E 149 44.02 28.19 29.06
CA GLY E 149 43.63 28.74 30.34
C GLY E 149 44.41 29.99 30.67
N TRP E 150 44.62 30.85 29.67
CA TRP E 150 45.42 32.06 29.83
C TRP E 150 44.98 32.88 31.03
N LYS E 151 43.67 33.12 31.14
CA LYS E 151 43.16 33.97 32.22
C LYS E 151 43.12 33.24 33.57
N GLN E 152 42.77 31.96 33.57
CA GLN E 152 42.57 31.25 34.84
C GLN E 152 43.88 30.77 35.44
N PHE E 153 44.78 30.20 34.63
CA PHE E 153 46.06 29.73 35.15
C PHE E 153 47.09 30.85 35.29
N SER E 154 46.68 32.03 35.73
CA SER E 154 47.61 33.16 35.78
C SER E 154 48.35 33.24 37.11
N GLU E 155 47.76 32.71 38.17
CA GLU E 155 48.35 32.74 39.50
C GLU E 155 47.69 31.67 40.34
N ASN E 156 48.42 31.18 41.32
CA ASN E 156 47.85 30.24 42.27
C ASN E 156 46.75 30.92 43.09
N ASN E 157 45.68 30.18 43.35
CA ASN E 157 44.59 30.69 44.17
C ASN E 157 44.02 29.55 45.00
N PRO E 158 44.29 29.53 46.31
CA PRO E 158 43.70 28.49 47.17
C PRO E 158 42.23 28.70 47.46
N HIS E 159 41.69 29.90 47.22
CA HIS E 159 40.27 30.16 47.46
C HIS E 159 39.59 30.59 46.16
N ALA E 160 39.79 29.78 45.11
CA ALA E 160 39.36 30.15 43.77
C ALA E 160 37.84 30.19 43.63
N GLU E 161 37.11 29.32 44.33
CA GLU E 161 35.67 29.25 44.16
C GLU E 161 34.98 30.54 44.58
N GLU E 162 35.70 31.43 45.25
CA GLU E 162 35.16 32.75 45.57
C GLU E 162 35.00 33.61 44.33
N MET E 163 35.72 33.33 43.25
CA MET E 163 35.53 34.07 42.01
C MET E 163 34.25 33.69 41.30
N GLY E 164 33.67 32.55 41.64
CA GLY E 164 32.51 32.05 40.93
C GLY E 164 32.87 30.82 40.11
N ILE E 165 31.90 30.36 39.32
CA ILE E 165 32.07 29.12 38.58
C ILE E 165 33.18 29.23 37.54
N GLU E 166 33.63 30.46 37.26
CA GLU E 166 34.69 30.64 36.27
C GLU E 166 36.00 29.99 36.70
N CYS E 167 36.21 29.83 38.01
CA CYS E 167 37.45 29.26 38.53
C CYS E 167 37.72 27.84 38.05
N LEU E 168 36.75 27.19 37.40
CA LEU E 168 36.93 25.83 36.90
C LEU E 168 37.22 25.77 35.40
N LEU E 169 37.21 26.91 34.71
CA LEU E 169 37.57 26.89 33.31
C LEU E 169 39.09 26.83 33.18
N PRO E 170 39.62 26.14 32.15
CA PRO E 170 38.89 25.30 31.19
C PRO E 170 38.32 24.05 31.82
N MET E 171 37.06 23.73 31.53
CA MET E 171 36.35 22.68 32.26
C MET E 171 36.63 21.29 31.71
N THR E 172 37.90 20.95 31.55
CA THR E 172 38.30 19.60 31.22
C THR E 172 38.14 18.69 32.44
N PRO E 173 38.10 17.37 32.25
CA PRO E 173 38.08 16.44 33.39
C PRO E 173 39.45 16.11 33.94
N HIS E 174 40.48 16.85 33.56
CA HIS E 174 41.87 16.56 33.94
C HIS E 174 42.29 17.35 35.17
N LYS E 175 41.42 17.37 36.17
CA LYS E 175 41.69 18.01 37.46
C LYS E 175 41.79 16.94 38.53
N PHE E 176 41.96 17.38 39.77
CA PHE E 176 42.02 16.49 40.93
C PHE E 176 40.78 16.74 41.79
N TYR E 177 39.93 15.72 41.90
CA TYR E 177 38.67 15.80 42.64
C TYR E 177 38.78 14.97 43.92
N LYS E 178 38.31 15.54 45.03
CA LYS E 178 38.23 14.79 46.27
C LYS E 178 37.18 13.69 46.13
N ARG E 179 37.62 12.43 46.27
CA ARG E 179 36.72 11.30 46.04
C ARG E 179 35.54 11.32 47.00
N GLU E 180 35.75 11.78 48.23
CA GLU E 180 34.64 11.92 49.18
C GLU E 180 33.58 12.87 48.64
N PHE E 181 34.01 13.96 48.02
CA PHE E 181 33.07 14.98 47.55
C PHE E 181 32.20 14.46 46.43
N LEU E 182 32.79 13.68 45.51
CA LEU E 182 32.03 13.13 44.38
C LEU E 182 31.09 12.01 44.82
N LEU E 183 31.43 11.27 45.89
CA LEU E 183 30.54 10.23 46.39
C LEU E 183 29.37 10.81 47.15
N GLU E 184 29.64 11.82 47.99
CA GLU E 184 28.57 12.44 48.77
C GLU E 184 27.51 13.07 47.87
N ASN E 185 27.95 13.91 46.94
CA ASN E 185 27.04 14.63 46.06
C ASN E 185 26.65 13.84 44.81
N ASP E 186 27.13 12.60 44.69
CA ASP E 186 26.80 11.72 43.55
C ASP E 186 27.15 12.38 42.22
N ILE E 187 28.28 13.06 42.17
CA ILE E 187 28.76 13.66 40.93
C ILE E 187 29.30 12.55 40.04
N THR E 188 28.72 12.43 38.85
CA THR E 188 28.98 11.30 37.97
C THR E 188 29.13 11.80 36.55
N PHE E 189 29.83 11.02 35.73
CA PHE E 189 29.89 11.26 34.30
C PHE E 189 28.66 10.67 33.63
N ASP E 190 28.09 11.40 32.68
CA ASP E 190 26.90 10.92 31.98
C ASP E 190 27.26 9.71 31.14
N ASP E 191 26.81 8.53 31.59
CA ASP E 191 27.03 7.29 30.86
C ASP E 191 25.76 6.78 30.19
N GLY E 192 24.74 7.63 30.03
CA GLY E 192 23.46 7.16 29.51
C GLY E 192 23.48 6.93 28.02
N ALA E 193 23.77 7.98 27.26
CA ALA E 193 23.91 7.91 25.81
C ALA E 193 25.18 8.66 25.42
N ARG E 194 25.43 8.74 24.12
CA ARG E 194 26.58 9.51 23.65
C ARG E 194 26.27 11.00 23.79
N VAL E 195 26.76 11.59 24.87
CA VAL E 195 26.47 12.97 25.20
C VAL E 195 27.65 13.85 24.80
N LEU E 196 27.43 15.15 24.78
CA LEU E 196 28.44 16.13 24.40
C LEU E 196 28.78 17.01 25.59
N TRP E 197 30.06 17.35 25.73
CA TRP E 197 30.55 18.22 26.79
C TRP E 197 30.22 17.67 28.18
N GLU E 198 30.45 16.37 28.37
CA GLU E 198 30.17 15.74 29.66
C GLU E 198 31.03 16.33 30.77
N ASP E 199 32.24 16.79 30.44
CA ASP E 199 33.09 17.39 31.45
C ASP E 199 32.59 18.76 31.87
N VAL E 200 31.83 19.44 31.02
CA VAL E 200 31.23 20.71 31.41
C VAL E 200 30.12 20.48 32.43
N TYR E 201 29.28 19.47 32.21
CA TYR E 201 28.30 19.09 33.23
C TYR E 201 29.00 18.69 34.51
N PHE E 202 30.03 17.83 34.41
CA PHE E 202 30.71 17.29 35.57
C PHE E 202 31.25 18.40 36.46
N ASN E 203 32.00 19.34 35.87
CA ASN E 203 32.59 20.41 36.66
C ASN E 203 31.51 21.36 37.18
N SER E 204 30.45 21.59 36.41
CA SER E 204 29.36 22.45 36.87
C SER E 204 28.67 21.84 38.09
N LYS E 205 28.34 20.55 38.03
CA LYS E 205 27.72 19.89 39.17
C LYS E 205 28.58 20.00 40.42
N ALA E 206 29.91 19.93 40.26
CA ALA E 206 30.78 20.03 41.41
C ALA E 206 30.73 21.41 42.04
N PHE E 207 30.75 22.46 41.22
CA PHE E 207 30.72 23.81 41.78
C PHE E 207 29.35 24.15 42.36
N ILE E 208 28.27 23.69 41.71
CA ILE E 208 26.93 23.91 42.23
C ILE E 208 26.77 23.31 43.63
N HIS E 209 27.46 22.20 43.89
CA HIS E 209 27.41 21.54 45.19
C HIS E 209 28.42 22.11 46.18
N GLY E 210 28.91 23.33 45.95
CA GLY E 210 29.73 24.00 46.93
C GLY E 210 31.16 23.54 47.03
N ALA E 211 31.77 23.15 45.92
CA ALA E 211 33.14 22.63 45.95
C ALA E 211 34.14 23.73 46.28
N LYS E 212 35.08 23.43 47.18
CA LYS E 212 36.22 24.29 47.41
C LYS E 212 37.26 24.03 46.32
N VAL E 213 37.49 25.04 45.48
CA VAL E 213 38.33 24.92 44.30
C VAL E 213 39.62 25.70 44.53
N GLY E 214 40.75 25.08 44.21
CA GLY E 214 42.03 25.75 44.18
C GLY E 214 42.65 25.64 42.80
N ILE E 215 43.26 26.73 42.35
CA ILE E 215 43.94 26.78 41.06
C ILE E 215 45.43 26.73 41.32
N LEU E 216 46.09 25.67 40.85
CA LEU E 216 47.54 25.59 40.88
C LEU E 216 48.04 25.95 39.49
N ALA E 217 48.70 27.11 39.40
CA ALA E 217 49.07 27.68 38.12
C ALA E 217 50.58 27.72 37.87
N ASP E 218 51.40 27.51 38.89
CA ASP E 218 52.84 27.71 38.77
C ASP E 218 53.60 26.46 38.32
N TYR E 219 52.89 25.37 38.01
CA TYR E 219 53.54 24.14 37.59
C TYR E 219 52.63 23.37 36.64
N PRO E 220 53.12 22.97 35.46
CA PRO E 220 52.28 22.22 34.52
C PRO E 220 51.98 20.85 35.09
N THR E 221 50.69 20.54 35.27
CA THR E 221 50.30 19.28 35.89
C THR E 221 49.93 18.19 34.89
N TYR E 222 49.36 18.55 33.75
CA TYR E 222 48.72 17.57 32.87
C TYR E 222 48.99 17.94 31.41
N TYR E 223 49.38 16.96 30.62
CA TYR E 223 49.62 17.15 29.19
C TYR E 223 48.49 16.47 28.44
N TRP E 224 47.61 17.27 27.85
CA TRP E 224 46.51 16.78 27.01
C TRP E 224 47.03 16.74 25.58
N ILE E 225 47.32 15.54 25.10
CA ILE E 225 48.08 15.38 23.87
C ILE E 225 47.12 15.30 22.68
N ALA E 226 47.41 16.09 21.65
CA ALA E 226 46.70 15.98 20.38
C ALA E 226 47.26 14.82 19.58
N THR E 227 46.38 13.93 19.13
CA THR E 227 46.82 12.78 18.35
C THR E 227 46.34 12.83 16.89
N GLY E 236 28.85 14.18 17.61
CA GLY E 236 27.87 15.23 17.45
C GLY E 236 28.19 16.19 16.31
N ARG E 237 28.77 15.65 15.23
CA ARG E 237 29.06 16.48 14.06
C ARG E 237 27.79 17.03 13.43
N ASP E 238 26.71 16.24 13.46
CA ASP E 238 25.50 16.55 12.71
C ASP E 238 24.89 17.86 13.22
N PRO E 239 24.37 18.72 12.33
CA PRO E 239 23.80 20.00 12.79
C PRO E 239 22.63 19.82 13.73
N HIS E 240 21.70 18.91 13.41
CA HIS E 240 20.56 18.68 14.30
C HIS E 240 21.02 18.12 15.63
N GLU E 241 21.98 17.19 15.60
CA GLU E 241 22.56 16.67 16.83
C GLU E 241 23.21 17.79 17.64
N LYS E 242 24.01 18.63 16.98
CA LYS E 242 24.80 19.65 17.67
C LYS E 242 23.90 20.58 18.47
N TRP E 243 22.88 21.16 17.84
CA TRP E 243 22.01 22.10 18.52
C TRP E 243 21.04 21.40 19.46
N ASN E 244 20.83 20.09 19.30
CA ASN E 244 20.15 19.33 20.33
C ASN E 244 20.97 19.33 21.60
N GLN E 245 22.29 19.09 21.47
CA GLN E 245 23.16 19.08 22.64
C GLN E 245 23.32 20.47 23.24
N ILE E 246 23.35 21.51 22.39
CA ILE E 246 23.50 22.86 22.90
C ILE E 246 22.28 23.27 23.71
N ASN E 247 21.09 22.87 23.27
CA ASN E 247 19.87 23.18 24.04
C ASN E 247 19.92 22.52 25.41
N LYS E 248 20.33 21.25 25.47
CA LYS E 248 20.40 20.56 26.75
C LYS E 248 21.39 21.24 27.69
N LEU E 249 22.53 21.69 27.15
CA LEU E 249 23.52 22.34 28.00
C LEU E 249 23.01 23.66 28.55
N PHE E 250 22.46 24.52 27.69
CA PHE E 250 21.92 25.78 28.15
C PHE E 250 20.75 25.58 29.10
N ASN E 251 19.92 24.57 28.85
CA ASN E 251 18.82 24.26 29.78
C ASN E 251 19.36 23.75 31.10
N PHE E 252 20.44 22.97 31.06
CA PHE E 252 21.11 22.56 32.29
C PHE E 252 21.51 23.79 33.12
N PHE E 253 22.13 24.79 32.47
CA PHE E 253 22.60 25.96 33.21
C PHE E 253 21.46 26.66 33.94
N LYS E 254 20.33 26.85 33.26
CA LYS E 254 19.21 27.56 33.86
C LYS E 254 18.48 26.71 34.91
N ASP E 255 18.37 25.40 34.67
CA ASP E 255 17.60 24.56 35.58
C ASP E 255 18.36 24.19 36.84
N ASN E 256 19.70 24.28 36.83
CA ASN E 256 20.51 23.71 37.90
C ASN E 256 21.43 24.69 38.61
N ILE E 257 21.82 25.79 37.98
CA ILE E 257 22.67 26.79 38.62
C ILE E 257 21.79 27.80 39.35
N LYS E 258 22.16 28.11 40.59
CA LYS E 258 21.36 28.95 41.46
C LYS E 258 21.92 30.36 41.64
N GLU E 259 23.21 30.47 41.92
CA GLU E 259 23.81 31.78 42.13
C GLU E 259 23.78 32.59 40.84
N GLN E 260 23.19 33.78 40.92
CA GLN E 260 22.96 34.60 39.72
C GLN E 260 24.26 34.90 38.99
N ARG E 261 25.33 35.19 39.75
CA ARG E 261 26.62 35.49 39.13
C ARG E 261 27.11 34.34 38.26
N ASP E 262 26.93 33.10 38.73
CA ASP E 262 27.44 31.95 37.99
C ASP E 262 26.57 31.65 36.78
N LEU E 263 25.26 31.80 36.92
CA LEU E 263 24.35 31.60 35.79
C LEU E 263 24.65 32.60 34.68
N ASP E 264 24.83 33.87 35.03
CA ASP E 264 25.10 34.88 34.02
C ASP E 264 26.49 34.74 33.41
N PHE E 265 27.43 34.09 34.11
CA PHE E 265 28.72 33.85 33.48
C PHE E 265 28.63 32.72 32.46
N MET E 266 28.04 31.58 32.85
CA MET E 266 27.96 30.44 31.94
C MET E 266 27.06 30.74 30.75
N LEU E 267 26.01 31.55 30.94
CA LEU E 267 25.18 31.96 29.82
C LEU E 267 25.96 32.85 28.86
N THR E 268 26.60 33.89 29.39
CA THR E 268 27.38 34.79 28.54
C THR E 268 28.52 34.06 27.85
N HIS E 269 29.25 33.22 28.59
CA HIS E 269 30.41 32.54 28.02
C HIS E 269 29.99 31.59 26.91
N TRP E 270 28.96 30.78 27.14
CA TRP E 270 28.59 29.79 26.14
C TRP E 270 27.73 30.36 25.02
N TYR E 271 27.03 31.47 25.26
CA TYR E 271 26.31 32.15 24.18
C TYR E 271 27.29 32.85 23.25
N ARG E 272 28.34 33.45 23.81
CA ARG E 272 29.33 34.12 22.99
C ARG E 272 30.12 33.11 22.16
N SER E 273 30.50 32.00 22.77
CA SER E 273 31.49 31.09 22.18
C SER E 273 30.87 30.10 21.20
N ARG E 274 29.71 29.51 21.52
CA ARG E 274 29.12 28.48 20.68
C ARG E 274 27.89 28.95 19.89
N VAL E 275 27.25 30.04 20.31
CA VAL E 275 26.06 30.51 19.62
C VAL E 275 26.44 31.65 18.69
N LEU E 276 26.86 32.77 19.27
CA LEU E 276 27.36 33.88 18.46
C LEU E 276 28.59 33.50 17.67
N GLY E 277 29.31 32.45 18.09
CA GLY E 277 30.54 32.04 17.45
C GLY E 277 30.37 31.51 16.04
N ILE E 278 29.14 31.16 15.64
CA ILE E 278 28.91 30.74 14.25
C ILE E 278 28.56 31.91 13.34
N LEU E 279 28.37 33.10 13.91
CA LEU E 279 27.91 34.26 13.14
C LEU E 279 29.06 35.10 12.61
N GLY E 280 30.30 34.66 12.77
CA GLY E 280 31.44 35.38 12.24
C GLY E 280 32.10 34.65 11.08
N GLN E 281 33.38 34.33 11.24
CA GLN E 281 34.14 33.67 10.18
C GLN E 281 33.60 32.28 9.86
N TRP E 282 32.85 31.67 10.77
CA TRP E 282 32.24 30.38 10.50
C TRP E 282 31.34 30.43 9.26
N LEU E 283 30.76 31.59 8.97
CA LEU E 283 29.85 31.69 7.82
C LEU E 283 30.58 31.51 6.50
N LEU E 284 31.88 31.79 6.47
CA LEU E 284 32.66 31.67 5.25
C LEU E 284 33.28 30.29 5.07
N LYS E 285 33.05 29.37 6.00
CA LYS E 285 33.59 28.02 5.91
C LYS E 285 32.55 26.95 5.55
N ASN E 286 31.26 27.28 5.55
CA ASN E 286 30.21 26.29 5.40
C ASN E 286 29.28 26.67 4.26
N ASN E 287 28.65 25.65 3.67
CA ASN E 287 27.70 25.88 2.60
C ASN E 287 26.42 26.52 3.16
N ASN E 288 25.61 27.05 2.25
CA ASN E 288 24.44 27.83 2.64
C ASN E 288 23.33 26.97 3.21
N GLU E 289 23.29 25.68 2.88
CA GLU E 289 22.29 24.80 3.46
C GLU E 289 22.58 24.58 4.94
N ARG E 290 23.83 24.31 5.28
CA ARG E 290 24.22 24.13 6.67
C ARG E 290 24.04 25.42 7.46
N ILE E 291 24.35 26.56 6.84
CA ILE E 291 24.22 27.84 7.53
C ILE E 291 22.76 28.11 7.89
N ASP E 292 21.86 27.95 6.91
CA ASP E 292 20.44 28.17 7.16
C ASP E 292 19.95 27.35 8.34
N ILE E 293 20.43 26.11 8.46
CA ILE E 293 19.99 25.24 9.54
C ILE E 293 20.48 25.76 10.89
N GLU E 294 21.79 25.91 11.02
CA GLU E 294 22.36 26.32 12.30
C GLU E 294 21.96 27.75 12.68
N PHE E 295 21.73 28.62 11.69
CA PHE E 295 21.30 29.98 12.01
C PHE E 295 19.92 29.97 12.66
N ASN E 296 18.99 29.18 12.14
CA ASN E 296 17.64 29.15 12.70
C ASN E 296 17.62 28.51 14.08
N TYR E 297 18.47 27.50 14.30
CA TYR E 297 18.66 26.96 15.64
C TYR E 297 19.18 28.05 16.57
N ALA E 298 20.19 28.81 16.13
CA ALA E 298 20.76 29.86 16.97
C ALA E 298 19.73 30.96 17.25
N LYS E 299 18.97 31.37 16.23
CA LYS E 299 17.97 32.42 16.44
C LYS E 299 16.93 31.96 17.45
N LYS E 300 16.41 30.74 17.28
CA LYS E 300 15.42 30.22 18.22
C LYS E 300 15.99 30.14 19.62
N LEU E 301 17.21 29.60 19.76
CA LEU E 301 17.81 29.48 21.09
C LEU E 301 17.98 30.83 21.75
N ALA E 302 18.42 31.84 20.99
CA ALA E 302 18.63 33.17 21.57
C ALA E 302 17.31 33.76 22.06
N GLU E 303 16.30 33.83 21.19
CA GLU E 303 15.05 34.48 21.57
C GLU E 303 14.22 33.65 22.55
N GLU E 304 14.56 32.38 22.74
CA GLU E 304 13.81 31.48 23.60
C GLU E 304 14.55 31.08 24.87
N LEU E 305 15.89 31.10 24.86
CA LEU E 305 16.67 30.58 26.00
C LEU E 305 17.69 31.61 26.50
N ILE E 306 17.96 32.69 25.78
CA ILE E 306 18.99 33.65 26.18
C ILE E 306 18.32 34.95 26.59
N PRO E 307 18.43 35.37 27.85
CA PRO E 307 17.84 36.65 28.25
C PRO E 307 18.50 37.83 27.53
N ALA E 308 17.75 38.93 27.45
CA ALA E 308 18.18 40.10 26.70
C ALA E 308 19.32 40.85 27.39
N TYR E 309 19.43 40.76 28.72
CA TYR E 309 20.50 41.46 29.43
C TYR E 309 21.84 40.76 29.26
N ILE E 310 21.86 39.54 28.73
CA ILE E 310 23.12 38.84 28.50
C ILE E 310 23.96 39.59 27.48
N SER E 311 23.31 40.16 26.46
CA SER E 311 24.07 40.88 25.43
C SER E 311 24.56 42.23 25.92
N GLU E 312 23.97 42.76 26.98
CA GLU E 312 24.50 43.99 27.59
C GLU E 312 25.89 43.75 28.17
N ASN E 313 26.22 42.50 28.54
CA ASN E 313 27.58 42.21 28.97
C ASN E 313 28.57 42.36 27.83
N LEU E 314 28.13 42.06 26.60
CA LEU E 314 29.05 41.73 25.53
C LEU E 314 29.73 42.97 24.95
N ASP E 315 30.84 42.72 24.25
CA ASP E 315 31.54 43.77 23.51
C ASP E 315 30.74 44.14 22.27
N LYS E 316 31.11 45.29 21.69
CA LYS E 316 30.31 45.89 20.61
C LYS E 316 30.08 44.91 19.47
N ASN E 317 31.12 44.19 19.04
CA ASN E 317 30.99 43.32 17.88
C ASN E 317 30.04 42.15 18.15
N ASN E 318 30.07 41.61 19.36
CA ASN E 318 29.13 40.55 19.72
C ASN E 318 27.72 41.09 19.92
N GLN E 319 27.58 42.35 20.35
CA GLN E 319 26.25 42.93 20.43
C GLN E 319 25.66 43.11 19.04
N VAL E 320 26.51 43.41 18.04
CA VAL E 320 26.04 43.53 16.67
C VAL E 320 25.55 42.19 16.15
N LYS E 321 26.35 41.14 16.37
CA LYS E 321 25.91 39.79 16.02
C LYS E 321 24.62 39.42 16.74
N ASP E 322 24.51 39.75 18.01
CA ASP E 322 23.32 39.40 18.78
C ASP E 322 22.08 40.10 18.25
N TYR E 323 22.18 41.40 17.97
CA TYR E 323 21.03 42.14 17.44
C TYR E 323 20.59 41.56 16.09
N LEU E 324 21.54 41.37 15.18
CA LEU E 324 21.18 40.90 13.84
C LEU E 324 20.69 39.46 13.87
N LEU E 325 21.18 38.65 14.81
CA LEU E 325 20.67 37.30 14.97
C LEU E 325 19.18 37.30 15.29
N ARG E 326 18.77 38.12 16.27
CA ARG E 326 17.37 38.16 16.66
C ARG E 326 16.49 38.71 15.55
N GLN E 327 17.02 39.61 14.73
CA GLN E 327 16.29 40.13 13.58
C GLN E 327 16.14 39.10 12.47
N GLY E 328 16.92 38.02 12.50
CA GLY E 328 16.95 37.08 11.40
C GLY E 328 17.71 37.59 10.20
N ASP E 329 18.63 38.52 10.38
CA ASP E 329 19.31 39.19 9.27
C ASP E 329 20.61 38.46 8.95
N LEU E 330 20.46 37.30 8.31
CA LEU E 330 21.62 36.49 7.95
C LEU E 330 22.44 37.15 6.86
N ASP E 331 21.80 37.90 5.95
CA ASP E 331 22.55 38.55 4.88
C ASP E 331 23.52 39.59 5.42
N SER E 332 23.09 40.36 6.43
CA SER E 332 24.00 41.35 6.99
C SER E 332 25.13 40.69 7.77
N LEU E 333 24.84 39.58 8.46
CA LEU E 333 25.90 38.86 9.17
C LEU E 333 26.91 38.27 8.20
N LYS E 334 26.44 37.79 7.05
CA LYS E 334 27.35 37.29 6.03
C LYS E 334 28.24 38.41 5.50
N LYS E 335 27.66 39.58 5.22
CA LYS E 335 28.45 40.71 4.75
C LYS E 335 29.47 41.14 5.80
N LEU E 336 29.08 41.12 7.07
CA LEU E 336 29.99 41.53 8.14
C LEU E 336 31.14 40.53 8.31
N ALA E 337 30.89 39.26 8.03
CA ALA E 337 31.97 38.28 8.10
C ALA E 337 33.03 38.55 7.05
N GLN E 338 32.62 38.91 5.82
CA GLN E 338 33.60 39.22 4.78
C GLN E 338 34.37 40.49 5.12
N ILE E 339 33.68 41.49 5.69
CA ILE E 339 34.35 42.72 6.09
C ILE E 339 35.38 42.45 7.18
N ASP E 340 35.02 41.60 8.14
CA ASP E 340 35.90 41.31 9.27
C ASP E 340 37.01 40.33 8.94
N ALA E 341 36.92 39.61 7.82
CA ALA E 341 37.85 38.53 7.53
C ALA E 341 39.29 39.03 7.49
N GLY E 342 40.18 38.35 8.22
CA GLY E 342 41.59 38.61 8.16
C GLY E 342 42.12 39.60 9.17
N ILE E 343 41.26 40.22 9.98
CA ILE E 343 41.74 41.16 10.99
C ILE E 343 42.65 40.45 11.96
N THR E 344 43.85 41.00 12.17
CA THR E 344 44.84 40.38 13.04
C THR E 344 45.81 41.46 13.51
N ALA E 345 46.74 41.06 14.37
CA ALA E 345 47.81 41.93 14.84
C ALA E 345 49.06 41.07 15.00
N LEU E 346 50.04 41.27 14.11
CA LEU E 346 51.29 40.53 14.13
C LEU E 346 52.40 41.43 14.66
N SER E 347 53.25 40.88 15.53
CA SER E 347 54.32 41.65 16.16
C SER E 347 55.63 41.43 15.41
N TYR E 348 56.35 42.52 15.16
CA TYR E 348 57.68 42.47 14.56
C TYR E 348 58.73 42.81 15.62
N VAL E 349 59.88 42.16 15.55
CA VAL E 349 60.99 42.49 16.45
C VAL E 349 61.62 43.81 16.02
N GLU E 350 61.58 44.80 16.91
CA GLU E 350 62.28 46.06 16.67
C GLU E 350 63.69 46.08 17.23
N ASP E 351 63.94 45.32 18.29
CA ASP E 351 65.28 45.19 18.85
C ASP E 351 65.31 43.91 19.66
N ALA E 352 66.46 43.25 19.67
CA ALA E 352 66.65 42.04 20.45
C ALA E 352 68.12 41.94 20.84
N TYR E 353 68.39 41.73 22.13
CA TYR E 353 69.77 41.73 22.59
C TYR E 353 69.82 41.15 24.00
N PHE E 354 70.95 40.53 24.32
CA PHE E 354 71.22 40.07 25.66
C PHE E 354 71.81 41.21 26.49
N LYS E 355 71.37 41.31 27.74
CA LYS E 355 71.94 42.25 28.69
C LYS E 355 71.97 41.57 30.04
N GLU E 356 73.13 41.61 30.70
CA GLU E 356 73.34 40.88 31.94
C GLU E 356 72.91 39.43 31.78
N ASP E 357 71.94 38.97 32.56
CA ASP E 357 71.53 37.57 32.52
C ASP E 357 70.20 37.34 31.82
N LYS E 358 69.76 38.28 30.97
CA LYS E 358 68.45 38.17 30.35
C LYS E 358 68.51 38.55 28.88
N LEU E 359 67.47 38.14 28.16
CA LEU E 359 67.27 38.45 26.75
C LEU E 359 66.17 39.51 26.67
N PHE E 360 66.48 40.63 26.05
CA PHE E 360 65.54 41.74 25.95
C PHE E 360 64.97 41.84 24.54
N PHE E 361 63.70 42.25 24.46
CA PHE E 361 63.00 42.44 23.21
C PHE E 361 62.31 43.79 23.21
N LYS E 362 62.33 44.46 22.06
CA LYS E 362 61.40 45.54 21.77
C LYS E 362 60.64 45.14 20.51
N THR E 363 59.32 45.14 20.60
CA THR E 363 58.46 44.73 19.49
C THR E 363 57.43 45.82 19.18
N SER E 364 56.85 45.72 18.00
CA SER E 364 55.81 46.63 17.55
C SER E 364 54.75 45.83 16.81
N THR E 365 53.52 46.34 16.82
CA THR E 365 52.42 45.70 16.12
C THR E 365 51.40 46.75 15.72
N LYS E 366 50.50 46.35 14.84
CA LYS E 366 49.33 47.15 14.53
C LYS E 366 48.25 46.24 13.95
N MET E 367 47.00 46.64 14.15
CA MET E 367 45.88 45.89 13.58
C MET E 367 45.90 46.04 12.08
N THR E 368 45.77 44.93 11.36
CA THR E 368 45.86 44.90 9.92
C THR E 368 44.89 43.85 9.39
N TYR E 369 44.79 43.76 8.07
CA TYR E 369 44.21 42.60 7.40
C TYR E 369 45.36 41.75 6.88
N GLU E 370 45.54 40.57 7.47
CA GLU E 370 46.51 39.59 6.97
C GLU E 370 47.94 40.15 6.92
N ASP E 371 48.29 40.96 7.91
N ASP E 371 48.31 40.95 7.92
CA ASP E 371 49.62 41.57 8.03
CA ASP E 371 49.64 41.54 8.03
C ASP E 371 49.97 42.41 6.81
C ASP E 371 49.98 42.45 6.84
N LYS E 372 48.95 42.95 6.14
CA LYS E 372 49.15 43.84 5.02
C LYS E 372 48.63 45.24 5.36
N GLU E 373 47.60 45.72 4.66
CA GLU E 373 47.15 47.08 4.88
C GLU E 373 46.56 47.25 6.29
N ASP E 374 46.56 48.49 6.77
CA ASP E 374 46.11 48.78 8.13
C ASP E 374 44.63 48.50 8.30
N PHE E 375 44.23 48.21 9.54
CA PHE E 375 42.83 48.20 9.92
C PHE E 375 42.46 49.58 10.44
N PHE E 376 41.32 50.11 9.98
CA PHE E 376 40.93 51.47 10.29
C PHE E 376 39.60 51.51 11.05
N ILE E 377 39.46 52.51 11.91
CA ILE E 377 38.18 52.95 12.43
C ILE E 377 38.03 54.43 12.08
N GLU E 378 36.77 54.89 12.04
CA GLU E 378 36.43 56.21 11.53
C GLU E 378 35.91 57.10 12.65
N LYS E 379 36.37 58.35 12.66
CA LYS E 379 35.91 59.34 13.62
C LYS E 379 34.89 60.25 12.95
N THR E 380 33.67 60.26 13.49
CA THR E 380 32.60 61.16 13.05
C THR E 380 32.08 61.89 14.29
N ALA E 381 32.09 63.23 14.23
CA ALA E 381 31.84 64.07 15.39
C ALA E 381 32.76 63.66 16.53
N ASP E 382 32.19 63.17 17.62
CA ASP E 382 32.95 62.63 18.75
C ASP E 382 32.79 61.13 18.87
N ARG E 383 32.61 60.45 17.74
CA ARG E 383 32.33 59.02 17.70
C ARG E 383 33.39 58.30 16.88
N MET E 384 34.03 57.30 17.47
CA MET E 384 35.02 56.47 16.79
C MET E 384 34.31 55.19 16.35
N GLU E 385 34.01 55.09 15.06
CA GLU E 385 33.06 54.12 14.54
C GLU E 385 33.75 52.97 13.82
N ARG E 386 33.13 51.80 13.93
CA ARG E 386 33.47 50.67 13.07
C ARG E 386 33.10 51.01 11.62
N ILE E 387 34.04 50.84 10.71
CA ILE E 387 33.81 51.20 9.31
C ILE E 387 32.88 50.16 8.69
N LEU E 388 31.73 50.60 8.20
CA LEU E 388 30.67 49.71 7.75
C LEU E 388 29.94 50.33 6.57
N PRO E 389 29.33 49.52 5.71
CA PRO E 389 28.45 50.06 4.68
C PRO E 389 27.28 50.77 5.34
N GLU E 390 26.82 51.85 4.68
CA GLU E 390 25.69 52.59 5.22
C GLU E 390 24.42 51.73 5.29
N GLU E 391 24.27 50.78 4.37
CA GLU E 391 23.10 49.92 4.39
C GLU E 391 23.03 49.08 5.66
N ILE E 392 24.19 48.78 6.26
CA ILE E 392 24.23 48.08 7.54
C ILE E 392 24.30 49.06 8.70
N LYS E 393 25.03 50.18 8.52
CA LYS E 393 25.20 51.17 9.57
C LYS E 393 23.85 51.75 10.00
N SER E 394 23.00 52.10 9.04
CA SER E 394 21.67 52.61 9.34
C SER E 394 20.70 51.51 9.76
N LYS E 395 21.17 50.28 9.90
CA LYS E 395 20.34 49.16 10.32
C LYS E 395 20.66 48.71 11.74
N LEU E 396 21.64 49.33 12.40
CA LEU E 396 22.06 48.93 13.72
C LEU E 396 21.88 50.06 14.73
N PRO E 397 21.70 49.72 16.01
CA PRO E 397 21.72 50.76 17.05
C PRO E 397 23.06 51.49 17.06
N LYS E 398 22.99 52.83 17.19
CA LYS E 398 24.16 53.67 16.97
C LYS E 398 25.33 53.33 17.89
N GLU E 399 25.06 52.86 19.10
CA GLU E 399 26.16 52.58 20.01
C GLU E 399 26.84 51.26 19.72
N PHE E 400 26.21 50.35 18.96
CA PHE E 400 26.82 49.05 18.73
C PHE E 400 27.98 49.09 17.75
N PHE E 401 28.16 50.18 17.00
CA PHE E 401 29.37 50.35 16.19
C PHE E 401 30.16 51.59 16.61
N ASP E 402 30.01 52.00 17.87
CA ASP E 402 30.75 53.13 18.44
C ASP E 402 31.79 52.57 19.40
N TYR E 403 33.06 52.66 19.02
CA TYR E 403 34.15 52.13 19.82
C TYR E 403 34.69 53.12 20.84
N SER E 404 34.06 54.30 20.96
CA SER E 404 34.62 55.39 21.77
C SER E 404 34.98 54.92 23.17
N ASP E 405 34.09 54.18 23.83
CA ASP E 405 34.29 53.79 25.22
C ASP E 405 35.25 52.63 25.40
N ASP E 406 35.71 52.00 24.32
CA ASP E 406 36.55 50.81 24.42
C ASP E 406 37.99 51.07 23.97
N LEU E 407 38.32 52.31 23.62
CA LEU E 407 39.63 52.64 23.08
C LEU E 407 40.74 52.61 24.12
N ALA E 408 40.43 52.31 25.38
CA ALA E 408 41.43 52.24 26.44
C ALA E 408 41.51 50.86 27.06
N GLU E 409 40.96 49.84 26.40
CA GLU E 409 40.98 48.48 26.91
C GLU E 409 41.85 47.55 26.05
N PHE E 410 42.81 48.09 25.34
CA PHE E 410 43.75 47.27 24.58
C PHE E 410 44.76 46.60 25.53
N THR E 411 45.08 45.35 25.25
CA THR E 411 46.16 44.65 25.92
C THR E 411 47.14 44.11 24.90
N TYR E 412 48.39 43.98 25.32
CA TYR E 412 49.50 43.62 24.45
C TYR E 412 50.60 43.06 25.35
N GLU E 413 50.77 41.75 25.33
CA GLU E 413 51.62 41.03 26.27
C GLU E 413 52.45 40.00 25.52
N PRO E 414 53.58 39.56 26.10
CA PRO E 414 54.37 38.52 25.45
C PRO E 414 54.14 37.16 26.07
N SER E 415 54.43 36.09 25.34
CA SER E 415 54.31 34.75 25.86
C SER E 415 55.43 33.87 25.33
N ILE E 416 55.60 32.72 25.95
CA ILE E 416 56.65 31.77 25.59
C ILE E 416 56.04 30.37 25.62
N LYS E 417 56.60 29.48 24.81
CA LYS E 417 56.15 28.09 24.76
C LYS E 417 57.35 27.17 24.63
N GLY E 418 57.42 26.16 25.47
CA GLY E 418 58.49 25.17 25.37
C GLY E 418 58.18 24.19 24.26
N ARG E 419 59.13 24.04 23.32
CA ARG E 419 58.85 23.19 22.16
C ARG E 419 58.82 21.71 22.52
N ASN E 420 59.46 21.30 23.60
CA ASN E 420 59.38 19.91 24.03
C ASN E 420 58.20 19.68 24.97
N SER E 421 58.10 20.47 26.03
CA SER E 421 57.04 20.30 27.02
C SER E 421 55.68 20.79 26.54
N ARG E 422 55.64 21.70 25.57
CA ARG E 422 54.43 22.36 25.09
C ARG E 422 53.81 23.28 26.13
N ALA E 423 54.45 23.48 27.28
CA ALA E 423 53.91 24.38 28.28
C ALA E 423 54.01 25.82 27.79
N THR E 424 52.97 26.61 28.03
CA THR E 424 52.95 28.00 27.63
C THR E 424 52.88 28.89 28.86
N TRP E 425 53.56 30.03 28.80
CA TRP E 425 53.58 30.96 29.92
C TRP E 425 53.52 32.37 29.39
N LYS E 426 52.88 33.24 30.16
CA LYS E 426 52.99 34.67 29.96
C LYS E 426 54.34 35.15 30.48
N ILE E 427 54.95 36.09 29.77
CA ILE E 427 56.22 36.67 30.17
C ILE E 427 55.90 37.93 30.98
N ASP E 428 56.08 37.85 32.30
CA ASP E 428 55.75 38.95 33.18
C ASP E 428 56.74 40.10 33.02
N GLY E 429 56.38 41.26 33.58
CA GLY E 429 57.26 42.40 33.64
C GLY E 429 57.26 43.28 32.40
N SER E 430 56.49 42.96 31.37
CA SER E 430 56.53 43.74 30.15
C SER E 430 55.81 45.06 30.34
N THR E 431 56.22 46.05 29.55
CA THR E 431 55.51 47.32 29.47
C THR E 431 55.07 47.52 28.03
N SER E 432 53.89 48.11 27.86
CA SER E 432 53.35 48.25 26.51
C SER E 432 52.50 49.51 26.46
N ASN E 433 52.30 50.00 25.23
CA ASN E 433 51.50 51.18 24.98
C ASN E 433 50.78 50.98 23.65
N VAL E 434 49.47 51.18 23.65
CA VAL E 434 48.65 51.04 22.45
C VAL E 434 47.97 52.37 22.20
N GLU E 435 48.14 52.91 20.99
CA GLU E 435 47.64 54.22 20.63
C GLU E 435 46.70 54.12 19.42
N VAL E 436 45.74 55.03 19.39
CA VAL E 436 44.82 55.18 18.26
C VAL E 436 45.26 56.41 17.49
N VAL E 437 45.77 56.21 16.28
CA VAL E 437 46.52 57.23 15.55
C VAL E 437 45.78 57.61 14.27
N ASN E 438 45.63 58.91 14.04
CA ASN E 438 45.03 59.44 12.82
C ASN E 438 46.04 59.29 11.68
N LYS E 439 45.83 58.31 10.80
CA LYS E 439 46.74 58.12 9.67
C LYS E 439 46.46 59.13 8.56
N LYS E 440 45.20 59.23 8.14
CA LYS E 440 44.82 60.13 7.06
C LYS E 440 43.34 60.46 7.21
N ALA E 441 42.97 61.66 6.78
CA ALA E 441 41.60 62.13 6.91
C ALA E 441 41.07 61.88 8.31
N ASN E 442 39.97 61.15 8.41
CA ASN E 442 39.38 60.77 9.70
C ASN E 442 39.57 59.29 10.00
N LEU E 443 40.58 58.67 9.40
CA LEU E 443 40.85 57.25 9.56
C LEU E 443 41.91 57.04 10.63
N TYR E 444 41.66 56.11 11.53
CA TYR E 444 42.53 55.86 12.67
C TYR E 444 42.97 54.41 12.67
N LYS E 445 44.26 54.19 12.90
CA LYS E 445 44.84 52.87 13.07
C LYS E 445 45.15 52.63 14.55
N ILE E 446 45.42 51.36 14.87
CA ILE E 446 45.71 50.93 16.22
C ILE E 446 47.09 50.28 16.19
N GLU E 447 48.09 50.97 16.73
CA GLU E 447 49.44 50.43 16.77
C GLU E 447 49.97 50.46 18.20
N GLY E 448 50.79 49.45 18.52
CA GLY E 448 51.31 49.30 19.86
C GLY E 448 52.79 48.99 19.86
N GLU E 449 53.42 49.28 21.00
CA GLU E 449 54.81 48.98 21.26
C GLU E 449 54.90 48.21 22.57
N MET E 450 55.93 47.39 22.68
CA MET E 450 56.12 46.58 23.88
C MET E 450 57.59 46.32 24.12
N SER E 451 58.01 46.38 25.39
CA SER E 451 59.32 45.95 25.81
C SER E 451 59.15 44.85 26.86
N PHE E 452 59.96 43.81 26.77
CA PHE E 452 59.98 42.75 27.77
C PHE E 452 61.32 42.06 27.76
N SER E 453 61.60 41.34 28.84
CA SER E 453 62.82 40.55 28.96
C SER E 453 62.44 39.12 29.33
N VAL E 454 63.34 38.20 29.00
CA VAL E 454 63.16 36.77 29.26
C VAL E 454 64.23 36.34 30.24
N GLN E 455 63.80 35.91 31.42
CA GLN E 455 64.65 35.22 32.40
C GLN E 455 64.30 33.73 32.32
N ILE E 456 65.11 32.97 31.59
CA ILE E 456 64.73 31.62 31.21
C ILE E 456 64.56 30.71 32.41
N ASN E 457 65.23 31.02 33.53
CA ASN E 457 65.04 30.23 34.73
C ASN E 457 63.61 30.27 35.25
N ASP E 458 62.85 31.32 34.91
CA ASP E 458 61.45 31.40 35.32
C ASP E 458 60.62 30.22 34.81
N TYR E 459 61.03 29.59 33.71
CA TYR E 459 60.22 28.57 33.05
C TYR E 459 60.82 27.19 33.14
N ILE E 460 62.02 27.06 33.70
CA ILE E 460 62.69 25.77 33.87
C ILE E 460 62.22 25.19 35.19
N LEU E 461 61.40 24.14 35.12
CA LEU E 461 60.74 23.54 36.27
C LEU E 461 61.10 22.08 36.44
N ASP E 462 61.18 21.31 35.37
CA ASP E 462 61.72 19.97 35.39
C ASP E 462 63.12 20.00 34.79
N ALA E 463 63.90 18.97 35.11
CA ALA E 463 65.27 18.91 34.61
C ALA E 463 65.31 18.96 33.09
N ALA E 464 64.35 18.30 32.43
CA ALA E 464 64.34 18.30 30.96
C ALA E 464 64.14 19.68 30.37
N ASP E 465 63.55 20.62 31.13
CA ASP E 465 63.38 21.98 30.63
C ASP E 465 64.71 22.69 30.38
N LYS E 466 65.80 22.22 31.02
CA LYS E 466 67.09 22.89 30.92
C LYS E 466 67.58 22.91 29.47
N LYS E 467 67.29 21.86 28.71
CA LYS E 467 67.77 21.73 27.34
C LYS E 467 66.54 21.65 26.44
N GLN E 468 66.18 22.77 25.81
CA GLN E 468 64.91 22.86 25.10
C GLN E 468 64.96 24.05 24.16
N PRO E 469 64.33 23.95 22.99
CA PRO E 469 64.04 25.15 22.21
C PRO E 469 62.75 25.81 22.71
N TRP E 470 62.72 27.14 22.68
CA TRP E 470 61.56 27.92 23.10
C TRP E 470 61.13 28.84 21.97
N ASP E 471 59.82 29.02 21.85
CA ASP E 471 59.26 29.90 20.83
C ASP E 471 58.52 31.05 21.48
N ILE E 472 58.68 32.25 20.93
CA ILE E 472 58.18 33.49 21.50
C ILE E 472 56.94 33.93 20.73
N ALA E 473 55.96 34.47 21.45
CA ALA E 473 54.71 34.91 20.84
C ALA E 473 54.25 36.19 21.52
N THR E 474 53.27 36.85 20.92
CA THR E 474 52.62 38.01 21.52
C THR E 474 51.11 37.87 21.44
N ARG E 475 50.45 38.34 22.48
CA ARG E 475 49.00 38.31 22.59
C ARG E 475 48.49 39.75 22.54
N PHE E 476 47.71 40.06 21.52
CA PHE E 476 47.11 41.38 21.34
C PHE E 476 45.60 41.24 21.37
N THR E 477 44.94 42.04 22.21
CA THR E 477 43.49 42.07 22.28
C THR E 477 43.00 43.50 22.19
N GLY E 478 41.86 43.69 21.54
CA GLY E 478 41.25 44.99 21.42
C GLY E 478 40.02 44.95 20.53
N LEU E 479 39.05 45.83 20.82
CA LEU E 479 37.83 45.96 20.01
C LEU E 479 37.11 44.62 19.83
N GLY E 480 37.38 43.66 20.70
CA GLY E 480 36.78 42.35 20.61
C GLY E 480 37.61 41.30 19.91
N TYR E 481 38.73 41.69 19.31
CA TYR E 481 39.60 40.75 18.62
C TYR E 481 40.70 40.28 19.56
N THR E 482 41.08 39.02 19.42
CA THR E 482 42.23 38.45 20.13
C THR E 482 43.17 37.87 19.10
N SER E 483 44.44 38.26 19.17
CA SER E 483 45.43 37.83 18.19
C SER E 483 46.69 37.39 18.93
N HIS E 484 46.84 36.07 19.12
CA HIS E 484 47.99 35.48 19.81
C HIS E 484 48.80 34.71 18.77
N ARG E 485 49.90 35.30 18.33
CA ARG E 485 50.67 34.77 17.21
C ARG E 485 52.16 34.78 17.53
N ALA E 486 52.90 33.96 16.78
CA ALA E 486 54.34 33.89 16.95
C ALA E 486 55.00 35.22 16.61
N LEU E 487 55.92 35.65 17.48
CA LEU E 487 56.74 36.81 17.18
C LEU E 487 57.58 36.54 15.94
N THR E 488 57.74 37.56 15.10
CA THR E 488 58.41 37.39 13.83
C THR E 488 59.39 38.54 13.59
N ILE E 489 60.32 38.31 12.66
CA ILE E 489 61.25 39.33 12.21
C ILE E 489 61.61 39.03 10.77
N GLY E 490 61.91 40.09 10.00
CA GLY E 490 62.32 39.93 8.62
C GLY E 490 63.82 39.82 8.43
N LYS E 491 64.59 40.70 9.06
CA LYS E 491 66.04 40.65 8.90
C LYS E 491 66.60 39.39 9.54
N ILE E 492 67.81 39.03 9.10
CA ILE E 492 68.53 37.92 9.72
C ILE E 492 68.79 38.24 11.19
N LEU E 493 68.53 37.27 12.05
CA LEU E 493 68.77 37.43 13.49
C LEU E 493 69.39 36.16 14.03
N ILE E 494 70.63 36.26 14.51
CA ILE E 494 71.34 35.19 15.19
C ILE E 494 72.20 35.88 16.25
N LYS E 495 71.90 35.61 17.53
CA LYS E 495 72.67 36.17 18.62
C LYS E 495 72.81 35.13 19.71
N THR E 496 74.02 35.01 20.25
CA THR E 496 74.34 33.98 21.23
C THR E 496 74.70 34.61 22.56
N ALA E 497 74.62 33.78 23.61
CA ALA E 497 75.00 34.20 24.95
C ALA E 497 75.39 32.98 25.75
N LEU E 498 76.30 33.19 26.70
CA LEU E 498 76.75 32.16 27.64
C LEU E 498 76.55 32.76 29.03
N ILE E 499 75.47 32.37 29.70
CA ILE E 499 75.01 33.03 30.91
C ILE E 499 74.88 31.98 31.99
N ASN E 500 75.75 32.05 33.00
CA ASN E 500 75.67 31.21 34.20
C ASN E 500 75.43 29.74 33.83
N ASN E 501 76.29 29.24 32.93
CA ASN E 501 76.30 27.85 32.48
C ASN E 501 75.12 27.50 31.58
N LYS E 502 74.43 28.49 31.02
CA LYS E 502 73.38 28.26 30.03
C LYS E 502 73.83 28.79 28.69
N THR E 503 73.90 27.91 27.70
CA THR E 503 74.05 28.32 26.31
C THR E 503 72.70 28.82 25.80
N MET E 504 72.71 30.00 25.18
CA MET E 504 71.47 30.63 24.74
C MET E 504 71.68 31.23 23.36
N ILE E 505 70.73 30.99 22.47
CA ILE E 505 70.78 31.47 21.09
C ILE E 505 69.38 31.93 20.72
N VAL E 506 69.23 33.22 20.47
CA VAL E 506 67.99 33.73 19.89
C VAL E 506 68.20 33.84 18.39
N TYR E 507 67.19 33.41 17.62
CA TYR E 507 67.38 33.32 16.18
C TYR E 507 66.03 33.36 15.47
N LYS E 508 66.05 33.92 14.27
CA LYS E 508 64.94 33.81 13.34
C LYS E 508 64.98 32.40 12.75
N ASN E 509 63.98 31.58 13.03
CA ASN E 509 63.99 30.22 12.51
C ASN E 509 63.54 30.21 11.05
N ALA E 510 63.43 29.00 10.49
CA ALA E 510 63.18 28.84 9.07
C ALA E 510 61.78 29.30 8.67
N SER E 511 60.83 29.32 9.60
CA SER E 511 59.51 29.86 9.31
C SER E 511 59.48 31.38 9.50
N GLY E 512 60.61 32.01 9.75
CA GLY E 512 60.66 33.44 9.98
C GLY E 512 60.23 33.87 11.36
N LEU E 513 60.12 32.94 12.31
CA LEU E 513 59.63 33.20 13.65
C LEU E 513 60.77 33.20 14.65
N ILE E 514 60.53 33.79 15.82
CA ILE E 514 61.56 33.98 16.84
C ILE E 514 61.62 32.76 17.74
N SER E 515 62.79 32.12 17.81
CA SER E 515 63.01 31.00 18.69
C SER E 515 64.22 31.26 19.59
N LEU E 516 64.23 30.57 20.73
CA LEU E 516 65.32 30.68 21.70
C LEU E 516 65.79 29.28 22.04
N ASP E 517 66.99 28.92 21.60
CA ASP E 517 67.59 27.63 21.89
C ASP E 517 68.41 27.74 23.17
N VAL E 518 68.10 26.93 24.17
CA VAL E 518 68.84 26.89 25.42
C VAL E 518 69.36 25.48 25.65
N GLY E 519 70.67 25.35 25.86
CA GLY E 519 71.28 24.06 26.08
C GLY E 519 71.60 23.29 24.81
N SER E 520 71.67 23.97 23.66
CA SER E 520 72.06 23.33 22.39
C SER E 520 71.11 22.22 21.98
N SER E 521 69.81 22.41 22.22
CA SER E 521 68.86 21.40 21.77
C SER E 521 68.79 21.36 20.23
N VAL E 522 68.92 22.50 19.56
CA VAL E 522 68.84 22.51 18.10
C VAL E 522 70.03 23.17 17.41
N ARG E 523 70.77 24.07 18.04
CA ARG E 523 71.84 24.78 17.35
C ARG E 523 73.14 24.76 18.14
N SER E 524 74.24 25.02 17.43
CA SER E 524 75.58 25.02 17.99
C SER E 524 76.00 26.43 18.34
N ILE E 525 76.28 26.68 19.62
CA ILE E 525 76.69 28.03 20.03
C ILE E 525 78.08 28.36 19.50
N VAL E 526 78.96 27.38 19.33
CA VAL E 526 80.27 27.69 18.74
C VAL E 526 80.10 28.13 17.30
N GLU E 527 79.26 27.42 16.54
CA GLU E 527 79.02 27.79 15.14
C GLU E 527 78.35 29.15 15.03
N ASP E 528 77.34 29.42 15.85
CA ASP E 528 76.62 30.68 15.71
C ASP E 528 77.42 31.86 16.24
N SER E 529 78.37 31.63 17.15
CA SER E 529 79.22 32.72 17.64
C SER E 529 80.37 33.03 16.68
N GLY E 530 80.85 32.04 15.93
CA GLY E 530 82.03 32.21 15.13
C GLY E 530 83.29 32.09 15.97
N VAL E 531 84.44 31.84 15.34
CA VAL E 531 85.72 31.75 16.09
C VAL E 531 86.73 32.75 15.53
N LYS E 532 87.53 33.34 16.42
CA LYS E 532 88.66 34.19 16.06
C LYS E 532 89.79 33.27 15.62
N ARG E 533 89.73 32.92 14.33
CA ARG E 533 90.61 31.91 13.77
C ARG E 533 92.08 32.25 13.98
N GLU E 534 92.42 33.53 13.88
CA GLU E 534 93.81 33.97 14.06
C GLU E 534 94.22 34.06 15.51
N GLN E 535 93.29 33.95 16.46
CA GLN E 535 93.61 33.99 17.87
C GLN E 535 93.54 32.61 18.50
N ILE E 536 93.55 31.56 17.69
CA ILE E 536 93.63 30.20 18.22
C ILE E 536 95.04 29.98 18.74
N LEU E 537 95.13 29.62 20.02
CA LEU E 537 96.40 29.42 20.70
C LEU E 537 96.67 27.92 20.84
N ILE E 538 97.88 27.51 20.49
CA ILE E 538 98.31 26.12 20.63
C ILE E 538 99.50 26.12 21.58
N ASP E 539 99.35 25.44 22.72
CA ASP E 539 100.44 25.27 23.68
C ASP E 539 100.86 23.80 23.63
N LYS E 540 101.96 23.54 22.91
CA LYS E 540 102.39 22.16 22.72
C LYS E 540 102.80 21.52 24.03
N THR E 541 103.54 22.24 24.88
CA THR E 541 104.02 21.64 26.12
C THR E 541 102.88 21.38 27.10
N SER E 542 101.85 22.20 27.07
CA SER E 542 100.68 21.97 27.91
C SER E 542 99.62 21.10 27.24
N GLY E 543 99.68 20.96 25.92
CA GLY E 543 98.69 20.17 25.22
C GLY E 543 97.32 20.80 25.17
N LYS E 544 97.24 22.12 25.29
CA LYS E 544 95.98 22.83 25.35
C LYS E 544 95.84 23.69 24.10
N VAL E 545 94.73 23.53 23.39
CA VAL E 545 94.35 24.37 22.26
C VAL E 545 93.22 25.28 22.73
N THR E 546 93.41 26.59 22.60
CA THR E 546 92.43 27.57 23.05
C THR E 546 91.75 28.19 21.84
N ILE E 547 90.43 28.11 21.79
CA ILE E 547 89.63 28.59 20.67
C ILE E 547 88.70 29.69 21.17
N PRO E 548 89.04 30.95 20.96
CA PRO E 548 88.16 32.04 21.39
C PRO E 548 86.92 32.14 20.50
N LEU E 549 85.77 32.40 21.13
CA LEU E 549 84.54 32.66 20.40
C LEU E 549 84.44 34.15 20.07
N ASN E 550 83.93 34.46 18.88
CA ASN E 550 83.95 35.84 18.39
C ASN E 550 82.81 36.67 18.95
N GLU E 551 81.58 36.39 18.52
CA GLU E 551 80.41 37.21 18.87
C GLU E 551 79.51 36.42 19.81
N ILE E 552 79.49 36.83 21.08
CA ILE E 552 78.75 36.12 22.12
C ILE E 552 78.67 37.02 23.34
N HIS E 553 77.49 37.05 23.96
CA HIS E 553 77.28 37.76 25.21
C HIS E 553 77.66 36.84 26.36
N VAL E 554 78.61 37.26 27.20
CA VAL E 554 79.13 36.41 28.26
C VAL E 554 78.85 37.08 29.60
N PHE E 555 78.07 36.41 30.44
CA PHE E 555 77.70 36.94 31.75
C PHE E 555 77.84 35.84 32.78
N GLY E 556 78.44 36.18 33.92
CA GLY E 556 78.71 35.19 34.94
C GLY E 556 79.87 34.29 34.53
N GLU E 557 80.07 33.25 35.34
CA GLU E 557 81.10 32.26 35.11
C GLU E 557 80.45 30.97 34.64
N SER E 558 81.00 30.38 33.59
CA SER E 558 80.46 29.16 33.02
C SER E 558 81.58 28.18 32.73
N LEU E 559 81.26 26.90 32.85
CA LEU E 559 82.16 25.83 32.45
C LEU E 559 81.29 24.65 32.03
N ILE E 560 81.33 24.29 30.75
CA ILE E 560 80.53 23.18 30.23
C ILE E 560 81.48 22.17 29.62
N GLU E 561 81.60 21.01 30.25
CA GLU E 561 82.44 19.95 29.72
C GLU E 561 81.83 19.39 28.45
N GLY E 562 82.69 19.15 27.47
CA GLY E 562 82.29 18.52 26.21
C GLY E 562 83.45 17.71 25.67
N ASN E 563 83.55 17.63 24.35
CA ASN E 563 84.66 16.93 23.73
C ASN E 563 84.93 17.54 22.36
N ALA E 564 85.98 17.06 21.72
CA ALA E 564 86.31 17.47 20.36
C ALA E 564 86.89 16.27 19.63
N GLU E 565 86.84 16.35 18.29
CA GLU E 565 87.34 15.30 17.42
C GLU E 565 88.44 15.87 16.55
N LEU E 566 89.56 15.14 16.45
CA LEU E 566 90.66 15.48 15.57
C LEU E 566 90.75 14.43 14.47
N LYS E 567 91.02 14.90 13.24
CA LYS E 567 91.22 14.01 12.10
C LYS E 567 92.37 14.55 11.28
N PRO E 568 93.34 13.71 10.92
CA PRO E 568 94.46 14.18 10.08
C PRO E 568 93.96 14.62 8.72
N VAL E 569 94.42 15.79 8.29
CA VAL E 569 94.03 16.34 6.99
C VAL E 569 94.58 15.46 5.88
N GLY E 570 93.72 15.12 4.92
CA GLY E 570 94.09 14.32 3.78
C GLY E 570 93.73 12.85 3.91
N ILE E 571 93.57 12.35 5.13
CA ILE E 571 93.15 10.98 5.36
C ILE E 571 91.63 11.01 5.49
N SER E 572 90.94 10.62 4.41
CA SER E 572 89.50 10.85 4.34
C SER E 572 88.75 10.00 5.36
N ASP E 573 89.11 8.73 5.49
CA ASP E 573 88.40 7.79 6.35
C ASP E 573 89.12 7.53 7.67
N ALA E 574 89.90 8.49 8.15
CA ALA E 574 90.62 8.32 9.41
C ALA E 574 89.65 8.28 10.58
N ASP E 575 89.97 7.45 11.56
CA ASP E 575 89.20 7.40 12.80
C ASP E 575 89.25 8.77 13.47
N PRO E 576 88.14 9.25 14.04
CA PRO E 576 88.20 10.47 14.84
C PRO E 576 89.03 10.25 16.10
N ILE E 577 89.86 11.22 16.43
CA ILE E 577 90.64 11.20 17.66
C ILE E 577 89.85 12.00 18.70
N ASN E 578 89.32 11.31 19.70
CA ASN E 578 88.46 11.91 20.70
C ASN E 578 89.31 12.54 21.81
N VAL E 579 89.08 13.83 22.08
CA VAL E 579 89.78 14.54 23.14
C VAL E 579 88.79 15.35 23.96
N LYS E 580 89.17 15.64 25.20
CA LYS E 580 88.34 16.44 26.08
C LYS E 580 88.30 17.89 25.62
N ALA E 581 87.18 18.54 25.88
CA ALA E 581 87.05 19.97 25.59
C ALA E 581 86.08 20.58 26.60
N LYS E 582 86.18 21.90 26.77
CA LYS E 582 85.26 22.59 27.64
C LYS E 582 85.02 23.99 27.11
N LEU E 583 83.75 24.42 27.19
CA LEU E 583 83.35 25.78 26.88
C LEU E 583 83.38 26.58 28.17
N ILE E 584 84.11 27.70 28.15
CA ILE E 584 84.41 28.47 29.35
C ILE E 584 83.89 29.87 29.15
N GLY E 585 83.16 30.38 30.14
CA GLY E 585 82.77 31.77 30.18
C GLY E 585 83.47 32.45 31.34
N GLU E 586 84.19 33.53 31.07
CA GLU E 586 85.04 34.13 32.09
C GLU E 586 85.34 35.58 31.70
N ALA E 587 85.14 36.49 32.65
CA ALA E 587 85.44 37.91 32.46
C ALA E 587 84.83 38.43 31.15
N ASN E 588 83.58 38.05 30.90
CA ASN E 588 82.79 38.53 29.77
C ASN E 588 83.35 38.09 28.43
N LYS E 589 84.13 37.00 28.43
CA LYS E 589 84.66 36.41 27.21
C LYS E 589 84.42 34.91 27.25
N ALA E 590 84.37 34.30 26.08
CA ALA E 590 84.12 32.88 25.97
C ALA E 590 85.17 32.23 25.09
N ARG E 591 85.52 30.99 25.42
CA ARG E 591 86.50 30.23 24.67
C ARG E 591 86.20 28.75 24.86
N VAL E 592 86.69 27.95 23.93
CA VAL E 592 86.72 26.51 24.07
C VAL E 592 88.17 26.09 24.25
N GLU E 593 88.44 25.30 25.28
CA GLU E 593 89.76 24.73 25.50
C GLU E 593 89.73 23.26 25.12
N VAL E 594 90.68 22.84 24.30
CA VAL E 594 90.82 21.45 23.89
C VAL E 594 92.11 20.91 24.49
N LEU E 595 92.03 19.76 25.15
CA LEU E 595 93.17 19.13 25.81
C LEU E 595 93.64 17.95 24.96
N LEU E 596 94.85 18.05 24.42
CA LEU E 596 95.37 16.98 23.57
C LEU E 596 95.64 15.72 24.38
N GLY E 597 95.86 15.85 25.68
CA GLY E 597 96.07 14.67 26.51
C GLY E 597 97.33 13.92 26.11
N ASP E 598 97.23 12.59 26.10
CA ASP E 598 98.36 11.72 25.83
C ASP E 598 98.50 11.37 24.36
N GLU E 599 97.68 11.94 23.49
CA GLU E 599 97.74 11.65 22.06
C GLU E 599 99.06 12.10 21.45
N LYS E 600 99.63 11.26 20.59
CA LYS E 600 100.81 11.63 19.81
C LYS E 600 100.33 12.12 18.45
N LEU E 601 100.53 13.41 18.18
CA LEU E 601 99.98 14.06 17.01
C LEU E 601 101.09 14.83 16.29
N SER E 602 100.99 14.86 14.97
CA SER E 602 101.97 15.57 14.15
C SER E 602 101.36 15.82 12.77
N GLY E 603 101.47 17.04 12.30
CA GLY E 603 100.88 17.44 11.03
C GLY E 603 99.63 18.30 11.25
N GLU E 604 98.89 18.47 10.17
CA GLU E 604 97.68 19.28 10.21
C GLU E 604 96.46 18.40 10.50
N TYR E 605 95.55 18.92 11.32
CA TYR E 605 94.38 18.17 11.76
C TYR E 605 93.13 19.04 11.65
N HIS E 606 92.03 18.43 11.22
CA HIS E 606 90.71 19.00 11.44
C HIS E 606 90.37 18.92 12.92
N LEU E 607 89.86 20.02 13.49
CA LEU E 607 89.38 20.06 14.86
C LEU E 607 87.92 20.46 14.85
N VAL E 608 87.07 19.62 15.41
CA VAL E 608 85.63 19.86 15.48
C VAL E 608 85.20 19.79 16.94
N THR E 609 84.70 20.91 17.46
CA THR E 609 84.23 20.92 18.84
C THR E 609 82.86 20.25 18.94
N ASN E 610 82.60 19.65 20.09
CA ASN E 610 81.32 18.97 20.34
C ASN E 610 80.86 19.35 21.75
N ILE E 611 80.19 20.49 21.85
CA ILE E 611 79.66 20.99 23.10
C ILE E 611 78.17 20.67 23.15
N GLN E 612 77.74 19.94 24.19
CA GLN E 612 76.34 19.63 24.41
C GLN E 612 75.71 18.92 23.20
N GLY E 613 76.49 18.08 22.52
CA GLY E 613 76.00 17.28 21.42
C GLY E 613 75.86 18.00 20.10
N LYS E 614 76.33 19.24 19.99
CA LYS E 614 76.25 20.00 18.75
C LYS E 614 77.64 20.32 18.28
N LYS E 615 77.95 19.95 17.04
CA LYS E 615 79.28 20.15 16.48
C LYS E 615 79.31 21.42 15.64
N ASP E 616 80.43 22.14 15.71
CA ASP E 616 80.54 23.36 14.91
C ASP E 616 80.85 23.03 13.46
N LYS E 617 80.72 24.04 12.60
CA LYS E 617 81.06 23.91 11.19
C LYS E 617 82.08 24.97 10.78
N GLN E 618 82.96 25.35 11.71
CA GLN E 618 83.91 26.42 11.45
C GLN E 618 85.13 25.97 10.65
N GLN E 619 85.25 24.68 10.38
CA GLN E 619 86.40 24.14 9.62
C GLN E 619 87.71 24.61 10.23
N ILE E 620 87.87 24.36 11.53
CA ILE E 620 89.09 24.67 12.24
C ILE E 620 90.16 23.66 11.85
N LYS E 621 91.34 24.15 11.45
CA LYS E 621 92.52 23.32 11.25
C LYS E 621 93.63 23.81 12.16
N ILE E 622 94.39 22.87 12.70
CA ILE E 622 95.55 23.18 13.53
C ILE E 622 96.72 22.31 13.08
N THR E 623 97.92 22.88 13.20
CA THR E 623 99.16 22.18 12.87
C THR E 623 99.93 21.90 14.16
N LEU E 624 100.17 20.62 14.43
CA LEU E 624 100.83 20.20 15.65
C LEU E 624 102.23 19.66 15.38
N ASP F 19 36.72 -37.10 -8.12
CA ASP F 19 37.61 -36.20 -7.38
C ASP F 19 37.50 -36.43 -5.88
N ILE F 20 38.43 -37.22 -5.33
CA ILE F 20 38.29 -37.75 -3.96
C ILE F 20 38.68 -36.67 -2.95
N LYS F 21 37.82 -36.48 -1.96
CA LYS F 21 38.01 -35.45 -0.95
C LYS F 21 38.74 -35.95 0.29
N ILE F 22 38.44 -37.17 0.73
CA ILE F 22 38.99 -37.71 1.97
C ILE F 22 39.42 -39.14 1.72
N SER F 23 40.61 -39.49 2.20
CA SER F 23 41.05 -40.87 2.27
C SER F 23 41.12 -41.28 3.74
N VAL F 24 40.55 -42.44 4.06
CA VAL F 24 40.53 -42.97 5.41
C VAL F 24 41.60 -44.03 5.51
N VAL F 25 42.68 -43.72 6.23
CA VAL F 25 43.79 -44.66 6.43
C VAL F 25 43.51 -45.45 7.70
N VAL F 26 43.38 -46.77 7.58
CA VAL F 26 43.09 -47.61 8.72
C VAL F 26 44.08 -48.77 8.82
N PRO F 27 44.98 -48.76 9.81
CA PRO F 27 45.84 -49.93 10.04
C PRO F 27 45.14 -50.95 10.93
N THR F 28 45.14 -52.21 10.49
CA THR F 28 44.45 -53.27 11.21
C THR F 28 45.45 -54.35 11.63
N TYR F 29 45.20 -54.94 12.80
CA TYR F 29 46.00 -56.07 13.26
C TYR F 29 45.18 -56.88 14.27
N ASN F 30 44.87 -58.13 13.91
CA ASN F 30 44.04 -59.02 14.71
C ASN F 30 42.81 -58.29 15.25
N THR F 31 42.12 -57.61 14.34
CA THR F 31 41.06 -56.70 14.73
C THR F 31 39.87 -57.48 15.30
N GLU F 32 39.27 -56.91 16.35
CA GLU F 32 38.09 -57.50 16.95
C GLU F 32 36.92 -57.39 15.98
N LEU F 33 36.21 -58.51 15.79
CA LEU F 33 35.16 -58.57 14.77
C LEU F 33 34.08 -57.53 15.02
N GLU F 34 33.56 -57.46 16.25
CA GLU F 34 32.46 -56.54 16.55
C GLU F 34 32.86 -55.10 16.25
N GLY F 35 34.05 -54.69 16.70
CA GLY F 35 34.49 -53.33 16.47
C GLY F 35 34.79 -53.03 15.02
N LEU F 36 35.31 -54.00 14.29
CA LEU F 36 35.53 -53.82 12.86
C LEU F 36 34.23 -53.55 12.13
N LYS F 37 33.17 -54.28 12.50
CA LYS F 37 31.85 -54.01 11.93
C LYS F 37 31.38 -52.60 12.29
N ASN F 38 31.57 -52.20 13.56
CA ASN F 38 31.14 -50.86 13.97
C ASN F 38 31.91 -49.78 13.23
N LEU F 39 33.19 -50.01 12.97
CA LEU F 39 33.98 -49.05 12.21
C LEU F 39 33.41 -48.89 10.81
N MET F 40 33.14 -50.00 10.13
CA MET F 40 32.63 -49.95 8.76
C MET F 40 31.26 -49.27 8.71
N ALA F 41 30.41 -49.56 9.70
CA ALA F 41 29.09 -48.94 9.72
C ALA F 41 29.18 -47.43 9.90
N SER F 42 30.10 -46.98 10.75
CA SER F 42 30.26 -45.53 10.94
C SER F 42 30.82 -44.87 9.69
N ILE F 43 31.54 -45.62 8.86
CA ILE F 43 31.96 -45.11 7.56
C ILE F 43 30.77 -45.04 6.61
N ASP F 44 29.96 -46.10 6.56
CA ASP F 44 28.84 -46.14 5.62
C ASP F 44 27.80 -45.08 5.95
N LYS F 45 27.67 -44.71 7.22
CA LYS F 45 26.69 -43.73 7.65
C LYS F 45 27.08 -42.30 7.31
N GLN F 46 28.27 -42.08 6.74
CA GLN F 46 28.74 -40.73 6.46
C GLN F 46 27.81 -40.04 5.47
N THR F 47 27.44 -38.79 5.79
CA THR F 47 26.58 -38.03 4.91
C THR F 47 27.23 -37.75 3.57
N MET F 48 28.56 -37.79 3.51
CA MET F 48 29.26 -37.52 2.26
C MET F 48 29.02 -38.63 1.25
N ASN F 49 28.91 -38.23 -0.01
CA ASN F 49 28.73 -39.16 -1.12
C ASN F 49 29.81 -40.23 -1.10
N PRO F 50 29.45 -41.52 -1.10
CA PRO F 50 30.48 -42.57 -1.05
C PRO F 50 31.51 -42.48 -2.15
N ASP F 51 31.14 -42.02 -3.34
CA ASP F 51 32.15 -41.90 -4.39
C ASP F 51 32.90 -40.57 -4.30
N GLU F 52 32.93 -39.98 -3.10
CA GLU F 52 33.79 -38.84 -2.82
C GLU F 52 34.85 -39.12 -1.76
N TYR F 53 34.87 -40.31 -1.17
CA TYR F 53 35.92 -40.71 -0.25
C TYR F 53 36.33 -42.14 -0.54
N GLU F 54 37.45 -42.55 0.04
CA GLU F 54 37.96 -43.90 -0.17
C GLU F 54 38.43 -44.48 1.16
N LEU F 55 38.44 -45.81 1.22
CA LEU F 55 38.91 -46.56 2.40
C LEU F 55 40.20 -47.27 2.02
N VAL F 56 41.28 -46.93 2.71
CA VAL F 56 42.59 -47.51 2.45
C VAL F 56 43.00 -48.29 3.69
N PHE F 57 42.78 -49.60 3.65
CA PHE F 57 43.15 -50.49 4.75
C PHE F 57 44.48 -51.18 4.44
N VAL F 58 45.34 -51.26 5.45
CA VAL F 58 46.59 -52.00 5.34
C VAL F 58 46.67 -52.92 6.57
N ASP F 59 46.58 -54.23 6.33
CA ASP F 59 46.68 -55.20 7.40
C ASP F 59 48.13 -55.44 7.75
N ASP F 60 48.45 -55.38 9.04
CA ASP F 60 49.82 -55.55 9.51
C ASP F 60 50.12 -57.02 9.82
N GLY F 61 49.87 -57.90 8.85
CA GLY F 61 50.14 -59.32 9.00
C GLY F 61 49.40 -59.97 10.15
N SER F 62 48.07 -59.94 10.09
CA SER F 62 47.27 -60.49 11.17
C SER F 62 47.38 -62.01 11.23
N THR F 63 47.44 -62.54 12.44
CA THR F 63 47.39 -63.99 12.64
C THR F 63 45.96 -64.53 12.68
N THR F 64 44.96 -63.65 12.62
CA THR F 64 43.57 -64.05 12.60
C THR F 64 43.05 -63.95 11.16
N ASP F 65 41.73 -64.11 11.02
CA ASP F 65 41.04 -64.00 9.74
C ASP F 65 40.80 -62.56 9.32
N THR F 66 41.53 -61.60 9.89
CA THR F 66 41.22 -60.19 9.66
C THR F 66 41.36 -59.81 8.19
N TYR F 67 42.49 -60.18 7.57
CA TYR F 67 42.71 -59.83 6.17
C TYR F 67 41.65 -60.46 5.27
N GLU F 68 41.27 -61.70 5.56
CA GLU F 68 40.21 -62.35 4.79
C GLU F 68 38.90 -61.59 4.93
N ARG F 69 38.56 -61.18 6.15
CA ARG F 69 37.29 -60.49 6.37
C ARG F 69 37.26 -59.13 5.71
N LEU F 70 38.41 -58.47 5.61
CA LEU F 70 38.46 -57.14 4.99
C LEU F 70 38.23 -57.23 3.49
N GLN F 71 38.76 -58.26 2.84
CA GLN F 71 38.50 -58.44 1.41
C GLN F 71 37.04 -58.75 1.15
N GLU F 72 36.34 -59.34 2.13
CA GLU F 72 34.90 -59.52 2.02
C GLU F 72 34.19 -58.18 1.96
N PHE F 73 34.60 -57.22 2.79
CA PHE F 73 34.02 -55.88 2.74
C PHE F 73 34.35 -55.20 1.42
N ALA F 74 35.57 -55.41 0.91
CA ALA F 74 36.01 -54.74 -0.31
C ALA F 74 35.31 -55.25 -1.55
N GLU F 75 34.66 -56.41 -1.48
CA GLU F 75 33.98 -56.96 -2.64
C GLU F 75 32.72 -56.17 -2.98
N THR F 76 32.10 -55.54 -1.99
CA THR F 76 30.88 -54.77 -2.20
C THR F 76 31.12 -53.27 -2.08
N ARG F 77 32.37 -52.83 -2.17
CA ARG F 77 32.73 -51.42 -2.00
C ARG F 77 33.79 -51.06 -3.03
N PRO F 78 33.41 -50.37 -4.11
CA PRO F 78 34.39 -50.00 -5.13
C PRO F 78 35.37 -48.92 -4.72
N ASN F 79 35.28 -48.40 -3.49
CA ASN F 79 36.18 -47.35 -3.03
C ASN F 79 37.04 -47.83 -1.86
N MET F 80 37.16 -49.14 -1.66
CA MET F 80 37.89 -49.70 -0.53
C MET F 80 39.06 -50.52 -1.05
N THR F 81 40.28 -50.15 -0.63
CA THR F 81 41.49 -50.87 -0.97
C THR F 81 42.00 -51.60 0.26
N VAL F 82 42.34 -52.88 0.10
CA VAL F 82 42.78 -53.73 1.21
C VAL F 82 44.13 -54.33 0.83
N LYS F 83 45.17 -53.92 1.53
CA LYS F 83 46.52 -54.41 1.31
C LYS F 83 47.05 -55.07 2.57
N GLN F 84 47.89 -56.09 2.39
CA GLN F 84 48.52 -56.77 3.52
C GLN F 84 50.03 -56.65 3.41
N ILE F 85 50.70 -56.47 4.55
CA ILE F 85 52.14 -56.36 4.63
C ILE F 85 52.64 -57.26 5.75
N GLU F 86 53.94 -57.55 5.72
CA GLU F 86 54.59 -58.24 6.83
C GLU F 86 54.47 -57.41 8.09
N ASN F 87 54.21 -58.08 9.22
CA ASN F 87 53.90 -57.37 10.47
C ASN F 87 55.02 -56.42 10.88
N SER F 88 54.72 -55.12 10.86
CA SER F 88 55.66 -54.11 11.34
C SER F 88 55.61 -53.94 12.86
N GLY F 89 54.64 -54.56 13.53
CA GLY F 89 54.51 -54.49 14.96
C GLY F 89 53.72 -53.32 15.49
N TRP F 90 53.48 -52.30 14.68
CA TRP F 90 52.73 -51.13 15.12
C TRP F 90 52.03 -50.51 13.92
N GLY F 91 51.15 -49.54 14.20
CA GLY F 91 50.39 -48.89 13.15
C GLY F 91 51.10 -47.79 12.40
N SER F 92 52.33 -47.45 12.77
CA SER F 92 53.04 -46.35 12.11
C SER F 92 53.29 -46.66 10.64
N ARG F 93 53.89 -47.81 10.36
CA ARG F 93 54.26 -48.17 8.99
C ARG F 93 53.05 -48.43 8.10
N PRO F 94 52.00 -49.13 8.57
CA PRO F 94 50.78 -49.22 7.75
C PRO F 94 50.22 -47.86 7.37
N ARG F 95 50.22 -46.90 8.30
CA ARG F 95 49.74 -45.56 7.98
C ARG F 95 50.62 -44.91 6.90
N ASN F 96 51.93 -45.08 7.01
CA ASN F 96 52.83 -44.47 6.03
C ASN F 96 52.59 -45.06 4.63
N ILE F 97 52.49 -46.40 4.55
CA ILE F 97 52.24 -47.05 3.27
C ILE F 97 50.90 -46.61 2.69
N ALA F 98 49.86 -46.60 3.53
CA ALA F 98 48.53 -46.21 3.05
C ALA F 98 48.49 -44.76 2.60
N THR F 99 49.23 -43.88 3.29
CA THR F 99 49.30 -42.48 2.89
C THR F 99 49.89 -42.32 1.50
N LYS F 100 50.93 -43.10 1.18
CA LYS F 100 51.58 -42.98 -0.12
C LYS F 100 50.66 -43.42 -1.25
N MET F 101 49.75 -44.36 -0.99
CA MET F 101 48.89 -44.92 -2.03
C MET F 101 47.51 -44.29 -2.05
N ALA F 102 47.26 -43.28 -1.22
CA ALA F 102 45.96 -42.63 -1.16
C ALA F 102 45.88 -41.49 -2.16
N LYS F 103 44.69 -41.29 -2.73
CA LYS F 103 44.44 -40.25 -3.71
C LYS F 103 43.73 -39.03 -3.14
N GLY F 104 43.17 -39.12 -1.94
CA GLY F 104 42.33 -38.07 -1.42
C GLY F 104 43.11 -36.82 -1.07
N GLU F 105 42.36 -35.70 -1.04
CA GLU F 105 42.96 -34.43 -0.67
C GLU F 105 43.28 -34.37 0.82
N TYR F 106 42.47 -35.01 1.66
CA TYR F 106 42.67 -35.03 3.10
C TYR F 106 42.74 -36.46 3.60
N ILE F 107 43.65 -36.70 4.53
CA ILE F 107 43.87 -38.02 5.14
C ILE F 107 43.34 -37.98 6.57
N LEU F 108 42.54 -38.99 6.93
CA LEU F 108 42.17 -39.23 8.32
C LEU F 108 42.79 -40.55 8.76
N TYR F 109 43.47 -40.52 9.90
CA TYR F 109 44.06 -41.75 10.45
C TYR F 109 43.08 -42.33 11.46
N LEU F 110 42.31 -43.32 11.02
CA LEU F 110 41.30 -43.99 11.82
C LEU F 110 41.85 -45.34 12.28
N ASP F 111 41.94 -45.54 13.59
CA ASP F 111 42.39 -46.81 14.12
C ASP F 111 41.28 -47.85 14.01
N HIS F 112 41.68 -49.13 14.05
CA HIS F 112 40.78 -50.24 13.75
C HIS F 112 39.73 -50.50 14.81
N ASP F 113 39.75 -49.77 15.93
CA ASP F 113 38.83 -49.98 17.04
C ASP F 113 37.99 -48.75 17.35
N ASP F 114 38.01 -47.73 16.48
CA ASP F 114 37.31 -46.48 16.70
C ASP F 114 36.15 -46.34 15.72
N THR F 115 35.35 -45.30 15.93
CA THR F 115 34.26 -44.96 15.03
C THR F 115 34.26 -43.46 14.79
N VAL F 116 33.64 -43.07 13.69
CA VAL F 116 33.58 -41.69 13.26
C VAL F 116 32.10 -41.28 13.22
N PHE F 117 31.85 -39.99 13.44
CA PHE F 117 30.49 -39.49 13.52
C PHE F 117 29.95 -39.19 12.12
N PRO F 118 28.62 -39.21 11.95
CA PRO F 118 28.04 -39.22 10.59
C PRO F 118 28.40 -38.01 9.72
N GLU F 119 28.42 -36.81 10.27
CA GLU F 119 28.67 -35.61 9.49
C GLU F 119 30.13 -35.17 9.53
N THR F 120 31.02 -36.05 9.97
CA THR F 120 32.43 -35.69 10.09
C THR F 120 33.06 -35.36 8.74
N PHE F 121 32.89 -36.24 7.75
CA PHE F 121 33.52 -36.04 6.45
C PHE F 121 33.12 -34.71 5.82
N GLU F 122 31.80 -34.45 5.77
CA GLU F 122 31.30 -33.23 5.14
C GLU F 122 31.76 -31.99 5.90
N ARG F 123 31.59 -31.98 7.22
CA ARG F 123 31.89 -30.79 8.00
C ARG F 123 33.39 -30.50 8.00
N VAL F 124 34.23 -31.52 8.17
CA VAL F 124 35.67 -31.29 8.21
C VAL F 124 36.18 -30.81 6.85
N TYR F 125 35.81 -31.52 5.79
CA TYR F 125 36.30 -31.14 4.46
C TYR F 125 35.87 -29.73 4.09
N ASN F 126 34.59 -29.41 4.28
CA ASN F 126 34.11 -28.06 3.97
C ASN F 126 34.86 -27.01 4.76
N PHE F 127 35.12 -27.29 6.04
CA PHE F 127 35.87 -26.35 6.88
C PHE F 127 37.31 -26.21 6.39
N GLY F 128 37.97 -27.32 6.08
CA GLY F 128 39.34 -27.26 5.59
C GLY F 128 39.44 -26.63 4.21
N LYS F 129 38.46 -26.91 3.34
CA LYS F 129 38.51 -26.39 1.98
C LYS F 129 38.19 -24.90 1.95
N GLU F 130 37.27 -24.45 2.79
CA GLU F 130 36.94 -23.02 2.85
C GLU F 130 38.07 -22.19 3.41
N ASN F 131 38.98 -22.78 4.18
CA ASN F 131 40.08 -22.05 4.79
C ASN F 131 41.45 -22.55 4.35
N ASN F 132 41.52 -23.46 3.37
CA ASN F 132 42.77 -23.96 2.81
C ASN F 132 43.70 -24.46 3.92
N LEU F 133 43.18 -25.38 4.72
CA LEU F 133 43.88 -25.86 5.90
C LEU F 133 44.75 -27.06 5.56
N ASP F 134 45.95 -27.07 6.14
CA ASP F 134 46.81 -28.25 6.06
C ASP F 134 46.45 -29.29 7.12
N VAL F 135 45.92 -28.86 8.25
CA VAL F 135 45.47 -29.77 9.31
C VAL F 135 44.14 -29.26 9.86
N VAL F 136 43.15 -30.14 9.93
CA VAL F 136 41.90 -29.87 10.62
C VAL F 136 41.89 -30.67 11.92
N SER F 137 42.04 -29.97 13.04
CA SER F 137 41.97 -30.60 14.36
C SER F 137 40.52 -30.55 14.83
N GLY F 138 39.77 -31.61 14.52
CA GLY F 138 38.38 -31.67 14.89
C GLY F 138 38.17 -32.23 16.29
N LYS F 139 37.03 -31.85 16.87
CA LYS F 139 36.71 -32.27 18.23
C LYS F 139 36.79 -33.79 18.35
N GLU F 140 37.50 -34.25 19.37
CA GLU F 140 37.68 -35.68 19.60
C GLU F 140 37.02 -36.09 20.91
N VAL F 141 36.47 -37.29 20.92
CA VAL F 141 35.68 -37.80 22.03
C VAL F 141 36.32 -39.09 22.52
N ARG F 142 36.39 -39.24 23.84
CA ARG F 142 36.90 -40.44 24.49
C ARG F 142 35.81 -41.04 25.37
N THR F 143 35.95 -42.34 25.63
CA THR F 143 34.93 -43.07 26.38
C THR F 143 34.78 -42.52 27.79
N ASN F 144 35.90 -42.33 28.49
CA ASN F 144 35.88 -41.97 29.90
C ASN F 144 36.32 -40.53 30.09
N GLY F 145 35.95 -39.97 31.22
CA GLY F 145 36.34 -38.60 31.50
C GLY F 145 35.23 -37.61 31.21
N TRP F 146 35.28 -36.47 31.89
CA TRP F 146 34.32 -35.40 31.71
C TRP F 146 34.77 -34.36 30.71
N SER F 147 35.98 -34.49 30.15
CA SER F 147 36.43 -33.57 29.13
C SER F 147 37.50 -34.24 28.28
N TRP F 148 37.75 -33.64 27.12
CA TRP F 148 38.90 -33.97 26.29
C TRP F 148 39.18 -32.76 25.41
N GLY F 149 40.41 -32.24 25.48
CA GLY F 149 40.71 -31.00 24.78
C GLY F 149 39.83 -29.85 25.25
N TRP F 150 39.60 -29.76 26.56
CA TRP F 150 38.75 -28.72 27.13
C TRP F 150 39.19 -27.32 26.67
N LYS F 151 40.49 -27.05 26.68
CA LYS F 151 40.97 -25.73 26.28
C LYS F 151 40.89 -25.55 24.77
N GLN F 152 41.34 -26.54 24.00
CA GLN F 152 41.53 -26.36 22.57
C GLN F 152 40.24 -26.51 21.77
N PHE F 153 39.36 -27.45 22.15
CA PHE F 153 38.10 -27.68 21.45
C PHE F 153 36.99 -26.77 21.93
N SER F 154 37.29 -25.52 22.29
CA SER F 154 36.29 -24.67 22.89
C SER F 154 35.46 -23.93 21.84
N GLU F 155 36.13 -23.36 20.83
CA GLU F 155 35.46 -22.65 19.76
C GLU F 155 36.17 -22.91 18.44
N ASN F 156 35.41 -22.81 17.36
CA ASN F 156 36.00 -22.97 16.03
C ASN F 156 37.05 -21.91 15.77
N ASN F 157 38.16 -22.32 15.15
CA ASN F 157 39.27 -21.41 14.87
C ASN F 157 39.92 -21.81 13.55
N PRO F 158 39.61 -21.11 12.46
CA PRO F 158 40.22 -21.42 11.16
C PRO F 158 41.62 -20.84 10.99
N HIS F 159 42.11 -20.07 11.96
CA HIS F 159 43.47 -19.54 11.94
C HIS F 159 44.20 -19.96 13.21
N ALA F 160 44.08 -21.23 13.57
CA ALA F 160 44.54 -21.71 14.88
C ALA F 160 46.06 -21.71 14.97
N GLU F 161 46.76 -21.95 13.87
CA GLU F 161 48.23 -22.02 13.94
C GLU F 161 48.85 -20.69 14.31
N GLU F 162 48.10 -19.58 14.25
CA GLU F 162 48.57 -18.31 14.76
C GLU F 162 48.65 -18.29 16.28
N MET F 163 47.92 -19.19 16.96
CA MET F 163 48.04 -19.33 18.40
C MET F 163 49.37 -19.96 18.81
N GLY F 164 50.03 -20.66 17.90
CA GLY F 164 51.24 -21.39 18.18
C GLY F 164 50.98 -22.89 18.13
N ILE F 165 52.00 -23.64 18.57
CA ILE F 165 51.95 -25.09 18.43
C ILE F 165 50.86 -25.71 19.30
N GLU F 166 50.38 -24.98 20.32
CA GLU F 166 49.33 -25.51 21.18
C GLU F 166 48.05 -25.83 20.41
N CYS F 167 47.85 -25.19 19.25
CA CYS F 167 46.63 -25.38 18.48
C CYS F 167 46.40 -26.84 18.09
N LEU F 168 47.43 -27.68 18.10
CA LEU F 168 47.31 -29.07 17.72
C LEU F 168 47.05 -30.01 18.89
N LEU F 169 47.04 -29.51 20.12
CA LEU F 169 46.76 -30.38 21.24
C LEU F 169 45.27 -30.64 21.35
N PRO F 170 44.86 -31.84 21.81
CA PRO F 170 45.72 -33.01 22.10
C PRO F 170 46.26 -33.62 20.83
N MET F 171 47.55 -33.96 20.83
CA MET F 171 48.24 -34.31 19.60
C MET F 171 48.06 -35.77 19.22
N THR F 172 46.83 -36.28 19.29
CA THR F 172 46.53 -37.58 18.73
C THR F 172 46.58 -37.48 17.20
N PRO F 173 46.69 -38.61 16.50
CA PRO F 173 46.73 -38.58 15.04
C PRO F 173 45.36 -38.56 14.38
N HIS F 174 44.29 -38.57 15.17
CA HIS F 174 42.93 -38.62 14.66
C HIS F 174 42.45 -37.27 14.13
N LYS F 175 43.29 -36.59 13.36
CA LYS F 175 42.95 -35.34 12.69
C LYS F 175 42.89 -35.58 11.19
N PHE F 176 42.60 -34.52 10.46
CA PHE F 176 42.58 -34.54 9.00
C PHE F 176 43.77 -33.73 8.51
N TYR F 177 44.64 -34.37 7.74
CA TYR F 177 45.86 -33.76 7.20
C TYR F 177 45.77 -33.69 5.69
N LYS F 178 46.15 -32.56 5.11
CA LYS F 178 46.17 -32.44 3.66
C LYS F 178 47.29 -33.32 3.12
N ARG F 179 46.93 -34.23 2.21
CA ARG F 179 47.90 -35.20 1.72
C ARG F 179 49.08 -34.52 1.04
N GLU F 180 48.81 -33.48 0.23
CA GLU F 180 49.88 -32.78 -0.45
C GLU F 180 50.86 -32.15 0.52
N PHE F 181 50.38 -31.70 1.69
CA PHE F 181 51.27 -31.12 2.68
C PHE F 181 52.15 -32.19 3.31
N LEU F 182 51.62 -33.40 3.49
CA LEU F 182 52.38 -34.46 4.15
C LEU F 182 53.50 -34.98 3.25
N LEU F 183 53.19 -35.27 1.98
CA LEU F 183 54.21 -35.76 1.08
C LEU F 183 55.23 -34.68 0.72
N GLU F 184 54.79 -33.42 0.63
CA GLU F 184 55.69 -32.34 0.24
C GLU F 184 56.80 -32.14 1.26
N ASN F 185 56.47 -32.20 2.55
CA ASN F 185 57.43 -32.01 3.62
C ASN F 185 57.96 -33.32 4.18
N ASP F 186 57.52 -34.46 3.64
CA ASP F 186 57.99 -35.78 4.06
C ASP F 186 57.74 -36.01 5.55
N ILE F 187 56.49 -35.85 5.94
CA ILE F 187 56.06 -36.06 7.32
C ILE F 187 55.49 -37.46 7.42
N THR F 188 56.17 -38.34 8.14
CA THR F 188 55.77 -39.74 8.28
C THR F 188 55.75 -40.11 9.75
N PHE F 189 55.14 -41.26 10.04
CA PHE F 189 55.14 -41.82 11.39
C PHE F 189 56.40 -42.63 11.61
N ASP F 190 56.97 -42.52 12.81
CA ASP F 190 58.17 -43.26 13.17
C ASP F 190 57.82 -44.74 13.37
N ASP F 191 58.34 -45.59 12.50
CA ASP F 191 58.14 -47.05 12.61
C ASP F 191 59.36 -47.75 13.18
N GLY F 192 59.98 -47.16 14.21
CA GLY F 192 61.19 -47.71 14.78
C GLY F 192 60.93 -48.87 15.72
N ALA F 193 62.02 -49.43 16.24
CA ALA F 193 61.92 -50.62 17.08
C ALA F 193 61.09 -50.35 18.32
N ARG F 194 61.36 -49.26 19.01
CA ARG F 194 60.59 -48.86 20.19
C ARG F 194 60.32 -47.37 20.09
N VAL F 195 59.05 -47.00 19.94
CA VAL F 195 58.69 -45.59 19.84
C VAL F 195 57.44 -45.34 20.67
N LEU F 196 57.40 -44.16 21.27
CA LEU F 196 56.27 -43.69 22.05
C LEU F 196 55.95 -42.29 21.59
N TRP F 197 54.67 -41.92 21.69
CA TRP F 197 54.21 -40.58 21.30
C TRP F 197 54.52 -40.28 19.83
N GLU F 198 54.39 -41.29 18.96
CA GLU F 198 54.64 -41.06 17.54
C GLU F 198 53.68 -40.02 16.97
N ASP F 199 52.50 -39.86 17.57
CA ASP F 199 51.58 -38.84 17.08
C ASP F 199 52.04 -37.45 17.48
N VAL F 200 52.69 -37.31 18.64
CA VAL F 200 53.24 -36.03 19.05
C VAL F 200 54.32 -35.58 18.06
N TYR F 201 55.23 -36.50 17.69
CA TYR F 201 56.19 -36.20 16.65
C TYR F 201 55.49 -35.81 15.36
N PHE F 202 54.47 -36.58 14.96
CA PHE F 202 53.79 -36.33 13.70
C PHE F 202 53.18 -34.94 13.67
N ASN F 203 52.45 -34.57 14.73
CA ASN F 203 51.78 -33.28 14.74
C ASN F 203 52.77 -32.14 14.91
N SER F 204 53.82 -32.34 15.69
CA SER F 204 54.83 -31.29 15.86
C SER F 204 55.55 -31.01 14.55
N LYS F 205 55.84 -32.04 13.78
CA LYS F 205 56.51 -31.83 12.50
C LYS F 205 55.60 -31.07 11.53
N ALA F 206 54.29 -31.35 11.57
CA ALA F 206 53.35 -30.59 10.75
C ALA F 206 53.41 -29.11 11.10
N PHE F 207 53.45 -28.78 12.39
CA PHE F 207 53.48 -27.39 12.78
C PHE F 207 54.83 -26.76 12.46
N ILE F 208 55.91 -27.52 12.61
CA ILE F 208 57.25 -27.00 12.32
C ILE F 208 57.37 -26.59 10.86
N HIS F 209 56.76 -27.35 9.95
CA HIS F 209 56.76 -27.00 8.54
C HIS F 209 55.63 -26.05 8.17
N GLY F 210 55.10 -25.30 9.13
CA GLY F 210 54.22 -24.18 8.81
C GLY F 210 52.85 -24.57 8.33
N ALA F 211 52.28 -25.63 8.91
CA ALA F 211 50.93 -26.05 8.55
C ALA F 211 49.91 -25.03 9.02
N LYS F 212 48.95 -24.73 8.16
CA LYS F 212 47.77 -23.95 8.55
C LYS F 212 46.80 -24.88 9.26
N VAL F 213 46.48 -24.56 10.51
CA VAL F 213 45.69 -25.44 11.37
C VAL F 213 44.34 -24.80 11.63
N GLY F 214 43.28 -25.59 11.51
CA GLY F 214 41.95 -25.16 11.89
C GLY F 214 41.39 -26.10 12.93
N ILE F 215 40.75 -25.53 13.95
CA ILE F 215 40.14 -26.29 15.02
C ILE F 215 38.63 -26.31 14.80
N LEU F 216 38.07 -27.49 14.59
CA LEU F 216 36.63 -27.67 14.41
C LEU F 216 36.07 -28.19 15.73
N ALA F 217 35.46 -27.30 16.50
CA ALA F 217 35.04 -27.62 17.86
C ALA F 217 33.54 -27.83 18.04
N ASP F 218 32.73 -27.43 17.06
CA ASP F 218 31.28 -27.45 17.27
C ASP F 218 30.63 -28.78 16.89
N TYR F 219 31.41 -29.77 16.46
CA TYR F 219 30.84 -31.06 16.10
C TYR F 219 31.81 -32.15 16.51
N PRO F 220 31.37 -33.17 17.25
CA PRO F 220 32.28 -34.27 17.60
C PRO F 220 32.63 -35.08 16.35
N THR F 221 33.91 -35.12 16.00
CA THR F 221 34.32 -35.71 14.73
C THR F 221 34.81 -37.14 14.85
N TYR F 222 35.34 -37.54 16.00
CA TYR F 222 36.04 -38.82 16.11
C TYR F 222 35.81 -39.39 17.50
N TYR F 223 35.46 -40.67 17.57
CA TYR F 223 35.24 -41.36 18.84
C TYR F 223 36.40 -42.33 19.06
N TRP F 224 37.32 -41.93 19.96
CA TRP F 224 38.44 -42.77 20.38
C TRP F 224 37.95 -43.67 21.51
N ILE F 225 37.76 -44.95 21.21
CA ILE F 225 37.08 -45.87 22.12
C ILE F 225 38.07 -46.53 23.05
N ALA F 226 37.74 -46.57 24.34
CA ALA F 226 38.55 -47.28 25.32
C ALA F 226 38.18 -48.75 25.32
N THR F 227 39.18 -49.62 25.18
CA THR F 227 38.94 -51.05 25.12
C THR F 227 39.44 -51.77 26.37
N GLY F 236 54.45 -50.64 27.68
CA GLY F 236 55.00 -49.52 28.41
C GLY F 236 54.98 -49.70 29.92
N ARG F 237 56.06 -50.24 30.47
CA ARG F 237 56.14 -50.47 31.90
C ARG F 237 57.57 -50.32 32.38
N ASP F 238 58.52 -50.66 31.52
CA ASP F 238 59.93 -50.56 31.84
C ASP F 238 60.30 -49.10 32.07
N PRO F 239 60.77 -48.74 33.27
CA PRO F 239 61.09 -47.32 33.52
C PRO F 239 62.30 -46.84 32.74
N HIS F 240 63.26 -47.71 32.48
CA HIS F 240 64.41 -47.33 31.65
C HIS F 240 63.98 -47.06 30.21
N GLU F 241 63.06 -47.87 29.69
CA GLU F 241 62.54 -47.63 28.34
C GLU F 241 61.66 -46.39 28.31
N LYS F 242 60.78 -46.24 29.30
CA LYS F 242 59.95 -45.05 29.38
C LYS F 242 60.81 -43.80 29.42
N TRP F 243 61.81 -43.77 30.29
CA TRP F 243 62.60 -42.55 30.43
C TRP F 243 63.60 -42.39 29.30
N ASN F 244 63.93 -43.46 28.58
CA ASN F 244 64.66 -43.29 27.33
C ASN F 244 63.79 -42.60 26.28
N GLN F 245 62.50 -42.96 26.24
CA GLN F 245 61.59 -42.29 25.31
C GLN F 245 61.36 -40.84 25.70
N ILE F 246 61.29 -40.56 27.00
CA ILE F 246 61.09 -39.17 27.43
C ILE F 246 62.28 -38.32 27.03
N ASN F 247 63.50 -38.84 27.19
CA ASN F 247 64.68 -38.11 26.75
C ASN F 247 64.66 -37.90 25.24
N LYS F 248 64.23 -38.92 24.49
CA LYS F 248 64.12 -38.78 23.03
C LYS F 248 63.19 -37.63 22.67
N LEU F 249 62.04 -37.55 23.35
CA LEU F 249 61.04 -36.54 23.00
C LEU F 249 61.55 -35.13 23.28
N PHE F 250 62.13 -34.90 24.46
CA PHE F 250 62.60 -33.56 24.79
C PHE F 250 63.75 -33.14 23.87
N ASN F 251 64.63 -34.09 23.53
CA ASN F 251 65.67 -33.80 22.54
C ASN F 251 65.06 -33.41 21.20
N PHE F 252 63.98 -34.09 20.81
CA PHE F 252 63.31 -33.76 19.56
C PHE F 252 62.79 -32.34 19.58
N PHE F 253 62.09 -31.96 20.66
CA PHE F 253 61.62 -30.59 20.81
C PHE F 253 62.77 -29.59 20.67
N LYS F 254 63.83 -29.77 21.46
CA LYS F 254 64.93 -28.80 21.47
C LYS F 254 65.63 -28.71 20.12
N ASP F 255 65.71 -29.82 19.39
CA ASP F 255 66.43 -29.82 18.13
C ASP F 255 65.61 -29.19 16.99
N ASN F 256 64.32 -29.53 16.90
CA ASN F 256 63.57 -29.26 15.68
C ASN F 256 62.65 -28.05 15.79
N ILE F 257 62.07 -27.79 16.96
CA ILE F 257 61.22 -26.61 17.12
C ILE F 257 62.11 -25.37 17.07
N LYS F 258 61.67 -24.36 16.31
CA LYS F 258 62.47 -23.18 16.08
C LYS F 258 62.00 -21.96 16.86
N GLU F 259 60.74 -21.54 16.68
CA GLU F 259 60.24 -20.37 17.39
C GLU F 259 60.27 -20.61 18.90
N GLN F 260 60.77 -19.61 19.63
CA GLN F 260 60.94 -19.77 21.07
C GLN F 260 59.60 -19.93 21.77
N ARG F 261 58.58 -19.21 21.32
CA ARG F 261 57.24 -19.37 21.88
C ARG F 261 56.81 -20.83 21.85
N ASP F 262 57.09 -21.54 20.75
CA ASP F 262 56.60 -22.90 20.60
C ASP F 262 57.49 -23.90 21.34
N LEU F 263 58.80 -23.70 21.32
CA LEU F 263 59.70 -24.54 22.10
C LEU F 263 59.38 -24.45 23.59
N ASP F 264 59.23 -23.23 24.11
CA ASP F 264 58.95 -23.07 25.54
C ASP F 264 57.62 -23.69 25.92
N PHE F 265 56.65 -23.71 25.00
CA PHE F 265 55.36 -24.31 25.35
C PHE F 265 55.49 -25.82 25.51
N MET F 266 56.04 -26.48 24.50
CA MET F 266 56.18 -27.94 24.56
C MET F 266 57.06 -28.35 25.74
N LEU F 267 58.17 -27.64 25.96
CA LEU F 267 59.03 -27.94 27.12
C LEU F 267 58.25 -27.80 28.42
N THR F 268 57.53 -26.70 28.60
CA THR F 268 56.74 -26.49 29.81
C THR F 268 55.66 -27.57 29.94
N HIS F 269 54.90 -27.78 28.86
CA HIS F 269 53.76 -28.69 28.92
C HIS F 269 54.21 -30.10 29.28
N TRP F 270 55.26 -30.59 28.64
CA TRP F 270 55.66 -31.98 28.84
C TRP F 270 56.49 -32.17 30.09
N TYR F 271 57.24 -31.15 30.51
CA TYR F 271 57.90 -31.22 31.81
C TYR F 271 56.87 -31.30 32.93
N ARG F 272 55.83 -30.47 32.87
CA ARG F 272 54.80 -30.48 33.90
C ARG F 272 54.09 -31.83 33.93
N SER F 273 53.64 -32.31 32.77
CA SER F 273 52.75 -33.45 32.74
C SER F 273 53.49 -34.78 32.91
N ARG F 274 54.68 -34.92 32.33
CA ARG F 274 55.34 -36.22 32.35
C ARG F 274 56.49 -36.32 33.35
N VAL F 275 57.14 -35.20 33.69
CA VAL F 275 58.30 -35.24 34.58
C VAL F 275 57.86 -34.90 36.00
N LEU F 276 57.41 -33.66 36.22
CA LEU F 276 56.82 -33.30 37.50
C LEU F 276 55.60 -34.16 37.83
N GLY F 277 54.95 -34.72 36.82
CA GLY F 277 53.73 -35.50 37.00
C GLY F 277 53.91 -36.79 37.77
N ILE F 278 55.15 -37.23 37.99
CA ILE F 278 55.41 -38.37 38.84
C ILE F 278 55.79 -37.97 40.26
N LEU F 279 55.83 -36.68 40.56
CA LEU F 279 56.24 -36.19 41.87
C LEU F 279 55.07 -35.84 42.77
N GLY F 280 53.84 -36.20 42.39
CA GLY F 280 52.70 -35.96 43.22
C GLY F 280 52.08 -37.25 43.70
N GLN F 281 50.80 -37.46 43.38
CA GLN F 281 50.09 -38.64 43.84
C GLN F 281 50.69 -39.93 43.30
N TRP F 282 51.42 -39.85 42.18
CA TRP F 282 52.14 -41.02 41.65
C TRP F 282 53.05 -41.64 42.70
N LEU F 283 53.64 -40.83 43.57
CA LEU F 283 54.52 -41.36 44.60
C LEU F 283 53.80 -42.29 45.57
N LEU F 284 52.48 -42.14 45.70
CA LEU F 284 51.69 -42.95 46.62
C LEU F 284 51.15 -44.23 46.01
N LYS F 285 51.40 -44.47 44.71
CA LYS F 285 50.86 -45.64 44.01
C LYS F 285 51.94 -46.56 43.43
N ASN F 286 53.19 -46.42 43.85
CA ASN F 286 54.27 -47.23 43.29
C ASN F 286 55.25 -47.61 44.39
N ASN F 287 55.99 -48.70 44.16
CA ASN F 287 56.94 -49.17 45.15
C ASN F 287 58.18 -48.27 45.17
N ASN F 288 58.96 -48.39 46.24
CA ASN F 288 60.11 -47.51 46.43
C ASN F 288 61.19 -47.75 45.39
N GLU F 289 61.32 -48.99 44.90
CA GLU F 289 62.35 -49.27 43.90
C GLU F 289 62.08 -48.49 42.61
N ARG F 290 60.85 -48.55 42.11
CA ARG F 290 60.55 -47.83 40.87
C ARG F 290 60.61 -46.32 41.07
N ILE F 291 60.21 -45.84 42.25
CA ILE F 291 60.25 -44.40 42.52
C ILE F 291 61.68 -43.89 42.40
N ASP F 292 62.64 -44.60 43.03
CA ASP F 292 64.04 -44.20 42.92
C ASP F 292 64.49 -44.16 41.47
N ILE F 293 64.10 -45.16 40.67
CA ILE F 293 64.54 -45.20 39.28
C ILE F 293 64.02 -44.00 38.51
N GLU F 294 62.72 -43.78 38.55
CA GLU F 294 62.12 -42.72 37.75
C GLU F 294 62.48 -41.34 38.30
N PHE F 295 62.55 -41.20 39.63
CA PHE F 295 62.96 -39.93 40.21
C PHE F 295 64.35 -39.53 39.74
N ASN F 296 65.29 -40.47 39.73
CA ASN F 296 66.65 -40.13 39.34
C ASN F 296 66.73 -39.81 37.85
N TYR F 297 65.97 -40.54 37.03
CA TYR F 297 65.81 -40.16 35.63
C TYR F 297 65.26 -38.75 35.51
N ALA F 298 64.21 -38.43 36.26
CA ALA F 298 63.61 -37.10 36.19
C ALA F 298 64.58 -36.02 36.64
N LYS F 299 65.34 -36.30 37.71
CA LYS F 299 66.34 -35.33 38.17
C LYS F 299 67.38 -35.05 37.10
N LYS F 300 67.85 -36.11 36.42
CA LYS F 300 68.88 -35.93 35.40
C LYS F 300 68.33 -35.17 34.20
N LEU F 301 67.07 -35.41 33.85
CA LEU F 301 66.44 -34.68 32.71
C LEU F 301 66.26 -33.22 33.07
N ALA F 302 65.74 -32.91 34.26
CA ALA F 302 65.57 -31.52 34.64
C ALA F 302 66.89 -30.76 34.56
N GLU F 303 67.96 -31.37 35.08
CA GLU F 303 69.25 -30.71 35.07
C GLU F 303 69.82 -30.61 33.66
N GLU F 304 69.59 -31.62 32.82
CA GLU F 304 70.23 -31.67 31.51
C GLU F 304 69.48 -30.91 30.43
N LEU F 305 68.14 -30.99 30.41
CA LEU F 305 67.37 -30.52 29.27
C LEU F 305 66.45 -29.34 29.54
N ILE F 306 65.93 -29.16 30.75
CA ILE F 306 64.99 -28.09 31.04
C ILE F 306 65.78 -26.89 31.58
N PRO F 307 65.71 -25.74 30.93
CA PRO F 307 66.34 -24.53 31.49
C PRO F 307 65.56 -24.04 32.70
N ALA F 308 66.26 -23.26 33.53
CA ALA F 308 65.67 -22.78 34.78
C ALA F 308 64.45 -21.91 34.55
N TYR F 309 64.39 -21.18 33.42
CA TYR F 309 63.29 -20.26 33.19
C TYR F 309 61.97 -20.98 32.92
N ILE F 310 62.01 -22.29 32.67
CA ILE F 310 60.76 -23.03 32.46
C ILE F 310 59.90 -23.00 33.71
N SER F 311 60.52 -23.19 34.89
CA SER F 311 59.75 -23.22 36.13
C SER F 311 59.21 -21.85 36.52
N GLU F 312 59.82 -20.77 36.03
CA GLU F 312 59.32 -19.44 36.35
C GLU F 312 57.90 -19.24 35.84
N ASN F 313 57.49 -19.97 34.80
CA ASN F 313 56.15 -19.87 34.24
C ASN F 313 55.23 -20.99 34.72
N LEU F 314 55.65 -21.78 35.70
CA LEU F 314 54.79 -22.79 36.30
C LEU F 314 54.07 -22.21 37.51
N ASP F 315 53.02 -22.91 37.94
CA ASP F 315 52.29 -22.56 39.14
C ASP F 315 53.10 -22.90 40.38
N LYS F 316 52.65 -22.36 41.52
CA LYS F 316 53.42 -22.47 42.77
C LYS F 316 53.71 -23.92 43.12
N ASN F 317 52.68 -24.77 43.10
CA ASN F 317 52.86 -26.18 43.47
C ASN F 317 53.85 -26.90 42.56
N ASN F 318 53.84 -26.59 41.26
CA ASN F 318 54.80 -27.25 40.38
C ASN F 318 56.20 -26.65 40.55
N GLN F 319 56.29 -25.37 40.88
CA GLN F 319 57.58 -24.79 41.23
C GLN F 319 58.18 -25.49 42.44
N VAL F 320 57.34 -25.87 43.41
CA VAL F 320 57.82 -26.61 44.57
C VAL F 320 58.34 -27.99 44.14
N LYS F 321 57.58 -28.69 43.31
CA LYS F 321 58.03 -30.00 42.83
C LYS F 321 59.34 -29.88 42.05
N ASP F 322 59.48 -28.80 41.26
CA ASP F 322 60.68 -28.63 40.47
C ASP F 322 61.89 -28.32 41.35
N TYR F 323 61.70 -27.51 42.39
CA TYR F 323 62.80 -27.21 43.31
C TYR F 323 63.25 -28.46 44.05
N LEU F 324 62.30 -29.22 44.62
CA LEU F 324 62.68 -30.39 45.41
C LEU F 324 63.28 -31.48 44.55
N LEU F 325 62.81 -31.60 43.30
CA LEU F 325 63.44 -32.53 42.36
C LEU F 325 64.91 -32.17 42.13
N ARG F 326 65.18 -30.91 41.79
CA ARG F 326 66.56 -30.50 41.53
C ARG F 326 67.42 -30.62 42.77
N GLN F 327 66.82 -30.49 43.96
CA GLN F 327 67.56 -30.72 45.19
C GLN F 327 67.73 -32.20 45.53
N GLY F 328 67.08 -33.10 44.78
CA GLY F 328 67.09 -34.51 45.11
C GLY F 328 66.27 -34.89 46.33
N ASP F 329 65.43 -34.00 46.86
CA ASP F 329 64.72 -34.24 48.11
C ASP F 329 63.46 -35.05 47.84
N LEU F 330 63.66 -36.36 47.61
CA LEU F 330 62.53 -37.25 47.35
C LEU F 330 61.62 -37.36 48.57
N ASP F 331 62.21 -37.34 49.78
CA ASP F 331 61.41 -37.55 50.98
C ASP F 331 60.41 -36.41 51.20
N SER F 332 60.83 -35.16 50.96
CA SER F 332 59.90 -34.06 51.09
C SER F 332 58.76 -34.19 50.08
N LEU F 333 59.07 -34.66 48.87
CA LEU F 333 58.03 -34.82 47.86
C LEU F 333 57.06 -35.93 48.25
N LYS F 334 57.56 -37.03 48.82
CA LYS F 334 56.66 -38.05 49.33
C LYS F 334 55.77 -37.50 50.44
N LYS F 335 56.31 -36.63 51.29
CA LYS F 335 55.49 -36.05 52.35
C LYS F 335 54.47 -35.06 51.78
N LEU F 336 54.86 -34.26 50.78
CA LEU F 336 53.92 -33.35 50.15
C LEU F 336 52.80 -34.10 49.45
N ALA F 337 53.11 -35.23 48.81
CA ALA F 337 52.07 -36.03 48.17
C ALA F 337 51.07 -36.52 49.20
N GLN F 338 51.56 -36.90 50.38
CA GLN F 338 50.67 -37.38 51.43
C GLN F 338 49.78 -36.26 51.97
N ILE F 339 50.32 -35.03 52.00
CA ILE F 339 49.53 -33.89 52.45
C ILE F 339 48.47 -33.52 51.41
N ASP F 340 48.83 -33.58 50.13
CA ASP F 340 47.93 -33.20 49.05
C ASP F 340 46.85 -34.24 48.77
N ALA F 341 46.96 -35.46 49.28
CA ALA F 341 46.07 -36.53 48.87
C ALA F 341 44.62 -36.22 49.22
N GLY F 342 43.74 -36.29 48.21
CA GLY F 342 42.31 -36.17 48.41
C GLY F 342 41.74 -34.79 48.16
N ILE F 343 42.59 -33.79 47.90
CA ILE F 343 42.09 -32.44 47.64
C ILE F 343 41.17 -32.47 46.42
N THR F 344 40.00 -31.86 46.56
CA THR F 344 38.98 -31.91 45.51
C THR F 344 37.98 -30.80 45.73
N ALA F 345 37.03 -30.68 44.80
CA ALA F 345 35.96 -29.69 44.87
C ALA F 345 34.73 -30.34 44.25
N LEU F 346 33.82 -30.82 45.11
CA LEU F 346 32.58 -31.44 44.68
C LEU F 346 31.46 -30.40 44.75
N SER F 347 30.60 -30.40 43.75
CA SER F 347 29.52 -29.42 43.65
C SER F 347 28.19 -30.03 44.10
N TYR F 348 27.42 -29.24 44.83
CA TYR F 348 26.09 -29.61 45.28
C TYR F 348 25.04 -28.79 44.54
N VAL F 349 23.90 -29.42 44.26
CA VAL F 349 22.76 -28.70 43.71
C VAL F 349 22.10 -27.90 44.83
N GLU F 350 22.14 -26.57 44.71
CA GLU F 350 21.35 -25.72 45.61
C GLU F 350 19.94 -25.48 45.08
N ASP F 351 19.77 -25.44 43.76
CA ASP F 351 18.44 -25.30 43.18
C ASP F 351 18.47 -25.88 41.77
N ALA F 352 17.37 -26.53 41.39
CA ALA F 352 17.18 -27.02 40.02
C ALA F 352 15.71 -26.85 39.64
N TYR F 353 15.45 -26.25 38.49
CA TYR F 353 14.08 -26.03 38.05
C TYR F 353 14.09 -25.71 36.57
N PHE F 354 12.98 -26.06 35.89
CA PHE F 354 12.77 -25.68 34.51
C PHE F 354 12.12 -24.30 34.45
N LYS F 355 12.52 -23.51 33.46
CA LYS F 355 11.86 -22.25 33.18
C LYS F 355 11.97 -21.99 31.69
N GLU F 356 10.86 -21.62 31.07
CA GLU F 356 10.76 -21.46 29.61
C GLU F 356 11.19 -22.78 28.98
N ASP F 357 12.16 -22.79 28.08
CA ASP F 357 12.59 -24.01 27.40
C ASP F 357 13.93 -24.53 27.91
N LYS F 358 14.29 -24.20 29.16
CA LYS F 358 15.62 -24.49 29.67
C LYS F 358 15.56 -25.00 31.10
N LEU F 359 16.62 -25.70 31.50
CA LEU F 359 16.79 -26.24 32.84
C LEU F 359 17.82 -25.40 33.58
N PHE F 360 17.40 -24.76 34.67
CA PHE F 360 18.26 -23.84 35.43
C PHE F 360 18.83 -24.54 36.66
N PHE F 361 20.10 -24.26 36.96
CA PHE F 361 20.80 -24.81 38.13
C PHE F 361 21.43 -23.69 38.94
N LYS F 362 21.40 -23.85 40.26
CA LYS F 362 22.28 -23.14 41.18
C LYS F 362 23.09 -24.20 41.93
N THR F 363 24.41 -24.04 41.93
CA THR F 363 25.29 -25.00 42.60
C THR F 363 26.27 -24.28 43.50
N SER F 364 26.84 -25.03 44.42
CA SER F 364 27.88 -24.52 45.32
C SER F 364 28.96 -25.58 45.47
N THR F 365 30.17 -25.12 45.75
CA THR F 365 31.28 -26.03 46.03
C THR F 365 32.23 -25.38 47.01
N LYS F 366 33.13 -26.19 47.56
CA LYS F 366 34.27 -25.69 48.30
C LYS F 366 35.38 -26.72 48.23
N MET F 367 36.63 -26.25 48.23
CA MET F 367 37.76 -27.17 48.26
C MET F 367 37.76 -27.94 49.57
N THR F 368 37.83 -29.27 49.47
CA THR F 368 37.81 -30.13 50.63
C THR F 368 38.86 -31.22 50.45
N TYR F 369 38.95 -32.08 51.45
CA TYR F 369 39.58 -33.39 51.33
C TYR F 369 38.46 -34.41 51.19
N GLU F 370 38.37 -35.05 50.03
CA GLU F 370 37.42 -36.14 49.76
C GLU F 370 35.99 -35.80 50.15
N ASP F 371 35.60 -34.54 49.92
N ASP F 371 35.61 -34.54 49.93
CA ASP F 371 34.26 -34.02 50.25
CA ASP F 371 34.25 -34.07 50.23
C ASP F 371 33.95 -34.17 51.73
C ASP F 371 33.94 -34.14 51.73
N LYS F 372 34.98 -34.04 52.57
CA LYS F 372 34.77 -34.06 54.02
C LYS F 372 35.16 -32.71 54.60
N GLU F 373 36.20 -32.65 55.43
CA GLU F 373 36.59 -31.40 56.06
C GLU F 373 37.15 -30.42 55.03
N ASP F 374 37.10 -29.13 55.37
CA ASP F 374 37.54 -28.09 54.44
C ASP F 374 39.05 -28.14 54.22
N PHE F 375 39.45 -27.77 53.01
CA PHE F 375 40.84 -27.47 52.71
C PHE F 375 41.12 -26.02 53.10
N PHE F 376 42.25 -25.79 53.78
CA PHE F 376 42.60 -24.48 54.29
C PHE F 376 43.94 -24.00 53.74
N ILE F 377 44.04 -22.68 53.59
CA ILE F 377 45.29 -21.96 53.53
C ILE F 377 45.30 -21.01 54.72
N GLU F 378 46.48 -20.71 55.26
CA GLU F 378 46.58 -19.89 56.46
C GLU F 378 47.31 -18.59 56.17
N LYS F 379 46.81 -17.52 56.79
CA LYS F 379 47.32 -16.17 56.58
C LYS F 379 48.30 -15.81 57.69
N THR F 380 49.54 -15.51 57.33
CA THR F 380 50.52 -14.99 58.25
C THR F 380 51.02 -13.66 57.70
N ALA F 381 50.85 -12.58 58.46
CA ALA F 381 51.12 -11.23 57.97
C ALA F 381 50.24 -11.00 56.74
N ASP F 382 50.77 -10.53 55.62
CA ASP F 382 49.96 -10.35 54.43
C ASP F 382 50.26 -11.44 53.40
N ARG F 383 50.52 -12.66 53.87
CA ARG F 383 50.87 -13.78 52.99
C ARG F 383 49.84 -14.89 53.21
N MET F 384 49.14 -15.27 52.16
CA MET F 384 48.22 -16.41 52.21
C MET F 384 49.01 -17.65 51.84
N GLU F 385 49.45 -18.41 52.85
CA GLU F 385 50.42 -19.46 52.65
C GLU F 385 49.77 -20.85 52.59
N ARG F 386 50.36 -21.71 51.77
CA ARG F 386 50.09 -23.14 51.84
C ARG F 386 50.44 -23.67 53.22
N ILE F 387 49.60 -24.57 53.73
CA ILE F 387 49.80 -25.16 55.05
C ILE F 387 50.76 -26.34 54.91
N LEU F 388 51.94 -26.22 55.51
CA LEU F 388 53.03 -27.17 55.36
C LEU F 388 53.75 -27.32 56.70
N PRO F 389 54.33 -28.49 56.97
CA PRO F 389 55.19 -28.63 58.14
C PRO F 389 56.37 -27.69 58.06
N GLU F 390 56.84 -27.24 59.22
CA GLU F 390 57.95 -26.29 59.26
C GLU F 390 59.21 -26.87 58.64
N GLU F 391 59.45 -28.17 58.79
CA GLU F 391 60.62 -28.82 58.21
C GLU F 391 60.68 -28.58 56.70
N ILE F 392 59.55 -28.81 56.01
CA ILE F 392 59.51 -28.64 54.56
C ILE F 392 59.48 -27.16 54.20
N LYS F 393 58.73 -26.36 54.96
CA LYS F 393 58.56 -24.95 54.63
C LYS F 393 59.89 -24.20 54.64
N SER F 394 60.80 -24.57 55.55
CA SER F 394 62.11 -23.93 55.60
C SER F 394 63.07 -24.44 54.54
N LYS F 395 62.74 -25.53 53.85
CA LYS F 395 63.58 -26.03 52.76
C LYS F 395 63.22 -25.40 51.41
N LEU F 396 62.34 -24.42 51.38
CA LEU F 396 61.79 -23.92 50.14
C LEU F 396 61.88 -22.41 50.08
N PRO F 397 62.03 -21.84 48.89
CA PRO F 397 61.98 -20.38 48.76
C PRO F 397 60.61 -19.84 49.16
N LYS F 398 60.62 -18.72 49.87
CA LYS F 398 59.40 -18.11 50.41
C LYS F 398 58.24 -18.10 49.41
N GLU F 399 58.52 -17.68 48.17
CA GLU F 399 57.44 -17.38 47.23
C GLU F 399 56.69 -18.64 46.80
N PHE F 400 57.33 -19.80 46.86
CA PHE F 400 56.76 -21.01 46.27
C PHE F 400 55.57 -21.55 47.05
N PHE F 401 55.42 -21.21 48.33
CA PHE F 401 54.26 -21.62 49.09
C PHE F 401 53.40 -20.43 49.52
N ASP F 402 53.54 -19.29 48.82
CA ASP F 402 52.74 -18.10 49.06
C ASP F 402 51.73 -17.96 47.91
N TYR F 403 50.46 -18.17 48.22
CA TYR F 403 49.38 -18.16 47.24
C TYR F 403 48.79 -16.77 47.00
N SER F 404 49.40 -15.72 47.56
CA SER F 404 48.74 -14.41 47.60
C SER F 404 48.35 -13.91 46.22
N ASP F 405 49.25 -14.01 45.25
CA ASP F 405 49.00 -13.51 43.90
C ASP F 405 48.02 -14.36 43.11
N ASP F 406 47.79 -15.61 43.51
CA ASP F 406 46.99 -16.54 42.73
C ASP F 406 45.55 -16.66 43.21
N LEU F 407 45.11 -15.78 44.11
CA LEU F 407 43.83 -15.93 44.77
C LEU F 407 42.66 -15.39 43.96
N ALA F 408 42.91 -14.76 42.81
CA ALA F 408 41.84 -14.33 41.91
C ALA F 408 41.84 -15.14 40.61
N GLU F 409 42.52 -16.29 40.59
CA GLU F 409 42.69 -17.08 39.38
C GLU F 409 41.88 -18.38 39.44
N PHE F 410 40.79 -18.40 40.19
CA PHE F 410 39.92 -19.56 40.25
C PHE F 410 39.01 -19.61 39.03
N THR F 411 38.64 -20.83 38.62
CA THR F 411 37.59 -21.02 37.63
C THR F 411 36.61 -22.06 38.15
N TYR F 412 35.36 -21.90 37.75
CA TYR F 412 34.26 -22.74 38.21
C TYR F 412 33.24 -22.75 37.08
N GLU F 413 33.11 -23.86 36.37
CA GLU F 413 32.32 -23.91 35.15
C GLU F 413 31.51 -25.21 35.12
N PRO F 414 30.39 -25.21 34.41
CA PRO F 414 29.60 -26.45 34.31
C PRO F 414 29.84 -27.18 32.98
N SER F 415 29.56 -28.48 32.96
CA SER F 415 29.74 -29.25 31.75
C SER F 415 28.69 -30.36 31.69
N ILE F 416 28.54 -30.92 30.51
CA ILE F 416 27.57 -31.98 30.24
C ILE F 416 28.27 -33.07 29.43
N LYS F 417 27.78 -34.30 29.56
CA LYS F 417 28.28 -35.42 28.79
C LYS F 417 27.11 -36.26 28.30
N GLY F 418 27.11 -36.60 27.02
CA GLY F 418 26.12 -37.53 26.50
C GLY F 418 26.52 -38.95 26.84
N ARG F 419 25.64 -39.71 27.50
CA ARG F 419 26.05 -41.01 28.00
C ARG F 419 26.20 -42.05 26.90
N ASN F 420 25.54 -41.84 25.75
CA ASN F 420 25.70 -42.74 24.60
C ASN F 420 26.81 -42.31 23.67
N SER F 421 26.80 -41.04 23.26
CA SER F 421 27.84 -40.53 22.38
C SER F 421 29.18 -40.37 23.08
N ARG F 422 29.19 -40.25 24.40
CA ARG F 422 30.37 -39.96 25.21
C ARG F 422 30.93 -38.58 24.95
N ALA F 423 30.23 -37.75 24.16
CA ALA F 423 30.70 -36.39 23.89
C ALA F 423 30.49 -35.50 25.11
N THR F 424 31.50 -34.67 25.40
CA THR F 424 31.47 -33.74 26.52
C THR F 424 31.47 -32.31 26.00
N TRP F 425 30.78 -31.43 26.72
CA TRP F 425 30.70 -30.02 26.32
C TRP F 425 30.70 -29.13 27.55
N LYS F 426 31.34 -27.98 27.45
CA LYS F 426 31.15 -26.92 28.44
C LYS F 426 29.78 -26.30 28.26
N ILE F 427 29.12 -26.00 29.38
CA ILE F 427 27.83 -25.33 29.36
C ILE F 427 28.09 -23.83 29.42
N ASP F 428 27.86 -23.15 28.29
CA ASP F 428 28.17 -21.74 28.17
C ASP F 428 27.18 -20.88 28.97
N GLY F 429 27.58 -19.63 29.19
CA GLY F 429 26.69 -18.65 29.78
C GLY F 429 26.57 -18.69 31.28
N SER F 430 27.44 -19.42 31.97
CA SER F 430 27.30 -19.57 33.41
C SER F 430 27.85 -18.34 34.13
N THR F 431 27.31 -18.10 35.32
CA THR F 431 27.78 -17.08 36.24
C THR F 431 28.35 -17.78 37.46
N SER F 432 29.58 -17.43 37.84
CA SER F 432 30.25 -18.08 38.94
C SER F 432 30.96 -17.04 39.79
N ASN F 433 31.23 -17.42 41.04
CA ASN F 433 31.92 -16.55 41.99
C ASN F 433 32.63 -17.43 43.01
N VAL F 434 33.94 -17.22 43.19
CA VAL F 434 34.76 -17.98 44.15
C VAL F 434 35.32 -17.00 45.20
N GLU F 435 35.23 -17.36 46.47
CA GLU F 435 35.63 -16.48 47.56
C GLU F 435 36.60 -17.19 48.48
N VAL F 436 37.58 -16.45 48.97
CA VAL F 436 38.50 -16.93 50.01
C VAL F 436 38.00 -16.38 51.34
N VAL F 437 37.51 -17.26 52.19
CA VAL F 437 36.72 -16.90 53.37
C VAL F 437 37.47 -17.30 54.63
N ASN F 438 37.59 -16.38 55.57
CA ASN F 438 38.17 -16.65 56.89
C ASN F 438 37.18 -17.50 57.68
N LYS F 439 37.45 -18.81 57.77
CA LYS F 439 36.57 -19.71 58.49
C LYS F 439 36.76 -19.58 60.00
N LYS F 440 37.99 -19.70 60.47
CA LYS F 440 38.33 -19.56 61.88
C LYS F 440 39.79 -19.17 61.96
N ALA F 441 40.16 -18.55 63.08
CA ALA F 441 41.56 -18.24 63.39
C ALA F 441 42.15 -17.51 62.18
N ASN F 442 43.32 -17.91 61.69
CA ASN F 442 43.90 -17.36 60.47
C ASN F 442 43.76 -18.31 59.28
N LEU F 443 42.78 -19.19 59.32
CA LEU F 443 42.59 -20.21 58.30
C LEU F 443 41.50 -19.78 57.33
N TYR F 444 41.77 -19.96 56.03
CA TYR F 444 40.87 -19.50 54.98
C TYR F 444 40.47 -20.68 54.11
N LYS F 445 39.17 -20.80 53.86
CA LYS F 445 38.63 -21.79 52.94
C LYS F 445 38.30 -21.13 51.61
N ILE F 446 38.01 -21.95 50.61
CA ILE F 446 37.76 -21.51 49.23
C ILE F 446 36.39 -22.02 48.83
N GLU F 447 35.43 -21.10 48.66
CA GLU F 447 34.04 -21.42 48.40
C GLU F 447 33.59 -20.85 47.05
N GLY F 448 32.81 -21.63 46.30
CA GLY F 448 32.35 -21.20 45.00
C GLY F 448 30.85 -21.35 44.85
N GLU F 449 30.27 -20.43 44.08
CA GLU F 449 28.86 -20.51 43.71
C GLU F 449 28.71 -20.29 42.21
N MET F 450 27.73 -20.96 41.62
CA MET F 450 27.56 -20.91 40.18
C MET F 450 26.09 -21.02 39.80
N SER F 451 25.67 -20.22 38.82
CA SER F 451 24.37 -20.32 38.20
C SER F 451 24.54 -20.59 36.70
N PHE F 452 23.83 -21.58 36.19
CA PHE F 452 23.86 -21.86 34.76
C PHE F 452 22.54 -22.47 34.34
N SER F 453 22.33 -22.54 33.02
CA SER F 453 21.13 -23.14 32.45
C SER F 453 21.53 -24.05 31.29
N VAL F 454 20.74 -25.10 31.10
CA VAL F 454 20.97 -26.07 30.05
C VAL F 454 19.93 -25.86 28.96
N GLN F 455 20.40 -25.57 27.75
CA GLN F 455 19.57 -25.56 26.55
C GLN F 455 19.96 -26.81 25.77
N ILE F 456 19.15 -27.85 25.88
CA ILE F 456 19.56 -29.16 25.39
C ILE F 456 19.75 -29.16 23.88
N ASN F 457 19.06 -28.28 23.15
CA ASN F 457 19.25 -28.16 21.71
C ASN F 457 20.70 -27.86 21.35
N ASP F 458 21.47 -27.27 22.27
CA ASP F 458 22.87 -27.00 22.01
C ASP F 458 23.68 -28.25 21.74
N TYR F 459 23.24 -29.40 22.25
CA TYR F 459 24.05 -30.61 22.22
C TYR F 459 23.43 -31.75 21.42
N ILE F 460 22.23 -31.55 20.87
CA ILE F 460 21.58 -32.53 20.01
C ILE F 460 22.04 -32.24 18.59
N LEU F 461 23.02 -33.00 18.11
CA LEU F 461 23.58 -32.80 16.78
C LEU F 461 23.29 -33.96 15.82
N ASP F 462 23.37 -35.20 16.29
CA ASP F 462 22.95 -36.35 15.51
C ASP F 462 21.57 -36.83 15.97
N ALA F 463 20.94 -37.63 15.12
CA ALA F 463 19.59 -38.13 15.43
C ALA F 463 19.59 -38.96 16.71
N ALA F 464 20.66 -39.72 16.96
CA ALA F 464 20.73 -40.50 18.19
C ALA F 464 20.70 -39.61 19.42
N ASP F 465 21.24 -38.39 19.32
CA ASP F 465 21.36 -37.53 20.49
C ASP F 465 20.00 -37.09 21.03
N LYS F 466 18.93 -37.21 20.24
CA LYS F 466 17.61 -36.79 20.69
C LYS F 466 17.09 -37.68 21.81
N LYS F 467 17.47 -38.95 21.83
CA LYS F 467 17.06 -39.88 22.88
C LYS F 467 18.33 -40.33 23.62
N GLN F 468 18.61 -39.71 24.75
CA GLN F 468 19.88 -39.98 25.42
C GLN F 468 19.81 -39.47 26.85
N PRO F 469 20.38 -40.20 27.82
CA PRO F 469 20.61 -39.60 29.14
C PRO F 469 21.86 -38.75 29.13
N TRP F 470 21.78 -37.59 29.76
CA TRP F 470 22.88 -36.65 29.86
C TRP F 470 23.31 -36.53 31.31
N ASP F 471 24.62 -36.48 31.53
CA ASP F 471 25.18 -36.38 32.88
C ASP F 471 25.86 -35.03 33.04
N ILE F 472 25.59 -34.39 34.18
CA ILE F 472 26.04 -33.02 34.46
C ILE F 472 27.24 -33.07 35.40
N ALA F 473 28.22 -32.21 35.17
CA ALA F 473 29.42 -32.17 35.99
C ALA F 473 29.87 -30.73 36.16
N THR F 474 30.80 -30.51 37.09
CA THR F 474 31.38 -29.19 37.30
C THR F 474 32.90 -29.27 37.26
N ARG F 475 33.51 -28.21 36.75
CA ARG F 475 34.95 -28.12 36.60
C ARG F 475 35.46 -26.95 37.43
N PHE F 476 36.25 -27.25 38.45
CA PHE F 476 36.82 -26.25 39.36
C PHE F 476 38.34 -26.32 39.29
N THR F 477 38.99 -25.18 39.08
CA THR F 477 40.44 -25.08 39.14
C THR F 477 40.82 -23.94 40.07
N GLY F 478 41.97 -24.10 40.73
CA GLY F 478 42.50 -23.11 41.63
C GLY F 478 43.73 -23.59 42.38
N LEU F 479 44.71 -22.70 42.56
CA LEU F 479 45.91 -23.00 43.36
C LEU F 479 46.71 -24.16 42.79
N GLY F 480 46.52 -24.46 41.50
CA GLY F 480 47.18 -25.58 40.87
C GLY F 480 46.36 -26.85 40.77
N TYR F 481 45.22 -26.91 41.45
CA TYR F 481 44.38 -28.09 41.43
C TYR F 481 43.30 -27.98 40.35
N THR F 482 42.95 -29.12 39.78
CA THR F 482 41.83 -29.21 38.83
C THR F 482 40.91 -30.33 39.32
N SER F 483 39.64 -29.99 39.52
CA SER F 483 38.63 -30.94 39.99
C SER F 483 37.43 -30.88 39.04
N HIS F 484 37.30 -31.90 38.20
CA HIS F 484 36.18 -32.03 37.28
C HIS F 484 35.41 -33.29 37.67
N ARG F 485 34.23 -33.10 38.25
CA ARG F 485 33.47 -34.21 38.83
C ARG F 485 31.99 -34.03 38.55
N ALA F 486 31.27 -35.15 38.61
CA ALA F 486 29.82 -35.12 38.46
C ALA F 486 29.17 -34.27 39.54
N LEU F 487 28.16 -33.51 39.12
CA LEU F 487 27.32 -32.77 40.06
C LEU F 487 26.51 -33.75 40.90
N THR F 488 26.28 -33.40 42.17
CA THR F 488 25.57 -34.30 43.06
C THR F 488 24.54 -33.54 43.87
N ILE F 489 23.66 -34.30 44.52
CA ILE F 489 22.65 -33.76 45.42
C ILE F 489 22.31 -34.85 46.43
N GLY F 490 21.95 -34.42 47.64
CA GLY F 490 21.58 -35.34 48.69
C GLY F 490 20.09 -35.63 48.72
N LYS F 491 19.27 -34.57 48.74
CA LYS F 491 17.84 -34.78 48.81
C LYS F 491 17.32 -35.44 47.54
N ILE F 492 16.10 -35.98 47.62
CA ILE F 492 15.45 -36.54 46.45
C ILE F 492 15.13 -35.42 45.47
N LEU F 493 15.46 -35.63 44.20
CA LEU F 493 15.21 -34.65 43.15
C LEU F 493 14.67 -35.38 41.93
N ILE F 494 13.42 -35.08 41.55
CA ILE F 494 12.80 -35.57 40.32
C ILE F 494 11.93 -34.45 39.78
N LYS F 495 12.29 -33.88 38.63
CA LYS F 495 11.50 -32.85 37.98
C LYS F 495 11.39 -33.13 36.49
N THR F 496 10.16 -33.04 35.96
CA THR F 496 9.86 -33.38 34.58
C THR F 496 9.44 -32.15 33.78
N ALA F 497 9.62 -32.24 32.47
CA ALA F 497 9.23 -31.16 31.57
C ALA F 497 8.89 -31.74 30.20
N LEU F 498 7.92 -31.12 29.55
CA LEU F 498 7.54 -31.43 28.18
C LEU F 498 7.73 -30.13 27.40
N ILE F 499 8.83 -30.03 26.67
CA ILE F 499 9.26 -28.76 26.07
C ILE F 499 9.48 -28.98 24.58
N ASN F 500 8.56 -28.43 23.77
CA ASN F 500 8.64 -28.49 22.31
C ASN F 500 8.99 -29.90 21.82
N ASN F 501 8.12 -30.84 22.15
CA ASN F 501 8.23 -32.26 21.77
C ASN F 501 9.40 -32.97 22.43
N LYS F 502 10.00 -32.41 23.47
CA LYS F 502 11.09 -33.05 24.18
C LYS F 502 10.62 -33.41 25.59
N THR F 503 10.57 -34.70 25.90
CA THR F 503 10.38 -35.15 27.27
C THR F 503 11.72 -35.04 28.00
N MET F 504 11.78 -34.19 29.03
CA MET F 504 12.99 -33.96 29.78
C MET F 504 12.73 -34.23 31.26
N ILE F 505 13.63 -34.98 31.89
CA ILE F 505 13.52 -35.33 33.31
C ILE F 505 14.89 -35.16 33.96
N VAL F 506 14.99 -34.23 34.90
CA VAL F 506 16.21 -34.07 35.70
C VAL F 506 16.02 -34.83 37.00
N TYR F 507 17.05 -35.55 37.43
CA TYR F 507 16.88 -36.42 38.59
C TYR F 507 18.23 -36.78 39.21
N LYS F 508 18.14 -37.22 40.46
CA LYS F 508 19.26 -37.80 41.19
C LYS F 508 19.33 -39.29 40.85
N ASN F 509 20.39 -39.71 40.15
CA ASN F 509 20.42 -41.07 39.63
C ASN F 509 20.79 -42.06 40.75
N ALA F 510 20.99 -43.33 40.39
CA ALA F 510 21.27 -44.37 41.37
C ALA F 510 22.61 -44.17 42.07
N SER F 511 23.52 -43.41 41.47
CA SER F 511 24.80 -43.12 42.11
C SER F 511 24.77 -41.82 42.90
N GLY F 512 23.60 -41.20 43.05
CA GLY F 512 23.50 -39.93 43.75
C GLY F 512 23.95 -38.73 42.94
N LEU F 513 24.14 -38.89 41.64
CA LEU F 513 24.61 -37.85 40.74
C LEU F 513 23.47 -37.34 39.87
N ILE F 514 23.67 -36.17 39.27
CA ILE F 514 22.63 -35.49 38.51
C ILE F 514 22.63 -35.96 37.06
N SER F 515 21.48 -36.42 36.60
CA SER F 515 21.28 -36.87 35.24
C SER F 515 20.08 -36.15 34.63
N LEU F 516 20.07 -36.06 33.30
CA LEU F 516 19.00 -35.41 32.55
C LEU F 516 18.60 -36.36 31.42
N ASP F 517 17.45 -37.01 31.57
CA ASP F 517 16.96 -37.94 30.56
C ASP F 517 16.05 -37.19 29.59
N VAL F 518 16.36 -37.24 28.30
CA VAL F 518 15.51 -36.65 27.27
C VAL F 518 15.11 -37.75 26.28
N GLY F 519 13.82 -37.78 25.94
CA GLY F 519 13.31 -38.80 25.06
C GLY F 519 13.02 -40.13 25.72
N SER F 520 12.95 -40.18 27.06
CA SER F 520 12.53 -41.38 27.78
C SER F 520 13.51 -42.54 27.54
N SER F 521 14.80 -42.23 27.53
CA SER F 521 15.81 -43.27 27.39
C SER F 521 16.00 -44.07 28.68
N VAL F 522 15.50 -43.57 29.82
CA VAL F 522 15.71 -44.24 31.10
C VAL F 522 14.43 -44.29 31.92
N ARG F 523 13.72 -43.16 32.00
CA ARG F 523 12.58 -43.03 32.89
C ARG F 523 11.32 -42.62 32.13
N SER F 524 10.17 -42.98 32.70
CA SER F 524 8.87 -42.65 32.13
C SER F 524 8.43 -41.29 32.66
N ILE F 525 8.19 -40.34 31.75
CA ILE F 525 7.78 -39.01 32.19
C ILE F 525 6.37 -39.04 32.79
N VAL F 526 5.51 -39.95 32.32
CA VAL F 526 4.18 -40.06 32.94
C VAL F 526 4.33 -40.54 34.39
N GLU F 527 5.19 -41.54 34.61
CA GLU F 527 5.43 -42.03 35.97
C GLU F 527 5.97 -40.94 36.88
N ASP F 528 7.01 -40.24 36.43
CA ASP F 528 7.67 -39.26 37.29
C ASP F 528 6.80 -38.02 37.51
N SER F 529 6.01 -37.63 36.51
CA SER F 529 5.14 -36.46 36.64
C SER F 529 3.91 -36.76 37.50
N GLY F 530 3.38 -37.96 37.41
CA GLY F 530 2.20 -38.31 38.17
C GLY F 530 0.92 -38.04 37.39
N VAL F 531 -0.16 -38.67 37.86
CA VAL F 531 -1.47 -38.58 37.22
C VAL F 531 -2.48 -38.14 38.27
N LYS F 532 -3.28 -37.13 37.94
CA LYS F 532 -4.41 -36.72 38.75
C LYS F 532 -5.56 -37.68 38.45
N ARG F 533 -5.65 -38.76 39.24
CA ARG F 533 -6.61 -39.81 38.95
C ARG F 533 -8.05 -39.30 39.07
N GLU F 534 -8.28 -38.24 39.84
CA GLU F 534 -9.62 -37.70 40.01
C GLU F 534 -10.12 -36.93 38.79
N GLN F 535 -9.32 -36.79 37.73
CA GLN F 535 -9.65 -35.90 36.64
C GLN F 535 -9.51 -36.58 35.28
N ILE F 536 -9.67 -37.90 35.23
CA ILE F 536 -9.72 -38.62 33.97
C ILE F 536 -11.09 -38.44 33.32
N LEU F 537 -11.12 -38.40 31.99
CA LEU F 537 -12.34 -38.13 31.25
C LEU F 537 -12.48 -39.14 30.12
N ILE F 538 -13.72 -39.56 29.85
CA ILE F 538 -14.04 -40.53 28.81
C ILE F 538 -15.19 -39.98 27.97
N ASP F 539 -15.12 -40.21 26.65
CA ASP F 539 -16.13 -39.77 25.71
C ASP F 539 -16.45 -40.92 24.77
N LYS F 540 -17.67 -41.45 24.86
CA LYS F 540 -18.03 -42.63 24.06
C LYS F 540 -18.16 -42.29 22.57
N THR F 541 -18.60 -41.07 22.24
CA THR F 541 -18.74 -40.70 20.84
C THR F 541 -17.39 -40.69 20.13
N SER F 542 -16.35 -40.15 20.79
CA SER F 542 -15.02 -40.11 20.22
C SER F 542 -14.15 -41.27 20.66
N GLY F 543 -14.45 -41.91 21.79
CA GLY F 543 -13.66 -43.02 22.28
C GLY F 543 -12.29 -42.56 22.75
N LYS F 544 -12.26 -41.61 23.67
CA LYS F 544 -11.01 -41.02 24.13
C LYS F 544 -10.93 -41.03 25.65
N VAL F 545 -9.74 -41.30 26.16
CA VAL F 545 -9.46 -41.27 27.59
C VAL F 545 -8.39 -40.21 27.82
N THR F 546 -8.73 -39.16 28.56
CA THR F 546 -7.81 -38.07 28.83
C THR F 546 -7.21 -38.24 30.23
N ILE F 547 -5.91 -38.48 30.29
CA ILE F 547 -5.20 -38.65 31.56
C ILE F 547 -4.32 -37.43 31.79
N PRO F 548 -4.75 -36.46 32.60
CA PRO F 548 -3.92 -35.27 32.85
C PRO F 548 -2.76 -35.58 33.77
N LEU F 549 -1.58 -35.07 33.40
CA LEU F 549 -0.40 -35.25 34.24
C LEU F 549 -0.36 -34.20 35.34
N ASN F 550 0.15 -34.60 36.50
CA ASN F 550 0.13 -33.76 37.70
C ASN F 550 1.21 -32.68 37.65
N GLU F 551 2.43 -33.01 38.08
CA GLU F 551 3.52 -32.04 38.19
C GLU F 551 4.45 -32.19 36.99
N ILE F 552 4.48 -31.16 36.14
CA ILE F 552 5.33 -31.17 34.95
C ILE F 552 5.39 -29.75 34.38
N HIS F 553 6.58 -29.34 33.93
CA HIS F 553 6.76 -28.04 33.32
C HIS F 553 6.49 -28.16 31.82
N VAL F 554 5.46 -27.47 31.34
CA VAL F 554 5.06 -27.51 29.93
C VAL F 554 5.39 -26.17 29.31
N PHE F 555 6.11 -26.19 28.18
CA PHE F 555 6.42 -24.98 27.44
C PHE F 555 6.35 -25.29 25.96
N GLY F 556 5.63 -24.46 25.22
CA GLY F 556 5.40 -24.70 23.80
C GLY F 556 4.43 -25.85 23.61
N GLU F 557 4.23 -26.20 22.34
CA GLU F 557 3.30 -27.26 21.97
C GLU F 557 4.06 -28.54 21.70
N SER F 558 3.52 -29.65 22.19
CA SER F 558 4.16 -30.96 22.05
C SER F 558 3.11 -31.99 21.66
N LEU F 559 3.50 -32.93 20.80
CA LEU F 559 2.65 -34.04 20.39
C LEU F 559 3.55 -35.25 20.21
N ILE F 560 3.37 -36.27 21.03
CA ILE F 560 4.22 -37.47 21.00
C ILE F 560 3.31 -38.69 20.95
N GLU F 561 3.44 -39.46 19.88
CA GLU F 561 2.59 -40.64 19.66
C GLU F 561 3.14 -41.83 20.43
N GLY F 562 2.24 -42.67 20.93
CA GLY F 562 2.61 -43.89 21.60
C GLY F 562 1.45 -44.85 21.62
N ASN F 563 1.48 -45.75 22.61
CA ASN F 563 0.42 -46.75 22.73
C ASN F 563 0.10 -46.96 24.21
N ALA F 564 -0.85 -47.86 24.47
CA ALA F 564 -1.27 -48.20 25.82
C ALA F 564 -1.56 -49.70 25.84
N GLU F 565 -2.19 -50.15 26.93
CA GLU F 565 -2.45 -51.57 27.12
C GLU F 565 -3.46 -51.80 28.24
N LEU F 566 -4.65 -52.31 27.90
CA LEU F 566 -5.72 -52.50 28.86
C LEU F 566 -5.85 -53.97 29.26
N LYS F 567 -6.23 -54.18 30.53
CA LYS F 567 -6.47 -55.50 31.11
C LYS F 567 -7.54 -55.37 32.19
N PRO F 568 -8.49 -56.29 32.25
CA PRO F 568 -9.52 -56.23 33.30
C PRO F 568 -8.94 -56.57 34.67
N VAL F 569 -9.55 -55.99 35.70
CA VAL F 569 -9.05 -56.15 37.06
C VAL F 569 -9.21 -57.60 37.53
N GLY F 570 -10.31 -58.24 37.18
CA GLY F 570 -10.62 -59.56 37.70
C GLY F 570 -9.81 -60.69 37.11
N ILE F 571 -9.74 -60.78 35.78
CA ILE F 571 -9.17 -61.95 35.13
C ILE F 571 -7.67 -62.01 35.39
N SER F 572 -7.17 -63.19 35.73
CA SER F 572 -5.76 -63.32 36.07
C SER F 572 -4.90 -63.40 34.82
N ASP F 573 -5.34 -64.16 33.81
CA ASP F 573 -4.63 -64.21 32.54
C ASP F 573 -4.51 -62.83 31.92
N ALA F 574 -5.64 -62.13 31.80
CA ALA F 574 -5.69 -60.75 31.32
C ALA F 574 -5.01 -60.63 29.95
N ASP F 575 -5.72 -61.13 28.95
CA ASP F 575 -5.22 -61.03 27.58
C ASP F 575 -5.21 -59.57 27.16
N PRO F 576 -4.08 -59.04 26.70
CA PRO F 576 -3.92 -57.58 26.62
C PRO F 576 -4.21 -56.99 25.25
N ILE F 577 -4.91 -55.85 25.23
CA ILE F 577 -5.25 -55.15 24.01
C ILE F 577 -4.56 -53.80 24.01
N ASN F 578 -3.78 -53.54 22.97
CA ASN F 578 -3.09 -52.27 22.81
C ASN F 578 -4.04 -51.20 22.25
N VAL F 579 -3.66 -49.95 22.47
CA VAL F 579 -4.42 -48.80 21.97
C VAL F 579 -3.44 -47.67 21.69
N LYS F 580 -3.58 -47.04 20.53
CA LYS F 580 -2.76 -45.89 20.16
C LYS F 580 -3.10 -44.68 21.03
N ALA F 581 -2.15 -44.27 21.87
CA ALA F 581 -2.32 -43.13 22.78
C ALA F 581 -1.21 -42.12 22.55
N LYS F 582 -1.55 -40.84 22.46
CA LYS F 582 -0.57 -39.79 22.26
C LYS F 582 -0.52 -38.85 23.47
N LEU F 583 0.68 -38.42 23.83
CA LEU F 583 0.90 -37.46 24.92
C LEU F 583 1.05 -36.07 24.33
N ILE F 584 0.39 -35.10 24.96
CA ILE F 584 0.21 -33.77 24.38
C ILE F 584 0.62 -32.71 25.39
N GLY F 585 1.22 -31.63 24.87
CA GLY F 585 1.47 -30.44 25.65
C GLY F 585 0.88 -29.22 24.95
N GLU F 586 0.03 -28.48 25.66
CA GLU F 586 -0.53 -27.24 25.14
C GLU F 586 -1.09 -26.44 26.31
N ALA F 587 -0.92 -25.12 26.25
CA ALA F 587 -1.40 -24.20 27.28
C ALA F 587 -0.81 -24.54 28.65
N ASN F 588 0.49 -24.84 28.66
CA ASN F 588 1.25 -25.12 29.88
C ASN F 588 0.66 -26.29 30.66
N LYS F 589 0.08 -27.26 29.95
CA LYS F 589 -0.50 -28.45 30.59
C LYS F 589 -0.22 -29.65 29.70
N ALA F 590 -0.07 -30.82 30.34
CA ALA F 590 0.21 -32.06 29.62
C ALA F 590 -0.83 -33.10 29.95
N ARG F 591 -1.06 -34.01 29.01
CA ARG F 591 -2.08 -35.04 29.17
C ARG F 591 -1.79 -36.16 28.19
N VAL F 592 -2.34 -37.33 28.49
CA VAL F 592 -2.33 -38.47 27.58
C VAL F 592 -3.75 -38.70 27.10
N GLU F 593 -3.93 -38.79 25.78
CA GLU F 593 -5.22 -39.09 25.17
C GLU F 593 -5.14 -40.50 24.56
N VAL F 594 -6.05 -41.37 24.96
CA VAL F 594 -6.07 -42.77 24.56
C VAL F 594 -7.24 -42.98 23.60
N LEU F 595 -6.95 -43.55 22.43
CA LEU F 595 -7.95 -43.69 21.37
C LEU F 595 -8.50 -45.12 21.36
N LEU F 596 -9.49 -45.36 22.24
CA LEU F 596 -10.11 -46.68 22.33
C LEU F 596 -10.58 -47.16 20.96
N GLY F 597 -11.26 -46.30 20.21
CA GLY F 597 -11.61 -46.66 18.84
C GLY F 597 -12.65 -47.76 18.79
N ASP F 598 -12.34 -48.80 18.03
CA ASP F 598 -13.35 -49.82 17.70
C ASP F 598 -13.57 -50.80 18.85
N GLU F 599 -12.53 -51.06 19.65
CA GLU F 599 -12.60 -52.04 20.72
C GLU F 599 -13.80 -51.81 21.62
N LYS F 600 -14.59 -52.86 21.82
CA LYS F 600 -15.87 -52.77 22.51
C LYS F 600 -15.81 -53.59 23.79
N LEU F 601 -15.60 -52.92 24.91
CA LEU F 601 -15.48 -53.58 26.21
C LEU F 601 -16.11 -52.67 27.26
N SER F 602 -16.32 -53.23 28.46
CA SER F 602 -16.85 -52.48 29.58
C SER F 602 -16.38 -53.13 30.87
N GLY F 603 -16.54 -52.41 31.97
CA GLY F 603 -16.09 -52.84 33.27
C GLY F 603 -14.86 -52.10 33.73
N GLU F 604 -14.47 -52.38 34.98
CA GLU F 604 -13.30 -51.74 35.57
C GLU F 604 -12.02 -52.33 34.98
N TYR F 605 -11.27 -51.51 34.25
CA TYR F 605 -10.01 -51.90 33.65
C TYR F 605 -8.90 -51.02 34.20
N HIS F 606 -7.70 -51.59 34.32
CA HIS F 606 -6.52 -50.81 34.63
C HIS F 606 -5.74 -50.55 33.34
N LEU F 607 -5.25 -49.32 33.19
CA LEU F 607 -4.59 -48.87 31.98
C LEU F 607 -3.16 -48.45 32.30
N VAL F 608 -2.23 -48.81 31.43
CA VAL F 608 -0.85 -48.35 31.52
C VAL F 608 -0.48 -47.69 30.19
N THR F 609 0.16 -46.53 30.26
CA THR F 609 0.61 -45.80 29.08
C THR F 609 1.97 -46.31 28.63
N ASN F 610 2.31 -46.01 27.36
CA ASN F 610 3.59 -46.43 26.77
C ASN F 610 4.03 -45.34 25.80
N ILE F 611 4.54 -44.25 26.36
CA ILE F 611 5.07 -43.14 25.57
C ILE F 611 6.57 -43.34 25.42
N GLN F 612 7.04 -43.35 24.17
CA GLN F 612 8.47 -43.40 23.84
C GLN F 612 9.14 -44.65 24.39
N GLY F 613 8.38 -45.72 24.60
CA GLY F 613 8.93 -46.99 25.03
C GLY F 613 9.08 -47.17 26.52
N LYS F 614 8.59 -46.23 27.33
CA LYS F 614 8.62 -46.34 28.78
C LYS F 614 7.19 -46.33 29.31
N LYS F 615 6.84 -47.38 30.06
CA LYS F 615 5.54 -47.49 30.66
C LYS F 615 5.53 -46.91 32.08
N ASP F 616 4.35 -46.52 32.54
CA ASP F 616 4.17 -45.97 33.87
C ASP F 616 3.75 -47.06 34.86
N LYS F 617 3.97 -46.78 36.14
CA LYS F 617 3.54 -47.67 37.21
C LYS F 617 2.60 -46.92 38.16
N GLN F 618 1.65 -46.19 37.59
CA GLN F 618 0.73 -45.37 38.37
C GLN F 618 -0.54 -46.11 38.79
N GLN F 619 -0.67 -47.38 38.42
CA GLN F 619 -1.82 -48.20 38.81
C GLN F 619 -3.13 -47.53 38.39
N ILE F 620 -3.14 -47.02 37.16
CA ILE F 620 -4.31 -46.30 36.65
C ILE F 620 -5.43 -47.30 36.37
N LYS F 621 -6.58 -47.08 36.99
CA LYS F 621 -7.77 -47.88 36.75
C LYS F 621 -8.90 -46.96 36.30
N ILE F 622 -9.77 -47.50 35.46
CA ILE F 622 -10.96 -46.78 34.99
C ILE F 622 -12.15 -47.76 34.99
N THR F 623 -13.34 -47.19 34.95
CA THR F 623 -14.57 -47.95 34.88
C THR F 623 -15.35 -47.54 33.63
N LEU F 624 -15.77 -48.52 32.83
CA LEU F 624 -16.49 -48.25 31.59
C LEU F 624 -17.92 -48.81 31.60
O4P TRH G . 2.68 11.98 13.64
P2 TRH G . 1.41 12.38 14.33
O3P TRH G . 0.33 12.95 13.48
O1 TRH G . 0.79 11.16 15.18
C1 TRH G . 1.48 10.19 15.90
C2 TRH G . 0.72 9.90 17.18
O2 TRH G . 0.45 11.11 17.89
C3 TRH G . 1.47 8.93 18.09
O3 TRH G . 0.87 8.96 19.38
C4 TRH G . 2.94 9.31 18.24
O4 TRH G . 3.64 8.27 18.90
C5 TRH G . 3.55 9.53 16.86
O5 TRH G . 2.81 10.58 16.21
C6 TRH G . 4.99 9.99 16.91
OPP TRH G . 1.75 13.42 15.49
P TRH G . 1.25 14.92 15.71
O1P TRH G . -0.25 14.94 15.68
O2P TRH G . 1.99 15.81 14.78
O5' TRH G . 1.74 15.17 17.21
C5' TRH G . 1.12 14.43 18.29
C4' TRH G . 0.48 15.39 19.25
O4' TRH G . 1.49 16.04 20.05
C3' TRH G . -0.34 16.50 18.60
O3' TRH G . -1.63 16.58 19.17
C2' TRH G . 0.48 17.76 18.87
C1' TRH G . 1.18 17.42 20.17
N11 TRH G . 2.43 18.15 20.39
C21 TRH G . 2.55 18.92 21.52
O21 TRH G . 1.64 19.02 22.34
N31 TRH G . 3.74 19.57 21.66
C41 TRH G . 4.81 19.54 20.79
O41 TRH G . 5.82 20.19 21.04
C51 TRH G . 4.62 18.72 19.62
C5A TRH G . 5.74 18.62 18.62
C61 TRH G . 3.46 18.07 19.48
MG MG H . -1.41 14.05 14.13
O1 TAR I . 0.00 -1.72 12.73
O11 TAR I . 0.47 -1.95 10.62
C1 TAR I . -0.28 -2.07 11.58
C2 TAR I . -1.64 -2.74 11.35
O2 TAR I . -2.67 -1.81 11.12
C3 TAR I . -1.60 -3.83 10.29
O3 TAR I . -0.30 -4.00 9.80
C4 TAR I . -2.59 -3.56 9.14
O4 TAR I . -3.55 -4.28 9.06
O41 TAR I . -2.32 -2.66 8.36
C1 GOL J . -21.70 -12.29 -16.87
O1 GOL J . -21.31 -13.44 -16.14
C2 GOL J . -21.10 -12.30 -18.27
O2 GOL J . -22.04 -11.84 -19.23
C3 GOL J . -19.82 -11.50 -18.36
O3 GOL J . -19.93 -10.24 -17.68
C1 GOL K . 3.19 1.16 16.48
O1 GOL K . 3.86 1.07 15.24
C2 GOL K . 2.94 2.61 16.86
O2 GOL K . 3.88 3.01 17.85
C3 GOL K . 1.55 2.87 17.36
O3 GOL K . 1.39 4.26 17.66
O4P TRH L . -58.05 28.34 -19.73
P2 TRH L . -57.89 27.74 -18.37
O3P TRH L . -56.50 27.41 -17.93
O1 TRH L . -58.62 28.65 -17.24
C1 TRH L . -59.44 29.80 -17.40
C2 TRH L . -59.68 30.45 -16.04
O2 TRH L . -60.17 29.50 -15.09
C3 TRH L . -60.71 31.58 -16.13
O3 TRH L . -61.91 31.19 -15.46
C4 TRH L . -61.02 31.97 -17.58
O4 TRH L . -59.92 32.68 -18.16
C5 TRH L . -61.39 30.76 -18.44
O5 TRH L . -60.71 29.55 -18.00
C6 TRH L . -62.87 30.46 -18.44
OPP TRH L . -58.78 26.40 -18.26
P TRH L . -58.70 25.10 -17.32
O1P TRH L . -58.01 25.45 -16.06
O2P TRH L . -58.17 23.96 -18.13
O5' TRH L . -60.27 24.86 -17.02
C5' TRH L . -60.84 25.44 -15.83
C4' TRH L . -61.31 24.33 -14.91
O4' TRH L . -62.46 23.68 -15.49
C3' TRH L . -60.28 23.24 -14.65
O3' TRH L . -60.12 23.01 -13.26
C2' TRH L . -60.89 22.01 -15.33
C1' TRH L . -62.37 22.29 -15.21
N11 TRH L . -63.20 21.57 -16.20
C21 TRH L . -64.24 20.79 -15.76
O21 TRH L . -64.52 20.67 -14.57
N31 TRH L . -64.96 20.16 -16.74
C41 TRH L . -64.73 20.22 -18.11
O41 TRH L . -65.47 19.60 -18.88
C51 TRH L . -63.62 21.05 -18.51
C5A TRH L . -63.32 21.18 -19.98
C61 TRH L . -62.92 21.68 -17.55
MG MG M . -56.06 25.93 -16.46
MG MG N . -33.12 52.48 -32.03
O1 TAR O . -52.39 43.23 -17.59
O11 TAR O . -51.80 44.52 -15.92
C1 TAR O . -52.63 44.01 -16.66
C2 TAR O . -54.10 44.36 -16.43
O2 TAR O . -54.65 45.06 -17.52
C3 TAR O . -54.93 43.10 -16.16
O3 TAR O . -54.12 42.10 -15.62
C4 TAR O . -55.67 42.63 -17.42
O4 TAR O . -56.73 42.04 -17.26
O41 TAR O . -55.17 42.88 -18.51
C1 GOL P . -59.36 38.11 -16.62
O1 GOL P . -59.15 39.20 -17.52
C2 GOL P . -60.44 37.18 -17.14
O2 GOL P . -60.60 36.07 -16.27
C3 GOL P . -61.76 37.86 -17.35
O3 GOL P . -62.73 36.89 -17.75
C1 GOL Q . -20.81 53.68 -12.99
O1 GOL Q . -21.33 53.01 -14.13
C2 GOL Q . -20.24 55.03 -13.35
O2 GOL Q . -19.18 55.36 -12.44
C3 GOL Q . -21.26 56.13 -13.37
O3 GOL Q . -22.15 56.03 -12.27
O4P TRH R . -35.83 -44.78 -9.74
P2 TRH R . -36.48 -46.10 -9.46
O3P TRH R . -37.88 -46.24 -9.95
O1 TRH R . -36.43 -46.27 -7.87
C1 TRH R . -36.24 -47.38 -7.02
C2 TRH R . -35.35 -46.86 -5.91
O2 TRH R . -34.19 -46.25 -6.49
C3 TRH R . -34.98 -47.95 -4.94
O3 TRH R . -34.06 -47.46 -3.96
C4 TRH R . -34.40 -49.14 -5.68
O4 TRH R . -34.11 -50.21 -4.77
C5 TRH R . -35.39 -49.60 -6.74
O5 TRH R . -35.65 -48.50 -7.65
C6 TRH R . -34.87 -50.75 -7.58
OPP TRH R . -35.56 -47.26 -10.10
P TRH R . -35.77 -48.21 -11.37
O1P TRH R . -36.46 -47.41 -12.44
O2P TRH R . -36.40 -49.49 -10.93
O5' TRH R . -34.26 -48.50 -11.82
C5' TRH R . -33.63 -47.62 -12.78
C4' TRH R . -33.38 -48.38 -14.06
O4' TRH R . -32.43 -49.43 -13.83
C3' TRH R . -34.62 -49.04 -14.69
O3' TRH R . -34.69 -48.69 -16.07
C2' TRH R . -34.32 -50.53 -14.54
C1' TRH R . -32.80 -50.54 -14.64
N11 TRH R . -32.18 -51.75 -14.05
C21 TRH R . -31.27 -52.45 -14.82
O21 TRH R . -30.96 -52.11 -15.96
N31 TRH R . -30.72 -53.55 -14.21
C41 TRH R . -31.00 -54.02 -12.94
O41 TRH R . -30.43 -55.04 -12.52
C51 TRH R . -31.95 -53.24 -12.18
C5A TRH R . -32.29 -53.68 -10.79
C61 TRH R . -32.49 -52.15 -12.77
MG MG S . -38.35 -46.04 -11.81
O1 TAR T . -38.71 -30.36 -4.05
O11 TAR T . -38.48 -28.37 -4.84
C1 TAR T . -38.03 -29.41 -4.42
C2 TAR T . -36.51 -29.58 -4.39
O2 TAR T . -35.97 -29.51 -3.09
C3 TAR T . -36.06 -30.87 -5.08
O3 TAR T . -37.13 -31.45 -5.79
C4 TAR T . -35.43 -31.87 -4.11
O4 TAR T . -35.96 -32.03 -3.01
O41 TAR T . -34.43 -32.47 -4.50
O4P TRH U . 9.03 15.01 -41.77
P2 TRH U . 10.42 15.24 -42.29
O3P TRH U . 11.52 15.24 -41.30
O1 TRH U . 10.75 14.18 -43.47
C1 TRH U . 9.75 13.49 -44.19
C2 TRH U . 10.37 12.81 -45.42
O2 TRH U . 11.01 13.76 -46.26
C3 TRH U . 9.28 12.06 -46.20
O3 TRH U . 9.83 11.54 -47.40
C4 TRH U . 8.12 13.00 -46.51
O4 TRH U . 7.07 12.28 -47.17
C5 TRH U . 7.59 13.60 -45.21
O5 TRH U . 8.68 14.33 -44.58
C6 TRH U . 6.46 14.56 -45.42
OPP TRH U . 10.46 16.61 -43.11
P TRH U . 11.64 17.66 -43.41
O1P TRH U . 12.94 16.91 -43.44
O2P TRH U . 11.51 18.83 -42.50
O5' TRH U . 11.27 18.10 -44.91
C5' TRH U . 11.84 17.39 -46.03
C4' TRH U . 12.69 18.35 -46.81
O4' TRH U . 11.87 19.39 -47.39
C3' TRH U . 13.78 19.06 -46.02
O3' TRH U . 15.04 18.92 -46.68
C2' TRH U . 13.35 20.53 -46.06
C1' TRH U . 12.63 20.59 -47.39
N11 TRH U . 11.70 21.72 -47.52
C21 TRH U . 11.80 22.55 -48.62
O21 TRH U . 12.63 22.36 -49.50
N31 TRH U . 10.91 23.59 -48.66
C41 TRH U . 9.95 23.89 -47.71
O41 TRH U . 9.20 24.87 -47.88
C51 TRH U . 9.89 23.00 -46.58
C5A TRH U . 8.86 23.25 -45.51
C61 TRH U . 10.75 21.96 -46.53
MG MG V . 13.47 15.50 -41.84
MG MG W . 1.70 -9.20 -15.92
CL CL X . 20.32 2.25 -19.14
O1 TAR Y . 8.80 -2.63 -39.84
O11 TAR Y . 8.07 -0.59 -39.60
C1 TAR Y . 8.21 -1.63 -40.23
C2 TAR Y . 7.64 -1.65 -41.65
O2 TAR Y . 6.26 -1.96 -41.68
C3 TAR Y . 7.91 -0.32 -42.33
O3 TAR Y . 9.12 0.21 -41.87
C4 TAR Y . 6.76 0.68 -42.13
O4 TAR Y . 6.28 0.75 -41.01
O41 TAR Y . 6.39 1.32 -43.11
C1 GOL Z . 5.05 6.35 -45.68
O1 GOL Z . 4.31 5.14 -45.76
C2 GOL Z . 5.64 6.74 -47.01
O2 GOL Z . 5.08 7.95 -47.46
C3 GOL Z . 7.14 6.88 -46.96
O3 GOL Z . 7.50 8.16 -46.42
O4P TRH AA . 39.67 13.84 22.26
P2 TRH AA . 40.45 13.12 23.32
O3P TRH AA . 41.93 13.04 23.16
O1 TRH AA . 40.10 13.79 24.73
C1 TRH AA . 38.88 14.46 24.94
C2 TRH AA . 38.73 14.82 26.41
O2 TRH AA . 38.68 13.64 27.21
C3 TRH AA . 37.46 15.63 26.58
O3 TRH AA . 37.29 15.94 27.96
C4 TRH AA . 36.26 14.85 26.04
O4 TRH AA . 35.09 15.67 26.10
C5 TRH AA . 36.51 14.42 24.60
O5 TRH AA . 37.76 13.69 24.52
C6 TRH AA . 35.42 13.52 24.05
OPP TRH AA . 39.85 11.66 23.55
P TRH AA . 40.59 10.31 24.02
O1P TRH AA . 41.58 10.65 25.08
O2P TRH AA . 41.08 9.59 22.81
O5' TRH AA . 39.38 9.49 24.68
C5' TRH AA . 38.96 9.85 26.02
C4' TRH AA . 39.00 8.63 26.90
O4' TRH AA . 37.89 7.76 26.56
C3' TRH AA . 40.26 7.77 26.76
O3' TRH AA . 40.82 7.51 28.03
C2' TRH AA . 39.75 6.48 26.12
C1' TRH AA . 38.32 6.42 26.65
N11 TRH AA . 37.41 5.60 25.83
C21 TRH AA . 36.77 4.54 26.42
O21 TRH AA . 36.91 4.24 27.59
N31 TRH AA . 35.94 3.83 25.58
C41 TRH AA . 35.69 4.08 24.23
O41 TRH AA . 34.92 3.35 23.61
C51 TRH AA . 36.40 5.21 23.68
C5A TRH AA . 36.19 5.55 22.23
C61 TRH AA . 37.21 5.91 24.49
MG MG BA . 43.24 11.76 24.29
MG MG CA . 53.42 43.54 6.77
O1 TAR DA . 42.99 30.68 27.23
O11 TAR DA . 44.06 29.83 25.55
C1 TAR DA . 43.14 29.85 26.34
C2 TAR DA . 42.10 28.73 26.23
O2 TAR DA . 41.77 28.15 27.46
C3 TAR DA . 40.82 29.27 25.59
O3 TAR DA . 40.45 30.46 26.26
C4 TAR DA . 39.74 28.20 25.66
O4 TAR DA . 39.77 27.42 26.63
O41 TAR DA . 38.91 28.14 24.74
C1 GOL EA . 34.65 22.74 27.05
O1 GOL EA . 35.68 23.61 26.61
C2 GOL EA . 35.14 21.32 27.20
O2 GOL EA . 34.58 20.48 26.19
C3 GOL EA . 36.65 21.20 27.19
O3 GOL EA . 37.06 19.95 27.74
O4P TRH FA . 45.93 -47.77 22.59
P2 TRH FA . 45.12 -47.73 21.33
O3P TRH FA . 43.65 -47.95 21.47
O1 TRH FA . 45.41 -46.38 20.52
C1 TRH FA . 46.32 -45.37 20.89
C2 TRH FA . 46.19 -44.22 19.89
O2 TRH FA . 46.52 -44.67 18.59
C3 TRH FA . 47.12 -43.07 20.30
O3 TRH FA . 47.88 -42.66 19.17
C4 TRH FA . 48.02 -43.41 21.49
O4 TRH FA . 47.31 -43.29 22.74
C5 TRH FA . 48.62 -44.81 21.37
O5 TRH FA . 47.67 -45.79 20.88
C6 TRH FA . 49.83 -44.87 20.45
OPP TRH FA . 45.72 -48.80 20.29
P TRH FA . 45.11 -49.53 19.00
O1P TRH FA . 44.09 -48.63 18.38
O2P TRH FA . 44.70 -50.91 19.36
O5' TRH FA . 46.39 -49.58 18.04
C5' TRH FA . 46.65 -48.45 17.17
C4' TRH FA . 46.52 -48.89 15.73
O4' TRH FA . 47.66 -49.71 15.36
C3' TRH FA . 45.28 -49.74 15.43
O3' TRH FA . 44.70 -49.31 14.19
C2' TRH FA . 45.86 -51.14 15.29
C1' TRH FA . 47.21 -50.85 14.65
N11 TRH FA . 48.21 -51.91 14.84
C21 TRH FA . 48.98 -52.29 13.76
O21 TRH FA . 48.86 -51.78 12.66
N31 TRH FA . 49.89 -53.29 14.01
C41 TRH FA . 50.11 -53.93 15.22
O41 TRH FA . 50.97 -54.81 15.30
C51 TRH FA . 49.28 -53.49 16.31
C5A TRH FA . 49.45 -54.13 17.65
C61 TRH FA . 48.39 -52.51 16.08
MG MG GA . 42.49 -47.88 19.39
CL CL HA . 20.48 -43.16 35.16
O1 TAR IA . 40.21 -32.94 29.19
O11 TAR IA . 41.34 -31.24 28.56
C1 TAR IA . 41.17 -32.43 28.67
C2 TAR IA . 42.24 -33.37 28.10
O2 TAR IA . 42.33 -33.27 26.70
C3 TAR IA . 43.61 -33.00 28.65
O3 TAR IA . 43.84 -31.63 28.42
C4 TAR IA . 44.66 -33.86 27.94
O4 TAR IA . 45.31 -34.66 28.62
O41 TAR IA . 44.76 -33.73 26.71
#